data_6V4T
#
_entry.id   6V4T
#
loop_
_entity.id
_entity.type
_entity.pdbx_description
1 polymer 'Envelope glycoprotein gp160'
2 non-polymer "4,4'-(decane-1,10-diyl)bis(9-amino-2,3-dihydro-1H-cyclopenta[b]quinolin-4-ium)"
#
_entity_poly.entity_id   1
_entity_poly.type   'polypeptide(L)'
_entity_poly.pdbx_seq_one_letter_code
;LLELDKWASLWNWFDITNWLWYIRIFIIIVGSLIGLRIVFAVLSLVNRVRQ
;
_entity_poly.pdbx_strand_id   A,B,C
#
loop_
_chem_comp.id
_chem_comp.type
_chem_comp.name
_chem_comp.formula
QOJ non-polymer 4,4'-(decane-1,10-diyl)bis(9-amino-2,3-dihydro-1H-cyclopenta[b]quinolin-4-ium) 'C34 H44 N4 2'
#
# COMPACT_ATOMS: atom_id res chain seq x y z
N LEU A 1 -7.98 16.48 -16.29
CA LEU A 1 -8.78 15.95 -17.43
C LEU A 1 -8.39 14.50 -17.71
N LEU A 2 -9.11 13.85 -18.63
CA LEU A 2 -8.82 12.46 -18.97
C LEU A 2 -9.65 12.02 -20.19
N GLU A 3 -9.07 11.17 -21.04
CA GLU A 3 -9.78 10.71 -22.24
C GLU A 3 -9.15 9.44 -22.81
N LEU A 4 -9.99 8.59 -23.42
CA LEU A 4 -9.50 7.34 -24.02
C LEU A 4 -8.37 7.61 -25.03
N ASP A 5 -8.29 8.85 -25.50
CA ASP A 5 -7.24 9.24 -26.45
C ASP A 5 -5.90 9.41 -25.74
N LYS A 6 -5.93 9.94 -24.52
CA LYS A 6 -4.70 10.16 -23.75
C LYS A 6 -4.08 8.83 -23.33
N TRP A 7 -4.94 7.89 -22.94
CA TRP A 7 -4.46 6.57 -22.51
C TRP A 7 -3.85 5.78 -23.66
N ALA A 8 -4.59 5.71 -24.77
CA ALA A 8 -4.11 4.97 -25.95
C ALA A 8 -2.93 5.67 -26.60
N SER A 9 -2.99 7.01 -26.69
CA SER A 9 -1.88 7.76 -27.28
C SER A 9 -0.61 7.53 -26.48
N LEU A 10 -0.75 7.40 -25.15
CA LEU A 10 0.40 7.16 -24.28
C LEU A 10 1.16 5.88 -24.69
N TRP A 11 0.49 5.00 -25.45
CA TRP A 11 1.11 3.74 -25.86
C TRP A 11 2.25 3.94 -26.87
N ASN A 12 2.50 5.19 -27.31
CA ASN A 12 3.58 5.42 -28.28
C ASN A 12 4.95 5.05 -27.69
N TRP A 13 5.27 5.55 -26.49
CA TRP A 13 6.56 5.21 -25.85
C TRP A 13 6.36 4.17 -24.73
N PHE A 14 5.13 4.08 -24.20
CA PHE A 14 4.80 3.11 -23.14
C PHE A 14 5.75 3.20 -21.92
N ASP A 15 6.72 4.14 -21.89
CA ASP A 15 7.63 4.22 -20.75
C ASP A 15 6.88 4.59 -19.46
N ILE A 16 6.13 5.70 -19.49
CA ILE A 16 5.36 6.12 -18.31
C ILE A 16 4.21 5.14 -18.02
N THR A 17 3.64 4.55 -19.08
CA THR A 17 2.53 3.62 -18.89
C THR A 17 2.97 2.46 -18.00
N ASN A 18 4.22 1.99 -18.18
CA ASN A 18 4.72 0.91 -17.33
C ASN A 18 4.70 1.37 -15.88
N TRP A 19 5.11 2.63 -15.66
CA TRP A 19 5.11 3.20 -14.31
C TRP A 19 3.67 3.47 -13.82
N LEU A 20 2.71 3.60 -14.74
CA LEU A 20 1.33 3.89 -14.36
C LEU A 20 0.52 2.62 -14.05
N TRP A 21 1.01 1.43 -14.47
CA TRP A 21 0.25 0.19 -14.21
C TRP A 21 1.11 -0.90 -13.55
N TYR A 22 2.16 -0.49 -12.82
CA TYR A 22 3.03 -1.46 -12.14
C TYR A 22 3.21 -1.05 -10.67
N ILE A 23 3.40 0.26 -10.44
CA ILE A 23 3.59 0.75 -9.09
C ILE A 23 2.31 0.58 -8.25
N ARG A 24 1.13 0.76 -8.88
CA ARG A 24 -0.13 0.59 -8.15
C ARG A 24 -0.19 -0.81 -7.53
N ILE A 25 0.12 -1.80 -8.37
CA ILE A 25 0.15 -3.20 -7.92
C ILE A 25 1.17 -3.39 -6.77
N PHE A 26 2.33 -2.71 -6.84
CA PHE A 26 3.36 -2.87 -5.83
C PHE A 26 2.80 -2.69 -4.41
N ILE A 27 1.75 -1.89 -4.25
CA ILE A 27 1.18 -1.67 -2.91
C ILE A 27 0.72 -3.02 -2.31
N ILE A 28 -0.04 -3.81 -3.07
CA ILE A 28 -0.51 -5.11 -2.55
C ILE A 28 0.71 -5.98 -2.18
N ILE A 29 1.76 -5.98 -3.02
CA ILE A 29 2.97 -6.76 -2.71
C ILE A 29 3.54 -6.30 -1.37
N VAL A 30 3.56 -4.97 -1.14
CA VAL A 30 4.11 -4.44 0.12
C VAL A 30 3.23 -4.86 1.33
N GLY A 31 1.96 -5.28 1.11
CA GLY A 31 1.11 -5.70 2.21
C GLY A 31 1.72 -6.91 2.93
N SER A 32 1.82 -8.04 2.23
CA SER A 32 2.41 -9.24 2.83
C SER A 32 3.81 -8.95 3.39
N LEU A 33 4.49 -7.98 2.76
CA LEU A 33 5.85 -7.60 3.19
C LEU A 33 5.86 -7.22 4.67
N ILE A 34 4.84 -6.46 5.11
CA ILE A 34 4.81 -6.03 6.52
C ILE A 34 4.50 -7.23 7.45
N GLY A 35 3.63 -8.15 7.02
CA GLY A 35 3.31 -9.32 7.85
C GLY A 35 4.56 -10.19 8.04
N LEU A 36 5.34 -10.33 6.96
CA LEU A 36 6.57 -11.13 7.01
C LEU A 36 7.53 -10.63 8.11
N ARG A 37 7.51 -9.33 8.37
CA ARG A 37 8.37 -8.70 9.38
C ARG A 37 8.33 -9.40 10.75
N ILE A 38 7.17 -9.94 11.13
CA ILE A 38 7.02 -10.56 12.46
C ILE A 38 8.02 -11.68 12.74
N VAL A 39 8.29 -12.55 11.76
CA VAL A 39 9.23 -13.66 12.02
C VAL A 39 10.58 -13.13 12.54
N PHE A 40 10.94 -11.90 12.14
CA PHE A 40 12.19 -11.31 12.55
C PHE A 40 12.33 -11.29 14.07
N ALA A 41 11.22 -11.07 14.77
CA ALA A 41 11.24 -11.05 16.25
C ALA A 41 11.80 -12.39 16.75
N VAL A 42 11.27 -13.49 16.20
CA VAL A 42 11.73 -14.83 16.58
C VAL A 42 13.18 -15.01 16.13
N LEU A 43 13.47 -14.60 14.90
CA LEU A 43 14.82 -14.71 14.37
C LEU A 43 15.82 -13.87 15.19
N SER A 44 15.35 -12.78 15.78
CA SER A 44 16.23 -11.92 16.59
C SER A 44 16.75 -12.68 17.81
N LEU A 45 15.86 -13.42 18.47
CA LEU A 45 16.23 -14.17 19.67
C LEU A 45 16.95 -15.48 19.33
N VAL A 46 16.62 -16.08 18.18
CA VAL A 46 17.24 -17.35 17.79
C VAL A 46 18.76 -17.23 17.64
N ASN A 47 19.26 -16.02 17.42
CA ASN A 47 20.69 -15.79 17.25
C ASN A 47 21.48 -16.21 18.50
N ARG A 48 20.83 -16.22 19.67
CA ARG A 48 21.52 -16.61 20.91
C ARG A 48 21.74 -18.14 20.95
N VAL A 49 21.11 -18.89 20.04
CA VAL A 49 21.29 -20.34 19.99
C VAL A 49 22.14 -20.72 18.77
N ARG A 50 21.95 -20.00 17.66
CA ARG A 50 22.71 -20.25 16.43
C ARG A 50 23.35 -18.96 15.93
N GLN A 51 24.55 -19.07 15.34
CA GLN A 51 25.24 -17.88 14.84
C GLN A 51 24.57 -17.36 13.57
N LEU B 1 -8.29 0.65 -23.28
CA LEU B 1 -8.81 2.04 -23.23
C LEU B 1 -9.97 2.12 -22.24
N LEU B 2 -10.53 3.32 -22.04
CA LEU B 2 -11.62 3.49 -21.10
C LEU B 2 -12.34 4.82 -21.37
N GLU B 3 -13.64 4.88 -21.06
CA GLU B 3 -14.42 6.10 -21.30
C GLU B 3 -15.78 6.05 -20.60
N LEU B 4 -16.60 7.08 -20.82
CA LEU B 4 -17.92 7.16 -20.20
C LEU B 4 -18.74 5.90 -20.47
N ASP B 5 -18.64 5.39 -21.68
CA ASP B 5 -19.39 4.18 -22.05
C ASP B 5 -18.77 2.92 -21.43
N LYS B 6 -17.45 2.94 -21.24
CA LYS B 6 -16.76 1.77 -20.67
C LYS B 6 -17.09 1.58 -19.19
N TRP B 7 -17.04 2.67 -18.41
CA TRP B 7 -17.32 2.58 -16.97
C TRP B 7 -18.77 2.22 -16.71
N ALA B 8 -19.67 2.79 -17.50
CA ALA B 8 -21.11 2.52 -17.34
C ALA B 8 -21.45 1.05 -17.63
N SER B 9 -20.63 0.36 -18.41
CA SER B 9 -20.89 -1.05 -18.73
C SER B 9 -20.78 -1.91 -17.47
N LEU B 10 -19.89 -1.52 -16.55
CA LEU B 10 -19.68 -2.25 -15.30
C LEU B 10 -20.80 -2.00 -14.27
N TRP B 11 -21.74 -1.11 -14.58
CA TRP B 11 -22.83 -0.77 -13.65
C TRP B 11 -23.82 -1.94 -13.44
N ASN B 12 -23.68 -3.05 -14.19
CA ASN B 12 -24.62 -4.17 -14.02
C ASN B 12 -24.14 -5.13 -12.92
N TRP B 13 -22.88 -5.58 -13.00
CA TRP B 13 -22.34 -6.47 -11.95
C TRP B 13 -21.41 -5.71 -11.00
N PHE B 14 -20.84 -4.60 -11.49
CA PHE B 14 -19.94 -3.74 -10.70
C PHE B 14 -19.04 -4.50 -9.70
N ASP B 15 -18.74 -5.79 -9.96
CA ASP B 15 -17.89 -6.54 -9.03
C ASP B 15 -16.49 -5.94 -8.96
N ILE B 16 -15.86 -5.78 -10.13
CA ILE B 16 -14.52 -5.19 -10.18
C ILE B 16 -14.55 -3.70 -9.80
N THR B 17 -15.65 -3.01 -10.13
CA THR B 17 -15.76 -1.59 -9.82
C THR B 17 -15.60 -1.34 -8.33
N ASN B 18 -16.13 -2.26 -7.50
CA ASN B 18 -16.02 -2.11 -6.05
C ASN B 18 -14.54 -2.08 -5.64
N TRP B 19 -13.75 -3.02 -6.19
CA TRP B 19 -12.31 -3.08 -5.88
C TRP B 19 -11.57 -1.89 -6.52
N LEU B 20 -11.84 -1.58 -7.80
CA LEU B 20 -11.14 -0.46 -8.44
C LEU B 20 -11.55 0.89 -7.83
N TRP B 21 -12.49 0.87 -6.88
CA TRP B 21 -12.92 2.09 -6.23
C TRP B 21 -12.58 1.97 -4.73
N TYR B 22 -12.17 3.08 -4.16
CA TYR B 22 -11.80 3.14 -2.73
C TYR B 22 -10.45 2.46 -2.43
N ILE B 23 -9.62 2.13 -3.46
CA ILE B 23 -8.33 1.49 -3.15
C ILE B 23 -7.48 2.38 -2.26
N ARG B 24 -7.56 3.71 -2.48
CA ARG B 24 -6.78 4.66 -1.68
C ARG B 24 -7.06 4.47 -0.19
N ILE B 25 -8.33 4.30 0.17
CA ILE B 25 -8.69 4.11 1.57
C ILE B 25 -8.01 2.85 2.12
N PHE B 26 -8.00 1.78 1.33
CA PHE B 26 -7.39 0.53 1.77
C PHE B 26 -5.92 0.74 2.16
N ILE B 27 -5.16 1.50 1.35
CA ILE B 27 -3.76 1.75 1.68
C ILE B 27 -3.66 2.44 3.05
N ILE B 28 -4.56 3.40 3.32
CA ILE B 28 -4.53 4.10 4.61
C ILE B 28 -4.67 3.08 5.74
N ILE B 29 -5.57 2.09 5.56
CA ILE B 29 -5.74 1.06 6.59
C ILE B 29 -4.40 0.35 6.80
N VAL B 30 -3.71 0.03 5.69
CA VAL B 30 -2.41 -0.64 5.77
C VAL B 30 -1.33 0.29 6.37
N GLY B 31 -1.64 1.60 6.55
CA GLY B 31 -0.67 2.53 7.12
C GLY B 31 -0.60 2.36 8.64
N SER B 32 -1.76 2.15 9.26
CA SER B 32 -1.81 1.95 10.71
C SER B 32 -1.44 0.50 11.08
N LEU B 33 -1.55 -0.41 10.11
CA LEU B 33 -1.23 -1.82 10.34
C LEU B 33 0.23 -1.99 10.77
N ILE B 34 1.13 -1.24 10.12
CA ILE B 34 2.56 -1.35 10.45
C ILE B 34 2.84 -0.99 11.91
N GLY B 35 2.19 0.04 12.47
CA GLY B 35 2.44 0.40 13.86
C GLY B 35 1.91 -0.68 14.81
N LEU B 36 0.71 -1.19 14.54
CA LEU B 36 0.11 -2.23 15.41
C LEU B 36 1.04 -3.47 15.52
N ARG B 37 1.68 -3.83 14.41
CA ARG B 37 2.59 -4.99 14.36
C ARG B 37 3.64 -4.98 15.47
N ILE B 38 4.06 -3.80 15.93
CA ILE B 38 5.12 -3.70 16.95
C ILE B 38 4.73 -4.47 18.24
N VAL B 39 3.47 -4.39 18.66
CA VAL B 39 3.04 -5.07 19.88
C VAL B 39 3.38 -6.58 19.82
N PHE B 40 3.45 -7.14 18.61
CA PHE B 40 3.76 -8.57 18.43
C PHE B 40 5.05 -8.98 19.14
N ALA B 41 5.95 -8.02 19.36
CA ALA B 41 7.24 -8.30 20.01
C ALA B 41 7.03 -9.10 21.32
N VAL B 42 5.93 -8.83 22.03
CA VAL B 42 5.66 -9.55 23.30
C VAL B 42 5.54 -11.07 23.03
N LEU B 43 5.06 -11.42 21.84
CA LEU B 43 4.88 -12.83 21.47
C LEU B 43 6.22 -13.58 21.56
N SER B 44 7.30 -12.94 21.10
CA SER B 44 8.63 -13.57 21.13
C SER B 44 9.16 -13.84 22.55
N LEU B 45 8.90 -12.93 23.49
CA LEU B 45 9.44 -13.07 24.86
C LEU B 45 9.10 -14.41 25.53
N VAL B 46 7.84 -14.86 25.42
CA VAL B 46 7.45 -16.13 26.08
C VAL B 46 8.07 -17.36 25.42
N ASN B 47 8.66 -17.20 24.23
CA ASN B 47 9.27 -18.36 23.56
C ASN B 47 10.38 -18.97 24.44
N ARG B 48 10.83 -18.24 25.47
CA ARG B 48 11.87 -18.73 26.37
C ARG B 48 11.33 -19.81 27.32
N VAL B 49 10.00 -19.79 27.56
CA VAL B 49 9.39 -20.78 28.44
C VAL B 49 9.06 -22.06 27.67
N ARG B 50 8.64 -21.91 26.41
CA ARG B 50 8.30 -23.08 25.58
C ARG B 50 9.56 -23.90 25.27
N GLN B 51 9.41 -24.96 24.46
CA GLN B 51 10.56 -25.81 24.09
C GLN B 51 11.72 -24.95 23.58
N LEU C 1 -21.69 10.48 -14.97
CA LEU C 1 -20.88 9.31 -15.42
C LEU C 1 -19.40 9.73 -15.49
N LEU C 2 -18.52 8.82 -15.93
CA LEU C 2 -17.09 9.15 -16.03
C LEU C 2 -16.78 9.85 -17.37
N GLU C 3 -16.21 11.06 -17.30
CA GLU C 3 -15.86 11.78 -18.53
C GLU C 3 -14.88 12.93 -18.25
N LEU C 4 -14.20 13.40 -19.30
CA LEU C 4 -13.20 14.45 -19.15
C LEU C 4 -13.74 15.67 -18.42
N ASP C 5 -14.97 16.02 -18.74
CA ASP C 5 -15.62 17.18 -18.13
C ASP C 5 -15.78 17.00 -16.63
N LYS C 6 -15.98 15.76 -16.19
CA LYS C 6 -16.17 15.48 -14.77
C LYS C 6 -14.87 15.70 -13.99
N TRP C 7 -13.75 15.26 -14.57
CA TRP C 7 -12.45 15.45 -13.91
C TRP C 7 -12.15 16.93 -13.72
N ALA C 8 -12.30 17.71 -14.80
CA ALA C 8 -12.03 19.15 -14.72
C ALA C 8 -13.05 19.86 -13.80
N SER C 9 -14.28 19.36 -13.76
CA SER C 9 -15.32 19.98 -12.92
C SER C 9 -15.00 19.79 -11.43
N LEU C 10 -14.37 18.67 -11.09
CA LEU C 10 -14.00 18.38 -9.70
C LEU C 10 -13.09 19.49 -9.11
N TRP C 11 -12.53 20.34 -9.96
CA TRP C 11 -11.64 21.42 -9.50
C TRP C 11 -12.41 22.50 -8.71
N ASN C 12 -13.74 22.39 -8.59
CA ASN C 12 -14.49 23.44 -7.89
C ASN C 12 -14.13 23.56 -6.40
N TRP C 13 -14.15 22.44 -5.65
CA TRP C 13 -13.81 22.54 -4.19
C TRP C 13 -12.38 22.05 -3.78
N PHE C 14 -11.50 21.69 -4.74
CA PHE C 14 -10.10 21.29 -4.44
C PHE C 14 -9.83 20.13 -3.44
N ASP C 15 -10.69 19.85 -2.44
CA ASP C 15 -10.32 18.80 -1.46
C ASP C 15 -10.19 17.41 -2.10
N ILE C 16 -11.23 16.90 -2.80
CA ILE C 16 -11.07 15.58 -3.45
C ILE C 16 -10.08 15.67 -4.63
N THR C 17 -9.97 16.86 -5.24
CA THR C 17 -9.10 17.06 -6.39
C THR C 17 -7.64 16.73 -6.06
N ASN C 18 -7.12 17.28 -4.96
CA ASN C 18 -5.72 17.04 -4.58
C ASN C 18 -5.49 15.60 -4.11
N TRP C 19 -6.40 15.06 -3.30
CA TRP C 19 -6.24 13.70 -2.77
C TRP C 19 -6.39 12.63 -3.89
N LEU C 20 -7.14 12.93 -4.95
CA LEU C 20 -7.34 11.93 -6.01
C LEU C 20 -6.08 11.63 -6.85
N TRP C 21 -5.18 12.61 -7.08
CA TRP C 21 -4.00 12.32 -7.93
C TRP C 21 -2.65 12.67 -7.27
N TYR C 22 -2.61 12.83 -5.94
CA TYR C 22 -1.32 13.11 -5.27
C TYR C 22 -1.04 12.07 -4.15
N ILE C 23 -1.96 11.11 -3.98
CA ILE C 23 -1.80 10.08 -2.95
C ILE C 23 -0.64 9.12 -3.31
N ARG C 24 -0.48 8.84 -4.61
CA ARG C 24 0.53 7.88 -5.07
C ARG C 24 1.93 8.25 -4.57
N ILE C 25 2.25 9.56 -4.52
CA ILE C 25 3.57 9.96 -4.03
C ILE C 25 3.68 9.53 -2.56
N PHE C 26 2.65 9.87 -1.76
CA PHE C 26 2.63 9.48 -0.34
C PHE C 26 2.71 7.96 -0.18
N ILE C 27 2.17 7.24 -1.16
CA ILE C 27 2.17 5.78 -1.12
C ILE C 27 3.61 5.21 -1.03
N ILE C 28 4.53 5.73 -1.86
CA ILE C 28 5.91 5.23 -1.82
C ILE C 28 6.51 5.44 -0.43
N ILE C 29 6.26 6.60 0.19
CA ILE C 29 6.78 6.87 1.53
C ILE C 29 6.30 5.79 2.51
N VAL C 30 5.04 5.36 2.39
CA VAL C 30 4.51 4.36 3.33
C VAL C 30 5.21 2.98 3.12
N GLY C 31 5.88 2.75 1.98
CA GLY C 31 6.57 1.48 1.76
C GLY C 31 7.81 1.36 2.67
N SER C 32 8.80 2.26 2.49
CA SER C 32 10.02 2.22 3.32
C SER C 32 9.70 2.19 4.81
N LEU C 33 8.52 2.70 5.20
CA LEU C 33 8.15 2.74 6.61
C LEU C 33 8.26 1.34 7.24
N ILE C 34 7.95 0.29 6.47
CA ILE C 34 8.04 -1.07 7.00
C ILE C 34 9.52 -1.54 7.00
N GLY C 35 10.29 -1.09 6.01
CA GLY C 35 11.71 -1.48 5.93
C GLY C 35 12.49 -1.06 7.19
N LEU C 36 12.33 0.20 7.61
CA LEU C 36 13.04 0.72 8.79
C LEU C 36 12.77 -0.13 10.06
N ARG C 37 11.58 -0.71 10.16
CA ARG C 37 11.19 -1.54 11.32
C ARG C 37 12.22 -2.64 11.66
N ILE C 38 12.90 -3.21 10.67
CA ILE C 38 13.81 -4.33 10.94
C ILE C 38 14.90 -3.97 11.97
N VAL C 39 15.51 -2.77 11.90
CA VAL C 39 16.56 -2.44 12.87
C VAL C 39 15.99 -2.57 14.32
N PHE C 40 14.69 -2.35 14.46
CA PHE C 40 13.99 -2.44 15.75
C PHE C 40 14.16 -3.82 16.40
N ALA C 41 14.21 -4.86 15.58
CA ALA C 41 14.27 -6.25 16.08
C ALA C 41 15.44 -6.49 17.05
N VAL C 42 16.59 -5.84 16.85
CA VAL C 42 17.73 -6.07 17.76
C VAL C 42 17.33 -5.70 19.21
N LEU C 43 16.43 -4.71 19.36
CA LEU C 43 16.00 -4.29 20.69
C LEU C 43 15.36 -5.47 21.46
N SER C 44 14.79 -6.44 20.73
CA SER C 44 14.19 -7.61 21.40
C SER C 44 15.23 -8.34 22.24
N LEU C 45 16.46 -8.42 21.72
CA LEU C 45 17.55 -9.08 22.44
C LEU C 45 17.79 -8.40 23.80
N VAL C 46 17.61 -7.07 23.84
CA VAL C 46 17.82 -6.31 25.08
C VAL C 46 16.56 -6.32 25.96
N ASN C 47 15.41 -6.65 25.36
CA ASN C 47 14.13 -6.67 26.09
C ASN C 47 14.16 -7.64 27.27
N ARG C 48 14.99 -8.69 27.21
CA ARG C 48 15.04 -9.65 28.31
C ARG C 48 15.76 -9.07 29.52
N VAL C 49 16.91 -8.43 29.28
CA VAL C 49 17.69 -7.83 30.38
C VAL C 49 17.23 -6.38 30.66
N ARG C 50 16.42 -5.79 29.76
CA ARG C 50 15.95 -4.42 29.94
C ARG C 50 17.14 -3.45 30.01
N GLN C 51 16.88 -2.16 29.85
CA GLN C 51 17.94 -1.15 29.91
C GLN C 51 18.55 -1.08 31.31
C1 QOJ D . -4.80 16.29 -13.41
N1 QOJ D . -5.52 13.83 -13.90
C2 QOJ D . -4.85 17.43 -12.53
N2 QOJ D . 3.26 12.43 -22.54
C3 QOJ D . -5.58 17.41 -11.29
N3 QOJ D . 5.02 14.57 -26.03
C4 QOJ D . -6.30 16.28 -10.87
N4 QOJ D . -7.80 13.73 -10.08
C5 QOJ D . -5.48 15.03 -13.13
C6 QOJ D . -6.29 15.02 -11.77
C7 QOJ D . -7.04 13.77 -11.36
C8 QOJ D . -7.00 12.56 -12.26
C9 QOJ D . -6.26 12.62 -13.49
C10 QOJ D . 5.28 12.93 -24.03
C11 QOJ D . 4.64 12.17 -22.80
C12 QOJ D . 2.42 13.34 -23.36
C13 QOJ D . 2.97 14.04 -24.49
C14 QOJ D . 4.43 13.86 -24.86
C15 QOJ D . 6.78 12.69 -24.36
C16 QOJ D . 7.53 11.81 -23.54
C17 QOJ D . 6.93 11.13 -22.42
C18 QOJ D . 5.55 11.31 -22.07
C19 QOJ D . 2.62 11.76 -21.41
C20 QOJ D . 2.84 12.58 -20.13
C21 QOJ D . 1.50 13.15 -19.61
C22 QOJ D . 1.64 13.53 -18.13
C23 QOJ D . 0.25 13.75 -17.51
C24 QOJ D . -0.45 12.39 -17.27
C25 QOJ D . -1.29 12.43 -15.97
C26 QOJ D . -2.72 12.90 -16.27
C27 QOJ D . -3.46 13.08 -14.94
C28 QOJ D . -4.80 13.78 -15.16
C29 QOJ D . 1.03 13.69 -23.22
C30 QOJ D . -6.37 11.34 -14.18
C31 QOJ D . -7.24 10.44 -13.32
C32 QOJ D . -7.61 11.26 -12.12
C33 QOJ D . 0.67 14.66 -24.31
C34 QOJ D . 1.94 14.86 -25.10
H11 QOJ D . -4.24 16.37 -14.32
H21 QOJ D . -4.31 18.33 -12.80
H31 QOJ D . -5.58 18.31 -10.67
HN32 QOJ D . 5.96 14.45 -26.25
HN31 QOJ D . 4.46 15.17 -26.57
H41 QOJ D . -6.84 16.29 -9.94
HN42 QOJ D . -7.82 14.52 -9.50
HN41 QOJ D . -8.28 12.92 -9.83
H151 QOJ D . 7.24 13.19 -25.19
H161 QOJ D . 8.58 11.65 -23.76
H171 QOJ D . 7.55 10.47 -21.84
H181 QOJ D . 5.16 10.77 -21.22
H192 QOJ D . 1.56 11.64 -21.61
H191 QOJ D . 3.06 10.78 -21.28
H202 QOJ D . 3.28 11.94 -19.37
H201 QOJ D . 3.51 13.39 -20.33
H212 QOJ D . 1.25 14.04 -20.18
H211 QOJ D . 0.73 12.41 -19.71
H222 QOJ D . 2.14 12.73 -17.61
H221 QOJ D . 2.23 14.44 -18.04
H232 QOJ D . 0.38 14.27 -16.57
H231 QOJ D . -0.34 14.36 -18.17
H241 QOJ D . 0.29 11.60 -17.18
H242 QOJ D . -1.09 12.17 -18.11
H251 QOJ D . -0.83 13.10 -15.26
H252 QOJ D . -1.33 11.44 -15.54
H262 QOJ D . -2.69 13.85 -16.79
H261 QOJ D . -3.24 12.15 -16.86
H271 QOJ D . -2.86 13.69 -14.27
H272 QOJ D . -3.63 12.12 -14.48
H281 QOJ D . -5.37 13.22 -15.88
H282 QOJ D . -4.63 14.78 -15.55
H291 QOJ D . 0.86 14.14 -22.25
H292 QOJ D . 0.42 12.81 -23.31
H301 QOJ D . -5.40 10.91 -14.32
H302 QOJ D . -6.85 11.48 -15.14
H311 QOJ D . -6.68 9.56 -13.03
H312 QOJ D . -8.13 10.15 -13.86
H322 QOJ D . -8.68 11.38 -12.06
H321 QOJ D . -7.26 10.76 -11.22
H332 QOJ D . -0.09 14.25 -24.95
H331 QOJ D . 0.34 15.60 -23.89
H342 QOJ D . 1.80 14.55 -26.12
H341 QOJ D . 2.22 15.91 -25.10
C1 QOJ E . -5.03 -0.22 -20.34
N1 QOJ E . -5.99 1.33 -18.50
C2 QOJ E . -3.87 -0.78 -21.00
N2 QOJ E . -16.37 -6.69 -18.33
C3 QOJ E . -2.53 -0.46 -20.61
N3 QOJ E . -19.22 -10.12 -18.29
C4 QOJ E . -2.28 0.43 -19.53
N4 QOJ E . -1.87 2.38 -17.20
C5 QOJ E . -4.93 0.70 -19.24
C6 QOJ E . -3.47 1.07 -18.78
C7 QOJ E . -3.25 2.03 -17.64
C8 QOJ E . -4.46 2.63 -16.95
C9 QOJ E . -5.78 2.27 -17.39
C10 QOJ E . -17.53 -8.58 -17.03
C11 QOJ E . -16.53 -7.36 -17.07
C12 QOJ E . -17.09 -7.09 -19.56
C13 QOJ E . -18.01 -8.18 -19.57
C14 QOJ E . -18.27 -8.97 -18.30
C15 QOJ E . -17.75 -9.34 -15.71
C16 QOJ E . -17.04 -8.92 -14.55
C17 QOJ E . -16.13 -7.82 -14.59
C18 QOJ E . -15.88 -7.06 -15.80
C19 QOJ E . -15.45 -5.55 -18.40
C20 QOJ E . -13.99 -6.06 -18.31
C21 QOJ E . -13.15 -5.14 -17.40
C22 QOJ E . -12.75 -3.88 -18.16
C23 QOJ E . -12.02 -2.92 -17.21
C24 QOJ E . -11.39 -1.73 -17.99
C25 QOJ E . -9.89 -1.60 -17.67
C26 QOJ E . -9.26 -0.57 -18.61
C27 QOJ E . -7.87 -0.19 -18.11
C28 QOJ E . -7.38 1.04 -18.88
C29 QOJ E . -17.03 -6.51 -20.89
C30 QOJ E . -6.76 2.98 -16.57
C31 QOJ E . -6.01 3.82 -15.57
C32 QOJ E . -4.54 3.57 -15.84
C33 QOJ E . -17.96 -7.29 -21.78
C34 QOJ E . -18.57 -8.35 -20.89
H11 QOJ E . -6.01 -0.51 -20.70
H21 QOJ E . -4.02 -1.47 -21.81
H31 QOJ E . -1.70 -0.90 -21.12
HN32 QOJ E . -19.38 -10.61 -17.46
HN31 QOJ E . -19.69 -10.36 -19.11
H41 QOJ E . -1.26 0.66 -19.25
HN42 QOJ E . -1.10 2.01 -17.66
HN41 QOJ E . -1.74 3.01 -16.46
H151 QOJ E . -18.44 -10.17 -15.66
H161 QOJ E . -17.18 -9.46 -13.62
H171 QOJ E . -15.60 -7.54 -13.69
H181 QOJ E . -15.18 -6.25 -15.76
H192 QOJ E . -15.58 -5.02 -19.33
H191 QOJ E . -15.65 -4.88 -17.58
H202 QOJ E . -13.99 -7.06 -17.90
H201 QOJ E . -13.56 -6.07 -19.29
H212 QOJ E . -13.74 -4.87 -16.53
H211 QOJ E . -12.26 -5.67 -17.08
H222 QOJ E . -12.10 -4.13 -18.97
H221 QOJ E . -13.64 -3.39 -18.54
H232 QOJ E . -12.73 -2.53 -16.48
H231 QOJ E . -11.25 -3.46 -16.69
H241 QOJ E . -11.89 -0.82 -17.70
H242 QOJ E . -11.52 -1.88 -19.05
H251 QOJ E . -9.41 -2.56 -17.81
H252 QOJ E . -9.78 -1.28 -16.65
H262 QOJ E . -9.18 -0.99 -19.60
H261 QOJ E . -9.89 0.32 -18.65
H271 QOJ E . -7.20 -1.01 -18.26
H272 QOJ E . -7.92 0.04 -17.05
H281 QOJ E . -8.01 1.88 -18.64
H282 QOJ E . -7.43 0.84 -19.93
H291 QOJ E . -16.02 -6.56 -21.26
H292 QOJ E . -17.34 -5.47 -20.85
H301 QOJ E . -7.39 2.25 -16.07
H302 QOJ E . -7.36 3.61 -17.19
H311 QOJ E . -6.28 3.52 -14.56
H312 QOJ E . -6.24 4.86 -15.72
H322 QOJ E . -4.06 4.48 -16.11
H321 QOJ E . -4.08 3.15 -14.95
H332 QOJ E . -18.74 -6.64 -22.16
H331 QOJ E . -17.41 -7.73 -22.59
H342 QOJ E . -19.64 -8.22 -20.86
H341 QOJ E . -18.34 -9.32 -21.30
C1 QOJ F . -17.81 7.84 -9.17
N1 QOJ F . -15.38 7.26 -9.91
C2 QOJ F . -19.21 7.48 -9.17
N2 QOJ F . -19.43 16.12 -4.89
C3 QOJ F . -19.71 6.31 -9.81
N3 QOJ F . -20.72 20.29 -5.76
C4 QOJ F . -18.84 5.42 -10.51
N4 QOJ F . -16.87 3.60 -11.95
C5 QOJ F . -16.80 7.04 -9.83
C6 QOJ F . -17.33 5.75 -10.55
C7 QOJ F . -16.37 4.82 -11.27
C8 QOJ F . -14.90 5.18 -11.29
C9 QOJ F . -14.44 6.37 -10.62
C10 QOJ F . -19.48 18.59 -4.23
C11 QOJ F . -19.02 17.11 -3.94
C12 QOJ F . -20.24 16.43 -6.10
C13 QOJ F . -20.66 17.77 -6.41
C14 QOJ F . -20.29 18.89 -5.48
C15 QOJ F . -19.07 19.70 -3.26
C16 QOJ F . -18.31 19.39 -2.11
C17 QOJ F . -17.91 18.04 -1.84
C18 QOJ F . -18.24 16.94 -2.72
C19 QOJ F . -19.05 14.72 -4.66
C20 QOJ F . -17.60 14.48 -5.13
C21 QOJ F . -17.50 14.72 -6.64
C22 QOJ F . -16.02 14.71 -7.06
C23 QOJ F . -15.50 13.27 -7.21
C24 QOJ F . -15.86 12.69 -8.59
C25 QOJ F . -14.87 11.59 -8.96
C26 QOJ F . -15.40 10.75 -10.13
C27 QOJ F . -14.50 9.52 -10.32
C28 QOJ F . -14.80 8.44 -9.27
C29 QOJ F . -20.72 15.52 -7.14
C30 QOJ F . -13.00 6.48 -10.78
C31 QOJ F . -12.53 5.30 -11.58
C32 QOJ F . -13.77 4.50 -11.89
C33 QOJ F . -21.49 16.35 -8.15
C34 QOJ F . -21.43 17.77 -7.64
H11 QOJ F . -17.51 8.74 -8.67
H21 QOJ F . -19.90 8.13 -8.65
H31 QOJ F . -20.77 6.09 -9.78
HN32 QOJ F . -20.47 21.02 -5.16
HN31 QOJ F . -21.25 20.48 -6.57
H41 QOJ F . -19.23 4.54 -10.98
HN42 QOJ F . -17.82 3.38 -11.94
HN41 QOJ F . -16.23 3.01 -12.41
H151 QOJ F . -19.36 20.73 -3.45
H161 QOJ F . -18.04 20.17 -1.42
H171 QOJ F . -17.33 17.84 -0.96
H181 QOJ F . -17.85 15.96 -2.47
H192 QOJ F . -19.12 14.51 -3.60
H191 QOJ F . -19.71 14.07 -5.20
H202 QOJ F . -16.94 15.16 -4.61
H201 QOJ F . -17.33 13.46 -4.91
H212 QOJ F . -18.03 13.95 -7.18
H211 QOJ F . -17.92 15.69 -6.88
H222 QOJ F . -15.91 15.22 -8.00
H221 QOJ F . -15.44 15.22 -6.31
H232 QOJ F . -14.44 13.26 -7.08
H231 QOJ F . -15.95 12.65 -6.43
H241 QOJ F . -15.82 13.48 -9.33
H242 QOJ F . -16.86 12.28 -8.57
H251 QOJ F . -14.70 10.95 -8.11
H252 QOJ F . -13.93 12.05 -9.26
H262 QOJ F . -16.41 10.43 -9.89
H261 QOJ F . -15.41 11.34 -11.02
H271 QOJ F . -13.47 9.82 -10.24
H272 QOJ F . -14.67 9.11 -11.31
H281 QOJ F . -15.48 8.83 -8.51
H282 QOJ F . -13.88 8.16 -8.79
H291 QOJ F . -21.36 14.77 -6.70
H292 QOJ F . -19.88 15.06 -7.63
H301 QOJ F . -12.53 6.49 -9.81
H302 QOJ F . -12.76 7.39 -11.30
H311 QOJ F . -11.81 4.72 -11.01
H312 QOJ F . -12.07 5.63 -12.52
H322 QOJ F . -13.92 4.42 -12.95
H321 QOJ F . -13.65 3.50 -11.47
H332 QOJ F . -21.01 16.30 -9.11
H331 QOJ F . -22.50 16.01 -8.22
H342 QOJ F . -20.93 18.40 -8.35
H341 QOJ F . -22.43 18.14 -7.47
N LEU A 1 -8.24 16.88 -16.88
CA LEU A 1 -9.51 16.58 -17.62
C LEU A 1 -9.44 15.21 -18.32
N LEU A 2 -8.25 14.59 -18.36
CA LEU A 2 -8.11 13.28 -19.02
C LEU A 2 -8.59 13.34 -20.46
N GLU A 3 -8.48 12.23 -21.19
CA GLU A 3 -8.92 12.19 -22.58
C GLU A 3 -8.91 10.74 -23.10
N LEU A 4 -9.84 10.44 -24.02
CA LEU A 4 -9.91 9.07 -24.57
C LEU A 4 -8.62 8.73 -25.31
N ASP A 5 -8.09 9.71 -26.04
CA ASP A 5 -6.85 9.51 -26.79
C ASP A 5 -5.63 9.47 -25.87
N LYS A 6 -5.75 10.09 -24.69
CA LYS A 6 -4.65 10.13 -23.74
C LYS A 6 -4.31 8.73 -23.23
N TRP A 7 -5.35 7.94 -22.93
CA TRP A 7 -5.13 6.59 -22.44
C TRP A 7 -4.54 5.68 -23.53
N ALA A 8 -5.22 5.64 -24.67
CA ALA A 8 -4.77 4.79 -25.77
C ALA A 8 -3.40 5.21 -26.31
N SER A 9 -3.22 6.51 -26.53
CA SER A 9 -1.93 7.01 -27.03
C SER A 9 -0.80 6.65 -26.07
N LEU A 10 -1.12 6.59 -24.77
CA LEU A 10 -0.10 6.27 -23.77
C LEU A 10 0.56 4.91 -24.01
N TRP A 11 -0.13 3.97 -24.68
CA TRP A 11 0.49 2.65 -24.91
C TRP A 11 1.68 2.75 -25.89
N ASN A 12 1.91 3.95 -26.46
CA ASN A 12 3.02 4.13 -27.39
C ASN A 12 4.38 3.90 -26.71
N TRP A 13 4.55 4.38 -25.47
CA TRP A 13 5.84 4.24 -24.75
C TRP A 13 5.96 2.87 -24.08
N PHE A 14 4.82 2.21 -23.80
CA PHE A 14 4.81 0.88 -23.17
C PHE A 14 5.38 0.88 -21.73
N ASP A 15 6.69 1.14 -21.59
CA ASP A 15 7.33 1.10 -20.27
C ASP A 15 6.66 2.04 -19.26
N ILE A 16 6.48 3.32 -19.60
CA ILE A 16 5.85 4.25 -18.67
C ILE A 16 4.35 3.90 -18.49
N THR A 17 3.75 3.31 -19.53
CA THR A 17 2.34 2.93 -19.47
C THR A 17 2.08 1.97 -18.32
N ASN A 18 2.93 0.95 -18.19
CA ASN A 18 2.76 -0.04 -17.12
C ASN A 18 2.89 0.63 -15.75
N TRP A 19 3.93 1.45 -15.58
CA TRP A 19 4.15 2.14 -14.30
C TRP A 19 3.01 3.13 -14.02
N LEU A 20 2.52 3.80 -15.07
CA LEU A 20 1.46 4.80 -14.90
C LEU A 20 0.12 4.18 -14.48
N TRP A 21 0.00 2.84 -14.49
CA TRP A 21 -1.28 2.22 -14.10
C TRP A 21 -1.11 0.96 -13.24
N TYR A 22 0.14 0.57 -12.91
CA TYR A 22 0.33 -0.64 -12.08
C TYR A 22 0.66 -0.29 -10.63
N ILE A 23 0.72 1.01 -10.29
CA ILE A 23 1.01 1.41 -8.91
C ILE A 23 0.00 0.77 -7.95
N ARG A 24 -1.27 0.66 -8.39
CA ARG A 24 -2.31 0.06 -7.54
C ARG A 24 -2.06 -1.44 -7.35
N ILE A 25 -1.78 -2.17 -8.43
CA ILE A 25 -1.53 -3.61 -8.32
C ILE A 25 -0.26 -3.88 -7.48
N PHE A 26 0.81 -3.12 -7.69
CA PHE A 26 2.05 -3.33 -6.94
C PHE A 26 1.81 -3.35 -5.43
N ILE A 27 0.78 -2.61 -4.95
CA ILE A 27 0.50 -2.56 -3.50
C ILE A 27 0.23 -3.96 -2.96
N ILE A 28 -0.49 -4.80 -3.71
CA ILE A 28 -0.78 -6.16 -3.26
C ILE A 28 0.55 -6.90 -2.97
N ILE A 29 1.56 -6.74 -3.84
CA ILE A 29 2.86 -7.38 -3.61
C ILE A 29 3.41 -6.93 -2.25
N VAL A 30 3.25 -5.64 -1.94
CA VAL A 30 3.75 -5.11 -0.65
C VAL A 30 2.94 -5.68 0.54
N GLY A 31 1.94 -6.54 0.28
CA GLY A 31 1.17 -7.15 1.37
C GLY A 31 1.92 -8.34 1.98
N SER A 32 2.64 -9.08 1.14
CA SER A 32 3.41 -10.24 1.62
C SER A 32 4.68 -9.80 2.36
N LEU A 33 5.24 -8.65 1.95
CA LEU A 33 6.48 -8.15 2.56
C LEU A 33 6.31 -8.04 4.09
N ILE A 34 5.10 -7.72 4.56
CA ILE A 34 4.89 -7.60 6.02
C ILE A 34 4.95 -8.99 6.68
N GLY A 35 4.42 -10.01 5.98
CA GLY A 35 4.43 -11.37 6.52
C GLY A 35 5.86 -11.83 6.77
N LEU A 36 6.75 -11.55 5.83
CA LEU A 36 8.14 -11.95 5.97
C LEU A 36 8.75 -11.38 7.27
N ARG A 37 8.43 -10.12 7.57
CA ARG A 37 8.91 -9.45 8.77
C ARG A 37 8.67 -10.29 10.04
N ILE A 38 7.55 -11.01 10.10
CA ILE A 38 7.22 -11.79 11.31
C ILE A 38 8.33 -12.81 11.66
N VAL A 39 8.92 -13.48 10.66
CA VAL A 39 9.99 -14.47 10.95
C VAL A 39 11.13 -13.84 11.76
N PHE A 40 11.33 -12.53 11.59
CA PHE A 40 12.40 -11.85 12.32
C PHE A 40 12.21 -12.00 13.83
N ALA A 41 10.95 -11.98 14.29
CA ALA A 41 10.69 -12.14 15.72
C ALA A 41 11.29 -13.47 16.22
N VAL A 42 10.97 -14.58 15.54
CA VAL A 42 11.52 -15.89 15.93
C VAL A 42 13.04 -15.92 15.65
N LEU A 43 13.47 -15.21 14.60
CA LEU A 43 14.89 -15.15 14.23
C LEU A 43 15.72 -14.58 15.40
N SER A 44 15.08 -13.76 16.26
CA SER A 44 15.78 -13.17 17.40
C SER A 44 16.35 -14.27 18.30
N LEU A 45 15.54 -15.29 18.57
CA LEU A 45 16.01 -16.41 19.41
C LEU A 45 17.14 -17.14 18.67
N VAL A 46 16.96 -17.30 17.36
CA VAL A 46 17.96 -17.97 16.52
C VAL A 46 19.29 -17.20 16.55
N ASN A 47 19.21 -15.88 16.77
CA ASN A 47 20.42 -15.04 16.81
C ASN A 47 21.38 -15.48 17.93
N ARG A 48 20.91 -16.30 18.87
CA ARG A 48 21.77 -16.76 19.97
C ARG A 48 22.77 -17.81 19.45
N VAL A 49 22.30 -18.69 18.57
CA VAL A 49 23.17 -19.73 18.00
C VAL A 49 23.55 -19.39 16.54
N ARG A 50 23.22 -18.16 16.09
CA ARG A 50 23.53 -17.73 14.72
C ARG A 50 22.70 -18.53 13.69
N GLN A 51 23.09 -19.79 13.44
CA GLN A 51 22.35 -20.63 12.49
C GLN A 51 22.41 -22.10 12.92
N LEU B 1 -12.61 4.12 -25.61
CA LEU B 1 -11.76 3.83 -24.42
C LEU B 1 -12.06 4.87 -23.33
N LEU B 2 -12.31 4.40 -22.11
CA LEU B 2 -12.62 5.31 -20.99
C LEU B 2 -13.79 6.24 -21.35
N GLU B 3 -15.00 5.82 -21.04
CA GLU B 3 -16.19 6.63 -21.33
C GLU B 3 -17.23 6.48 -20.22
N LEU B 4 -17.99 7.55 -19.95
CA LEU B 4 -19.01 7.49 -18.90
C LEU B 4 -19.95 6.29 -19.10
N ASP B 5 -20.11 5.87 -20.35
CA ASP B 5 -20.98 4.73 -20.65
C ASP B 5 -20.33 3.41 -20.24
N LYS B 6 -19.03 3.30 -20.49
CA LYS B 6 -18.30 2.08 -20.15
C LYS B 6 -18.25 1.86 -18.64
N TRP B 7 -17.94 2.92 -17.89
CA TRP B 7 -17.87 2.80 -16.43
C TRP B 7 -19.24 2.47 -15.83
N ALA B 8 -20.28 3.15 -16.32
CA ALA B 8 -21.64 2.92 -15.81
C ALA B 8 -22.10 1.49 -16.09
N SER B 9 -21.63 0.91 -17.20
CA SER B 9 -22.02 -0.47 -17.54
C SER B 9 -21.70 -1.43 -16.39
N LEU B 10 -20.64 -1.12 -15.63
CA LEU B 10 -20.23 -1.98 -14.51
C LEU B 10 -21.21 -1.88 -13.32
N TRP B 11 -22.16 -0.94 -13.38
CA TRP B 11 -23.13 -0.77 -12.29
C TRP B 11 -24.18 -1.89 -12.28
N ASN B 12 -24.46 -2.48 -13.45
CA ASN B 12 -25.47 -3.55 -13.53
C ASN B 12 -25.08 -4.77 -12.69
N TRP B 13 -23.81 -5.18 -12.77
CA TRP B 13 -23.35 -6.34 -11.99
C TRP B 13 -22.54 -5.90 -10.76
N PHE B 14 -21.97 -4.68 -10.82
CA PHE B 14 -21.20 -4.13 -9.69
C PHE B 14 -20.13 -5.09 -9.13
N ASP B 15 -19.88 -6.26 -9.75
CA ASP B 15 -18.87 -7.16 -9.20
C ASP B 15 -17.48 -6.52 -9.22
N ILE B 16 -17.05 -6.05 -10.40
CA ILE B 16 -15.75 -5.38 -10.51
C ILE B 16 -15.78 -4.01 -9.80
N THR B 17 -16.96 -3.38 -9.77
CA THR B 17 -17.07 -2.06 -9.14
C THR B 17 -16.66 -2.09 -7.67
N ASN B 18 -17.06 -3.13 -6.94
CA ASN B 18 -16.72 -3.21 -5.52
C ASN B 18 -15.19 -3.28 -5.31
N TRP B 19 -14.53 -4.15 -6.07
CA TRP B 19 -13.07 -4.31 -5.97
C TRP B 19 -12.33 -3.10 -6.58
N LEU B 20 -12.77 -2.67 -7.76
CA LEU B 20 -12.11 -1.57 -8.47
C LEU B 20 -12.40 -0.18 -7.86
N TRP B 21 -13.57 0.00 -7.24
CA TRP B 21 -13.90 1.31 -6.66
C TRP B 21 -13.38 1.46 -5.22
N TYR B 22 -12.98 0.35 -4.59
CA TYR B 22 -12.45 0.41 -3.22
C TYR B 22 -10.92 0.26 -3.21
N ILE B 23 -10.28 0.33 -4.38
CA ILE B 23 -8.83 0.19 -4.47
C ILE B 23 -8.10 1.31 -3.72
N ARG B 24 -8.60 2.55 -3.83
CA ARG B 24 -7.94 3.67 -3.16
C ARG B 24 -8.00 3.50 -1.64
N ILE B 25 -9.17 3.13 -1.12
CA ILE B 25 -9.33 2.90 0.31
C ILE B 25 -8.52 1.66 0.73
N PHE B 26 -8.54 0.63 -0.12
CA PHE B 26 -7.83 -0.61 0.17
C PHE B 26 -6.34 -0.35 0.48
N ILE B 27 -5.76 0.70 -0.12
CA ILE B 27 -4.34 0.99 0.13
C ILE B 27 -4.12 1.26 1.62
N ILE B 28 -4.94 2.14 2.20
CA ILE B 28 -4.81 2.47 3.62
C ILE B 28 -5.06 1.22 4.47
N ILE B 29 -6.08 0.42 4.10
CA ILE B 29 -6.39 -0.80 4.85
C ILE B 29 -5.18 -1.75 4.81
N VAL B 30 -4.54 -1.88 3.64
CA VAL B 30 -3.37 -2.77 3.51
C VAL B 30 -2.15 -2.20 4.29
N GLY B 31 -2.28 -1.02 4.93
CA GLY B 31 -1.17 -0.46 5.71
C GLY B 31 -1.42 -0.60 7.22
N SER B 32 -2.49 -1.30 7.61
CA SER B 32 -2.79 -1.47 9.04
C SER B 32 -2.09 -2.71 9.63
N LEU B 33 -1.95 -3.76 8.80
CA LEU B 33 -1.32 -5.01 9.28
C LEU B 33 0.14 -4.76 9.71
N ILE B 34 0.85 -3.86 9.03
CA ILE B 34 2.24 -3.59 9.42
C ILE B 34 2.30 -3.06 10.85
N GLY B 35 1.27 -2.29 11.27
CA GLY B 35 1.25 -1.78 12.64
C GLY B 35 0.93 -2.93 13.61
N LEU B 36 -0.06 -3.74 13.23
CA LEU B 36 -0.47 -4.88 14.06
C LEU B 36 0.72 -5.82 14.33
N ARG B 37 1.54 -6.06 13.30
CA ARG B 37 2.72 -6.92 13.43
C ARG B 37 3.61 -6.53 14.63
N ILE B 38 3.65 -5.25 14.97
CA ILE B 38 4.51 -4.79 16.07
C ILE B 38 4.14 -5.49 17.39
N VAL B 39 2.85 -5.65 17.66
CA VAL B 39 2.40 -6.31 18.90
C VAL B 39 3.02 -7.71 19.04
N PHE B 40 3.34 -8.37 17.92
CA PHE B 40 3.92 -9.72 18.01
C PHE B 40 5.19 -9.73 18.87
N ALA B 41 5.88 -8.58 18.96
CA ALA B 41 7.09 -8.49 19.80
C ALA B 41 6.77 -8.96 21.22
N VAL B 42 5.57 -8.64 21.69
CA VAL B 42 5.12 -9.05 23.02
C VAL B 42 5.05 -10.58 23.09
N LEU B 43 4.51 -11.19 22.02
CA LEU B 43 4.39 -12.65 21.96
C LEU B 43 5.78 -13.29 21.96
N SER B 44 6.73 -12.70 21.23
CA SER B 44 8.08 -13.26 21.16
C SER B 44 8.74 -13.31 22.55
N LEU B 45 8.40 -12.34 23.41
CA LEU B 45 8.98 -12.31 24.76
C LEU B 45 8.51 -13.55 25.55
N VAL B 46 7.23 -13.91 25.39
CA VAL B 46 6.69 -15.08 26.10
C VAL B 46 7.39 -16.37 25.64
N ASN B 47 8.05 -16.34 24.47
CA ASN B 47 8.75 -17.52 23.96
C ASN B 47 9.86 -17.98 24.92
N ARG B 48 10.28 -17.09 25.83
CA ARG B 48 11.35 -17.43 26.77
C ARG B 48 10.87 -18.39 27.86
N VAL B 49 9.65 -18.15 28.37
CA VAL B 49 9.12 -19.00 29.46
C VAL B 49 8.29 -20.16 28.89
N ARG B 50 7.55 -19.90 27.80
CA ARG B 50 6.72 -20.96 27.20
C ARG B 50 6.72 -20.86 25.68
N GLN B 51 6.54 -22.00 25.00
CA GLN B 51 6.53 -22.01 23.54
C GLN B 51 5.56 -20.96 22.98
N LEU C 1 -21.14 10.44 -12.79
CA LEU C 1 -20.46 9.32 -13.48
C LEU C 1 -19.04 9.75 -13.87
N LEU C 2 -18.30 8.84 -14.52
CA LEU C 2 -16.94 9.15 -14.94
C LEU C 2 -16.96 9.84 -16.31
N GLU C 3 -16.42 11.07 -16.38
CA GLU C 3 -16.40 11.80 -17.65
C GLU C 3 -15.37 12.93 -17.62
N LEU C 4 -15.01 13.43 -18.80
CA LEU C 4 -14.02 14.51 -18.90
C LEU C 4 -14.49 15.73 -18.11
N ASP C 5 -15.78 16.01 -18.19
CA ASP C 5 -16.35 17.16 -17.47
C ASP C 5 -16.45 16.88 -15.96
N LYS C 6 -16.52 15.60 -15.60
CA LYS C 6 -16.64 15.21 -14.19
C LYS C 6 -15.36 15.55 -13.41
N TRP C 7 -14.20 15.24 -14.00
CA TRP C 7 -12.93 15.51 -13.32
C TRP C 7 -12.74 17.00 -13.10
N ALA C 8 -12.93 17.79 -14.15
CA ALA C 8 -12.76 19.24 -14.05
C ALA C 8 -13.63 19.83 -12.93
N SER C 9 -14.78 19.21 -12.66
CA SER C 9 -15.68 19.70 -11.62
C SER C 9 -15.01 19.67 -10.24
N LEU C 10 -14.13 18.70 -10.02
CA LEU C 10 -13.44 18.58 -8.73
C LEU C 10 -12.48 19.74 -8.48
N TRP C 11 -12.24 20.59 -9.48
CA TRP C 11 -11.34 21.72 -9.31
C TRP C 11 -11.94 22.76 -8.35
N ASN C 12 -13.27 22.74 -8.20
CA ASN C 12 -13.95 23.69 -7.31
C ASN C 12 -13.54 23.50 -5.84
N TRP C 13 -13.44 22.25 -5.37
CA TRP C 13 -13.11 22.02 -3.94
C TRP C 13 -11.59 22.15 -3.60
N PHE C 14 -10.66 21.99 -4.57
CA PHE C 14 -9.22 22.16 -4.30
C PHE C 14 -8.64 21.12 -3.30
N ASP C 15 -9.02 21.22 -2.01
CA ASP C 15 -8.46 20.33 -0.99
C ASP C 15 -8.55 18.84 -1.38
N ILE C 16 -9.74 18.37 -1.75
CA ILE C 16 -9.89 16.96 -2.15
C ILE C 16 -9.16 16.68 -3.46
N THR C 17 -9.05 17.69 -4.32
CA THR C 17 -8.37 17.53 -5.60
C THR C 17 -6.93 17.08 -5.39
N ASN C 18 -6.25 17.70 -4.41
CA ASN C 18 -4.86 17.32 -4.12
C ASN C 18 -4.81 15.85 -3.70
N TRP C 19 -5.71 15.45 -2.79
CA TRP C 19 -5.75 14.06 -2.33
C TRP C 19 -5.95 13.12 -3.53
N LEU C 20 -6.83 13.51 -4.46
CA LEU C 20 -7.11 12.66 -5.62
C LEU C 20 -5.96 12.66 -6.64
N TRP C 21 -5.08 13.68 -6.58
CA TRP C 21 -3.97 13.74 -7.53
C TRP C 21 -2.59 13.54 -6.86
N TYR C 22 -2.57 13.29 -5.54
CA TYR C 22 -1.28 13.07 -4.84
C TYR C 22 -1.25 11.69 -4.16
N ILE C 23 -2.38 10.98 -4.15
CA ILE C 23 -2.43 9.66 -3.54
C ILE C 23 -1.42 8.70 -4.19
N ARG C 24 -1.24 8.83 -5.52
CA ARG C 24 -0.32 7.96 -6.24
C ARG C 24 1.10 8.02 -5.65
N ILE C 25 1.61 9.22 -5.40
CA ILE C 25 2.96 9.35 -4.82
C ILE C 25 2.93 8.83 -3.37
N PHE C 26 1.92 9.25 -2.60
CA PHE C 26 1.79 8.81 -1.21
C PHE C 26 1.83 7.28 -1.10
N ILE C 27 1.36 6.60 -2.16
CA ILE C 27 1.34 5.14 -2.15
C ILE C 27 2.77 4.58 -1.96
N ILE C 28 3.74 5.15 -2.71
CA ILE C 28 5.13 4.70 -2.58
C ILE C 28 5.64 4.97 -1.15
N ILE C 29 5.30 6.14 -0.61
CA ILE C 29 5.72 6.49 0.75
C ILE C 29 5.24 5.42 1.74
N VAL C 30 4.01 4.93 1.56
CA VAL C 30 3.47 3.95 2.51
C VAL C 30 4.24 2.61 2.46
N GLY C 31 4.94 2.27 1.35
CA GLY C 31 5.68 1.01 1.30
C GLY C 31 7.09 1.09 1.96
N SER C 32 7.54 2.29 2.38
CA SER C 32 8.88 2.42 2.99
C SER C 32 8.88 2.20 4.50
N LEU C 33 7.80 2.62 5.17
CA LEU C 33 7.72 2.48 6.62
C LEU C 33 7.98 1.01 7.04
N ILE C 34 7.60 0.05 6.19
CA ILE C 34 7.83 -1.36 6.50
C ILE C 34 9.36 -1.62 6.62
N GLY C 35 10.16 -0.92 5.82
CA GLY C 35 11.61 -1.08 5.86
C GLY C 35 12.15 -0.77 7.28
N LEU C 36 11.56 0.23 7.94
CA LEU C 36 11.98 0.63 9.29
C LEU C 36 11.93 -0.55 10.30
N ARG C 37 11.01 -1.49 10.12
CA ARG C 37 10.86 -2.61 11.05
C ARG C 37 12.17 -3.33 11.40
N ILE C 38 13.10 -3.48 10.45
CA ILE C 38 14.35 -4.20 10.75
C ILE C 38 15.15 -3.56 11.88
N VAL C 39 15.26 -2.23 11.92
CA VAL C 39 16.04 -1.61 13.01
C VAL C 39 15.42 -1.94 14.37
N PHE C 40 14.10 -2.15 14.39
CA PHE C 40 13.37 -2.45 15.63
C PHE C 40 13.80 -3.80 16.24
N ALA C 41 14.10 -4.77 15.40
CA ALA C 41 14.46 -6.13 15.87
C ALA C 41 15.63 -6.13 16.87
N VAL C 42 16.62 -5.26 16.70
CA VAL C 42 17.76 -5.23 17.63
C VAL C 42 17.31 -4.97 19.07
N LEU C 43 16.24 -4.19 19.25
CA LEU C 43 15.77 -3.87 20.60
C LEU C 43 15.43 -5.15 21.39
N SER C 44 15.02 -6.21 20.68
CA SER C 44 14.68 -7.47 21.34
C SER C 44 15.86 -7.98 22.15
N LEU C 45 17.07 -7.88 21.58
CA LEU C 45 18.27 -8.31 22.29
C LEU C 45 18.44 -7.46 23.56
N VAL C 46 18.03 -6.18 23.48
CA VAL C 46 18.13 -5.27 24.63
C VAL C 46 17.12 -5.66 25.72
N ASN C 47 16.01 -6.30 25.33
CA ASN C 47 14.99 -6.70 26.30
C ASN C 47 15.53 -7.68 27.35
N ARG C 48 16.77 -8.16 27.17
CA ARG C 48 17.38 -9.09 28.11
C ARG C 48 17.76 -8.36 29.40
N VAL C 49 18.34 -7.17 29.26
CA VAL C 49 18.73 -6.37 30.42
C VAL C 49 17.72 -5.24 30.66
N ARG C 50 16.46 -5.45 30.21
CA ARG C 50 15.40 -4.46 30.37
C ARG C 50 15.72 -3.19 29.55
N GLN C 51 16.60 -2.32 30.07
CA GLN C 51 16.96 -1.08 29.36
C GLN C 51 18.07 -0.35 30.10
C1 QOJ D . -4.69 15.97 -13.34
N1 QOJ D . -5.36 13.48 -13.65
C2 QOJ D . -4.80 17.18 -12.57
N2 QOJ D . 2.93 10.81 -21.45
C3 QOJ D . -5.59 17.27 -11.37
N3 QOJ D . 4.63 12.91 -24.99
C4 QOJ D . -6.32 16.16 -10.89
N4 QOJ D . -7.85 13.65 -9.97
C5 QOJ D . -5.38 14.74 -12.98
C6 QOJ D . -6.26 14.82 -11.67
C7 QOJ D . -7.01 13.60 -11.20
C8 QOJ D . -6.91 12.32 -12.01
C9 QOJ D . -6.10 12.29 -13.19
C10 QOJ D . 4.88 11.17 -23.07
C11 QOJ D . 4.27 10.44 -21.82
C12 QOJ D . 2.13 11.82 -22.19
C13 QOJ D . 2.66 12.52 -23.33
C14 QOJ D . 4.07 12.20 -23.81
C15 QOJ D . 6.32 10.82 -23.52
C16 QOJ D . 7.04 9.84 -22.80
C17 QOJ D . 6.47 9.17 -21.66
C18 QOJ D . 5.14 9.46 -21.18
C19 QOJ D . 2.31 10.16 -20.30
C20 QOJ D . 2.60 10.97 -19.01
C21 QOJ D . 1.30 11.55 -18.42
C22 QOJ D . 1.50 11.90 -16.93
C23 QOJ D . 0.46 12.96 -16.48
C24 QOJ D . -0.07 12.63 -15.08
C25 QOJ D . -1.15 11.54 -15.17
C26 QOJ D . -2.49 12.15 -15.64
C27 QOJ D . -3.14 12.92 -14.48
C28 QOJ D . -4.56 13.34 -14.87
C29 QOJ D . 0.79 12.30 -21.93
C30 QOJ D . -6.17 10.96 -13.78
C31 QOJ D . -7.07 10.11 -12.91
C32 QOJ D . -7.52 11.02 -11.80
C33 QOJ D . 0.46 13.34 -22.97
C34 QOJ D . 1.68 13.45 -23.84
H11 QOJ D . -4.08 15.98 -14.22
H21 QOJ D . -4.26 18.06 -12.89
H31 QOJ D . -5.64 18.21 -10.83
HN32 QOJ D . 5.54 12.71 -25.29
HN31 QOJ D . 4.09 13.59 -25.46
H41 QOJ D . -6.92 16.24 -9.99
HN42 QOJ D . -7.91 14.49 -9.46
HN41 QOJ D . -8.34 12.86 -9.68
H151 QOJ D . 6.75 11.31 -24.37
H161 QOJ D . 8.04 9.59 -23.10
H171 QOJ D . 7.06 8.44 -21.14
H181 QOJ D . 4.78 8.91 -20.33
H192 QOJ D . 1.23 10.09 -20.46
H191 QOJ D . 2.71 9.17 -20.18
H202 QOJ D . 3.08 10.32 -18.29
H201 QOJ D . 3.28 11.78 -19.26
H212 QOJ D . 1.04 12.45 -18.96
H211 QOJ D . 0.51 10.83 -18.51
H222 QOJ D . 1.38 10.99 -16.34
H221 QOJ D . 2.50 12.28 -16.78
H232 QOJ D . 0.95 13.92 -16.46
H231 QOJ D . -0.35 12.99 -17.18
H241 QOJ D . -0.50 13.53 -14.64
H242 QOJ D . 0.74 12.29 -14.45
H251 QOJ D . -1.28 11.09 -14.20
H252 QOJ D . -0.84 10.78 -15.87
H262 QOJ D . -2.30 12.83 -16.46
H261 QOJ D . -3.15 11.36 -15.96
H271 QOJ D . -2.55 13.79 -14.25
H272 QOJ D . -3.17 12.28 -13.61
H281 QOJ D . -5.01 12.59 -15.52
H282 QOJ D . -4.52 14.29 -15.39
H291 QOJ D . 0.73 12.73 -20.94
H292 QOJ D . 0.09 11.48 -22.01
H301 QOJ D . -5.18 10.53 -13.82
H302 QOJ D . -6.58 11.02 -14.77
H311 QOJ D . -6.53 9.26 -12.53
H312 QOJ D . -7.92 9.78 -13.48
H322 QOJ D . -8.59 11.12 -11.81
H321 QOJ D . -7.22 10.61 -10.84
H332 QOJ D . -0.39 13.02 -23.56
H331 QOJ D . 0.23 14.29 -22.50
H342 QOJ D . 1.44 13.18 -24.85
H341 QOJ D . 2.06 14.46 -23.81
C1 QOJ E . -9.43 -0.93 -21.31
N1 QOJ E . -9.69 0.75 -19.34
C2 QOJ E . -8.59 -1.48 -22.35
N2 QOJ E . -17.65 -7.57 -15.95
C3 QOJ E . -7.25 -1.06 -22.57
N3 QOJ E . -20.45 -9.38 -18.90
C4 QOJ E . -6.65 -0.05 -21.76
N4 QOJ E . -5.50 2.12 -19.96
C5 QOJ E . -8.97 0.11 -20.40
C6 QOJ E . -7.49 0.59 -20.63
C7 QOJ E . -6.90 1.66 -19.75
C8 QOJ E . -7.75 2.26 -18.66
C9 QOJ E . -9.10 1.80 -18.48
C10 QOJ E . -19.06 -7.33 -18.07
C11 QOJ E . -18.07 -6.71 -17.02
C12 QOJ E . -18.10 -8.97 -15.81
C13 QOJ E . -19.00 -9.57 -16.74
C14 QOJ E . -19.52 -8.77 -17.91
C15 QOJ E . -19.54 -6.46 -19.26
C16 QOJ E . -19.08 -5.13 -19.36
C17 QOJ E . -18.19 -4.57 -18.39
C18 QOJ E . -17.69 -5.33 -17.26
C19 QOJ E . -16.73 -7.04 -14.95
C20 QOJ E . -15.28 -7.28 -15.42
C21 QOJ E . -14.54 -5.95 -15.68
C22 QOJ E . -13.11 -6.23 -16.13
C23 QOJ E . -12.25 -4.97 -15.96
C24 QOJ E . -12.57 -3.96 -17.08
C25 QOJ E . -11.94 -2.62 -16.74
C26 QOJ E . -12.10 -1.66 -17.92
C27 QOJ E . -11.11 -0.50 -17.78
C28 QOJ E . -11.07 0.36 -19.06
C29 QOJ E . -17.76 -9.93 -14.77
C30 QOJ E . -9.71 2.53 -17.38
C31 QOJ E . -8.68 3.50 -16.83
C32 QOJ E . -7.45 3.29 -17.68
C33 QOJ E . -18.49 -11.22 -15.08
C34 QOJ E . -19.27 -10.95 -16.34
H11 QOJ E . -10.43 -1.31 -21.22
H21 QOJ E . -9.00 -2.25 -22.99
H31 QOJ E . -6.66 -1.51 -23.36
HN32 QOJ E . -20.78 -8.84 -19.66
HN31 QOJ E . -20.75 -10.30 -18.79
H41 QOJ E . -5.64 0.26 -21.94
HN42 QOJ E . -4.95 1.73 -20.66
HN41 QOJ E . -5.12 2.82 -19.38
H151 QOJ E . -20.22 -6.87 -19.99
H161 QOJ E . -19.42 -4.51 -20.19
H171 QOJ E . -17.86 -3.54 -18.52
H181 QOJ E . -17.03 -4.84 -16.57
H192 QOJ E . -16.92 -5.97 -14.82
H191 QOJ E . -16.88 -7.54 -14.01
H202 QOJ E . -14.75 -7.83 -14.65
H201 QOJ E . -15.29 -7.86 -16.33
H212 QOJ E . -15.06 -5.41 -16.46
H211 QOJ E . -14.54 -5.36 -14.78
H222 QOJ E . -12.69 -7.03 -15.53
H221 QOJ E . -13.11 -6.52 -17.17
H232 QOJ E . -12.46 -4.52 -15.00
H231 QOJ E . -11.21 -5.24 -16.01
H241 QOJ E . -13.64 -3.85 -17.15
H242 QOJ E . -12.18 -4.33 -18.01
H251 QOJ E . -10.87 -2.76 -16.54
H252 QOJ E . -12.41 -2.21 -15.87
H262 QOJ E . -11.92 -2.18 -18.85
H261 QOJ E . -13.10 -1.26 -17.92
H271 QOJ E . -10.11 -0.90 -17.59
H272 QOJ E . -11.39 0.12 -16.94
H281 QOJ E . -11.66 1.26 -18.90
H282 QOJ E . -11.48 -0.18 -19.89
H291 QOJ E . -18.06 -9.56 -13.80
H292 QOJ E . -16.70 -10.12 -14.78
H301 QOJ E . -10.01 1.83 -16.61
H302 QOJ E . -10.57 3.08 -17.72
H311 QOJ E . -8.48 3.27 -15.80
H312 QOJ E . -9.03 4.51 -16.93
H322 QOJ E . -7.20 4.21 -18.19
H321 QOJ E . -6.62 2.99 -17.05
H332 QOJ E . -17.79 -12.02 -15.25
H331 QOJ E . -19.15 -11.47 -14.27
H342 QOJ E . -18.95 -11.60 -17.13
H341 QOJ E . -20.32 -11.09 -16.16
C1 QOJ F . -17.98 6.75 -7.84
N1 QOJ F . -15.80 6.70 -9.24
C2 QOJ F . -19.30 6.21 -7.60
N2 QOJ F . -17.98 15.47 -2.75
C3 QOJ F . -19.87 5.16 -8.40
N3 QOJ F . -21.41 18.31 -2.83
C4 QOJ F . -19.14 4.58 -9.47
N4 QOJ F . -17.46 3.43 -11.76
C5 QOJ F . -17.11 6.26 -8.90
C6 QOJ F . -17.72 5.11 -9.78
C7 QOJ F . -16.90 4.53 -10.92
C8 QOJ F . -15.51 5.07 -11.18
C9 QOJ F . -15.00 6.13 -10.35
C10 QOJ F . -18.89 17.83 -2.37
C11 QOJ F . -17.69 16.81 -2.35
C12 QOJ F . -19.33 15.02 -3.17
C13 QOJ F . -20.45 15.92 -3.21
C14 QOJ F . -20.25 17.37 -2.80
C15 QOJ F . -18.64 19.29 -1.94
C16 QOJ F . -17.34 19.69 -1.55
C17 QOJ F . -16.26 18.75 -1.53
C18 QOJ F . -16.42 17.37 -1.91
C19 QOJ F . -16.89 14.48 -2.74
C20 QOJ F . -15.90 14.77 -3.88
C21 QOJ F . -16.60 14.70 -5.26
C22 QOJ F . -16.05 13.52 -6.11
C23 QOJ F . -16.97 12.29 -6.02
C24 QOJ F . -16.72 11.37 -7.21
C25 QOJ F . -15.40 10.59 -7.04
C26 QOJ F . -14.78 10.25 -8.40
C27 QOJ F . -15.57 9.12 -9.08
C28 QOJ F . -15.19 7.78 -8.46
C29 QOJ F . -19.77 13.70 -3.60
C30 QOJ F . -13.67 6.49 -10.79
C31 QOJ F . -13.33 5.60 -11.98
C32 QOJ F . -14.54 4.71 -12.18
C33 QOJ F . -21.24 13.78 -3.91
C34 QOJ F . -21.64 15.22 -3.65
H11 QOJ F . -17.62 7.53 -7.20
H21 QOJ F . -19.89 6.62 -6.79
H31 QOJ F . -20.86 4.80 -8.17
HN32 QOJ F . -21.28 19.25 -2.56
HN31 QOJ F . -22.30 18.00 -3.11
H41 QOJ F . -19.58 3.79 -10.06
HN42 QOJ F . -18.35 3.09 -11.58
HN41 QOJ F . -16.92 3.06 -12.49
H151 QOJ F . -19.45 20.01 -1.95
H161 QOJ F . -17.16 20.71 -1.25
H171 QOJ F . -15.27 19.09 -1.22
H181 QOJ F . -15.56 16.72 -1.88
H192 QOJ F . -16.38 14.55 -1.79
H191 QOJ F . -17.29 13.49 -2.86
H202 QOJ F . -15.50 15.77 -3.75
H201 QOJ F . -15.10 14.05 -3.83
H212 QOJ F . -17.66 14.58 -5.15
H211 QOJ F . -16.41 15.62 -5.80
H222 QOJ F . -15.98 13.84 -7.15
H221 QOJ F . -15.06 13.25 -5.76
H232 QOJ F . -16.76 11.76 -5.11
H231 QOJ F . -17.99 12.61 -6.02
H241 QOJ F . -16.68 11.95 -8.12
H242 QOJ F . -17.54 10.67 -7.30
H251 QOJ F . -15.59 9.67 -6.50
H252 QOJ F . -14.69 11.19 -6.47
H262 QOJ F . -14.81 11.13 -9.04
H261 QOJ F . -13.76 9.94 -8.27
H271 QOJ F . -15.34 9.10 -10.13
H272 QOJ F . -16.63 9.30 -8.94
H281 QOJ F . -15.55 7.73 -7.44
H282 QOJ F . -14.11 7.67 -8.45
H291 QOJ F . -19.59 12.98 -2.80
H292 QOJ F . -19.22 13.40 -4.48
H301 QOJ F . -12.96 6.33 -9.99
H302 QOJ F . -13.64 7.52 -11.11
H311 QOJ F . -12.45 5.00 -11.75
H312 QOJ F . -13.15 6.19 -12.86
H322 QOJ F . -14.95 4.88 -13.16
H321 QOJ F . -14.24 3.68 -12.08
H332 QOJ F . -21.42 13.54 -4.95
H331 QOJ F . -21.79 13.10 -3.28
H342 QOJ F . -22.01 15.67 -4.55
H341 QOJ F . -22.41 15.24 -2.89
N LEU A 1 -8.77 16.92 -22.79
CA LEU A 1 -8.77 16.74 -21.31
C LEU A 1 -9.12 15.30 -20.96
N LEU A 2 -8.11 14.48 -20.65
CA LEU A 2 -8.37 13.08 -20.29
C LEU A 2 -9.22 12.40 -21.38
N GLU A 3 -9.95 11.32 -21.04
CA GLU A 3 -10.79 10.59 -22.00
C GLU A 3 -9.94 9.66 -22.87
N LEU A 4 -10.61 8.77 -23.63
CA LEU A 4 -9.90 7.83 -24.49
C LEU A 4 -8.91 8.55 -25.42
N ASP A 5 -9.14 9.84 -25.65
CA ASP A 5 -8.24 10.62 -26.50
C ASP A 5 -6.90 10.82 -25.79
N LYS A 6 -6.95 11.18 -24.52
CA LYS A 6 -5.73 11.39 -23.74
C LYS A 6 -5.02 10.08 -23.47
N TRP A 7 -5.79 9.04 -23.15
CA TRP A 7 -5.23 7.73 -22.85
C TRP A 7 -4.54 7.13 -24.08
N ALA A 8 -5.14 7.33 -25.24
CA ALA A 8 -4.57 6.77 -26.48
C ALA A 8 -3.21 7.37 -26.82
N SER A 9 -3.10 8.70 -26.77
CA SER A 9 -1.83 9.36 -27.08
C SER A 9 -0.73 8.83 -26.15
N LEU A 10 -1.12 8.48 -24.92
CA LEU A 10 -0.18 7.96 -23.93
C LEU A 10 0.52 6.69 -24.40
N TRP A 11 -0.09 5.95 -25.35
CA TRP A 11 0.53 4.70 -25.81
C TRP A 11 1.67 4.92 -26.82
N ASN A 12 1.98 6.17 -27.21
CA ASN A 12 3.06 6.34 -28.22
C ASN A 12 4.44 6.02 -27.63
N TRP A 13 4.77 6.63 -26.48
CA TRP A 13 6.05 6.33 -25.81
C TRP A 13 5.81 5.43 -24.57
N PHE A 14 4.57 5.46 -24.05
CA PHE A 14 4.16 4.65 -22.90
C PHE A 14 5.22 4.54 -21.80
N ASP A 15 6.15 5.51 -21.72
CA ASP A 15 7.17 5.45 -20.67
C ASP A 15 6.49 5.55 -19.31
N ILE A 16 5.66 6.59 -19.12
CA ILE A 16 4.95 6.75 -17.87
C ILE A 16 3.89 5.64 -17.69
N THR A 17 3.38 5.09 -18.81
CA THR A 17 2.36 4.04 -18.71
C THR A 17 2.91 2.87 -17.91
N ASN A 18 4.20 2.57 -18.06
CA ASN A 18 4.81 1.49 -17.28
C ASN A 18 4.64 1.84 -15.80
N TRP A 19 4.99 3.08 -15.46
CA TRP A 19 4.84 3.56 -14.07
C TRP A 19 3.35 3.51 -13.65
N LEU A 20 2.43 3.48 -14.63
CA LEU A 20 1.01 3.45 -14.29
C LEU A 20 0.45 2.02 -14.23
N TRP A 21 1.25 1.01 -14.66
CA TRP A 21 0.77 -0.38 -14.61
C TRP A 21 1.76 -1.31 -13.90
N TYR A 22 2.63 -0.75 -13.05
CA TYR A 22 3.59 -1.56 -12.29
C TYR A 22 3.57 -1.13 -10.82
N ILE A 23 3.48 0.18 -10.59
CA ILE A 23 3.43 0.70 -9.22
C ILE A 23 2.08 0.30 -8.58
N ARG A 24 1.01 0.33 -9.39
CA ARG A 24 -0.33 -0.03 -8.93
C ARG A 24 -0.35 -1.48 -8.41
N ILE A 25 0.21 -2.39 -9.20
CA ILE A 25 0.26 -3.80 -8.79
C ILE A 25 1.10 -3.93 -7.48
N PHE A 26 2.26 -3.26 -7.45
CA PHE A 26 3.13 -3.29 -6.27
C PHE A 26 2.37 -2.91 -4.98
N ILE A 27 1.31 -2.10 -5.10
CA ILE A 27 0.58 -1.67 -3.90
C ILE A 27 0.07 -2.87 -3.11
N ILE A 28 -0.61 -3.82 -3.77
CA ILE A 28 -1.09 -5.00 -3.04
C ILE A 28 0.11 -5.75 -2.42
N ILE A 29 1.22 -5.89 -3.17
CA ILE A 29 2.41 -6.57 -2.66
C ILE A 29 2.88 -5.92 -1.35
N VAL A 30 2.85 -4.57 -1.28
CA VAL A 30 3.32 -3.90 -0.07
C VAL A 30 2.39 -4.20 1.13
N GLY A 31 1.17 -4.71 0.88
CA GLY A 31 0.27 -5.06 1.99
C GLY A 31 0.77 -6.33 2.69
N SER A 32 1.51 -7.17 1.95
CA SER A 32 2.05 -8.40 2.54
C SER A 32 3.40 -8.14 3.22
N LEU A 33 4.07 -7.04 2.86
CA LEU A 33 5.37 -6.73 3.44
C LEU A 33 5.26 -6.59 4.97
N ILE A 34 4.17 -5.94 5.44
CA ILE A 34 3.96 -5.78 6.87
C ILE A 34 3.67 -7.14 7.53
N GLY A 35 2.97 -8.04 6.81
CA GLY A 35 2.67 -9.37 7.36
C GLY A 35 3.97 -10.17 7.48
N LEU A 36 4.81 -10.08 6.45
CA LEU A 36 6.11 -10.77 6.45
C LEU A 36 6.95 -10.36 7.69
N ARG A 37 6.75 -9.12 8.13
CA ARG A 37 7.45 -8.54 9.28
C ARG A 37 7.42 -9.43 10.54
N ILE A 38 6.33 -10.14 10.79
CA ILE A 38 6.23 -10.95 12.04
C ILE A 38 7.35 -11.97 12.18
N VAL A 39 7.74 -12.65 11.10
CA VAL A 39 8.77 -13.68 11.22
C VAL A 39 10.06 -13.10 11.84
N PHE A 40 10.29 -11.80 11.64
CA PHE A 40 11.50 -11.18 12.16
C PHE A 40 11.62 -11.40 13.67
N ALA A 41 10.48 -11.38 14.36
CA ALA A 41 10.47 -11.62 15.80
C ALA A 41 11.10 -12.98 16.11
N VAL A 42 10.66 -14.02 15.38
CA VAL A 42 11.22 -15.35 15.57
C VAL A 42 12.69 -15.36 15.12
N LEU A 43 12.98 -14.65 14.03
CA LEU A 43 14.33 -14.56 13.51
C LEU A 43 15.28 -13.92 14.54
N SER A 44 14.76 -12.99 15.35
CA SER A 44 15.58 -12.34 16.36
C SER A 44 16.07 -13.33 17.42
N LEU A 45 15.15 -14.19 17.89
CA LEU A 45 15.48 -15.17 18.93
C LEU A 45 16.18 -16.42 18.36
N VAL A 46 15.80 -16.83 17.15
CA VAL A 46 16.38 -18.03 16.54
C VAL A 46 17.91 -17.89 16.36
N ASN A 47 18.41 -16.65 16.39
CA ASN A 47 19.84 -16.41 16.22
C ASN A 47 20.68 -16.97 17.39
N ARG A 48 20.01 -17.36 18.50
CA ARG A 48 20.75 -17.90 19.65
C ARG A 48 21.24 -19.33 19.34
N VAL A 49 20.40 -20.11 18.65
CA VAL A 49 20.75 -21.49 18.30
C VAL A 49 21.33 -21.57 16.87
N ARG A 50 21.87 -20.46 16.38
CA ARG A 50 22.47 -20.44 15.04
C ARG A 50 23.99 -20.64 15.14
N GLN A 51 24.66 -19.74 15.86
CA GLN A 51 26.11 -19.83 16.02
C GLN A 51 26.56 -18.98 17.22
N LEU B 1 -12.11 2.86 -23.53
CA LEU B 1 -11.13 2.91 -22.40
C LEU B 1 -11.82 3.58 -21.20
N LEU B 2 -11.93 4.93 -21.21
CA LEU B 2 -12.59 5.63 -20.11
C LEU B 2 -13.71 6.53 -20.64
N GLU B 3 -14.92 5.97 -20.69
CA GLU B 3 -16.08 6.73 -21.19
C GLU B 3 -17.31 6.44 -20.34
N LEU B 4 -18.30 7.32 -20.42
CA LEU B 4 -19.54 7.14 -19.64
C LEU B 4 -20.14 5.77 -19.92
N ASP B 5 -20.11 5.37 -21.18
CA ASP B 5 -20.66 4.07 -21.58
C ASP B 5 -19.78 2.91 -21.10
N LYS B 6 -18.47 3.14 -21.05
CA LYS B 6 -17.54 2.09 -20.64
C LYS B 6 -17.65 1.75 -19.14
N TRP B 7 -17.71 2.78 -18.29
CA TRP B 7 -17.79 2.55 -16.84
C TRP B 7 -19.18 2.05 -16.44
N ALA B 8 -20.21 2.50 -17.15
CA ALA B 8 -21.57 2.05 -16.83
C ALA B 8 -21.75 0.57 -17.15
N SER B 9 -21.16 0.12 -18.26
CA SER B 9 -21.25 -1.29 -18.65
C SER B 9 -20.69 -2.20 -17.56
N LEU B 10 -19.67 -1.71 -16.85
CA LEU B 10 -19.03 -2.49 -15.79
C LEU B 10 -20.04 -2.91 -14.70
N TRP B 11 -21.20 -2.23 -14.63
CA TRP B 11 -22.18 -2.58 -13.60
C TRP B 11 -22.82 -3.96 -13.83
N ASN B 12 -22.49 -4.65 -14.95
CA ASN B 12 -23.10 -5.96 -15.20
C ASN B 12 -22.37 -7.05 -14.39
N TRP B 13 -21.03 -7.10 -14.47
CA TRP B 13 -20.27 -8.09 -13.69
C TRP B 13 -19.60 -7.41 -12.47
N PHE B 14 -19.38 -6.10 -12.57
CA PHE B 14 -18.78 -5.31 -11.47
C PHE B 14 -17.66 -6.03 -10.71
N ASP B 15 -16.98 -7.01 -11.36
CA ASP B 15 -15.91 -7.73 -10.67
C ASP B 15 -14.76 -6.77 -10.31
N ILE B 16 -14.26 -6.05 -11.32
CA ILE B 16 -13.17 -5.10 -11.10
C ILE B 16 -13.65 -3.89 -10.28
N THR B 17 -14.86 -3.40 -10.59
CA THR B 17 -15.41 -2.23 -9.90
C THR B 17 -15.51 -2.47 -8.40
N ASN B 18 -16.12 -3.58 -8.00
CA ASN B 18 -16.27 -3.87 -6.57
C ASN B 18 -14.91 -4.10 -5.91
N TRP B 19 -13.96 -4.68 -6.66
CA TRP B 19 -12.64 -4.97 -6.11
C TRP B 19 -11.78 -3.69 -5.91
N LEU B 20 -11.73 -2.81 -6.91
CA LEU B 20 -10.89 -1.60 -6.82
C LEU B 20 -11.57 -0.41 -6.15
N TRP B 21 -12.91 -0.41 -6.02
CA TRP B 21 -13.56 0.73 -5.36
C TRP B 21 -13.25 0.78 -3.86
N TYR B 22 -12.45 -0.18 -3.35
CA TYR B 22 -12.09 -0.21 -1.92
C TYR B 22 -10.57 -0.26 -1.70
N ILE B 23 -9.79 -0.62 -2.74
CA ILE B 23 -8.32 -0.71 -2.60
C ILE B 23 -7.70 0.63 -2.19
N ARG B 24 -8.10 1.74 -2.85
CA ARG B 24 -7.53 3.05 -2.49
C ARG B 24 -7.72 3.37 -1.00
N ILE B 25 -8.93 3.11 -0.49
CA ILE B 25 -9.20 3.35 0.93
C ILE B 25 -8.39 2.37 1.80
N PHE B 26 -8.36 1.12 1.38
CA PHE B 26 -7.64 0.08 2.10
C PHE B 26 -6.18 0.47 2.36
N ILE B 27 -5.60 1.30 1.50
CA ILE B 27 -4.19 1.71 1.65
C ILE B 27 -3.96 2.38 3.01
N ILE B 28 -4.80 3.34 3.34
CA ILE B 28 -4.67 4.07 4.60
C ILE B 28 -4.73 3.07 5.77
N ILE B 29 -5.64 2.09 5.69
CA ILE B 29 -5.75 1.09 6.76
C ILE B 29 -4.40 0.36 6.94
N VAL B 30 -3.74 0.01 5.84
CA VAL B 30 -2.45 -0.71 5.92
C VAL B 30 -1.32 0.18 6.51
N GLY B 31 -1.60 1.47 6.79
CA GLY B 31 -0.57 2.37 7.33
C GLY B 31 -0.48 2.24 8.86
N SER B 32 -1.63 2.06 9.53
CA SER B 32 -1.63 1.92 10.98
C SER B 32 -1.12 0.54 11.42
N LEU B 33 -1.29 -0.46 10.54
CA LEU B 33 -0.85 -1.82 10.83
C LEU B 33 0.64 -1.83 11.23
N ILE B 34 1.43 -0.92 10.67
CA ILE B 34 2.86 -0.89 11.00
C ILE B 34 3.11 -0.31 12.40
N GLY B 35 2.33 0.72 12.78
CA GLY B 35 2.52 1.35 14.10
C GLY B 35 2.25 0.38 15.26
N LEU B 36 1.05 -0.23 15.28
CA LEU B 36 0.70 -1.17 16.36
C LEU B 36 1.74 -2.31 16.48
N ARG B 37 2.38 -2.67 15.36
CA ARG B 37 3.34 -3.78 15.32
C ARG B 37 4.35 -3.74 16.48
N ILE B 38 4.64 -2.54 17.00
CA ILE B 38 5.62 -2.41 18.08
C ILE B 38 5.23 -3.27 19.32
N VAL B 39 3.94 -3.35 19.69
CA VAL B 39 3.53 -4.13 20.87
C VAL B 39 4.05 -5.59 20.79
N PHE B 40 4.21 -6.11 19.57
CA PHE B 40 4.67 -7.49 19.40
C PHE B 40 6.00 -7.76 20.12
N ALA B 41 6.80 -6.71 20.33
CA ALA B 41 8.10 -6.89 21.01
C ALA B 41 7.94 -7.67 22.32
N VAL B 42 7.00 -7.26 23.19
CA VAL B 42 6.80 -7.97 24.45
C VAL B 42 6.23 -9.37 24.20
N LEU B 43 5.43 -9.52 23.15
CA LEU B 43 4.84 -10.83 22.80
C LEU B 43 5.96 -11.83 22.45
N SER B 44 7.09 -11.34 21.95
CA SER B 44 8.20 -12.21 21.57
C SER B 44 8.75 -12.96 22.78
N LEU B 45 8.74 -12.31 23.95
CA LEU B 45 9.25 -12.96 25.17
C LEU B 45 8.42 -14.20 25.49
N VAL B 46 7.10 -14.08 25.37
CA VAL B 46 6.19 -15.20 25.66
C VAL B 46 6.40 -16.35 24.64
N ASN B 47 7.16 -16.10 23.57
CA ASN B 47 7.42 -17.15 22.56
C ASN B 47 8.46 -18.16 23.05
N ARG B 48 9.30 -17.77 24.02
CA ARG B 48 10.33 -18.66 24.54
C ARG B 48 9.78 -19.56 25.66
N VAL B 49 8.93 -18.99 26.51
CA VAL B 49 8.36 -19.75 27.62
C VAL B 49 7.07 -20.49 27.20
N ARG B 50 6.94 -20.79 25.91
CA ARG B 50 5.75 -21.49 25.42
C ARG B 50 5.62 -22.86 26.09
N GLN B 51 4.38 -23.23 26.46
CA GLN B 51 4.16 -24.52 27.12
C GLN B 51 4.67 -25.67 26.25
N LEU C 1 -22.40 10.52 -14.82
CA LEU C 1 -21.40 9.42 -14.63
C LEU C 1 -20.02 9.93 -15.03
N LEU C 2 -19.01 9.06 -14.96
CA LEU C 2 -17.64 9.44 -15.30
C LEU C 2 -17.59 10.17 -16.64
N GLU C 3 -16.85 11.29 -16.69
CA GLU C 3 -16.74 12.08 -17.92
C GLU C 3 -15.62 13.11 -17.78
N LEU C 4 -14.99 13.50 -18.91
CA LEU C 4 -13.90 14.47 -18.85
C LEU C 4 -14.33 15.79 -18.19
N ASP C 5 -15.61 16.13 -18.30
CA ASP C 5 -16.12 17.36 -17.69
C ASP C 5 -16.25 17.23 -16.17
N LYS C 6 -16.44 16.00 -15.69
CA LYS C 6 -16.59 15.75 -14.25
C LYS C 6 -15.27 15.98 -13.52
N TRP C 7 -14.16 15.57 -14.14
CA TRP C 7 -12.84 15.73 -13.53
C TRP C 7 -12.49 17.21 -13.36
N ALA C 8 -12.59 17.98 -14.44
CA ALA C 8 -12.25 19.40 -14.39
C ALA C 8 -12.95 20.14 -13.25
N SER C 9 -14.18 19.72 -12.94
CA SER C 9 -14.94 20.38 -11.85
C SER C 9 -14.18 20.28 -10.52
N LEU C 10 -13.48 19.16 -10.32
CA LEU C 10 -12.72 18.95 -9.08
C LEU C 10 -11.40 19.73 -9.05
N TRP C 11 -11.00 20.31 -10.18
CA TRP C 11 -9.76 21.10 -10.21
C TRP C 11 -9.93 22.38 -9.39
N ASN C 12 -11.17 22.85 -9.26
CA ASN C 12 -11.46 24.07 -8.51
C ASN C 12 -11.09 23.95 -7.02
N TRP C 13 -11.41 22.80 -6.38
CA TRP C 13 -11.11 22.67 -4.93
C TRP C 13 -9.63 22.32 -4.62
N PHE C 14 -8.86 21.75 -5.57
CA PHE C 14 -7.44 21.41 -5.34
C PHE C 14 -7.25 20.25 -4.33
N ASP C 15 -7.98 20.26 -3.21
CA ASP C 15 -7.82 19.20 -2.21
C ASP C 15 -8.07 17.82 -2.81
N ILE C 16 -9.22 17.63 -3.47
CA ILE C 16 -9.53 16.33 -4.09
C ILE C 16 -8.59 16.08 -5.28
N THR C 17 -8.16 17.15 -5.96
CA THR C 17 -7.28 17.00 -7.11
C THR C 17 -5.99 16.27 -6.72
N ASN C 18 -5.40 16.68 -5.59
CA ASN C 18 -4.18 16.04 -5.13
C ASN C 18 -4.48 14.70 -4.44
N TRP C 19 -5.72 14.52 -3.96
CA TRP C 19 -6.10 13.27 -3.29
C TRP C 19 -5.86 12.06 -4.22
N LEU C 20 -5.81 12.29 -5.54
CA LEU C 20 -5.59 11.17 -6.49
C LEU C 20 -4.10 11.01 -6.84
N TRP C 21 -3.34 12.11 -6.89
CA TRP C 21 -1.93 12.03 -7.25
C TRP C 21 -1.03 12.03 -6.00
N TYR C 22 -1.59 11.61 -4.86
CA TYR C 22 -0.81 11.56 -3.61
C TYR C 22 -1.04 10.20 -2.93
N ILE C 23 -2.28 9.72 -2.98
CA ILE C 23 -2.62 8.43 -2.39
C ILE C 23 -1.82 7.32 -3.08
N ARG C 24 -1.75 7.34 -4.43
CA ARG C 24 -1.01 6.31 -5.16
C ARG C 24 0.47 6.31 -4.74
N ILE C 25 1.03 7.51 -4.68
CA ILE C 25 2.43 7.72 -4.29
C ILE C 25 2.65 7.38 -2.80
N PHE C 26 1.65 7.70 -1.98
CA PHE C 26 1.78 7.53 -0.53
C PHE C 26 2.23 6.11 -0.13
N ILE C 27 1.92 5.08 -0.93
CA ILE C 27 2.39 3.72 -0.58
C ILE C 27 3.92 3.72 -0.52
N ILE C 28 4.57 4.42 -1.47
CA ILE C 28 6.04 4.48 -1.46
C ILE C 28 6.49 5.08 -0.12
N ILE C 29 5.78 6.11 0.34
CA ILE C 29 6.11 6.73 1.62
C ILE C 29 6.01 5.68 2.74
N VAL C 30 4.93 4.89 2.69
CA VAL C 30 4.73 3.85 3.72
C VAL C 30 5.78 2.71 3.63
N GLY C 31 6.40 2.47 2.45
CA GLY C 31 7.41 1.41 2.34
C GLY C 31 8.53 1.64 3.36
N SER C 32 9.22 2.79 3.24
CA SER C 32 10.30 3.11 4.18
C SER C 32 9.77 3.11 5.62
N LEU C 33 8.50 3.50 5.78
CA LEU C 33 7.90 3.55 7.12
C LEU C 33 7.92 2.17 7.78
N ILE C 34 7.49 1.13 7.04
CA ILE C 34 7.49 -0.22 7.61
C ILE C 34 8.94 -0.75 7.71
N GLY C 35 9.78 -0.38 6.75
CA GLY C 35 11.19 -0.83 6.77
C GLY C 35 11.89 -0.37 8.07
N LEU C 36 11.67 0.88 8.47
CA LEU C 36 12.29 1.42 9.70
C LEU C 36 11.94 0.52 10.92
N ARG C 37 10.76 -0.09 10.91
CA ARG C 37 10.31 -0.97 12.00
C ARG C 37 11.38 -2.01 12.39
N ILE C 38 12.14 -2.51 11.41
CA ILE C 38 13.11 -3.59 11.65
C ILE C 38 14.17 -3.24 12.73
N VAL C 39 14.68 -2.00 12.76
CA VAL C 39 15.72 -1.67 13.75
C VAL C 39 15.25 -1.99 15.18
N PHE C 40 13.93 -1.93 15.42
CA PHE C 40 13.38 -2.23 16.75
C PHE C 40 13.71 -3.67 17.18
N ALA C 41 13.72 -4.59 16.22
CA ALA C 41 13.97 -6.00 16.53
C ALA C 41 15.29 -6.21 17.27
N VAL C 42 16.35 -5.47 16.89
CA VAL C 42 17.64 -5.60 17.57
C VAL C 42 17.50 -5.21 19.06
N LEU C 43 16.60 -4.26 19.36
CA LEU C 43 16.39 -3.84 20.75
C LEU C 43 15.98 -5.03 21.62
N SER C 44 15.17 -5.93 21.06
CA SER C 44 14.71 -7.09 21.81
C SER C 44 15.89 -7.92 22.32
N LEU C 45 16.97 -7.99 21.52
CA LEU C 45 18.16 -8.74 21.93
C LEU C 45 18.70 -8.16 23.25
N VAL C 46 18.62 -6.84 23.39
CA VAL C 46 19.11 -6.15 24.60
C VAL C 46 18.12 -6.33 25.77
N ASN C 47 16.88 -6.74 25.47
CA ASN C 47 15.87 -6.91 26.51
C ASN C 47 16.25 -7.98 27.54
N ARG C 48 17.02 -8.98 27.10
CA ARG C 48 17.43 -10.06 28.01
C ARG C 48 18.70 -9.69 28.80
N VAL C 49 19.62 -9.00 28.13
CA VAL C 49 20.89 -8.61 28.79
C VAL C 49 20.78 -7.22 29.45
N ARG C 50 19.63 -6.55 29.33
CA ARG C 50 19.46 -5.22 29.94
C ARG C 50 20.57 -4.27 29.49
N GLN C 51 20.50 -3.02 29.96
CA GLN C 51 21.52 -2.03 29.59
C GLN C 51 22.59 -1.92 30.68
C1 QOJ D . -4.34 14.82 -14.51
N1 QOJ D . -5.43 12.47 -14.31
C2 QOJ D . -4.31 16.20 -14.10
N2 QOJ D . 3.90 12.80 -20.74
C3 QOJ D . -5.22 16.74 -13.14
N3 QOJ D . 5.07 14.50 -24.68
C4 QOJ D . -6.22 15.93 -12.53
N4 QOJ D . -8.33 14.06 -11.33
C5 QOJ D . -5.29 13.86 -13.99
C6 QOJ D . -6.30 14.44 -12.93
C7 QOJ D . -7.35 13.53 -12.32
C8 QOJ D . -7.39 12.07 -12.74
C9 QOJ D . -6.45 11.59 -13.71
C10 QOJ D . 3.47 13.02 -23.25
C11 QOJ D . 3.07 12.43 -21.85
C12 QOJ D . 5.07 13.69 -20.85
C13 QOJ D . 5.47 14.25 -22.12
C14 QOJ D . 4.67 13.93 -23.37
C15 QOJ D . 2.62 12.67 -24.49
C16 QOJ D . 1.50 11.81 -24.32
C17 QOJ D . 1.15 11.28 -23.04
C18 QOJ D . 1.91 11.58 -21.85
C19 QOJ D . 3.56 12.28 -19.41
C20 QOJ D . 2.49 13.20 -18.78
C21 QOJ D . 1.38 12.36 -18.11
C22 QOJ D . 1.79 12.00 -16.66
C23 QOJ D . 0.99 10.78 -16.17
C24 QOJ D . -0.46 11.18 -15.88
C25 QOJ D . -1.19 10.00 -15.18
C26 QOJ D . -2.71 10.12 -15.43
C27 QOJ D . -3.32 11.24 -14.56
C28 QOJ D . -4.52 11.87 -15.28
C29 QOJ D . 5.99 14.13 -19.83
C30 QOJ D . -6.68 10.17 -13.94
C31 QOJ D . -7.86 9.75 -13.07
C32 QOJ D . -8.27 10.99 -12.32
C33 QOJ D . 7.02 15.02 -20.48
C34 QOJ D . 6.65 15.07 -21.93
H11 QOJ D . -3.62 14.49 -15.23
H21 QOJ D . -3.56 16.86 -14.53
H31 QOJ D . -5.15 17.78 -12.86
HN32 QOJ D . 4.55 14.30 -25.48
HN31 QOJ D . 5.85 15.09 -24.74
H41 QOJ D . -6.91 16.35 -11.81
HN42 QOJ D . -8.29 14.99 -11.05
HN41 QOJ D . -9.00 13.46 -10.93
H151 QOJ D . 2.87 13.06 -25.46
H161 QOJ D . 0.90 11.55 -25.18
H171 QOJ D . 0.29 10.63 -22.96
H181 QOJ D . 1.60 11.13 -20.91
H192 QOJ D . 3.18 11.27 -19.51
H191 QOJ D . 4.44 12.28 -18.79
H202 QOJ D . 2.96 13.84 -18.05
H201 QOJ D . 2.05 13.80 -19.56
H212 QOJ D . 0.47 12.93 -18.08
H211 QOJ D . 1.21 11.45 -18.67
H222 QOJ D . 2.84 11.76 -16.63
H221 QOJ D . 1.59 12.83 -16.01
H232 QOJ D . 1.00 10.01 -16.94
H231 QOJ D . 1.44 10.40 -15.27
H241 QOJ D . -0.96 11.41 -16.81
H242 QOJ D . -0.47 12.05 -15.23
H251 QOJ D . -1.01 10.05 -14.12
H252 QOJ D . -0.84 9.06 -15.58
H262 QOJ D . -2.88 10.33 -16.48
H261 QOJ D . -3.17 9.18 -15.18
H271 QOJ D . -2.58 12.00 -14.36
H272 QOJ D . -3.65 10.81 -13.62
H281 QOJ D . -5.04 11.11 -15.84
H282 QOJ D . -4.16 12.63 -15.96
H291 QOJ D . 6.46 13.27 -19.37
H292 QOJ D . 5.45 14.69 -19.08
H301 QOJ D . -5.81 9.60 -13.68
H302 QOJ D . -6.94 10.01 -14.97
H311 QOJ D . -7.54 8.96 -12.39
H312 QOJ D . -8.66 9.39 -13.69
H322 QOJ D . -9.28 11.24 -12.58
H321 QOJ D . -8.18 10.83 -11.26
H332 QOJ D . 6.98 16.01 -20.06
H331 QOJ D . 8.01 14.60 -20.34
H342 QOJ D . 6.43 16.08 -22.22
H341 QOJ D . 7.48 14.70 -22.53
C1 QOJ E . -5.29 0.24 -21.65
N1 QOJ E . -6.54 1.35 -19.65
C2 QOJ E . -4.09 0.14 -22.45
N2 QOJ E . -13.61 -6.22 -19.12
C3 QOJ E . -2.93 0.94 -22.21
N3 QOJ E . -16.38 -9.66 -19.71
C4 QOJ E . -2.90 1.89 -21.14
N4 QOJ E . -2.97 3.89 -18.82
C5 QOJ E . -5.41 1.15 -20.52
C6 QOJ E . -4.14 2.04 -20.24
C7 QOJ E . -4.17 3.03 -19.10
C8 QOJ E . -5.41 3.15 -18.25
C9 QOJ E . -6.55 2.32 -18.53
C10 QOJ E . -14.87 -8.21 -18.14
C11 QOJ E . -13.90 -6.99 -17.95
C12 QOJ E . -14.17 -6.52 -20.45
C13 QOJ E . -15.06 -7.62 -20.68
C14 QOJ E . -15.44 -8.51 -19.51
C15 QOJ E . -15.24 -9.09 -16.92
C16 QOJ E . -14.68 -8.77 -15.65
C17 QOJ E . -13.79 -7.66 -15.49
C18 QOJ E . -13.42 -6.80 -16.59
C19 QOJ E . -12.70 -5.07 -19.00
C20 QOJ E . -13.53 -3.78 -18.78
C21 QOJ E . -13.20 -3.16 -17.42
C22 QOJ E . -11.86 -2.41 -17.49
C23 QOJ E . -11.20 -2.36 -16.09
C24 QOJ E . -10.32 -1.09 -15.95
C25 QOJ E . -9.00 -1.27 -16.72
C26 QOJ E . -9.15 -0.77 -18.16
C27 QOJ E . -7.76 -0.61 -18.82
C28 QOJ E . -7.75 0.56 -19.85
C29 QOJ E . -13.97 -5.82 -21.71
C30 QOJ E . -7.60 2.61 -17.58
C31 QOJ E . -7.10 3.69 -16.64
C32 QOJ E . -5.69 4.00 -17.10
C33 QOJ E . -14.77 -6.53 -22.78
C34 QOJ E . -15.45 -7.67 -22.07
H11 QOJ E . -6.12 -0.40 -21.89
H21 QOJ E . -4.07 -0.57 -23.27
H31 QOJ E . -2.06 0.83 -22.83
HN32 QOJ E . -16.62 -10.23 -18.95
HN31 QOJ E . -16.73 -9.84 -20.60
H41 QOJ E . -2.02 2.49 -20.98
HN42 QOJ E . -2.18 3.80 -19.39
HN41 QOJ E . -2.99 4.52 -18.09
H151 QOJ E . -15.91 -9.94 -17.03
H161 QOJ E . -14.93 -9.38 -14.80
H171 QOJ E . -13.40 -7.45 -14.51
H181 QOJ E . -12.75 -5.98 -16.39
H192 QOJ E . -12.02 -5.23 -18.19
H191 QOJ E . -12.14 -4.98 -19.92
H202 QOJ E . -13.31 -3.08 -19.56
H201 QOJ E . -14.59 -4.03 -18.81
H212 QOJ E . -13.98 -2.47 -17.15
H211 QOJ E . -13.14 -3.94 -16.67
H222 QOJ E . -11.19 -2.89 -18.17
H221 QOJ E . -12.04 -1.39 -17.83
H232 QOJ E . -11.96 -2.34 -15.32
H231 QOJ E . -10.58 -3.23 -15.96
H241 QOJ E . -10.11 -0.93 -14.91
H242 QOJ E . -10.87 -0.25 -16.33
H251 QOJ E . -8.72 -2.32 -16.73
H252 QOJ E . -8.22 -0.70 -16.23
H262 QOJ E . -9.74 -1.47 -18.73
H261 QOJ E . -9.65 0.20 -18.14
H271 QOJ E . -7.50 -1.53 -19.33
H272 QOJ E . -7.02 -0.41 -18.06
H281 QOJ E . -8.61 1.18 -19.69
H282 QOJ E . -7.78 0.15 -20.85
H291 QOJ E . -12.91 -5.83 -21.97
H292 QOJ E . -14.30 -4.80 -21.62
H301 QOJ E . -7.85 1.71 -17.02
H302 QOJ E . -8.48 2.97 -18.09
H311 QOJ E . -7.09 3.33 -15.63
H312 QOJ E . -7.70 4.57 -16.72
H322 QOJ E . -5.63 5.03 -17.41
H321 QOJ E . -4.99 3.81 -16.30
H332 QOJ E . -15.50 -5.86 -23.19
H331 QOJ E . -14.11 -6.89 -23.56
H342 QOJ E . -16.52 -7.56 -22.14
H341 QOJ E . -15.16 -8.61 -22.53
C1 QOJ F . -18.48 6.72 -8.45
N1 QOJ F . -16.14 6.63 -9.57
C2 QOJ F . -19.82 6.19 -8.35
N2 QOJ F . -17.64 17.57 -5.47
C3 QOJ F . -20.28 5.10 -9.15
N3 QOJ F . -19.48 20.99 -3.31
C4 QOJ F . -19.43 4.49 -10.11
N4 QOJ F . -17.49 3.25 -12.14
C5 QOJ F . -17.49 6.21 -9.38
C6 QOJ F . -17.98 5.01 -10.27
C7 QOJ F . -17.03 4.38 -11.28
C8 QOJ F . -15.63 4.93 -11.40
C9 QOJ F . -15.23 6.02 -10.56
C10 QOJ F . -17.52 19.31 -3.60
C11 QOJ F . -16.88 18.10 -4.38
C12 QOJ F . -18.95 18.11 -5.89
C13 QOJ F . -19.57 19.22 -5.22
C14 QOJ F . -18.86 19.85 -4.04
C15 QOJ F . -16.75 19.91 -2.41
C16 QOJ F . -15.50 19.37 -2.04
C17 QOJ F . -14.93 18.26 -2.75
C18 QOJ F . -15.60 17.65 -3.88
C19 QOJ F . -17.08 16.45 -6.22
C20 QOJ F . -17.24 15.16 -5.42
C21 QOJ F . -16.41 14.06 -6.08
C22 QOJ F . -16.73 12.70 -5.42
C23 QOJ F . -15.66 11.65 -5.80
C24 QOJ F . -16.33 10.34 -6.27
C25 QOJ F . -16.75 10.46 -7.74
C26 QOJ F . -15.52 10.25 -8.68
C27 QOJ F . -15.75 9.03 -9.59
C28 QOJ F . -15.62 7.73 -8.78
C29 QOJ F . -19.81 17.67 -6.99
C30 QOJ F . -13.84 6.36 -10.87
C31 QOJ F . -13.36 5.43 -11.95
C32 QOJ F . -14.54 4.54 -12.26
C33 QOJ F . -21.04 18.56 -6.98
C34 QOJ F . -20.84 19.53 -5.84
H11 QOJ F . -18.21 7.55 -7.80
H21 QOJ F . -20.50 6.63 -7.63
H31 QOJ F . -21.30 4.75 -9.04
HN32 QOJ F . -19.01 21.41 -2.55
HN31 QOJ F . -20.35 21.35 -3.60
H41 QOJ F . -19.79 3.67 -10.71
HN42 QOJ F . -18.40 2.90 -12.06
HN41 QOJ F . -16.87 2.84 -12.77
H151 QOJ F . -17.17 20.75 -1.86
H161 QOJ F . -14.96 19.80 -1.20
H171 QOJ F . -13.97 17.89 -2.44
H181 QOJ F . -15.11 16.82 -4.37
H192 QOJ F . -17.59 16.35 -7.17
H191 QOJ F . -16.03 16.63 -6.41
H202 QOJ F . -16.88 15.32 -4.41
H201 QOJ F . -18.27 14.87 -5.40
H212 QOJ F . -16.64 14.01 -7.13
H211 QOJ F . -15.36 14.27 -5.95
H222 QOJ F . -16.76 12.83 -4.35
H221 QOJ F . -17.70 12.37 -5.76
H232 QOJ F . -15.02 12.02 -6.58
H231 QOJ F . -15.06 11.44 -4.92
H241 QOJ F . -17.20 10.14 -5.66
H242 QOJ F . -15.63 9.52 -6.16
H251 QOJ F . -17.16 11.45 -7.91
H252 QOJ F . -17.52 9.73 -7.95
H262 QOJ F . -15.39 11.13 -9.29
H261 QOJ F . -14.62 10.09 -8.10
H271 QOJ F . -15.02 9.04 -10.38
H272 QOJ F . -16.74 9.09 -10.03
H281 QOJ F . -16.17 7.84 -7.86
H282 QOJ F . -14.58 7.57 -8.56
H291 QOJ F . -20.10 16.64 -6.83
H292 QOJ F . -19.30 17.78 -7.93
H301 QOJ F . -13.24 6.24 -9.97
H302 QOJ F . -13.78 7.38 -11.21
H311 QOJ F . -12.51 4.85 -11.60
H312 QOJ F . -13.09 5.98 -12.83
H322 QOJ F . -14.83 4.67 -13.28
H321 QOJ F . -14.26 3.50 -12.08
H332 QOJ F . -21.12 19.11 -7.90
H331 QOJ F . -21.92 17.97 -6.82
H342 QOJ F . -20.82 20.54 -6.20
H341 QOJ F . -21.66 19.42 -5.12
N LEU A 1 -12.79 17.60 -20.66
CA LEU A 1 -11.36 17.81 -20.32
C LEU A 1 -10.53 16.64 -20.86
N LEU A 2 -10.67 15.45 -20.24
CA LEU A 2 -9.93 14.27 -20.70
C LEU A 2 -10.56 13.74 -21.98
N GLU A 3 -9.98 12.68 -22.56
CA GLU A 3 -10.53 12.12 -23.80
C GLU A 3 -9.88 10.77 -24.14
N LEU A 4 -10.47 10.07 -25.11
CA LEU A 4 -9.94 8.77 -25.55
C LEU A 4 -8.51 8.93 -26.10
N ASP A 5 -8.31 10.00 -26.85
CA ASP A 5 -7.00 10.28 -27.45
C ASP A 5 -5.97 10.69 -26.38
N LYS A 6 -6.45 11.23 -25.26
CA LYS A 6 -5.56 11.67 -24.19
C LYS A 6 -4.83 10.49 -23.55
N TRP A 7 -5.58 9.43 -23.24
CA TRP A 7 -4.98 8.25 -22.62
C TRP A 7 -4.14 7.46 -23.62
N ALA A 8 -4.73 7.13 -24.77
CA ALA A 8 -4.00 6.37 -25.78
C ALA A 8 -2.73 7.09 -26.24
N SER A 9 -2.67 8.41 -26.05
CA SER A 9 -1.49 9.17 -26.46
C SER A 9 -0.24 8.69 -25.72
N LEU A 10 -0.40 8.24 -24.47
CA LEU A 10 0.75 7.78 -23.69
C LEU A 10 1.31 6.44 -24.21
N TRP A 11 0.54 5.74 -25.06
CA TRP A 11 1.00 4.45 -25.59
C TRP A 11 2.17 4.61 -26.55
N ASN A 12 2.47 5.84 -27.00
CA ASN A 12 3.58 6.06 -27.92
C ASN A 12 4.93 5.66 -27.29
N TRP A 13 5.19 6.12 -26.06
CA TRP A 13 6.45 5.78 -25.37
C TRP A 13 6.22 4.63 -24.38
N PHE A 14 4.95 4.46 -23.93
CA PHE A 14 4.59 3.40 -22.98
C PHE A 14 5.36 3.47 -21.65
N ASP A 15 6.26 4.45 -21.47
CA ASP A 15 7.02 4.53 -20.22
C ASP A 15 6.08 4.80 -19.04
N ILE A 16 5.25 5.85 -19.15
CA ILE A 16 4.31 6.16 -18.07
C ILE A 16 3.20 5.09 -17.98
N THR A 17 2.85 4.50 -19.14
CA THR A 17 1.79 3.48 -19.17
C THR A 17 2.14 2.32 -18.24
N ASN A 18 3.39 1.84 -18.31
CA ASN A 18 3.81 0.73 -17.45
C ASN A 18 3.66 1.15 -15.98
N TRP A 19 4.06 2.39 -15.68
CA TRP A 19 3.95 2.90 -14.32
C TRP A 19 2.46 3.14 -13.95
N LEU A 20 1.61 3.42 -14.95
CA LEU A 20 0.20 3.68 -14.68
C LEU A 20 -0.65 2.39 -14.73
N TRP A 21 -0.11 1.30 -15.31
CA TRP A 21 -0.88 0.05 -15.40
C TRP A 21 -0.32 -1.07 -14.50
N TYR A 22 0.82 -0.84 -13.84
CA TYR A 22 1.39 -1.87 -12.94
C TYR A 22 1.46 -1.37 -11.48
N ILE A 23 1.25 -0.07 -11.26
CA ILE A 23 1.30 0.48 -9.92
C ILE A 23 0.15 -0.07 -9.05
N ARG A 24 -1.06 -0.21 -9.65
CA ARG A 24 -2.20 -0.74 -8.89
C ARG A 24 -1.83 -2.10 -8.31
N ILE A 25 -1.28 -2.99 -9.15
CA ILE A 25 -0.86 -4.31 -8.67
C ILE A 25 0.28 -4.14 -7.63
N PHE A 26 1.28 -3.30 -7.94
CA PHE A 26 2.41 -3.08 -7.03
C PHE A 26 1.93 -2.69 -5.62
N ILE A 27 0.76 -2.04 -5.51
CA ILE A 27 0.26 -1.62 -4.20
C ILE A 27 0.10 -2.86 -3.27
N ILE A 28 -0.44 -3.97 -3.80
CA ILE A 28 -0.63 -5.17 -2.98
C ILE A 28 0.73 -5.65 -2.42
N ILE A 29 1.79 -5.61 -3.26
CA ILE A 29 3.12 -6.04 -2.80
C ILE A 29 3.53 -5.24 -1.56
N VAL A 30 3.24 -3.93 -1.57
CA VAL A 30 3.61 -3.07 -0.43
C VAL A 30 2.77 -3.42 0.83
N GLY A 31 1.87 -4.41 0.73
CA GLY A 31 1.06 -4.82 1.89
C GLY A 31 1.66 -6.09 2.52
N SER A 32 2.28 -6.95 1.70
CA SER A 32 2.89 -8.18 2.22
C SER A 32 4.20 -7.87 2.97
N LEU A 33 4.76 -6.68 2.76
CA LEU A 33 6.01 -6.31 3.42
C LEU A 33 5.85 -6.40 4.94
N ILE A 34 4.69 -5.96 5.47
CA ILE A 34 4.46 -6.02 6.91
C ILE A 34 4.28 -7.48 7.36
N GLY A 35 3.64 -8.31 6.52
CA GLY A 35 3.44 -9.73 6.86
C GLY A 35 4.80 -10.42 6.97
N LEU A 36 5.65 -10.20 5.98
CA LEU A 36 7.00 -10.78 5.96
C LEU A 36 7.77 -10.41 7.24
N ARG A 37 7.49 -9.22 7.76
CA ARG A 37 8.13 -8.70 8.96
C ARG A 37 8.12 -9.67 10.16
N ILE A 38 7.06 -10.47 10.31
CA ILE A 38 6.95 -11.36 11.49
C ILE A 38 8.14 -12.35 11.62
N VAL A 39 8.63 -12.91 10.51
CA VAL A 39 9.76 -13.87 10.61
C VAL A 39 10.95 -13.24 11.35
N PHE A 40 11.08 -11.92 11.26
CA PHE A 40 12.18 -11.25 11.94
C PHE A 40 12.18 -11.58 13.44
N ALA A 41 10.99 -11.70 14.01
CA ALA A 41 10.88 -12.04 15.45
C ALA A 41 11.56 -13.38 15.75
N VAL A 42 11.23 -14.43 14.99
CA VAL A 42 11.85 -15.74 15.21
C VAL A 42 13.34 -15.69 14.84
N LEU A 43 13.67 -14.89 13.82
CA LEU A 43 15.06 -14.73 13.38
C LEU A 43 15.87 -14.02 14.49
N SER A 44 15.24 -13.06 15.17
CA SER A 44 15.93 -12.33 16.24
C SER A 44 16.30 -13.25 17.40
N LEU A 45 15.36 -14.11 17.80
CA LEU A 45 15.59 -15.03 18.91
C LEU A 45 16.39 -16.28 18.50
N VAL A 46 16.47 -16.56 17.19
CA VAL A 46 17.21 -17.74 16.73
C VAL A 46 18.70 -17.67 17.13
N ASN A 47 19.23 -16.45 17.25
CA ASN A 47 20.63 -16.27 17.62
C ASN A 47 20.94 -16.83 19.01
N ARG A 48 19.88 -17.18 19.78
CA ARG A 48 20.07 -17.72 21.13
C ARG A 48 20.58 -19.16 21.05
N VAL A 49 20.13 -19.92 20.06
CA VAL A 49 20.55 -21.31 19.91
C VAL A 49 21.60 -21.43 18.79
N ARG A 50 21.44 -20.63 17.73
CA ARG A 50 22.40 -20.68 16.61
C ARG A 50 22.28 -19.41 15.74
N GLN A 51 23.37 -19.06 15.06
CA GLN A 51 23.35 -17.87 14.20
C GLN A 51 22.69 -18.17 12.85
N LEU B 1 -10.32 3.13 -26.86
CA LEU B 1 -9.46 2.76 -25.70
C LEU B 1 -10.27 2.89 -24.41
N LEU B 2 -10.68 4.12 -24.08
CA LEU B 2 -11.46 4.35 -22.87
C LEU B 2 -12.62 5.31 -23.16
N GLU B 3 -13.73 5.15 -22.42
CA GLU B 3 -14.91 6.01 -22.61
C GLU B 3 -15.99 5.60 -21.61
N LEU B 4 -17.10 6.35 -21.56
CA LEU B 4 -18.16 5.99 -20.62
C LEU B 4 -18.66 4.58 -20.87
N ASP B 5 -18.34 4.00 -22.03
CA ASP B 5 -18.77 2.64 -22.33
C ASP B 5 -18.08 1.67 -21.38
N LYS B 6 -16.80 1.94 -21.11
CA LYS B 6 -16.03 1.09 -20.20
C LYS B 6 -16.52 1.28 -18.76
N TRP B 7 -16.68 2.54 -18.34
CA TRP B 7 -17.10 2.86 -16.96
C TRP B 7 -18.58 2.53 -16.73
N ALA B 8 -19.40 2.65 -17.77
CA ALA B 8 -20.83 2.37 -17.62
C ALA B 8 -21.09 0.84 -17.69
N SER B 9 -20.06 0.06 -18.09
CA SER B 9 -20.21 -1.39 -18.17
C SER B 9 -20.17 -2.01 -16.77
N LEU B 10 -19.41 -1.40 -15.84
CA LEU B 10 -19.33 -1.95 -14.46
C LEU B 10 -20.69 -1.86 -13.76
N TRP B 11 -21.64 -1.08 -14.33
CA TRP B 11 -22.96 -0.98 -13.72
C TRP B 11 -23.70 -2.32 -13.81
N ASN B 12 -23.26 -3.19 -14.74
CA ASN B 12 -23.89 -4.50 -14.91
C ASN B 12 -23.28 -5.58 -14.02
N TRP B 13 -21.94 -5.69 -13.99
CA TRP B 13 -21.29 -6.75 -13.19
C TRP B 13 -20.68 -6.24 -11.86
N PHE B 14 -20.35 -4.94 -11.77
CA PHE B 14 -19.81 -4.35 -10.52
C PHE B 14 -18.60 -5.09 -9.86
N ASP B 15 -18.14 -6.24 -10.39
CA ASP B 15 -17.03 -6.96 -9.76
C ASP B 15 -15.70 -6.18 -9.73
N ILE B 16 -15.23 -5.67 -10.89
CA ILE B 16 -13.96 -4.92 -10.88
C ILE B 16 -14.12 -3.57 -10.14
N THR B 17 -15.34 -3.03 -10.13
CA THR B 17 -15.58 -1.75 -9.48
C THR B 17 -15.23 -1.82 -7.99
N ASN B 18 -15.74 -2.85 -7.30
CA ASN B 18 -15.46 -2.98 -5.87
C ASN B 18 -13.98 -3.35 -5.62
N TRP B 19 -13.31 -3.89 -6.64
CA TRP B 19 -11.92 -4.29 -6.51
C TRP B 19 -10.97 -3.07 -6.45
N LEU B 20 -11.15 -2.09 -7.35
CA LEU B 20 -10.26 -0.91 -7.35
C LEU B 20 -10.83 0.28 -6.55
N TRP B 21 -12.11 0.22 -6.15
CA TRP B 21 -12.69 1.35 -5.40
C TRP B 21 -12.55 1.18 -3.88
N TYR B 22 -12.23 -0.05 -3.41
CA TYR B 22 -12.08 -0.28 -1.97
C TYR B 22 -10.63 -0.64 -1.62
N ILE B 23 -9.92 -1.30 -2.53
CA ILE B 23 -8.53 -1.69 -2.27
C ILE B 23 -7.62 -0.45 -2.13
N ARG B 24 -7.75 0.54 -3.02
CA ARG B 24 -6.88 1.72 -2.93
C ARG B 24 -6.98 2.38 -1.53
N ILE B 25 -8.20 2.50 -1.00
CA ILE B 25 -8.39 3.09 0.33
C ILE B 25 -7.80 2.15 1.41
N PHE B 26 -8.06 0.85 1.26
CA PHE B 26 -7.58 -0.14 2.23
C PHE B 26 -6.07 -0.01 2.50
N ILE B 27 -5.31 0.46 1.50
CA ILE B 27 -3.87 0.61 1.67
C ILE B 27 -3.58 1.55 2.85
N ILE B 28 -4.39 2.60 3.02
CA ILE B 28 -4.18 3.54 4.14
C ILE B 28 -4.25 2.75 5.46
N ILE B 29 -5.22 1.84 5.54
CA ILE B 29 -5.36 1.01 6.74
C ILE B 29 -4.09 0.16 6.91
N VAL B 30 -3.56 -0.39 5.81
CA VAL B 30 -2.36 -1.23 5.90
C VAL B 30 -1.12 -0.40 6.31
N GLY B 31 -1.26 0.93 6.45
CA GLY B 31 -0.13 1.76 6.88
C GLY B 31 -0.01 1.72 8.40
N SER B 32 -1.15 1.86 9.08
CA SER B 32 -1.17 1.82 10.55
C SER B 32 -0.87 0.40 11.06
N LEU B 33 -1.12 -0.60 10.20
CA LEU B 33 -0.89 -2.00 10.57
C LEU B 33 0.55 -2.20 11.07
N ILE B 34 1.49 -1.44 10.50
CA ILE B 34 2.89 -1.58 10.89
C ILE B 34 3.11 -1.16 12.35
N GLY B 35 2.39 -0.12 12.79
CA GLY B 35 2.53 0.37 14.17
C GLY B 35 2.04 -0.69 15.17
N LEU B 36 0.82 -1.20 14.95
CA LEU B 36 0.25 -2.20 15.87
C LEU B 36 1.17 -3.45 15.99
N ARG B 37 1.72 -3.90 14.85
CA ARG B 37 2.59 -5.08 14.82
C ARG B 37 3.73 -5.03 15.85
N ILE B 38 4.22 -3.84 16.19
CA ILE B 38 5.38 -3.72 17.10
C ILE B 38 5.13 -4.39 18.48
N VAL B 39 3.92 -4.24 19.05
CA VAL B 39 3.65 -4.84 20.38
C VAL B 39 3.91 -6.35 20.39
N PHE B 40 3.78 -7.02 19.23
CA PHE B 40 4.01 -8.47 19.18
C PHE B 40 5.39 -8.84 19.71
N ALA B 41 6.35 -7.93 19.62
CA ALA B 41 7.69 -8.19 20.14
C ALA B 41 7.63 -8.61 21.61
N VAL B 42 6.69 -8.00 22.34
CA VAL B 42 6.51 -8.31 23.77
C VAL B 42 6.18 -9.80 23.98
N LEU B 43 5.47 -10.42 23.02
CA LEU B 43 5.11 -11.83 23.18
C LEU B 43 6.37 -12.73 23.25
N SER B 44 7.45 -12.30 22.59
CA SER B 44 8.69 -13.08 22.59
C SER B 44 9.20 -13.29 24.01
N LEU B 45 9.02 -12.28 24.87
CA LEU B 45 9.47 -12.39 26.27
C LEU B 45 8.69 -13.50 26.99
N VAL B 46 7.42 -13.69 26.61
CA VAL B 46 6.59 -14.73 27.24
C VAL B 46 6.86 -16.10 26.60
N ASN B 47 7.16 -16.11 25.29
CA ASN B 47 7.42 -17.36 24.58
C ASN B 47 8.69 -18.05 25.09
N ARG B 48 9.69 -17.25 25.48
CA ARG B 48 10.95 -17.81 25.98
C ARG B 48 10.80 -18.39 27.40
N VAL B 49 9.94 -17.75 28.21
CA VAL B 49 9.73 -18.21 29.59
C VAL B 49 8.31 -18.80 29.77
N ARG B 50 7.72 -19.32 28.68
CA ARG B 50 6.37 -19.90 28.75
C ARG B 50 6.26 -20.89 29.92
N GLN B 51 5.48 -20.53 30.94
CA GLN B 51 5.30 -21.39 32.10
C GLN B 51 6.65 -21.75 32.74
N LEU C 1 -22.46 6.52 -15.90
CA LEU C 1 -21.24 6.90 -16.69
C LEU C 1 -20.43 7.93 -15.90
N LEU C 2 -19.19 8.19 -16.35
CA LEU C 2 -18.33 9.15 -15.68
C LEU C 2 -18.82 10.58 -15.98
N GLU C 3 -18.05 11.59 -15.56
CA GLU C 3 -18.42 12.97 -15.81
C GLU C 3 -17.17 13.81 -16.08
N LEU C 4 -16.96 14.21 -17.34
CA LEU C 4 -15.78 15.03 -17.66
C LEU C 4 -15.78 16.32 -16.84
N ASP C 5 -16.97 16.82 -16.56
CA ASP C 5 -17.10 18.04 -15.76
C ASP C 5 -16.50 17.83 -14.37
N LYS C 6 -16.43 16.57 -13.93
CA LYS C 6 -15.87 16.25 -12.61
C LYS C 6 -14.36 16.48 -12.58
N TRP C 7 -13.68 16.08 -13.65
CA TRP C 7 -12.23 16.25 -13.71
C TRP C 7 -11.85 17.72 -13.90
N ALA C 8 -12.68 18.45 -14.66
CA ALA C 8 -12.39 19.87 -14.92
C ALA C 8 -12.87 20.75 -13.77
N SER C 9 -13.95 20.31 -13.10
CA SER C 9 -14.48 21.06 -11.96
C SER C 9 -13.39 21.27 -10.90
N LEU C 10 -12.46 20.30 -10.79
CA LEU C 10 -11.41 20.38 -9.78
C LEU C 10 -10.59 21.68 -9.83
N TRP C 11 -10.75 22.48 -10.88
CA TRP C 11 -9.99 23.73 -10.97
C TRP C 11 -10.48 24.71 -9.89
N ASN C 12 -11.78 24.64 -9.53
CA ASN C 12 -12.28 25.55 -8.48
C ASN C 12 -12.02 25.03 -7.04
N TRP C 13 -12.35 23.75 -6.72
CA TRP C 13 -12.12 23.24 -5.33
C TRP C 13 -10.81 22.41 -5.10
N PHE C 14 -10.19 21.76 -6.13
CA PHE C 14 -8.92 21.01 -5.92
C PHE C 14 -8.96 19.92 -4.81
N ASP C 15 -10.03 19.81 -4.01
CA ASP C 15 -10.05 18.81 -2.94
C ASP C 15 -10.00 17.34 -3.41
N ILE C 16 -10.89 16.90 -4.33
CA ILE C 16 -10.84 15.49 -4.76
C ILE C 16 -9.58 15.15 -5.57
N THR C 17 -9.16 16.05 -6.47
CA THR C 17 -7.99 15.79 -7.30
C THR C 17 -6.73 15.67 -6.45
N ASN C 18 -6.66 16.42 -5.34
CA ASN C 18 -5.48 16.35 -4.47
C ASN C 18 -5.39 14.96 -3.84
N TRP C 19 -6.51 14.46 -3.32
CA TRP C 19 -6.52 13.13 -2.70
C TRP C 19 -6.41 12.01 -3.76
N LEU C 20 -7.20 12.13 -4.83
CA LEU C 20 -7.22 11.11 -5.89
C LEU C 20 -5.95 11.10 -6.75
N TRP C 21 -5.32 12.27 -6.96
CA TRP C 21 -4.11 12.32 -7.81
C TRP C 21 -2.83 12.62 -6.99
N TYR C 22 -2.50 11.71 -6.07
CA TYR C 22 -1.29 11.84 -5.25
C TYR C 22 -1.08 10.58 -4.39
N ILE C 23 -2.18 9.96 -3.94
CA ILE C 23 -2.09 8.77 -3.09
C ILE C 23 -1.25 7.67 -3.75
N ARG C 24 -1.35 7.51 -5.07
CA ARG C 24 -0.58 6.47 -5.76
C ARG C 24 0.92 6.64 -5.48
N ILE C 25 1.41 7.87 -5.64
CA ILE C 25 2.82 8.17 -5.40
C ILE C 25 3.15 8.03 -3.91
N PHE C 26 2.27 8.56 -3.07
CA PHE C 26 2.46 8.53 -1.63
C PHE C 26 2.72 7.10 -1.13
N ILE C 27 2.19 6.08 -1.81
CA ILE C 27 2.40 4.69 -1.36
C ILE C 27 3.89 4.38 -1.28
N ILE C 28 4.66 4.85 -2.26
CA ILE C 28 6.12 4.62 -2.25
C ILE C 28 6.70 5.23 -0.97
N ILE C 29 6.23 6.44 -0.62
CA ILE C 29 6.70 7.12 0.58
C ILE C 29 6.27 6.33 1.82
N VAL C 30 5.03 5.82 1.82
CA VAL C 30 4.51 5.12 2.99
C VAL C 30 5.25 3.79 3.28
N GLY C 31 5.91 3.16 2.29
CA GLY C 31 6.61 1.89 2.56
C GLY C 31 8.01 2.06 3.20
N SER C 32 8.49 3.31 3.36
CA SER C 32 9.83 3.53 3.93
C SER C 32 9.82 3.63 5.46
N LEU C 33 8.75 4.21 6.02
CA LEU C 33 8.68 4.38 7.47
C LEU C 33 8.61 3.01 8.18
N ILE C 34 8.00 2.01 7.54
CA ILE C 34 7.90 0.67 8.12
C ILE C 34 9.29 0.02 8.17
N GLY C 35 10.18 0.37 7.24
CA GLY C 35 11.52 -0.22 7.25
C GLY C 35 12.24 0.06 8.57
N LEU C 36 12.09 1.30 9.10
CA LEU C 36 12.75 1.67 10.36
C LEU C 36 12.38 0.72 11.53
N ARG C 37 11.14 0.22 11.54
CA ARG C 37 10.66 -0.68 12.61
C ARG C 37 11.61 -1.86 12.88
N ILE C 38 12.27 -2.38 11.84
CA ILE C 38 13.12 -3.58 12.02
C ILE C 38 14.25 -3.38 13.06
N VAL C 39 14.91 -2.21 13.10
CA VAL C 39 16.00 -2.02 14.08
C VAL C 39 15.50 -2.27 15.51
N PHE C 40 14.21 -2.02 15.76
CA PHE C 40 13.62 -2.22 17.08
C PHE C 40 13.79 -3.65 17.58
N ALA C 41 13.72 -4.61 16.66
CA ALA C 41 13.82 -6.04 17.04
C ALA C 41 15.11 -6.34 17.82
N VAL C 42 16.22 -5.68 17.48
CA VAL C 42 17.48 -5.92 18.19
C VAL C 42 17.33 -5.61 19.70
N LEU C 43 16.48 -4.64 20.06
CA LEU C 43 16.31 -4.31 21.48
C LEU C 43 15.86 -5.54 22.29
N SER C 44 15.19 -6.50 21.62
CA SER C 44 14.73 -7.69 22.32
C SER C 44 15.90 -8.43 22.96
N LEU C 45 17.04 -8.45 22.26
CA LEU C 45 18.24 -9.10 22.81
C LEU C 45 18.62 -8.40 24.12
N VAL C 46 18.48 -7.07 24.14
CA VAL C 46 18.80 -6.28 25.34
C VAL C 46 17.77 -6.54 26.46
N ASN C 47 16.60 -7.07 26.09
CA ASN C 47 15.54 -7.34 27.07
C ASN C 47 16.00 -8.33 28.16
N ARG C 48 17.09 -9.07 27.90
CA ARG C 48 17.58 -10.03 28.90
C ARG C 48 18.26 -9.31 30.08
N VAL C 49 18.97 -8.21 29.77
CA VAL C 49 19.66 -7.45 30.83
C VAL C 49 18.80 -6.23 31.26
N ARG C 50 17.54 -6.16 30.80
CA ARG C 50 16.64 -5.06 31.16
C ARG C 50 17.17 -3.73 30.62
N GLN C 51 16.28 -2.89 30.11
CA GLN C 51 16.68 -1.59 29.56
C GLN C 51 16.41 -0.47 30.59
C1 QOJ D . -3.69 16.72 -16.83
N1 QOJ D . -5.02 14.61 -16.11
C2 QOJ D . -3.52 18.16 -16.76
N2 QOJ D . 3.52 13.30 -22.77
C3 QOJ D . -4.38 18.99 -15.97
N3 QOJ D . 5.53 15.06 -26.33
C4 QOJ D . -5.46 18.45 -15.23
N4 QOJ D . -7.74 17.13 -13.67
C5 QOJ D . -4.74 16.01 -16.12
C6 QOJ D . -5.70 16.92 -15.26
C7 QOJ D . -6.83 16.30 -14.48
C8 QOJ D . -7.03 14.79 -14.55
C9 QOJ D . -6.13 14.00 -15.34
C10 QOJ D . 5.60 13.50 -24.24
C11 QOJ D . 4.87 12.89 -22.99
C12 QOJ D . 2.80 14.25 -23.65
C13 QOJ D . 3.42 14.82 -24.81
C14 QOJ D . 4.85 14.47 -25.14
C15 QOJ D . 7.06 13.10 -24.53
C16 QOJ D . 7.72 12.19 -23.66
C17 QOJ D . 7.04 11.64 -22.52
C18 QOJ D . 5.67 11.97 -22.20
C19 QOJ D . 2.79 12.76 -21.62
C20 QOJ D . 2.99 13.66 -20.41
C21 QOJ D . 2.11 13.16 -19.27
C22 QOJ D . 2.38 13.97 -18.00
C23 QOJ D . 1.67 13.32 -16.81
C24 QOJ D . 0.15 13.57 -16.87
C25 QOJ D . -0.62 12.38 -16.27
C26 QOJ D . -2.07 12.35 -16.79
C27 QOJ D . -2.89 13.44 -16.09
C28 QOJ D . -4.16 13.73 -16.89
C29 QOJ D . 1.43 14.74 -23.55
C30 QOJ D . -6.53 12.60 -15.25
C31 QOJ D . -7.73 12.51 -14.33
C32 QOJ D . -8.02 13.94 -13.91
C33 QOJ D . 1.20 15.68 -24.71
C34 QOJ D . 2.49 15.71 -25.48
H11 QOJ D . -3.01 16.15 -17.43
H21 QOJ D . -2.71 18.61 -17.31
H31 QOJ D . -4.21 20.05 -15.95
HN32 QOJ D . 6.46 14.82 -26.54
HN31 QOJ D . 5.05 15.68 -26.91
H41 QOJ D . -6.10 19.09 -14.64
HN42 QOJ D . -7.62 18.11 -13.62
HN41 QOJ D . -8.48 16.72 -13.16
H151 QOJ D . 7.58 13.51 -25.38
H161 QOJ D . 8.74 11.91 -23.86
H171 QOJ D . 7.58 10.96 -21.88
H181 QOJ D . 5.24 11.53 -21.32
H192 QOJ D . 1.74 12.70 -21.86
H191 QOJ D . 3.16 11.76 -21.39
H202 QOJ D . 4.03 13.63 -20.10
H201 QOJ D . 2.72 14.67 -20.66
H212 QOJ D . 1.07 13.26 -19.55
H211 QOJ D . 2.32 12.12 -19.07
H222 QOJ D . 3.44 14.02 -17.82
H221 QOJ D . 1.99 14.97 -18.13
H232 QOJ D . 1.88 12.25 -16.83
H231 QOJ D . 2.07 13.73 -15.89
H241 QOJ D . -0.16 13.70 -17.91
H242 QOJ D . -0.10 14.46 -16.32
H251 QOJ D . -0.64 12.47 -15.19
H252 QOJ D . -0.13 11.44 -16.54
H262 QOJ D . -2.06 12.52 -17.86
H261 QOJ D . -2.50 11.39 -16.59
H271 QOJ D . -2.30 14.35 -16.03
H272 QOJ D . -3.16 13.11 -15.09
H281 QOJ D . -4.68 12.80 -17.10
H282 QOJ D . -3.91 14.20 -17.82
H291 QOJ D . 1.31 15.26 -22.61
H292 QOJ D . 0.73 13.92 -23.61
H301 QOJ D . -5.70 12.02 -14.84
H302 QOJ D . -6.79 12.23 -16.22
H311 QOJ D . -7.50 11.91 -13.48
H312 QOJ D . -8.58 12.11 -14.87
H322 QOJ D . -8.99 14.24 -14.24
H321 QOJ D . -7.95 14.02 -12.84
H332 QOJ D . 0.40 15.32 -25.34
H331 QOJ D . 0.95 16.67 -24.34
H342 QOJ D . 2.33 15.36 -26.49
H341 QOJ D . 2.88 16.72 -25.52
C1 QOJ E . -6.44 -0.20 -19.56
N1 QOJ E . -7.73 1.56 -18.13
C2 QOJ E . -5.24 -0.58 -20.26
N2 QOJ E . -15.82 -7.58 -17.49
C3 QOJ E . -4.09 0.28 -20.32
N3 QOJ E . -18.06 -8.48 -21.24
C4 QOJ E . -4.08 1.55 -19.69
N4 QOJ E . -4.19 4.26 -18.28
C5 QOJ E . -6.59 1.07 -18.86
C6 QOJ E . -5.33 2.01 -18.92
C7 QOJ E . -5.37 3.35 -18.23
C8 QOJ E . -6.63 3.77 -17.50
C9 QOJ E . -7.76 2.88 -17.46
C10 QOJ E . -16.72 -6.81 -19.76
C11 QOJ E . -15.94 -6.51 -18.43
C12 QOJ E . -16.40 -8.93 -17.72
C13 QOJ E . -17.13 -9.24 -18.93
C14 QOJ E . -17.31 -8.17 -19.99
C15 QOJ E . -16.87 -5.67 -20.80
C16 QOJ E . -16.31 -4.40 -20.54
C17 QOJ E . -15.60 -4.15 -19.31
C18 QOJ E . -15.42 -5.17 -18.30
C19 QOJ E . -15.09 -7.35 -16.23
C20 QOJ E . -13.59 -7.14 -16.53
C21 QOJ E . -13.04 -5.95 -15.72
C22 QOJ E . -11.74 -5.40 -16.37
C23 QOJ E . -11.59 -3.90 -16.07
C24 QOJ E . -10.13 -3.45 -16.27
C25 QOJ E . -9.86 -2.11 -15.54
C26 QOJ E . -10.06 -0.90 -16.50
C27 QOJ E . -8.71 -0.36 -16.97
C28 QOJ E . -8.92 0.71 -18.05
C29 QOJ E . -16.37 -10.10 -16.87
C30 QOJ E . -8.83 3.49 -16.70
C31 QOJ E . -8.34 4.85 -16.23
C32 QOJ E . -6.94 4.98 -16.76
C33 QOJ E . -17.12 -11.21 -17.58
C34 QOJ E . -17.58 -10.62 -18.89
H11 QOJ E . -7.27 -0.89 -19.55
H21 QOJ E . -5.20 -1.53 -20.76
H31 QOJ E . -3.21 -0.05 -20.86
HN32 QOJ E . -18.17 -7.78 -21.92
HN31 QOJ E . -18.43 -9.37 -21.38
H41 QOJ E . -3.20 2.17 -19.74
HN42 QOJ E . -3.38 3.99 -18.76
HN41 QOJ E . -4.22 5.13 -17.83
H151 QOJ E . -17.41 -5.85 -21.73
H161 QOJ E . -16.41 -3.61 -21.26
H171 QOJ E . -15.18 -3.17 -19.14
H181 QOJ E . -14.89 -4.91 -17.39
H192 QOJ E . -15.51 -6.46 -15.76
H191 QOJ E . -15.20 -8.19 -15.57
H202 QOJ E . -13.05 -8.03 -16.26
H201 QOJ E . -13.46 -6.94 -17.58
H212 QOJ E . -13.79 -5.16 -15.68
H211 QOJ E . -12.82 -6.28 -14.71
H222 QOJ E . -10.89 -5.93 -15.95
H221 QOJ E . -11.77 -5.55 -17.43
H232 QOJ E . -12.23 -3.33 -16.73
H231 QOJ E . -11.88 -3.70 -15.05
H241 QOJ E . -9.93 -3.34 -17.32
H242 QOJ E . -9.46 -4.20 -15.86
H251 QOJ E . -8.85 -2.11 -15.16
H252 QOJ E . -10.54 -2.01 -14.71
H262 QOJ E . -10.65 -1.19 -17.35
H261 QOJ E . -10.59 -0.11 -15.97
H271 QOJ E . -8.12 -1.16 -17.38
H272 QOJ E . -8.18 0.07 -16.14
H281 QOJ E . -9.78 1.32 -17.81
H282 QOJ E . -9.07 0.24 -19.01
H291 QOJ E . -16.84 -9.88 -15.93
H292 QOJ E . -15.36 -10.41 -16.71
H301 QOJ E . -9.09 2.87 -15.85
H302 QOJ E . -9.70 3.63 -17.33
H311 QOJ E . -8.36 4.90 -15.15
H312 QOJ E . -8.95 5.63 -16.64
H322 QOJ E . -6.86 5.82 -17.43
H321 QOJ E . -6.25 5.11 -15.94
H332 QOJ E . -16.47 -12.04 -17.76
H331 QOJ E . -17.96 -11.52 -16.98
H342 QOJ E . -17.15 -11.16 -19.72
H341 QOJ E . -18.66 -10.66 -18.95
C1 QOJ F . -19.45 7.81 -9.42
N1 QOJ F . -17.06 7.36 -10.33
C2 QOJ F . -20.87 7.55 -9.51
N2 QOJ F . -16.65 17.89 -5.61
C3 QOJ F . -21.44 6.65 -10.48
N3 QOJ F . -20.24 20.52 -5.40
C4 QOJ F . -20.62 5.98 -11.41
N4 QOJ F . -18.72 4.58 -13.37
C5 QOJ F . -18.48 7.19 -10.31
C6 QOJ F . -19.09 6.21 -11.38
C7 QOJ F . -18.17 5.51 -12.36
C8 QOJ F . -16.68 5.78 -12.28
C9 QOJ F . -16.17 6.68 -11.29
C10 QOJ F . -18.61 19.03 -6.79
C11 QOJ F . -17.34 18.10 -6.84
C12 QOJ F . -17.08 18.48 -4.32
C13 QOJ F . -18.23 19.34 -4.23
C14 QOJ F . -19.03 19.64 -5.47
C15 QOJ F . -19.40 19.30 -8.09
C16 QOJ F . -18.96 18.71 -9.29
C17 QOJ F . -17.79 17.88 -9.33
C18 QOJ F . -17.01 17.58 -8.15
C19 QOJ F . -15.44 17.02 -5.59
C20 QOJ F . -15.71 15.55 -6.07
C21 QOJ F . -17.12 15.04 -5.68
C22 QOJ F . -17.55 13.87 -6.60
C23 QOJ F . -16.69 12.61 -6.31
C24 QOJ F . -17.47 11.35 -6.70
C25 QOJ F . -17.51 11.20 -8.24
C26 QOJ F . -16.15 10.71 -8.78
C27 QOJ F . -16.34 9.68 -9.93
C28 QOJ F . -16.44 8.26 -9.35
C29 QOJ F . -16.48 18.36 -3.00
C30 QOJ F . -14.72 6.75 -11.42
C31 QOJ F . -14.31 5.85 -12.57
C32 QOJ F . -15.60 5.25 -13.08
C33 QOJ F . -17.31 19.18 -2.04
C34 QOJ F . -18.42 19.78 -2.87
H11 QOJ F . -19.10 8.50 -8.66
H21 QOJ F . -21.53 8.04 -8.81
H31 QOJ F . -22.51 6.49 -10.49
HN32 QOJ F . -20.75 20.71 -6.22
HN31 QOJ F . -20.51 20.91 -4.55
H41 QOJ F . -21.06 5.31 -12.14
HN42 QOJ F . -19.69 4.41 -13.42
HN41 QOJ F . -18.12 4.13 -14.00
H151 QOJ F . -20.28 19.93 -8.08
H161 QOJ F . -19.50 18.90 -10.21
H171 QOJ F . -17.49 17.44 -10.27
H181 QOJ F . -16.13 16.96 -8.24
H192 QOJ F . -14.70 17.44 -6.24
H191 QOJ F . -15.04 16.97 -4.59
H202 QOJ F . -15.60 15.49 -7.14
H201 QOJ F . -14.98 14.91 -5.61
H212 QOJ F . -17.10 14.71 -4.66
H211 QOJ F . -17.84 15.83 -5.78
H222 QOJ F . -18.59 13.65 -6.43
H221 QOJ F . -17.40 14.17 -7.63
H232 QOJ F . -15.77 12.66 -6.88
H231 QOJ F . -16.47 12.57 -5.25
H241 QOJ F . -18.49 11.42 -6.33
H242 QOJ F . -17.00 10.48 -6.28
H251 QOJ F . -17.74 12.16 -8.68
H252 QOJ F . -18.29 10.50 -8.50
H262 QOJ F . -15.60 11.56 -9.17
H261 QOJ F . -15.57 10.26 -7.98
H271 QOJ F . -15.51 9.73 -10.61
H272 QOJ F . -17.26 9.91 -10.46
H281 QOJ F . -17.04 8.28 -8.45
H282 QOJ F . -15.45 7.91 -9.12
H291 QOJ F . -15.46 18.72 -3.02
H292 QOJ F . -16.50 17.33 -2.69
H301 QOJ F . -14.25 6.44 -10.50
H302 QOJ F . -14.43 7.77 -11.65
H311 QOJ F . -13.65 5.09 -12.21
H312 QOJ F . -13.84 6.42 -13.35
H322 QOJ F . -15.75 5.52 -14.10
H321 QOJ F . -15.55 4.17 -12.99
H332 QOJ F . -17.72 18.56 -1.27
H331 QOJ F . -16.70 19.95 -1.61
H342 QOJ F . -19.37 19.45 -2.51
H341 QOJ F . -18.37 20.87 -2.80
N LEU A 1 -8.47 18.07 -17.36
CA LEU A 1 -8.78 17.78 -18.78
C LEU A 1 -7.76 16.78 -19.32
N LEU A 2 -8.24 15.65 -19.89
CA LEU A 2 -7.34 14.64 -20.42
C LEU A 2 -8.02 13.89 -21.58
N GLU A 3 -9.20 13.34 -21.30
CA GLU A 3 -9.99 12.60 -22.30
C GLU A 3 -9.20 11.55 -23.09
N LEU A 4 -9.94 10.85 -23.95
CA LEU A 4 -9.38 9.77 -24.79
C LEU A 4 -8.15 10.25 -25.56
N ASP A 5 -8.21 11.47 -26.03
CA ASP A 5 -7.12 12.03 -26.82
C ASP A 5 -5.80 12.08 -26.08
N LYS A 6 -5.82 12.48 -24.80
CA LYS A 6 -4.54 12.57 -24.07
C LYS A 6 -3.95 11.20 -23.75
N TRP A 7 -4.79 10.27 -23.30
CA TRP A 7 -4.30 8.93 -22.95
C TRP A 7 -3.66 8.26 -24.15
N ALA A 8 -4.26 8.45 -25.34
CA ALA A 8 -3.71 7.82 -26.55
C ALA A 8 -2.31 8.37 -26.87
N SER A 9 -2.12 9.68 -26.69
CA SER A 9 -0.81 10.29 -26.96
C SER A 9 0.27 9.62 -26.11
N LEU A 10 -0.09 9.18 -24.91
CA LEU A 10 0.86 8.52 -24.00
C LEU A 10 1.26 7.12 -24.53
N TRP A 11 0.60 6.65 -25.61
CA TRP A 11 0.90 5.32 -26.13
C TRP A 11 2.22 5.27 -26.93
N ASN A 12 2.86 6.43 -27.17
CA ASN A 12 4.12 6.44 -27.94
C ASN A 12 5.22 5.62 -27.22
N TRP A 13 5.42 5.89 -25.93
CA TRP A 13 6.43 5.14 -25.15
C TRP A 13 5.75 4.10 -24.24
N PHE A 14 4.47 4.33 -23.93
CA PHE A 14 3.64 3.46 -23.09
C PHE A 14 4.26 3.03 -21.74
N ASP A 15 5.51 3.40 -21.41
CA ASP A 15 6.07 2.98 -20.12
C ASP A 15 5.25 3.60 -18.97
N ILE A 16 5.10 4.93 -19.00
CA ILE A 16 4.31 5.61 -17.97
C ILE A 16 2.81 5.27 -18.13
N THR A 17 2.38 4.96 -19.36
CA THR A 17 0.97 4.62 -19.58
C THR A 17 0.60 3.41 -18.73
N ASN A 18 1.44 2.38 -18.78
CA ASN A 18 1.21 1.19 -17.96
C ASN A 18 1.35 1.57 -16.48
N TRP A 19 2.26 2.50 -16.18
CA TRP A 19 2.48 2.95 -14.80
C TRP A 19 1.24 3.66 -14.23
N LEU A 20 0.34 4.14 -15.10
CA LEU A 20 -0.85 4.84 -14.62
C LEU A 20 -1.99 3.87 -14.26
N TRP A 21 -1.79 2.56 -14.47
CA TRP A 21 -2.86 1.60 -14.15
C TRP A 21 -2.28 0.26 -13.63
N TYR A 22 -1.24 -0.25 -14.28
CA TYR A 22 -0.65 -1.54 -13.88
C TYR A 22 0.01 -1.47 -12.48
N ILE A 23 0.22 -0.26 -11.95
CA ILE A 23 0.84 -0.13 -10.62
C ILE A 23 0.06 -0.93 -9.57
N ARG A 24 -1.27 -0.98 -9.69
CA ARG A 24 -2.10 -1.71 -8.72
C ARG A 24 -1.62 -3.16 -8.60
N ILE A 25 -1.13 -3.74 -9.70
CA ILE A 25 -0.65 -5.14 -9.66
C ILE A 25 0.48 -5.28 -8.62
N PHE A 26 1.47 -4.38 -8.68
CA PHE A 26 2.61 -4.43 -7.76
C PHE A 26 2.23 -4.11 -6.29
N ILE A 27 1.17 -3.31 -6.07
CA ILE A 27 0.80 -2.93 -4.69
C ILE A 27 0.52 -4.16 -3.81
N ILE A 28 -0.21 -5.15 -4.34
CA ILE A 28 -0.53 -6.34 -3.52
C ILE A 28 0.78 -7.01 -3.04
N ILE A 29 1.77 -7.11 -3.93
CA ILE A 29 3.05 -7.72 -3.55
C ILE A 29 3.74 -6.90 -2.44
N VAL A 30 3.69 -5.57 -2.56
CA VAL A 30 4.36 -4.70 -1.56
C VAL A 30 3.68 -4.76 -0.17
N GLY A 31 2.56 -5.50 -0.03
CA GLY A 31 1.90 -5.61 1.28
C GLY A 31 2.23 -6.94 1.98
N SER A 32 3.13 -7.75 1.40
CA SER A 32 3.49 -9.04 1.99
C SER A 32 4.64 -8.91 2.99
N LEU A 33 5.56 -7.99 2.71
CA LEU A 33 6.73 -7.80 3.59
C LEU A 33 6.30 -7.57 5.05
N ILE A 34 5.15 -6.91 5.26
CA ILE A 34 4.70 -6.64 6.63
C ILE A 34 4.47 -7.96 7.39
N GLY A 35 3.94 -8.98 6.71
CA GLY A 35 3.73 -10.27 7.35
C GLY A 35 5.08 -10.94 7.62
N LEU A 36 6.01 -10.76 6.67
CA LEU A 36 7.35 -11.33 6.79
C LEU A 36 8.07 -10.89 8.09
N ARG A 37 7.84 -9.64 8.52
CA ARG A 37 8.47 -9.10 9.72
C ARG A 37 8.30 -9.97 10.98
N ILE A 38 7.13 -10.62 11.15
CA ILE A 38 6.88 -11.37 12.39
C ILE A 38 7.91 -12.48 12.65
N VAL A 39 8.30 -13.24 11.63
CA VAL A 39 9.27 -14.32 11.87
C VAL A 39 10.63 -13.76 12.34
N PHE A 40 10.97 -12.55 11.88
CA PHE A 40 12.25 -11.92 12.27
C PHE A 40 12.38 -11.84 13.80
N ALA A 41 11.26 -11.62 14.48
CA ALA A 41 11.27 -11.50 15.94
C ALA A 41 11.88 -12.74 16.59
N VAL A 42 11.63 -13.92 15.99
CA VAL A 42 12.18 -15.17 16.55
C VAL A 42 13.72 -15.12 16.60
N LEU A 43 14.33 -14.44 15.63
CA LEU A 43 15.79 -14.32 15.55
C LEU A 43 16.34 -13.51 16.74
N SER A 44 15.54 -12.57 17.25
CA SER A 44 15.98 -11.74 18.37
C SER A 44 16.36 -12.61 19.57
N LEU A 45 15.50 -13.57 19.90
CA LEU A 45 15.77 -14.47 21.02
C LEU A 45 17.03 -15.30 20.72
N VAL A 46 17.15 -15.73 19.47
CA VAL A 46 18.30 -16.54 19.04
C VAL A 46 19.63 -15.77 19.24
N ASN A 47 19.54 -14.45 19.43
CA ASN A 47 20.74 -13.64 19.60
C ASN A 47 21.32 -13.72 21.03
N ARG A 48 20.57 -14.28 21.98
CA ARG A 48 21.06 -14.37 23.36
C ARG A 48 22.14 -15.47 23.51
N VAL A 49 22.07 -16.49 22.65
CA VAL A 49 23.05 -17.59 22.72
C VAL A 49 24.34 -17.20 21.97
N ARG A 50 24.21 -16.46 20.87
CA ARG A 50 25.38 -16.05 20.09
C ARG A 50 25.81 -14.63 20.48
N GLN A 51 26.89 -14.14 19.86
CA GLN A 51 27.38 -12.79 20.15
C GLN A 51 26.27 -11.75 19.94
N LEU B 1 -8.69 3.41 -24.01
CA LEU B 1 -9.27 4.78 -24.00
C LEU B 1 -10.17 4.95 -22.77
N LEU B 2 -10.14 6.17 -22.19
CA LEU B 2 -10.95 6.46 -21.01
C LEU B 2 -12.11 7.39 -21.38
N GLU B 3 -13.35 6.94 -21.19
CA GLU B 3 -14.51 7.77 -21.53
C GLU B 3 -15.60 7.68 -20.47
N LEU B 4 -16.52 8.66 -20.47
CA LEU B 4 -17.61 8.68 -19.49
C LEU B 4 -18.45 7.42 -19.58
N ASP B 5 -18.70 6.96 -20.80
CA ASP B 5 -19.51 5.77 -21.01
C ASP B 5 -18.76 4.49 -20.64
N LYS B 6 -17.41 4.55 -20.70
CA LYS B 6 -16.60 3.38 -20.37
C LYS B 6 -16.69 3.06 -18.87
N TRP B 7 -16.56 4.09 -18.03
CA TRP B 7 -16.61 3.90 -16.58
C TRP B 7 -18.00 3.42 -16.16
N ALA B 8 -19.03 4.15 -16.56
CA ALA B 8 -20.40 3.77 -16.21
C ALA B 8 -20.74 2.37 -16.72
N SER B 9 -20.01 1.90 -17.76
CA SER B 9 -20.27 0.57 -18.31
C SER B 9 -20.10 -0.51 -17.24
N LEU B 10 -19.15 -0.28 -16.31
CA LEU B 10 -18.89 -1.26 -15.25
C LEU B 10 -20.10 -1.41 -14.30
N TRP B 11 -21.03 -0.46 -14.32
CA TRP B 11 -22.21 -0.54 -13.43
C TRP B 11 -23.16 -1.68 -13.85
N ASN B 12 -22.84 -2.40 -14.94
CA ASN B 12 -23.72 -3.47 -15.40
C ASN B 12 -23.64 -4.71 -14.49
N TRP B 13 -22.42 -5.17 -14.19
CA TRP B 13 -22.27 -6.36 -13.31
C TRP B 13 -21.85 -5.99 -11.89
N PHE B 14 -21.23 -4.80 -11.72
CA PHE B 14 -20.79 -4.33 -10.39
C PHE B 14 -19.81 -5.28 -9.66
N ASP B 15 -19.61 -6.52 -10.14
CA ASP B 15 -18.70 -7.45 -9.47
C ASP B 15 -17.26 -6.95 -9.48
N ILE B 16 -16.75 -6.60 -10.68
CA ILE B 16 -15.38 -6.10 -10.78
C ILE B 16 -15.26 -4.71 -10.12
N THR B 17 -16.36 -3.95 -10.10
CA THR B 17 -16.33 -2.61 -9.50
C THR B 17 -15.88 -2.70 -8.04
N ASN B 18 -16.40 -3.68 -7.31
CA ASN B 18 -16.03 -3.83 -5.89
C ASN B 18 -14.53 -4.12 -5.76
N TRP B 19 -14.02 -5.04 -6.58
CA TRP B 19 -12.61 -5.42 -6.53
C TRP B 19 -11.69 -4.31 -7.10
N LEU B 20 -12.13 -3.61 -8.14
CA LEU B 20 -11.29 -2.56 -8.76
C LEU B 20 -11.30 -1.25 -7.95
N TRP B 21 -12.09 -1.16 -6.87
CA TRP B 21 -12.13 0.09 -6.08
C TRP B 21 -11.69 -0.12 -4.63
N TYR B 22 -12.01 -1.27 -4.06
CA TYR B 22 -11.65 -1.54 -2.66
C TYR B 22 -10.12 -1.64 -2.47
N ILE B 23 -9.35 -1.65 -3.58
CA ILE B 23 -7.89 -1.76 -3.45
C ILE B 23 -7.26 -0.51 -2.80
N ARG B 24 -7.64 0.71 -3.24
CA ARG B 24 -7.04 1.92 -2.66
C ARG B 24 -7.36 2.05 -1.17
N ILE B 25 -8.61 1.77 -0.77
CA ILE B 25 -8.97 1.86 0.63
C ILE B 25 -8.21 0.79 1.42
N PHE B 26 -8.15 -0.43 0.87
CA PHE B 26 -7.42 -1.52 1.52
C PHE B 26 -5.95 -1.12 1.74
N ILE B 27 -5.41 -0.34 0.80
CA ILE B 27 -4.02 0.11 0.91
C ILE B 27 -3.84 0.90 2.21
N ILE B 28 -4.77 1.81 2.48
CA ILE B 28 -4.70 2.61 3.71
C ILE B 28 -4.71 1.67 4.93
N ILE B 29 -5.54 0.63 4.88
CA ILE B 29 -5.62 -0.32 5.99
C ILE B 29 -4.25 -0.98 6.19
N VAL B 30 -3.58 -1.35 5.09
CA VAL B 30 -2.26 -2.00 5.18
C VAL B 30 -1.17 -1.02 5.68
N GLY B 31 -1.43 0.31 5.67
CA GLY B 31 -0.44 1.26 6.16
C GLY B 31 -0.29 1.19 7.68
N SER B 32 -1.42 1.32 8.40
CA SER B 32 -1.38 1.25 9.86
C SER B 32 -0.95 -0.15 10.35
N LEU B 33 -1.14 -1.16 9.49
CA LEU B 33 -0.78 -2.54 9.85
C LEU B 33 0.68 -2.64 10.32
N ILE B 34 1.57 -1.80 9.76
CA ILE B 34 2.99 -1.86 10.14
C ILE B 34 3.18 -1.46 11.62
N GLY B 35 2.44 -0.45 12.07
CA GLY B 35 2.57 0.00 13.45
C GLY B 35 2.13 -1.07 14.46
N LEU B 36 0.97 -1.70 14.23
CA LEU B 36 0.47 -2.72 15.16
C LEU B 36 1.47 -3.87 15.35
N ARG B 37 2.10 -4.31 14.26
CA ARG B 37 3.07 -5.41 14.30
C ARG B 37 4.16 -5.21 15.37
N ILE B 38 4.49 -3.95 15.68
CA ILE B 38 5.56 -3.66 16.64
C ILE B 38 5.26 -4.29 18.02
N VAL B 39 4.02 -4.25 18.50
CA VAL B 39 3.70 -4.82 19.82
C VAL B 39 4.13 -6.31 19.90
N PHE B 40 4.15 -7.01 18.76
CA PHE B 40 4.52 -8.43 18.78
C PHE B 40 5.89 -8.64 19.41
N ALA B 41 6.75 -7.62 19.36
CA ALA B 41 8.08 -7.73 19.98
C ALA B 41 7.94 -8.17 21.45
N VAL B 42 6.87 -7.68 22.09
CA VAL B 42 6.60 -8.00 23.49
C VAL B 42 6.42 -9.53 23.66
N LEU B 43 5.84 -10.18 22.64
CA LEU B 43 5.62 -11.63 22.70
C LEU B 43 6.97 -12.38 22.85
N SER B 44 8.03 -11.83 22.23
CA SER B 44 9.34 -12.47 22.32
C SER B 44 9.78 -12.59 23.78
N LEU B 45 9.37 -11.63 24.61
CA LEU B 45 9.74 -11.67 26.04
C LEU B 45 9.18 -12.95 26.67
N VAL B 46 7.94 -13.29 26.32
CA VAL B 46 7.29 -14.49 26.86
C VAL B 46 7.88 -15.77 26.21
N ASN B 47 8.53 -15.63 25.05
CA ASN B 47 9.11 -16.78 24.35
C ASN B 47 10.25 -17.43 25.16
N ARG B 48 10.68 -16.79 26.26
CA ARG B 48 11.75 -17.36 27.08
C ARG B 48 11.26 -18.55 27.90
N VAL B 49 10.06 -18.44 28.45
CA VAL B 49 9.50 -19.53 29.27
C VAL B 49 8.76 -20.56 28.39
N ARG B 50 8.09 -20.08 27.35
CA ARG B 50 7.35 -20.99 26.45
C ARG B 50 7.82 -20.86 25.01
N GLN B 51 7.83 -21.98 24.28
CA GLN B 51 8.28 -21.97 22.88
C GLN B 51 7.07 -21.88 21.94
N LEU C 1 -21.55 12.18 -15.22
CA LEU C 1 -20.58 11.17 -14.71
C LEU C 1 -19.14 11.64 -15.00
N LEU C 2 -18.16 10.77 -14.71
CA LEU C 2 -16.75 11.14 -14.94
C LEU C 2 -16.55 11.78 -16.33
N GLU C 3 -15.67 12.78 -16.39
CA GLU C 3 -15.41 13.46 -17.66
C GLU C 3 -14.20 14.38 -17.54
N LEU C 4 -13.66 14.84 -18.68
CA LEU C 4 -12.49 15.71 -18.65
C LEU C 4 -12.76 16.98 -17.84
N ASP C 5 -14.01 17.44 -17.83
CA ASP C 5 -14.39 18.64 -17.10
C ASP C 5 -14.45 18.40 -15.59
N LYS C 6 -14.72 17.15 -15.20
CA LYS C 6 -14.82 16.82 -13.77
C LYS C 6 -13.48 17.03 -13.05
N TRP C 7 -12.39 16.62 -13.70
CA TRP C 7 -11.05 16.78 -13.10
C TRP C 7 -10.77 18.25 -12.81
N ALA C 8 -11.33 19.16 -13.63
CA ALA C 8 -11.14 20.59 -13.39
C ALA C 8 -11.62 20.98 -11.98
N SER C 9 -12.41 20.09 -11.34
CA SER C 9 -12.92 20.36 -10.00
C SER C 9 -11.80 20.72 -9.04
N LEU C 10 -10.61 20.12 -9.24
CA LEU C 10 -9.46 20.41 -8.36
C LEU C 10 -9.14 21.91 -8.30
N TRP C 11 -9.72 22.70 -9.23
CA TRP C 11 -9.42 24.12 -9.29
C TRP C 11 -9.98 24.95 -8.11
N ASN C 12 -11.24 24.74 -7.65
CA ASN C 12 -11.71 25.61 -6.54
C ASN C 12 -11.38 25.06 -5.13
N TRP C 13 -11.72 23.78 -4.81
CA TRP C 13 -11.35 23.25 -3.45
C TRP C 13 -10.13 22.26 -3.41
N PHE C 14 -9.74 21.56 -4.52
CA PHE C 14 -8.53 20.69 -4.53
C PHE C 14 -8.63 19.36 -3.77
N ASP C 15 -9.46 19.24 -2.72
CA ASP C 15 -9.48 18.01 -1.94
C ASP C 15 -9.94 16.72 -2.66
N ILE C 16 -11.14 16.68 -3.32
CA ILE C 16 -11.56 15.39 -3.93
C ILE C 16 -10.75 14.94 -5.15
N THR C 17 -10.52 15.82 -6.13
CA THR C 17 -9.76 15.38 -7.31
C THR C 17 -8.35 14.96 -6.87
N ASN C 18 -7.80 15.63 -5.84
CA ASN C 18 -6.49 15.26 -5.33
C ASN C 18 -6.52 13.82 -4.76
N TRP C 19 -7.74 13.30 -4.49
CA TRP C 19 -7.86 11.96 -3.93
C TRP C 19 -7.52 10.87 -4.95
N LEU C 20 -8.05 11.00 -6.19
CA LEU C 20 -7.80 9.99 -7.21
C LEU C 20 -6.32 9.97 -7.64
N TRP C 21 -5.51 10.88 -7.08
CA TRP C 21 -4.10 10.94 -7.39
C TRP C 21 -3.33 11.10 -6.07
N TYR C 22 -2.03 10.93 -6.14
CA TYR C 22 -1.13 11.01 -4.95
C TYR C 22 -1.19 9.72 -4.14
N ILE C 23 -2.39 9.12 -4.00
CA ILE C 23 -2.52 7.88 -3.26
C ILE C 23 -1.63 6.79 -3.90
N ARG C 24 -1.52 6.78 -5.24
CA ARG C 24 -0.67 5.79 -5.91
C ARG C 24 0.77 5.86 -5.36
N ILE C 25 1.27 7.09 -5.21
CA ILE C 25 2.62 7.30 -4.68
C ILE C 25 2.67 6.91 -3.18
N PHE C 26 1.58 7.19 -2.46
CA PHE C 26 1.55 6.93 -1.01
C PHE C 26 1.97 5.49 -0.66
N ILE C 27 1.71 4.52 -1.55
CA ILE C 27 2.14 3.14 -1.26
C ILE C 27 3.68 3.11 -1.19
N ILE C 28 4.32 3.80 -2.14
CA ILE C 28 5.79 3.84 -2.14
C ILE C 28 6.27 4.45 -0.82
N ILE C 29 5.58 5.50 -0.34
CA ILE C 29 5.94 6.12 0.93
C ILE C 29 5.92 5.08 2.05
N VAL C 30 4.90 4.19 2.04
CA VAL C 30 4.80 3.18 3.09
C VAL C 30 5.94 2.13 2.99
N GLY C 31 6.46 1.82 1.77
CA GLY C 31 7.56 0.87 1.66
C GLY C 31 8.74 1.31 2.54
N SER C 32 9.11 2.60 2.44
CA SER C 32 10.20 3.13 3.27
C SER C 32 9.80 3.13 4.75
N LEU C 33 8.49 3.36 5.01
CA LEU C 33 7.99 3.40 6.38
C LEU C 33 8.18 2.04 7.07
N ILE C 34 7.63 0.98 6.46
CA ILE C 34 7.77 -0.36 7.03
C ILE C 34 9.27 -0.70 7.22
N GLY C 35 10.13 -0.13 6.37
CA GLY C 35 11.57 -0.40 6.47
C GLY C 35 12.09 0.01 7.87
N LEU C 36 11.62 1.16 8.39
CA LEU C 36 12.06 1.61 9.72
C LEU C 36 11.78 0.54 10.81
N ARG C 37 10.72 -0.25 10.62
CA ARG C 37 10.32 -1.28 11.57
C ARG C 37 11.47 -2.21 12.00
N ILE C 38 12.40 -2.52 11.08
CA ILE C 38 13.48 -3.48 11.39
C ILE C 38 14.36 -3.08 12.59
N VAL C 39 14.72 -1.79 12.75
CA VAL C 39 15.59 -1.41 13.88
C VAL C 39 14.97 -1.83 15.22
N PHE C 40 13.64 -1.90 15.29
CA PHE C 40 12.95 -2.30 16.53
C PHE C 40 13.46 -3.67 17.01
N ALA C 41 13.76 -4.55 16.07
CA ALA C 41 14.22 -5.91 16.42
C ALA C 41 15.45 -5.85 17.34
N VAL C 42 16.37 -4.92 17.09
CA VAL C 42 17.54 -4.79 17.96
C VAL C 42 17.11 -4.30 19.35
N LEU C 43 16.15 -3.36 19.38
CA LEU C 43 15.66 -2.83 20.65
C LEU C 43 15.09 -3.97 21.52
N SER C 44 14.56 -5.01 20.87
CA SER C 44 13.99 -6.15 21.62
C SER C 44 15.05 -6.78 22.52
N LEU C 45 16.30 -6.83 22.05
CA LEU C 45 17.37 -7.39 22.86
C LEU C 45 17.49 -6.62 24.17
N VAL C 46 17.35 -5.30 24.10
CA VAL C 46 17.42 -4.43 25.28
C VAL C 46 16.24 -4.71 26.22
N ASN C 47 15.16 -5.32 25.68
CA ASN C 47 13.97 -5.60 26.49
C ASN C 47 14.28 -6.54 27.67
N ARG C 48 15.47 -7.14 27.68
CA ARG C 48 15.84 -8.05 28.79
C ARG C 48 16.77 -7.37 29.82
N VAL C 49 17.31 -6.20 29.49
CA VAL C 49 18.21 -5.50 30.41
C VAL C 49 17.43 -4.67 31.45
N ARG C 50 16.23 -4.18 31.08
CA ARG C 50 15.44 -3.38 32.02
C ARG C 50 15.21 -4.13 33.33
N GLN C 51 15.59 -3.49 34.44
CA GLN C 51 15.41 -4.10 35.76
C GLN C 51 13.94 -4.40 36.04
C1 QOJ D . -2.65 19.09 -14.76
N1 QOJ D . -3.66 16.69 -15.01
C2 QOJ D . -2.66 20.36 -14.08
N2 QOJ D . 4.90 12.93 -22.00
C3 QOJ D . -3.58 20.66 -13.02
N3 QOJ D . 9.06 13.09 -23.59
C4 QOJ D . -4.52 19.71 -12.56
N4 QOJ D . -6.51 17.56 -11.69
C5 QOJ D . -3.56 18.00 -14.42
C6 QOJ D . -4.56 18.32 -13.24
C7 QOJ D . -5.56 17.27 -12.80
C8 QOJ D . -5.57 15.92 -13.49
C9 QOJ D . -4.64 15.67 -14.55
C10 QOJ D . 7.27 11.96 -22.08
C11 QOJ D . 5.80 11.92 -21.52
C12 QOJ D . 5.30 13.98 -22.96
C13 QOJ D . 6.63 14.05 -23.49
C14 QOJ D . 7.66 13.03 -23.06
C15 QOJ D . 8.28 10.89 -21.60
C16 QOJ D . 7.86 9.91 -20.68
C17 QOJ D . 6.51 9.88 -20.18
C18 QOJ D . 5.52 10.85 -20.58
C19 QOJ D . 3.52 12.94 -21.52
C20 QOJ D . 3.41 13.85 -20.29
C21 QOJ D . 2.01 13.73 -19.66
C22 QOJ D . 1.89 12.39 -18.93
C23 QOJ D . 0.55 12.33 -18.18
C24 QOJ D . 0.65 13.14 -16.88
C25 QOJ D . -0.67 13.00 -16.07
C26 QOJ D . -1.72 14.03 -16.55
C27 QOJ D . -1.74 15.26 -15.61
C28 QOJ D . -2.76 16.32 -16.10
C29 QOJ D . 4.50 15.06 -23.53
C30 QOJ D . -4.85 14.32 -15.05
C31 QOJ D . -5.98 13.70 -14.26
C32 QOJ D . -6.40 14.76 -13.27
C33 QOJ D . 5.39 15.85 -24.46
C34 QOJ D . 6.74 15.17 -24.41
H11 QOJ D . -1.94 18.94 -15.54
H21 QOJ D . -1.97 21.12 -14.39
H31 QOJ D . -3.55 21.64 -12.55
HN32 QOJ D . 9.72 12.42 -23.31
HN31 QOJ D . 9.31 13.79 -24.24
H41 QOJ D . -5.20 19.95 -11.76
HN42 QOJ D . -6.50 18.43 -11.25
HN41 QOJ D . -7.16 16.87 -11.42
H151 QOJ D . 9.30 10.89 -21.97
H161 QOJ D . 8.56 9.16 -20.34
H171 QOJ D . 6.24 9.11 -19.48
H181 QOJ D . 4.53 10.77 -20.16
H192 QOJ D . 2.87 13.31 -22.30
H191 QOJ D . 3.22 11.94 -21.25
H202 QOJ D . 4.16 13.56 -19.57
H201 QOJ D . 3.58 14.87 -20.59
H212 QOJ D . 1.86 14.53 -18.96
H211 QOJ D . 1.27 13.78 -20.44
H222 QOJ D . 1.93 11.58 -19.64
H221 QOJ D . 2.70 12.27 -18.22
H232 QOJ D . -0.23 12.75 -18.80
H231 QOJ D . 0.32 11.30 -17.94
H241 QOJ D . 0.81 14.18 -17.11
H242 QOJ D . 1.47 12.76 -16.28
H251 QOJ D . -0.45 13.16 -15.03
H252 QOJ D . -1.07 12.00 -16.21
H262 QOJ D . -1.49 14.37 -17.56
H261 QOJ D . -2.69 13.57 -16.56
H271 QOJ D . -0.76 15.70 -15.57
H272 QOJ D . -2.03 14.93 -14.61
H281 QOJ D . -3.35 15.91 -16.91
H282 QOJ D . -2.22 17.18 -16.46
H291 QOJ D . 4.14 15.69 -22.73
H292 QOJ D . 3.68 14.65 -24.08
H301 QOJ D . -3.94 13.75 -14.94
H302 QOJ D . -5.12 14.35 -16.09
H311 QOJ D . -5.62 12.82 -13.74
H312 QOJ D . -6.80 13.44 -14.91
H322 QOJ D . -7.43 15.03 -13.44
H321 QOJ D . -6.27 14.38 -12.26
H332 QOJ D . 5.00 15.81 -25.46
H331 QOJ D . 5.46 16.88 -24.13
H342 QOJ D . 7.01 14.81 -25.38
H341 QOJ D . 7.48 15.88 -24.06
C1 QOJ E . -5.16 0.19 -20.84
N1 QOJ E . -5.85 1.83 -18.95
C2 QOJ E . -4.47 -0.03 -22.10
N2 QOJ E . -15.51 -5.35 -18.56
C3 QOJ E . -3.78 1.01 -22.79
N3 QOJ E . -18.33 -8.18 -20.49
C4 QOJ E . -3.74 2.34 -22.27
N4 QOJ E . -3.74 5.12 -21.05
C5 QOJ E . -5.21 1.48 -20.18
C6 QOJ E . -4.46 2.64 -20.93
C7 QOJ E . -4.45 4.03 -20.34
C8 QOJ E . -5.16 4.27 -19.03
C9 QOJ E . -5.84 3.19 -18.38
C10 QOJ E . -16.82 -7.53 -18.47
C11 QOJ E . -15.82 -6.52 -17.80
C12 QOJ E . -16.06 -5.06 -19.89
C13 QOJ E . -16.97 -5.96 -20.54
C14 QOJ E . -17.39 -7.23 -19.84
C15 QOJ E . -17.21 -8.82 -17.71
C16 QOJ E . -16.65 -9.05 -16.43
C17 QOJ E . -15.74 -8.12 -15.83
C18 QOJ E . -15.34 -6.90 -16.49
C19 QOJ E . -14.58 -4.37 -17.98
C20 QOJ E . -13.15 -4.72 -18.37
C21 QOJ E . -12.19 -3.75 -17.68
C22 QOJ E . -10.73 -4.11 -18.02
C23 QOJ E . -9.81 -2.91 -17.73
C24 QOJ E . -9.85 -1.89 -18.90
C25 QOJ E . -10.20 -0.48 -18.39
C26 QOJ E . -8.97 0.15 -17.72
C27 QOJ E . -7.98 0.67 -18.80
C28 QOJ E . -6.57 0.79 -18.22
C29 QOJ E . -15.82 -3.92 -20.77
C30 QOJ E . -6.44 3.68 -17.16
C31 QOJ E . -6.12 5.16 -17.04
C32 QOJ E . -5.30 5.50 -18.26
C33 QOJ E . -16.63 -4.12 -22.03
C34 QOJ E . -17.35 -5.43 -21.84
H11 QOJ E . -5.65 -0.65 -20.37
H21 QOJ E . -4.48 -1.03 -22.52
H31 QOJ E . -3.28 0.81 -23.72
HN32 QOJ E . -18.60 -9.00 -20.03
HN31 QOJ E . -18.70 -7.99 -21.37
H41 QOJ E . -3.22 3.11 -22.80
HN42 QOJ E . -3.28 4.96 -21.90
HN41 QOJ E . -3.74 6.03 -20.66
H151 QOJ E . -17.89 -9.53 -18.14
H161 QOJ E . -16.92 -9.95 -15.88
H171 QOJ E . -15.34 -8.34 -14.85
H181 QOJ E . -14.64 -6.25 -15.98
H192 QOJ E . -14.81 -3.38 -18.36
H191 QOJ E . -14.67 -4.38 -16.91
H202 QOJ E . -12.92 -5.74 -18.05
H201 QOJ E . -13.03 -4.65 -19.44
H212 QOJ E . -12.39 -2.75 -18.02
H211 QOJ E . -12.32 -3.81 -16.61
H222 QOJ E . -10.42 -4.96 -17.43
H221 QOJ E . -10.66 -4.38 -19.07
H232 QOJ E . -10.12 -2.43 -16.82
H231 QOJ E . -8.80 -3.26 -17.62
H241 QOJ E . -10.60 -2.19 -19.64
H242 QOJ E . -8.88 -1.87 -19.38
H251 QOJ E . -11.00 -0.55 -17.67
H252 QOJ E . -10.52 0.14 -19.22
H262 QOJ E . -9.29 0.99 -17.10
H261 QOJ E . -8.48 -0.59 -17.11
H271 QOJ E . -8.32 1.64 -19.14
H272 QOJ E . -7.96 -0.02 -19.63
H281 QOJ E . -6.05 -0.15 -18.32
H282 QOJ E . -6.62 1.06 -17.17
H291 QOJ E . -14.76 -3.85 -21.00
H292 QOJ E . -16.13 -3.01 -20.28
H301 QOJ E . -6.04 3.14 -16.31
H302 QOJ E . -7.51 3.55 -17.19
H311 QOJ E . -5.56 5.36 -16.13
H312 QOJ E . -7.03 5.75 -17.04
H322 QOJ E . -5.80 6.23 -18.85
H321 QOJ E . -4.33 5.86 -17.95
H332 QOJ E . -17.34 -3.32 -22.14
H331 QOJ E . -15.98 -4.16 -22.88
H342 QOJ E . -18.42 -5.27 -21.85
H341 QOJ E . -17.07 -6.11 -22.63
C1 QOJ F . -17.70 7.26 -7.40
N1 QOJ F . -15.56 7.70 -8.81
C2 QOJ F . -18.95 6.57 -7.24
N2 QOJ F . -17.69 18.62 -5.63
C3 QOJ F . -19.41 5.61 -8.21
N3 QOJ F . -19.34 22.45 -4.06
C4 QOJ F . -18.67 5.30 -9.36
N4 QOJ F . -16.93 4.75 -11.84
C5 QOJ F . -16.81 7.07 -8.54
C6 QOJ F . -17.32 6.02 -9.60
C7 QOJ F . -16.47 5.73 -10.82
C8 QOJ F . -15.16 6.46 -11.00
C9 QOJ F . -14.74 7.41 -10.00
C10 QOJ F . -17.70 21.18 -5.64
C11 QOJ F . -17.13 19.81 -6.17
C12 QOJ F . -18.76 18.62 -4.61
C13 QOJ F . -19.31 19.83 -4.09
C14 QOJ F . -18.79 21.17 -4.59
C15 QOJ F . -17.13 22.50 -6.19
C16 QOJ F . -16.10 22.46 -7.17
C17 QOJ F . -15.59 21.20 -7.64
C18 QOJ F . -16.08 19.93 -7.17
C19 QOJ F . -17.20 17.34 -6.12
C20 QOJ F . -17.86 17.05 -7.50
C21 QOJ F . -16.82 16.47 -8.50
C22 QOJ F . -16.81 14.94 -8.42
C23 QOJ F . -16.14 14.36 -9.67
C24 QOJ F . -16.05 12.84 -9.57
C25 QOJ F . -14.93 12.44 -8.61
C26 QOJ F . -14.56 10.97 -8.80
C27 QOJ F . -15.63 10.06 -8.16
C28 QOJ F . -15.05 8.67 -7.84
C29 QOJ F . -19.42 17.49 -3.98
C30 QOJ F . -13.46 7.97 -10.40
C31 QOJ F . -13.05 7.34 -11.71
C32 QOJ F . -14.18 6.39 -12.06
C33 QOJ F . -20.43 18.03 -3.01
C34 QOJ F . -20.33 19.54 -3.11
H11 QOJ F . -17.40 7.97 -6.64
H21 QOJ F . -19.55 6.75 -6.37
H31 QOJ F . -20.36 5.10 -8.03
HN32 QOJ F . -19.00 23.30 -4.40
HN31 QOJ F . -20.05 22.43 -3.39
H41 QOJ F . -19.03 4.58 -10.09
HN42 QOJ F . -17.78 4.27 -11.72
HN41 QOJ F . -16.38 4.58 -12.64
H151 QOJ F . -17.49 23.45 -5.84
H161 QOJ F . -15.69 23.37 -7.56
H171 QOJ F . -14.80 21.21 -8.38
H181 QOJ F . -15.62 19.02 -7.54
H192 QOJ F . -16.12 17.39 -6.23
H191 QOJ F . -17.45 16.55 -5.44
H202 QOJ F . -18.66 16.35 -7.35
H201 QOJ F . -18.25 17.97 -7.90
H212 QOJ F . -17.09 16.78 -9.49
H211 QOJ F . -15.83 16.85 -8.27
H222 QOJ F . -16.26 14.63 -7.54
H221 QOJ F . -17.83 14.57 -8.35
H232 QOJ F . -16.73 14.63 -10.54
H231 QOJ F . -15.15 14.77 -9.78
H241 QOJ F . -15.84 12.42 -10.55
H242 QOJ F . -17.00 12.44 -9.21
H251 QOJ F . -15.26 12.61 -7.59
H252 QOJ F . -14.06 13.05 -8.80
H262 QOJ F . -14.48 10.76 -9.85
H261 QOJ F . -13.61 10.79 -8.32
H271 QOJ F . -16.46 9.95 -8.84
H272 QOJ F . -15.98 10.52 -7.24
H281 QOJ F . -15.35 8.38 -6.84
H282 QOJ F . -13.97 8.70 -7.89
H291 QOJ F . -18.68 16.89 -3.46
H292 QOJ F . -19.92 16.89 -4.73
H301 QOJ F . -12.72 7.77 -9.64
H302 QOJ F . -13.55 9.04 -10.54
H311 QOJ F . -12.12 6.80 -11.59
H312 QOJ F . -12.95 8.08 -12.48
H322 QOJ F . -14.62 6.68 -12.99
H321 QOJ F . -13.78 5.38 -12.14
H332 QOJ F . -21.42 17.71 -3.28
H331 QOJ F . -20.18 17.69 -2.01
H342 QOJ F . -21.28 19.94 -3.43
H341 QOJ F . -20.07 19.95 -2.14
N LEU A 1 -8.07 20.18 -18.99
CA LEU A 1 -8.98 19.05 -18.61
C LEU A 1 -8.21 17.74 -18.66
N LEU A 2 -8.90 16.60 -18.46
CA LEU A 2 -8.24 15.31 -18.50
C LEU A 2 -7.73 15.01 -19.92
N GLU A 3 -7.73 13.73 -20.36
CA GLU A 3 -7.24 13.39 -21.70
C GLU A 3 -7.58 11.94 -22.06
N LEU A 4 -8.68 11.74 -22.79
CA LEU A 4 -9.11 10.39 -23.17
C LEU A 4 -8.12 9.76 -24.16
N ASP A 5 -7.65 10.57 -25.09
CA ASP A 5 -6.72 10.13 -26.12
C ASP A 5 -5.34 9.76 -25.54
N LYS A 6 -5.01 10.33 -24.39
CA LYS A 6 -3.72 10.05 -23.76
C LYS A 6 -3.65 8.59 -23.31
N TRP A 7 -4.78 8.05 -22.86
CA TRP A 7 -4.81 6.66 -22.41
C TRP A 7 -4.42 5.72 -23.55
N ALA A 8 -4.84 6.07 -24.77
CA ALA A 8 -4.53 5.24 -25.93
C ALA A 8 -3.23 5.71 -26.60
N SER A 9 -2.81 6.94 -26.33
CA SER A 9 -1.57 7.45 -26.90
C SER A 9 -0.37 6.81 -26.19
N LEU A 10 -0.49 6.59 -24.88
CA LEU A 10 0.62 5.99 -24.13
C LEU A 10 0.91 4.55 -24.59
N TRP A 11 0.04 3.98 -25.45
CA TRP A 11 0.26 2.61 -25.91
C TRP A 11 1.49 2.52 -26.83
N ASN A 12 1.93 3.65 -27.39
CA ASN A 12 3.09 3.64 -28.30
C ASN A 12 4.45 3.71 -27.57
N TRP A 13 4.61 4.64 -26.62
CA TRP A 13 5.90 4.80 -25.91
C TRP A 13 5.86 4.14 -24.52
N PHE A 14 4.66 3.97 -23.95
CA PHE A 14 4.52 3.35 -22.62
C PHE A 14 5.50 3.97 -21.58
N ASP A 15 6.07 5.17 -21.85
CA ASP A 15 7.03 5.74 -20.90
C ASP A 15 6.39 6.05 -19.55
N ILE A 16 5.29 6.83 -19.54
CA ILE A 16 4.62 7.12 -18.27
C ILE A 16 3.94 5.87 -17.70
N THR A 17 3.48 5.00 -18.61
CA THR A 17 2.77 3.78 -18.22
C THR A 17 3.63 2.92 -17.30
N ASN A 18 4.95 2.91 -17.51
CA ASN A 18 5.82 2.12 -16.65
C ASN A 18 5.65 2.59 -15.20
N TRP A 19 5.64 3.92 -15.02
CA TRP A 19 5.46 4.49 -13.69
C TRP A 19 4.01 4.33 -13.19
N LEU A 20 3.01 4.64 -14.04
CA LEU A 20 1.59 4.54 -13.59
C LEU A 20 1.16 3.10 -13.33
N TRP A 21 2.05 2.13 -13.58
CA TRP A 21 1.73 0.74 -13.33
C TRP A 21 2.90 0.12 -12.58
N TYR A 22 2.57 -0.77 -11.64
CA TYR A 22 3.55 -1.48 -10.79
C TYR A 22 3.80 -0.72 -9.48
N ILE A 23 3.74 0.63 -9.49
CA ILE A 23 3.96 1.36 -8.25
C ILE A 23 2.80 1.10 -7.29
N ARG A 24 1.57 1.08 -7.82
CA ARG A 24 0.39 0.81 -6.99
C ARG A 24 0.41 -0.66 -6.54
N ILE A 25 0.67 -1.55 -7.49
CA ILE A 25 0.73 -2.98 -7.21
C ILE A 25 1.84 -3.28 -6.17
N PHE A 26 2.98 -2.58 -6.23
CA PHE A 26 4.07 -2.84 -5.27
C PHE A 26 3.56 -2.81 -3.83
N ILE A 27 2.73 -1.82 -3.49
CA ILE A 27 2.20 -1.74 -2.12
C ILE A 27 1.42 -3.04 -1.79
N ILE A 28 0.68 -3.60 -2.75
CA ILE A 28 -0.04 -4.86 -2.48
C ILE A 28 0.97 -5.93 -2.03
N ILE A 29 2.13 -6.00 -2.70
CA ILE A 29 3.18 -6.94 -2.30
C ILE A 29 3.59 -6.60 -0.85
N VAL A 30 3.69 -5.29 -0.57
CA VAL A 30 4.09 -4.85 0.78
C VAL A 30 2.97 -5.19 1.81
N GLY A 31 1.70 -5.32 1.37
CA GLY A 31 0.62 -5.67 2.30
C GLY A 31 0.89 -7.06 2.91
N SER A 32 1.53 -7.94 2.12
CA SER A 32 1.87 -9.28 2.61
C SER A 32 3.21 -9.26 3.34
N LEU A 33 4.11 -8.37 2.90
CA LEU A 33 5.42 -8.27 3.52
C LEU A 33 5.32 -7.92 5.01
N ILE A 34 4.44 -6.96 5.34
CA ILE A 34 4.29 -6.56 6.75
C ILE A 34 3.94 -7.78 7.62
N GLY A 35 3.15 -8.72 7.10
CA GLY A 35 2.81 -9.91 7.88
C GLY A 35 4.02 -10.84 7.99
N LEU A 36 4.76 -10.95 6.88
CA LEU A 36 5.96 -11.80 6.85
C LEU A 36 6.97 -11.38 7.94
N ARG A 37 7.12 -10.06 8.13
CA ARG A 37 8.03 -9.50 9.12
C ARG A 37 7.84 -10.06 10.54
N ILE A 38 6.61 -10.35 10.95
CA ILE A 38 6.36 -10.81 12.33
C ILE A 38 7.16 -12.08 12.68
N VAL A 39 7.25 -13.05 11.75
CA VAL A 39 8.00 -14.28 12.03
C VAL A 39 9.45 -13.98 12.47
N PHE A 40 10.01 -12.85 11.99
CA PHE A 40 11.39 -12.49 12.36
C PHE A 40 11.53 -12.42 13.88
N ALA A 41 10.49 -11.97 14.57
CA ALA A 41 10.53 -11.89 16.03
C ALA A 41 10.86 -13.26 16.62
N VAL A 42 10.36 -14.32 15.99
CA VAL A 42 10.64 -15.69 16.44
C VAL A 42 12.14 -15.99 16.25
N LEU A 43 12.74 -15.43 15.19
CA LEU A 43 14.17 -15.65 14.91
C LEU A 43 15.03 -15.12 16.08
N SER A 44 14.55 -14.10 16.79
CA SER A 44 15.32 -13.54 17.91
C SER A 44 15.61 -14.60 18.95
N LEU A 45 14.59 -15.40 19.29
CA LEU A 45 14.77 -16.47 20.27
C LEU A 45 15.74 -17.53 19.70
N VAL A 46 15.60 -17.80 18.41
CA VAL A 46 16.45 -18.78 17.72
C VAL A 46 17.89 -18.22 17.59
N ASN A 47 18.03 -16.90 17.60
CA ASN A 47 19.33 -16.25 17.43
C ASN A 47 20.22 -16.43 18.67
N ARG A 48 19.63 -16.52 19.86
CA ARG A 48 20.44 -16.68 21.08
C ARG A 48 21.00 -18.10 21.21
N VAL A 49 20.36 -19.08 20.57
CA VAL A 49 20.85 -20.47 20.63
C VAL A 49 21.67 -20.84 19.39
N ARG A 50 22.27 -19.83 18.73
CA ARG A 50 23.08 -20.09 17.54
C ARG A 50 24.21 -21.08 17.86
N GLN A 51 24.98 -20.80 18.92
CA GLN A 51 26.07 -21.69 19.31
C GLN A 51 26.66 -21.27 20.66
N LEU B 1 -10.93 5.07 -26.38
CA LEU B 1 -10.37 4.34 -25.22
C LEU B 1 -10.90 4.97 -23.92
N LEU B 2 -11.54 4.16 -23.08
CA LEU B 2 -12.09 4.64 -21.80
C LEU B 2 -13.15 5.72 -22.03
N GLU B 3 -14.36 5.50 -21.51
CA GLU B 3 -15.45 6.46 -21.68
C GLU B 3 -16.51 6.27 -20.59
N LEU B 4 -17.53 7.15 -20.61
CA LEU B 4 -18.61 7.09 -19.63
C LEU B 4 -19.35 5.74 -19.74
N ASP B 5 -19.53 5.29 -20.96
CA ASP B 5 -20.23 4.03 -21.21
C ASP B 5 -19.38 2.82 -20.79
N LYS B 6 -18.06 2.97 -20.84
CA LYS B 6 -17.15 1.87 -20.47
C LYS B 6 -17.20 1.57 -18.96
N TRP B 7 -17.13 2.63 -18.15
CA TRP B 7 -17.14 2.46 -16.69
C TRP B 7 -18.52 1.99 -16.19
N ALA B 8 -19.58 2.51 -16.81
CA ALA B 8 -20.95 2.16 -16.38
C ALA B 8 -21.29 0.71 -16.68
N SER B 9 -20.90 0.22 -17.86
CA SER B 9 -21.18 -1.18 -18.20
C SER B 9 -20.61 -2.09 -17.10
N LEU B 10 -19.51 -1.63 -16.50
CA LEU B 10 -18.84 -2.38 -15.44
C LEU B 10 -19.73 -2.61 -14.20
N TRP B 11 -20.89 -1.94 -14.14
CA TRP B 11 -21.78 -2.13 -12.99
C TRP B 11 -22.39 -3.55 -12.98
N ASN B 12 -22.48 -4.16 -14.17
CA ASN B 12 -23.06 -5.51 -14.27
C ASN B 12 -22.25 -6.55 -13.50
N TRP B 13 -20.91 -6.54 -13.66
CA TRP B 13 -20.07 -7.54 -12.96
C TRP B 13 -19.36 -6.92 -11.75
N PHE B 14 -19.17 -5.59 -11.75
CA PHE B 14 -18.55 -4.89 -10.61
C PHE B 14 -17.27 -5.58 -10.03
N ASP B 15 -16.71 -6.61 -10.71
CA ASP B 15 -15.53 -7.29 -10.15
C ASP B 15 -14.30 -6.39 -10.02
N ILE B 16 -13.87 -5.74 -11.11
CA ILE B 16 -12.72 -4.83 -11.04
C ILE B 16 -13.08 -3.56 -10.25
N THR B 17 -14.36 -3.19 -10.28
CA THR B 17 -14.83 -1.99 -9.60
C THR B 17 -14.52 -2.03 -8.09
N ASN B 18 -14.82 -3.16 -7.44
CA ASN B 18 -14.57 -3.26 -6.00
C ASN B 18 -13.10 -3.09 -5.65
N TRP B 19 -12.22 -3.78 -6.38
CA TRP B 19 -10.78 -3.69 -6.14
C TRP B 19 -10.20 -2.33 -6.59
N LEU B 20 -10.63 -1.86 -7.77
CA LEU B 20 -10.11 -0.60 -8.31
C LEU B 20 -10.65 0.65 -7.58
N TRP B 21 -11.89 0.61 -7.09
CA TRP B 21 -12.45 1.79 -6.41
C TRP B 21 -12.31 1.71 -4.89
N TYR B 22 -11.33 0.94 -4.40
CA TYR B 22 -11.11 0.83 -2.95
C TYR B 22 -9.62 0.87 -2.61
N ILE B 23 -8.76 1.22 -3.58
CA ILE B 23 -7.31 1.28 -3.33
C ILE B 23 -6.95 2.36 -2.29
N ARG B 24 -7.53 3.56 -2.40
CA ARG B 24 -7.22 4.62 -1.45
C ARG B 24 -7.56 4.17 -0.03
N ILE B 25 -8.75 3.59 0.12
CA ILE B 25 -9.20 3.11 1.43
C ILE B 25 -8.34 1.90 1.87
N PHE B 26 -8.01 1.01 0.92
CA PHE B 26 -7.23 -0.18 1.26
C PHE B 26 -5.84 0.15 1.81
N ILE B 27 -5.08 1.01 1.11
CA ILE B 27 -3.72 1.35 1.57
C ILE B 27 -3.75 2.10 2.91
N ILE B 28 -4.70 3.03 3.10
CA ILE B 28 -4.76 3.78 4.37
C ILE B 28 -4.93 2.77 5.52
N ILE B 29 -5.79 1.76 5.32
CA ILE B 29 -5.99 0.73 6.35
C ILE B 29 -4.65 0.05 6.65
N VAL B 30 -3.86 -0.21 5.60
CA VAL B 30 -2.57 -0.87 5.79
C VAL B 30 -1.57 0.07 6.52
N GLY B 31 -1.71 1.39 6.36
CA GLY B 31 -0.81 2.31 7.07
C GLY B 31 -0.93 2.09 8.57
N SER B 32 -2.18 1.94 9.04
CA SER B 32 -2.42 1.68 10.47
C SER B 32 -1.92 0.28 10.83
N LEU B 33 -2.06 -0.66 9.88
CA LEU B 33 -1.64 -2.04 10.10
C LEU B 33 -0.13 -2.12 10.32
N ILE B 34 0.64 -1.39 9.52
CA ILE B 34 2.10 -1.42 9.65
C ILE B 34 2.54 -0.81 11.00
N GLY B 35 1.87 0.27 11.44
CA GLY B 35 2.22 0.90 12.72
C GLY B 35 1.86 -0.04 13.86
N LEU B 36 0.68 -0.68 13.76
CA LEU B 36 0.24 -1.62 14.79
C LEU B 36 1.29 -2.74 14.99
N ARG B 37 2.00 -3.07 13.91
CA ARG B 37 3.05 -4.10 13.95
C ARG B 37 4.05 -3.85 15.09
N ILE B 38 4.28 -2.59 15.44
CA ILE B 38 5.27 -2.27 16.50
C ILE B 38 4.88 -2.92 17.84
N VAL B 39 3.59 -2.86 18.20
CA VAL B 39 3.15 -3.43 19.49
C VAL B 39 3.51 -4.92 19.60
N PHE B 40 3.57 -5.62 18.46
CA PHE B 40 3.89 -7.06 18.47
C PHE B 40 5.22 -7.35 19.19
N ALA B 41 6.12 -6.38 19.24
CA ALA B 41 7.44 -6.58 19.86
C ALA B 41 7.32 -7.20 21.27
N VAL B 42 6.28 -6.84 22.02
CA VAL B 42 6.13 -7.41 23.38
C VAL B 42 6.01 -8.94 23.31
N LEU B 43 5.42 -9.45 22.23
CA LEU B 43 5.25 -10.90 22.06
C LEU B 43 6.61 -11.61 22.06
N SER B 44 7.61 -10.98 21.43
CA SER B 44 8.95 -11.59 21.36
C SER B 44 9.49 -11.86 22.76
N LEU B 45 9.24 -10.93 23.69
CA LEU B 45 9.73 -11.12 25.07
C LEU B 45 9.04 -12.31 25.72
N VAL B 46 7.72 -12.43 25.51
CA VAL B 46 6.95 -13.55 26.09
C VAL B 46 7.31 -14.88 25.39
N ASN B 47 7.79 -14.79 24.14
CA ASN B 47 8.16 -15.99 23.39
C ASN B 47 9.34 -16.74 24.02
N ARG B 48 10.07 -16.09 24.94
CA ARG B 48 11.22 -16.73 25.58
C ARG B 48 10.80 -17.48 26.86
N VAL B 49 9.78 -16.97 27.55
CA VAL B 49 9.32 -17.62 28.79
C VAL B 49 8.26 -18.70 28.50
N ARG B 50 7.55 -18.57 27.37
CA ARG B 50 6.51 -19.55 27.02
C ARG B 50 7.07 -20.59 26.04
N GLN B 51 6.70 -21.85 26.24
CA GLN B 51 7.16 -22.93 25.36
C GLN B 51 6.30 -23.01 24.10
N LEU C 1 -21.07 9.96 -15.47
CA LEU C 1 -20.24 9.12 -14.54
C LEU C 1 -18.79 9.58 -14.61
N LEU C 2 -18.20 9.51 -15.81
CA LEU C 2 -16.81 9.91 -15.99
C LEU C 2 -16.64 10.59 -17.35
N GLU C 3 -16.34 11.89 -17.34
CA GLU C 3 -16.17 12.63 -18.59
C GLU C 3 -15.10 13.72 -18.45
N LEU C 4 -14.62 14.23 -19.58
CA LEU C 4 -13.60 15.27 -19.56
C LEU C 4 -14.12 16.53 -18.85
N ASP C 5 -15.39 16.84 -19.10
CA ASP C 5 -16.00 18.02 -18.48
C ASP C 5 -16.27 17.79 -16.99
N LYS C 6 -16.48 16.54 -16.60
CA LYS C 6 -16.75 16.24 -15.20
C LYS C 6 -15.47 16.43 -14.37
N TRP C 7 -14.35 15.94 -14.90
CA TRP C 7 -13.07 16.08 -14.19
C TRP C 7 -12.73 17.55 -13.99
N ALA C 8 -12.68 18.30 -15.09
CA ALA C 8 -12.34 19.73 -15.02
C ALA C 8 -13.30 20.46 -14.08
N SER C 9 -14.60 20.22 -14.24
CA SER C 9 -15.59 20.88 -13.39
C SER C 9 -15.38 20.54 -11.91
N LEU C 10 -14.87 19.33 -11.64
CA LEU C 10 -14.63 18.90 -10.25
C LEU C 10 -13.56 19.76 -9.55
N TRP C 11 -12.92 20.70 -10.29
CA TRP C 11 -11.91 21.56 -9.68
C TRP C 11 -12.55 22.53 -8.66
N ASN C 12 -13.89 22.55 -8.59
CA ASN C 12 -14.59 23.44 -7.66
C ASN C 12 -14.28 23.11 -6.18
N TRP C 13 -14.13 21.82 -5.83
CA TRP C 13 -13.90 21.47 -4.40
C TRP C 13 -12.43 21.68 -3.94
N PHE C 14 -11.42 21.67 -4.84
CA PHE C 14 -10.01 21.90 -4.43
C PHE C 14 -9.48 20.77 -3.51
N ASP C 15 -9.96 20.72 -2.26
CA ASP C 15 -9.50 19.71 -1.30
C ASP C 15 -9.55 18.29 -1.88
N ILE C 16 -10.71 17.91 -2.46
CA ILE C 16 -10.84 16.57 -3.02
C ILE C 16 -9.91 16.38 -4.23
N THR C 17 -9.80 17.41 -5.08
CA THR C 17 -8.93 17.30 -6.26
C THR C 17 -7.49 17.00 -5.82
N ASN C 18 -6.98 17.79 -4.88
CA ASN C 18 -5.62 17.59 -4.38
C ASN C 18 -5.51 16.28 -3.61
N TRP C 19 -6.54 15.99 -2.81
CA TRP C 19 -6.57 14.76 -2.01
C TRP C 19 -6.52 13.52 -2.93
N LEU C 20 -7.17 13.60 -4.09
CA LEU C 20 -7.20 12.45 -5.01
C LEU C 20 -5.88 12.29 -5.79
N TRP C 21 -5.02 13.32 -5.78
CA TRP C 21 -3.75 13.24 -6.53
C TRP C 21 -2.53 13.15 -5.61
N TYR C 22 -2.66 13.56 -4.34
CA TYR C 22 -1.51 13.53 -3.43
C TYR C 22 -1.48 12.23 -2.61
N ILE C 23 -2.65 11.75 -2.18
CA ILE C 23 -2.70 10.51 -1.40
C ILE C 23 -2.07 9.37 -2.21
N ARG C 24 -2.29 9.37 -3.53
CA ARG C 24 -1.69 8.34 -4.37
C ARG C 24 -0.16 8.32 -4.20
N ILE C 25 0.43 9.51 -3.98
CA ILE C 25 1.87 9.61 -3.77
C ILE C 25 2.26 8.95 -2.42
N PHE C 26 1.43 9.19 -1.41
CA PHE C 26 1.66 8.60 -0.07
C PHE C 26 1.75 7.07 -0.15
N ILE C 27 1.07 6.49 -1.14
CA ILE C 27 1.05 5.03 -1.30
C ILE C 27 2.47 4.48 -1.45
N ILE C 28 3.29 5.12 -2.29
CA ILE C 28 4.67 4.69 -2.47
C ILE C 28 5.46 4.87 -1.17
N ILE C 29 5.22 6.00 -0.49
CA ILE C 29 5.92 6.31 0.75
C ILE C 29 5.74 5.18 1.77
N VAL C 30 4.53 4.62 1.88
CA VAL C 30 4.30 3.56 2.87
C VAL C 30 5.08 2.26 2.53
N GLY C 31 5.45 2.03 1.26
CA GLY C 31 6.21 0.82 0.91
C GLY C 31 7.54 0.75 1.67
N SER C 32 8.34 1.84 1.62
CA SER C 32 9.64 1.86 2.31
C SER C 32 9.48 1.97 3.83
N LEU C 33 8.33 2.47 4.29
CA LEU C 33 8.11 2.63 5.73
C LEU C 33 8.30 1.30 6.47
N ILE C 34 7.87 0.20 5.86
CA ILE C 34 8.01 -1.12 6.48
C ILE C 34 9.47 -1.62 6.44
N GLY C 35 10.27 -1.11 5.50
CA GLY C 35 11.68 -1.54 5.40
C GLY C 35 12.45 -1.28 6.70
N LEU C 36 12.33 -0.08 7.26
CA LEU C 36 13.04 0.27 8.51
C LEU C 36 12.72 -0.70 9.67
N ARG C 37 11.51 -1.26 9.67
CA ARG C 37 11.05 -2.17 10.74
C ARG C 37 12.04 -3.30 11.07
N ILE C 38 12.76 -3.84 10.09
CA ILE C 38 13.64 -4.99 10.35
C ILE C 38 14.71 -4.71 11.43
N VAL C 39 15.32 -3.51 11.45
CA VAL C 39 16.36 -3.24 12.46
C VAL C 39 15.84 -3.47 13.89
N PHE C 40 14.53 -3.29 14.10
CA PHE C 40 13.93 -3.49 15.42
C PHE C 40 14.22 -4.88 15.99
N ALA C 41 14.26 -5.89 15.12
CA ALA C 41 14.47 -7.27 15.57
C ALA C 41 15.75 -7.38 16.41
N VAL C 42 16.80 -6.63 16.05
CA VAL C 42 18.05 -6.68 16.84
C VAL C 42 17.78 -6.14 18.26
N LEU C 43 16.86 -5.19 18.39
CA LEU C 43 16.54 -4.61 19.70
C LEU C 43 16.07 -5.70 20.67
N SER C 44 15.26 -6.63 20.19
CA SER C 44 14.75 -7.71 21.05
C SER C 44 15.90 -8.57 21.58
N LEU C 45 16.95 -8.75 20.76
CA LEU C 45 18.09 -9.55 21.18
C LEU C 45 18.74 -8.95 22.44
N VAL C 46 18.87 -7.62 22.46
CA VAL C 46 19.48 -6.95 23.62
C VAL C 46 18.44 -6.70 24.73
N ASN C 47 17.14 -6.90 24.44
CA ASN C 47 16.11 -6.69 25.45
C ASN C 47 16.20 -7.74 26.58
N ARG C 48 16.85 -8.88 26.30
CA ARG C 48 16.97 -9.94 27.30
C ARG C 48 17.98 -9.56 28.40
N VAL C 49 19.10 -8.93 28.00
CA VAL C 49 20.11 -8.53 28.97
C VAL C 49 19.82 -7.11 29.51
N ARG C 50 19.29 -6.24 28.64
CA ARG C 50 18.98 -4.87 29.05
C ARG C 50 17.49 -4.58 28.84
N GLN C 51 16.97 -3.57 29.55
CA GLN C 51 15.56 -3.21 29.43
C GLN C 51 15.41 -1.87 28.70
C1 QOJ D . -4.17 16.12 -13.38
N1 QOJ D . -5.13 13.72 -13.62
C2 QOJ D . -4.34 17.48 -12.90
N2 QOJ D . 4.31 11.50 -21.74
C3 QOJ D . -5.49 17.89 -12.18
N3 QOJ D . 6.00 12.21 -25.80
C4 QOJ D . -6.56 16.99 -11.91
N4 QOJ D . -8.78 14.94 -11.39
C5 QOJ D . -5.17 15.08 -13.19
C6 QOJ D . -6.45 15.54 -12.40
C7 QOJ D . -7.55 14.54 -12.14
C8 QOJ D . -7.40 13.12 -12.64
C9 QOJ D . -6.21 12.75 -13.35
C10 QOJ D . 3.94 11.89 -24.24
C11 QOJ D . 3.36 11.64 -22.80
C12 QOJ D . 5.77 11.59 -21.94
C13 QOJ D . 6.35 11.81 -23.23
C14 QOJ D . 5.43 11.97 -24.44
C15 QOJ D . 2.96 12.04 -25.43
C16 QOJ D . 1.57 11.96 -25.18
C17 QOJ D . 1.06 11.72 -23.87
C18 QOJ D . 1.91 11.57 -22.72
C19 QOJ D . 3.81 11.27 -20.38
C20 QOJ D . 3.24 12.60 -19.81
C21 QOJ D . 1.91 12.35 -19.08
C22 QOJ D . 1.57 13.54 -18.18
C23 QOJ D . 0.32 13.25 -17.30
C24 QOJ D . -0.75 14.33 -17.53
C25 QOJ D . -1.77 14.32 -16.36
C26 QOJ D . -2.88 13.27 -16.63
C27 QOJ D . -4.14 13.63 -15.84
C28 QOJ D . -3.95 13.26 -14.36
C29 QOJ D . 6.84 11.47 -20.96
C30 QOJ D . -6.29 11.34 -13.73
C31 QOJ D . -7.61 10.81 -13.23
C32 QOJ D . -8.28 11.98 -12.54
C33 QOJ D . 8.16 11.63 -21.70
C34 QOJ D . 7.79 11.85 -23.14
H11 QOJ D . -3.26 15.88 -13.92
H21 QOJ D . -3.55 18.19 -13.08
H31 QOJ D . -5.57 18.92 -11.83
HN32 QOJ D . 5.40 12.31 -26.57
HN31 QOJ D . 6.97 12.27 -25.92
H41 QOJ D . -7.43 17.34 -11.36
HN42 QOJ D . -8.88 15.86 -11.07
HN41 QOJ D . -9.49 14.29 -11.23
H151 QOJ D . 3.33 12.22 -26.43
H161 QOJ D . 0.88 12.06 -26.01
H171 QOJ D . -0.01 11.66 -23.73
H181 QOJ D . 1.47 11.39 -21.75
H192 QOJ D . 3.04 10.52 -20.43
H191 QOJ D . 4.61 10.93 -19.74
H202 QOJ D . 3.95 13.02 -19.13
H201 QOJ D . 3.07 13.29 -20.63
H212 QOJ D . 1.12 12.22 -19.81
H211 QOJ D . 1.99 11.45 -18.49
H222 QOJ D . 2.42 13.73 -17.53
H221 QOJ D . 1.40 14.41 -18.80
H232 QOJ D . -0.09 12.28 -17.56
H231 QOJ D . 0.61 13.25 -16.27
H241 QOJ D . -1.26 14.14 -18.45
H242 QOJ D . -0.27 15.30 -17.56
H251 QOJ D . -2.22 15.30 -16.27
H252 QOJ D . -1.27 14.07 -15.44
H262 QOJ D . -3.12 13.27 -17.69
H261 QOJ D . -2.53 12.30 -16.33
H271 QOJ D . -4.98 13.09 -16.24
H272 QOJ D . -4.33 14.69 -15.92
H281 QOJ D . -3.06 13.74 -13.98
H282 QOJ D . -3.86 12.19 -14.27
H291 QOJ D . 6.80 10.50 -20.48
H292 QOJ D . 6.76 12.25 -20.23
H301 QOJ D . -5.47 10.80 -13.29
H302 QOJ D . -6.26 11.25 -14.81
H311 QOJ D . -7.45 10.00 -12.53
H312 QOJ D . -8.22 10.48 -14.04
H322 QOJ D . -9.21 12.21 -13.02
H321 QOJ D . -8.46 11.73 -11.50
H332 QOJ D . 8.70 12.48 -21.32
H331 QOJ D . 8.75 10.73 -21.58
H342 QOJ D . 8.14 12.81 -23.48
H341 QOJ D . 8.24 11.07 -23.76
C1 QOJ E . -6.37 -1.14 -18.45
N1 QOJ E . -7.38 0.92 -17.22
C2 QOJ E . -5.38 -1.67 -19.34
N2 QOJ E . -15.80 -7.28 -18.18
C3 QOJ E . -4.36 -0.87 -19.93
N3 QOJ E . -18.27 -7.28 -21.90
C4 QOJ E . -4.28 0.53 -19.67
N4 QOJ E . -4.24 3.50 -19.02
C5 QOJ E . -6.44 0.26 -18.09
C6 QOJ E . -5.32 1.17 -18.73
C7 QOJ E . -5.29 2.65 -18.43
C8 QOJ E . -6.34 3.23 -17.50
C9 QOJ E . -7.34 2.38 -16.93
C10 QOJ E . -16.90 -5.98 -20.08
C11 QOJ E . -16.04 -6.00 -18.78
C12 QOJ E . -16.31 -8.55 -18.75
C13 QOJ E . -17.12 -8.58 -19.94
C14 QOJ E . -17.44 -7.28 -20.66
C15 QOJ E . -17.20 -4.63 -20.77
C16 QOJ E . -16.69 -3.44 -20.20
C17 QOJ E . -15.89 -3.47 -19.01
C18 QOJ E . -15.59 -4.70 -18.32
C19 QOJ E . -14.99 -7.34 -16.97
C20 QOJ E . -13.50 -7.14 -17.32
C21 QOJ E . -12.84 -6.12 -16.35
C22 QOJ E . -11.34 -6.09 -16.61
C23 QOJ E . -10.71 -4.84 -15.98
C24 QOJ E . -11.14 -3.57 -16.76
C25 QOJ E . -10.01 -2.53 -16.80
C26 QOJ E . -10.58 -1.12 -17.03
C27 QOJ E . -9.50 -0.20 -17.64
C28 QOJ E . -8.43 0.13 -16.60
C29 QOJ E . -16.15 -9.91 -18.26
C30 QOJ E . -8.22 3.17 -16.09
C31 QOJ E . -7.74 4.60 -16.13
C32 QOJ E . -6.54 4.60 -17.04
C33 QOJ E . -16.88 -10.84 -19.20
C34 QOJ E . -17.49 -9.94 -20.26
H11 QOJ E . -7.11 -1.82 -18.03
H21 QOJ E . -5.39 -2.74 -19.57
H31 QOJ E . -3.63 -1.32 -20.60
HN32 QOJ E . -18.47 -6.43 -22.35
HN31 QOJ E . -18.60 -8.13 -22.26
H41 QOJ E . -3.51 1.12 -20.13
HN42 QOJ E . -3.57 3.12 -19.62
HN41 QOJ E . -4.22 4.46 -18.82
H151 QOJ E . -17.80 -4.59 -21.66
H161 QOJ E . -16.89 -2.49 -20.67
H171 QOJ E . -15.52 -2.55 -18.60
H181 QOJ E . -14.98 -4.66 -17.42
H192 QOJ E . -15.33 -6.57 -16.28
H191 QOJ E . -15.11 -8.31 -16.49
H202 QOJ E . -12.99 -8.08 -17.24
H201 QOJ E . -13.43 -6.77 -18.33
H212 QOJ E . -13.26 -5.13 -16.53
H211 QOJ E . -13.03 -6.41 -15.34
H222 QOJ E . -10.88 -6.97 -16.18
H221 QOJ E . -11.15 -6.10 -17.67
H232 QOJ E . -11.03 -4.75 -14.96
H231 QOJ E . -9.64 -4.93 -16.01
H241 QOJ E . -12.01 -3.14 -16.28
H242 QOJ E . -11.40 -3.83 -17.78
H251 QOJ E . -9.32 -2.78 -17.60
H252 QOJ E . -9.47 -2.56 -15.86
H262 QOJ E . -11.42 -1.16 -17.69
H261 QOJ E . -10.89 -0.70 -16.07
H271 QOJ E . -9.97 0.71 -17.98
H272 QOJ E . -9.04 -0.71 -18.48
H281 QOJ E . -8.00 -0.80 -16.23
H282 QOJ E . -8.87 0.67 -15.78
H291 QOJ E . -16.55 -9.98 -17.26
H292 QOJ E . -15.11 -10.18 -18.24
H301 QOJ E . -8.18 2.79 -15.07
H302 QOJ E . -9.22 3.12 -16.46
H311 QOJ E . -7.46 4.93 -15.14
H312 QOJ E . -8.50 5.24 -16.55
H322 QOJ E . -6.72 5.22 -17.89
H321 QOJ E . -5.66 4.95 -16.50
H332 QOJ E . -16.20 -11.53 -19.65
H331 QOJ E . -17.66 -11.37 -18.67
H342 QOJ E . -17.10 -10.20 -21.23
H341 QOJ E . -18.56 -10.05 -20.26
C1 QOJ F . -19.83 6.21 -9.13
N1 QOJ F . -17.55 6.02 -10.35
C2 QOJ F . -21.05 5.59 -8.70
N2 QOJ F . -17.69 14.58 -5.91
C3 QOJ F . -21.35 4.20 -8.96
N3 QOJ F . -21.84 15.65 -4.70
C4 QOJ F . -20.43 3.39 -9.67
N4 QOJ F . -18.36 1.74 -11.21
C5 QOJ F . -18.80 5.52 -9.87
C6 QOJ F . -19.10 4.00 -10.17
C7 QOJ F . -18.09 3.17 -10.92
C8 QOJ F . -16.80 3.81 -11.38
C9 QOJ F . -16.56 5.20 -11.09
C10 QOJ F . -19.26 15.78 -4.29
C11 QOJ F . -17.80 15.39 -4.73
C12 QOJ F . -18.84 14.11 -6.69
C13 QOJ F . -20.19 14.43 -6.32
C14 QOJ F . -20.45 15.30 -5.10
C15 QOJ F . -19.46 16.67 -3.04
C16 QOJ F . -18.33 17.10 -2.31
C17 QOJ F . -17.00 16.73 -2.72
C18 QOJ F . -16.74 15.92 -3.88
C19 QOJ F . -16.36 14.19 -6.36
C20 QOJ F . -15.95 12.87 -5.70
C21 QOJ F . -14.79 12.24 -6.47
C22 QOJ F . -14.48 10.85 -5.91
C23 QOJ F . -13.16 10.34 -6.49
C24 QOJ F . -13.36 9.91 -7.96
C25 QOJ F . -14.15 8.58 -8.04
C26 QOJ F . -15.31 8.70 -9.05
C27 QOJ F . -16.25 7.50 -8.92
C28 QOJ F . -17.20 7.42 -10.11
C29 QOJ F . -18.86 13.28 -7.88
C30 QOJ F . -15.27 5.58 -11.64
C31 QOJ F . -14.67 4.37 -12.30
C32 QOJ F . -15.68 3.27 -12.12
C33 QOJ F . -20.30 13.09 -8.29
C34 QOJ F . -21.12 13.85 -7.27
H11 QOJ F . -19.69 7.26 -8.89
H21 QOJ F . -21.79 6.18 -8.16
H31 QOJ F . -22.28 3.78 -8.62
HN32 QOJ F . -21.99 16.21 -3.91
HN31 QOJ F . -22.60 15.34 -5.23
H41 QOJ F . -20.66 2.35 -9.86
HN42 QOJ F . -19.20 1.32 -10.91
HN41 QOJ F . -17.70 1.20 -11.71
H151 QOJ F . -20.45 16.95 -2.72
H161 QOJ F . -18.46 17.71 -1.43
H171 QOJ F . -16.16 17.09 -2.14
H181 QOJ F . -15.72 15.68 -4.14
H192 QOJ F . -16.36 14.07 -7.44
H191 QOJ F . -15.64 14.95 -6.09
H202 QOJ F . -15.63 13.06 -4.68
H201 QOJ F . -16.79 12.20 -5.69
H212 QOJ F . -15.07 12.16 -7.52
H211 QOJ F . -13.91 12.87 -6.39
H222 QOJ F . -14.41 10.91 -4.84
H221 QOJ F . -15.28 10.17 -6.18
H232 QOJ F . -12.42 11.13 -6.44
H231 QOJ F . -12.82 9.49 -5.92
H241 QOJ F . -12.39 9.77 -8.42
H242 QOJ F . -13.89 10.69 -8.49
H251 QOJ F . -14.56 8.32 -7.08
H252 QOJ F . -13.49 7.79 -8.38
H262 QOJ F . -15.85 9.61 -8.85
H261 QOJ F . -14.92 8.74 -10.05
H271 QOJ F . -16.83 7.60 -8.01
H272 QOJ F . -15.65 6.59 -8.86
H281 QOJ F . -16.70 7.81 -11.00
H282 QOJ F . -18.08 8.00 -9.92
H291 QOJ F . -18.40 12.33 -7.68
H292 QOJ F . -18.33 13.77 -8.68
H301 QOJ F . -14.63 5.93 -10.83
H302 QOJ F . -15.39 6.37 -12.36
H311 QOJ F . -13.72 4.12 -11.83
H312 QOJ F . -14.51 4.56 -13.35
H322 QOJ F . -16.02 2.91 -13.07
H321 QOJ F . -15.23 2.45 -11.57
H332 QOJ F . -20.48 13.50 -9.27
H331 QOJ F . -20.55 12.03 -8.28
H342 QOJ F . -21.69 14.63 -7.74
H341 QOJ F . -21.79 13.16 -6.76
N LEU A 1 -7.35 18.03 -20.87
CA LEU A 1 -7.41 17.10 -19.70
C LEU A 1 -7.59 15.66 -20.22
N LEU A 2 -6.48 15.06 -20.67
CA LEU A 2 -6.47 13.67 -21.19
C LEU A 2 -7.69 13.34 -22.08
N GLU A 3 -7.78 12.07 -22.52
CA GLU A 3 -8.89 11.62 -23.39
C GLU A 3 -8.63 10.19 -23.88
N LEU A 4 -9.56 9.66 -24.69
CA LEU A 4 -9.42 8.30 -25.21
C LEU A 4 -8.12 8.16 -26.01
N ASP A 5 -7.82 9.20 -26.78
CA ASP A 5 -6.60 9.22 -27.61
C ASP A 5 -5.34 9.44 -26.75
N LYS A 6 -5.52 10.05 -25.59
CA LYS A 6 -4.40 10.34 -24.69
C LYS A 6 -3.80 9.05 -24.13
N TRP A 7 -4.65 8.14 -23.68
CA TRP A 7 -4.18 6.87 -23.12
C TRP A 7 -3.45 6.04 -24.17
N ALA A 8 -3.98 6.06 -25.40
CA ALA A 8 -3.37 5.27 -26.48
C ALA A 8 -2.05 5.88 -26.95
N SER A 9 -2.06 7.20 -27.18
CA SER A 9 -0.85 7.88 -27.61
C SER A 9 0.25 7.71 -26.55
N LEU A 10 -0.16 7.62 -25.29
CA LEU A 10 0.77 7.47 -24.19
C LEU A 10 1.67 6.24 -24.36
N TRP A 11 1.22 5.21 -25.09
CA TRP A 11 2.04 4.01 -25.26
C TRP A 11 3.28 4.29 -26.13
N ASN A 12 3.35 5.47 -26.77
CA ASN A 12 4.51 5.78 -27.61
C ASN A 12 5.79 5.83 -26.76
N TRP A 13 5.76 6.55 -25.63
CA TRP A 13 6.94 6.62 -24.73
C TRP A 13 6.71 5.74 -23.49
N PHE A 14 5.43 5.46 -23.17
CA PHE A 14 5.06 4.62 -22.02
C PHE A 14 5.91 4.91 -20.75
N ASP A 15 6.51 6.10 -20.67
CA ASP A 15 7.32 6.45 -19.51
C ASP A 15 6.48 6.50 -18.22
N ILE A 16 5.38 7.27 -18.25
CA ILE A 16 4.53 7.41 -17.07
C ILE A 16 3.79 6.09 -16.76
N THR A 17 3.43 5.33 -17.81
CA THR A 17 2.70 4.08 -17.60
C THR A 17 3.49 3.13 -16.70
N ASN A 18 4.82 3.12 -16.86
CA ASN A 18 5.64 2.26 -16.02
C ASN A 18 5.47 2.67 -14.55
N TRP A 19 5.44 3.99 -14.32
CA TRP A 19 5.28 4.53 -12.97
C TRP A 19 3.85 4.35 -12.40
N LEU A 20 2.79 4.67 -13.17
CA LEU A 20 1.42 4.60 -12.63
C LEU A 20 0.74 3.24 -12.86
N TRP A 21 1.03 2.58 -13.98
CA TRP A 21 0.40 1.28 -14.25
C TRP A 21 0.98 0.18 -13.35
N TYR A 22 2.09 0.47 -12.64
CA TYR A 22 2.71 -0.51 -11.75
C TYR A 22 2.52 -0.10 -10.28
N ILE A 23 2.45 1.22 -10.03
CA ILE A 23 2.26 1.73 -8.67
C ILE A 23 0.94 1.20 -8.09
N ARG A 24 -0.15 1.22 -8.88
CA ARG A 24 -1.44 0.73 -8.38
C ARG A 24 -1.38 -0.76 -8.02
N ILE A 25 -0.83 -1.58 -8.92
CA ILE A 25 -0.72 -3.03 -8.65
C ILE A 25 0.21 -3.32 -7.45
N PHE A 26 1.36 -2.64 -7.39
CA PHE A 26 2.33 -2.86 -6.31
C PHE A 26 1.69 -2.74 -4.91
N ILE A 27 0.62 -1.94 -4.78
CA ILE A 27 -0.01 -1.75 -3.47
C ILE A 27 -0.45 -3.10 -2.88
N ILE A 28 -1.14 -3.92 -3.67
CA ILE A 28 -1.58 -5.24 -3.16
C ILE A 28 -0.36 -6.07 -2.70
N ILE A 29 0.74 -6.05 -3.48
CA ILE A 29 1.93 -6.83 -3.10
C ILE A 29 2.47 -6.37 -1.73
N VAL A 30 2.58 -5.06 -1.50
CA VAL A 30 3.11 -4.58 -0.20
C VAL A 30 2.14 -4.87 0.97
N GLY A 31 1.00 -5.54 0.70
CA GLY A 31 0.06 -5.88 1.78
C GLY A 31 0.49 -7.19 2.41
N SER A 32 0.44 -8.28 1.64
CA SER A 32 0.87 -9.59 2.16
C SER A 32 2.27 -9.50 2.79
N LEU A 33 3.05 -8.51 2.34
CA LEU A 33 4.41 -8.31 2.86
C LEU A 33 4.38 -8.17 4.40
N ILE A 34 3.30 -7.61 4.92
CA ILE A 34 3.17 -7.39 6.36
C ILE A 34 3.13 -8.74 7.15
N GLY A 35 2.51 -9.79 6.57
CA GLY A 35 2.41 -11.07 7.29
C GLY A 35 3.74 -11.84 7.38
N LEU A 36 4.39 -12.15 6.24
CA LEU A 36 5.67 -12.88 6.31
C LEU A 36 6.70 -12.07 7.12
N ARG A 37 6.63 -10.73 7.06
CA ARG A 37 7.52 -9.87 7.82
C ARG A 37 7.55 -10.27 9.30
N ILE A 38 6.40 -10.71 9.80
CA ILE A 38 6.27 -11.10 11.21
C ILE A 38 7.25 -12.26 11.55
N VAL A 39 7.40 -13.22 10.64
CA VAL A 39 8.29 -14.36 10.90
C VAL A 39 9.72 -13.90 11.25
N PHE A 40 10.13 -12.73 10.75
CA PHE A 40 11.48 -12.21 11.04
C PHE A 40 11.71 -12.12 12.54
N ALA A 41 10.67 -11.79 13.29
CA ALA A 41 10.79 -11.67 14.74
C ALA A 41 11.34 -12.95 15.37
N VAL A 42 10.96 -14.11 14.81
CA VAL A 42 11.44 -15.40 15.34
C VAL A 42 12.98 -15.49 15.28
N LEU A 43 13.58 -14.88 14.25
CA LEU A 43 15.04 -14.88 14.08
C LEU A 43 15.71 -14.12 15.25
N SER A 44 14.97 -13.19 15.87
CA SER A 44 15.52 -12.40 16.98
C SER A 44 16.00 -13.31 18.11
N LEU A 45 15.18 -14.31 18.45
CA LEU A 45 15.55 -15.26 19.51
C LEU A 45 16.77 -16.08 19.04
N VAL A 46 16.75 -16.46 17.77
CA VAL A 46 17.84 -17.23 17.17
C VAL A 46 19.16 -16.44 17.25
N ASN A 47 19.06 -15.11 17.25
CA ASN A 47 20.24 -14.26 17.31
C ASN A 47 21.04 -14.44 18.62
N ARG A 48 20.49 -15.20 19.58
CA ARG A 48 21.17 -15.41 20.85
C ARG A 48 22.37 -16.36 20.67
N VAL A 49 22.13 -17.45 19.94
CA VAL A 49 23.21 -18.43 19.69
C VAL A 49 23.99 -18.05 18.42
N ARG A 50 23.27 -17.52 17.41
CA ARG A 50 23.90 -17.11 16.14
C ARG A 50 25.00 -18.09 15.68
N GLN A 51 24.70 -19.40 15.73
CA GLN A 51 25.67 -20.42 15.30
C GLN A 51 26.23 -20.11 13.91
N LEU B 1 -10.44 2.24 -26.36
CA LEU B 1 -9.48 2.14 -25.21
C LEU B 1 -10.07 2.82 -23.99
N LEU B 2 -10.82 3.92 -24.20
CA LEU B 2 -11.43 4.64 -23.08
C LEU B 2 -12.78 5.24 -23.52
N GLU B 3 -13.80 5.10 -22.67
CA GLU B 3 -15.12 5.63 -23.00
C GLU B 3 -16.03 5.57 -21.76
N LEU B 4 -16.80 6.64 -21.53
CA LEU B 4 -17.70 6.67 -20.37
C LEU B 4 -18.64 5.45 -20.37
N ASP B 5 -18.79 4.80 -21.52
CA ASP B 5 -19.64 3.60 -21.62
C ASP B 5 -18.98 2.42 -20.92
N LYS B 6 -17.65 2.38 -20.94
CA LYS B 6 -16.91 1.29 -20.30
C LYS B 6 -17.02 1.35 -18.79
N TRP B 7 -16.86 2.54 -18.22
CA TRP B 7 -16.95 2.70 -16.76
C TRP B 7 -18.36 2.42 -16.25
N ALA B 8 -19.36 2.85 -17.01
CA ALA B 8 -20.76 2.65 -16.60
C ALA B 8 -21.17 1.19 -16.72
N SER B 9 -20.65 0.50 -17.74
CA SER B 9 -20.96 -0.92 -17.92
C SER B 9 -20.61 -1.69 -16.64
N LEU B 10 -19.58 -1.23 -15.92
CA LEU B 10 -19.14 -1.89 -14.69
C LEU B 10 -20.23 -1.87 -13.61
N TRP B 11 -21.28 -1.04 -13.78
CA TRP B 11 -22.35 -0.96 -12.77
C TRP B 11 -23.19 -2.25 -12.72
N ASN B 12 -23.28 -2.97 -13.85
CA ASN B 12 -24.10 -4.18 -13.88
C ASN B 12 -23.57 -5.26 -12.92
N TRP B 13 -22.26 -5.52 -12.96
CA TRP B 13 -21.66 -6.56 -12.09
C TRP B 13 -20.91 -5.94 -10.90
N PHE B 14 -20.50 -4.68 -11.02
CA PHE B 14 -19.80 -3.98 -9.92
C PHE B 14 -18.57 -4.75 -9.37
N ASP B 15 -18.15 -5.85 -10.02
CA ASP B 15 -17.01 -6.61 -9.49
C ASP B 15 -15.72 -5.79 -9.51
N ILE B 16 -15.34 -5.22 -10.66
CA ILE B 16 -14.11 -4.41 -10.72
C ILE B 16 -14.25 -3.10 -9.93
N THR B 17 -15.46 -2.55 -9.90
CA THR B 17 -15.69 -1.28 -9.21
C THR B 17 -15.33 -1.38 -7.73
N ASN B 18 -15.79 -2.44 -7.06
CA ASN B 18 -15.50 -2.62 -5.63
C ASN B 18 -13.98 -2.80 -5.41
N TRP B 19 -13.37 -3.67 -6.21
CA TRP B 19 -11.94 -3.93 -6.08
C TRP B 19 -11.11 -2.68 -6.42
N LEU B 20 -11.54 -1.91 -7.43
CA LEU B 20 -10.79 -0.72 -7.83
C LEU B 20 -11.19 0.54 -7.03
N TRP B 21 -12.38 0.53 -6.40
CA TRP B 21 -12.81 1.71 -5.63
C TRP B 21 -12.59 1.55 -4.12
N TYR B 22 -11.87 0.50 -3.69
CA TYR B 22 -11.61 0.31 -2.25
C TYR B 22 -10.11 0.06 -1.99
N ILE B 23 -9.30 0.03 -3.05
CA ILE B 23 -7.87 -0.21 -2.91
C ILE B 23 -7.15 0.96 -2.22
N ARG B 24 -7.48 2.20 -2.61
CA ARG B 24 -6.83 3.38 -2.00
C ARG B 24 -7.01 3.36 -0.47
N ILE B 25 -8.25 3.12 -0.03
CA ILE B 25 -8.55 3.06 1.40
C ILE B 25 -7.80 1.87 2.04
N PHE B 26 -7.71 0.76 1.31
CA PHE B 26 -7.07 -0.45 1.83
C PHE B 26 -5.66 -0.16 2.38
N ILE B 27 -4.87 0.71 1.73
CA ILE B 27 -3.53 1.02 2.25
C ILE B 27 -3.63 1.61 3.65
N ILE B 28 -4.64 2.45 3.91
CA ILE B 28 -4.78 3.06 5.23
C ILE B 28 -4.92 1.95 6.28
N ILE B 29 -5.72 0.91 5.96
CA ILE B 29 -5.88 -0.22 6.88
C ILE B 29 -4.52 -0.95 6.97
N VAL B 30 -3.86 -1.13 5.81
CA VAL B 30 -2.55 -1.81 5.80
C VAL B 30 -1.45 -0.96 6.50
N GLY B 31 -1.80 0.26 6.98
CA GLY B 31 -0.83 1.11 7.66
C GLY B 31 -0.84 0.86 9.17
N SER B 32 -2.04 0.79 9.76
CA SER B 32 -2.15 0.55 11.20
C SER B 32 -1.38 -0.71 11.62
N LEU B 33 -1.29 -1.68 10.70
CA LEU B 33 -0.57 -2.92 10.98
C LEU B 33 0.91 -2.65 11.28
N ILE B 34 1.50 -1.67 10.58
CA ILE B 34 2.91 -1.37 10.79
C ILE B 34 3.17 -0.98 12.26
N GLY B 35 2.18 -0.32 12.89
CA GLY B 35 2.31 0.09 14.28
C GLY B 35 2.28 -1.12 15.22
N LEU B 36 1.45 -2.12 14.87
CA LEU B 36 1.31 -3.32 15.71
C LEU B 36 2.68 -4.00 15.94
N ARG B 37 3.59 -3.91 14.96
CA ARG B 37 4.92 -4.51 15.10
C ARG B 37 5.59 -4.12 16.43
N ILE B 38 5.29 -2.91 16.93
CA ILE B 38 5.93 -2.44 18.18
C ILE B 38 5.60 -3.40 19.36
N VAL B 39 4.33 -3.75 19.55
CA VAL B 39 3.95 -4.65 20.66
C VAL B 39 4.54 -6.06 20.47
N PHE B 40 4.74 -6.48 19.22
CA PHE B 40 5.27 -7.83 18.96
C PHE B 40 6.59 -8.07 19.70
N ALA B 41 7.34 -7.00 19.96
CA ALA B 41 8.62 -7.14 20.69
C ALA B 41 8.38 -7.80 22.04
N VAL B 42 7.29 -7.41 22.70
CA VAL B 42 6.95 -8.00 24.01
C VAL B 42 6.63 -9.49 23.83
N LEU B 43 5.88 -9.80 22.76
CA LEU B 43 5.52 -11.20 22.48
C LEU B 43 6.79 -12.03 22.22
N SER B 44 7.76 -11.44 21.52
CA SER B 44 9.00 -12.17 21.23
C SER B 44 9.69 -12.63 22.51
N LEU B 45 9.58 -11.83 23.58
CA LEU B 45 10.19 -12.19 24.86
C LEU B 45 9.52 -13.44 25.44
N VAL B 46 8.18 -13.49 25.35
CA VAL B 46 7.44 -14.65 25.87
C VAL B 46 7.77 -15.93 25.07
N ASN B 47 8.35 -15.77 23.87
CA ASN B 47 8.70 -16.93 23.04
C ASN B 47 9.70 -17.85 23.75
N ARG B 48 10.50 -17.28 24.66
CA ARG B 48 11.51 -18.07 25.38
C ARG B 48 10.84 -18.97 26.43
N VAL B 49 9.79 -18.46 27.07
CA VAL B 49 9.09 -19.24 28.11
C VAL B 49 8.07 -20.20 27.46
N ARG B 50 7.43 -19.74 26.36
CA ARG B 50 6.46 -20.58 25.66
C ARG B 50 6.53 -20.36 24.15
N GLN B 51 6.60 -21.45 23.39
CA GLN B 51 6.67 -21.34 21.93
C GLN B 51 5.30 -21.02 21.35
N LEU C 1 -20.68 9.76 -18.08
CA LEU C 1 -20.40 9.48 -16.65
C LEU C 1 -19.09 10.14 -16.24
N LEU C 2 -17.99 9.73 -16.88
CA LEU C 2 -16.67 10.30 -16.58
C LEU C 2 -15.90 10.59 -17.87
N GLU C 3 -15.34 11.79 -17.98
CA GLU C 3 -14.58 12.17 -19.18
C GLU C 3 -13.83 13.50 -18.97
N LEU C 4 -13.18 13.98 -20.03
CA LEU C 4 -12.41 15.23 -19.94
C LEU C 4 -13.27 16.37 -19.39
N ASP C 5 -14.57 16.33 -19.67
CA ASP C 5 -15.48 17.37 -19.19
C ASP C 5 -15.69 17.29 -17.68
N LYS C 6 -15.82 16.07 -17.17
CA LYS C 6 -16.04 15.88 -15.73
C LYS C 6 -14.78 16.24 -14.94
N TRP C 7 -13.62 15.78 -15.42
CA TRP C 7 -12.36 16.05 -14.73
C TRP C 7 -12.11 17.55 -14.62
N ALA C 8 -12.33 18.28 -15.72
CA ALA C 8 -12.10 19.72 -15.72
C ALA C 8 -13.08 20.45 -14.79
N SER C 9 -14.35 20.03 -14.81
CA SER C 9 -15.36 20.67 -13.96
C SER C 9 -14.96 20.62 -12.49
N LEU C 10 -14.24 19.57 -12.09
CA LEU C 10 -13.80 19.41 -10.71
C LEU C 10 -12.71 20.42 -10.30
N TRP C 11 -12.23 21.22 -11.26
CA TRP C 11 -11.16 22.19 -10.95
C TRP C 11 -11.65 23.37 -10.11
N ASN C 12 -12.97 23.60 -9.98
CA ASN C 12 -13.41 24.76 -9.20
C ASN C 12 -12.95 24.64 -7.74
N TRP C 13 -13.21 23.49 -7.08
CA TRP C 13 -12.76 23.33 -5.67
C TRP C 13 -11.47 22.46 -5.47
N PHE C 14 -11.10 21.54 -6.41
CA PHE C 14 -9.87 20.71 -6.28
C PHE C 14 -9.57 20.14 -4.88
N ASP C 15 -10.48 20.23 -3.90
CA ASP C 15 -10.17 19.67 -2.58
C ASP C 15 -10.01 18.14 -2.67
N ILE C 16 -11.02 17.46 -3.21
CA ILE C 16 -10.96 16.02 -3.38
C ILE C 16 -9.93 15.62 -4.46
N THR C 17 -9.74 16.50 -5.45
CA THR C 17 -8.81 16.22 -6.54
C THR C 17 -7.41 15.96 -6.01
N ASN C 18 -7.01 16.75 -5.00
CA ASN C 18 -5.68 16.56 -4.41
C ASN C 18 -5.58 15.14 -3.83
N TRP C 19 -6.61 14.73 -3.09
CA TRP C 19 -6.63 13.38 -2.50
C TRP C 19 -6.48 12.32 -3.60
N LEU C 20 -7.12 12.55 -4.75
CA LEU C 20 -7.05 11.59 -5.86
C LEU C 20 -5.73 11.71 -6.65
N TRP C 21 -4.86 12.68 -6.30
CA TRP C 21 -3.60 12.82 -7.04
C TRP C 21 -2.44 13.29 -6.15
N TYR C 22 -2.31 12.70 -4.95
CA TYR C 22 -1.21 13.05 -4.04
C TYR C 22 -1.04 11.95 -3.01
N ILE C 23 -2.16 11.44 -2.49
CA ILE C 23 -2.11 10.36 -1.52
C ILE C 23 -1.32 9.17 -2.13
N ARG C 24 -1.50 8.94 -3.44
CA ARG C 24 -0.77 7.86 -4.11
C ARG C 24 0.73 8.03 -3.90
N ILE C 25 1.21 9.28 -3.98
CA ILE C 25 2.62 9.57 -3.76
C ILE C 25 3.00 9.13 -2.33
N PHE C 26 2.08 9.41 -1.40
CA PHE C 26 2.25 9.06 0.00
C PHE C 26 2.23 7.54 0.18
N ILE C 27 1.53 6.84 -0.71
CA ILE C 27 1.38 5.39 -0.63
C ILE C 27 2.75 4.67 -0.64
N ILE C 28 3.65 5.10 -1.52
CA ILE C 28 4.97 4.46 -1.60
C ILE C 28 5.69 4.55 -0.25
N ILE C 29 5.60 5.71 0.40
CA ILE C 29 6.25 5.91 1.71
C ILE C 29 5.75 4.83 2.71
N VAL C 30 4.44 4.54 2.69
CA VAL C 30 3.90 3.55 3.65
C VAL C 30 4.42 2.11 3.37
N GLY C 31 4.70 1.75 2.11
CA GLY C 31 5.19 0.39 1.83
C GLY C 31 6.55 0.14 2.50
N SER C 32 7.53 1.02 2.25
CA SER C 32 8.87 0.85 2.84
C SER C 32 8.85 0.89 4.38
N LEU C 33 7.83 1.54 4.94
CA LEU C 33 7.75 1.65 6.41
C LEU C 33 7.82 0.28 7.10
N ILE C 34 7.30 -0.76 6.44
CA ILE C 34 7.32 -2.10 7.06
C ILE C 34 8.75 -2.67 7.09
N GLY C 35 9.59 -2.24 6.15
CA GLY C 35 10.97 -2.74 6.07
C GLY C 35 11.82 -2.34 7.30
N LEU C 36 11.90 -1.04 7.60
CA LEU C 36 12.73 -0.56 8.72
C LEU C 36 12.31 -1.16 10.08
N ARG C 37 11.01 -1.38 10.30
CA ARG C 37 10.54 -1.93 11.57
C ARG C 37 11.29 -3.20 11.99
N ILE C 38 11.68 -4.06 11.04
CA ILE C 38 12.36 -5.30 11.41
C ILE C 38 13.66 -4.99 12.18
N VAL C 39 14.40 -3.97 11.74
CA VAL C 39 15.65 -3.59 12.44
C VAL C 39 15.33 -3.28 13.92
N PHE C 40 14.11 -2.82 14.19
CA PHE C 40 13.68 -2.52 15.57
C PHE C 40 13.84 -3.75 16.47
N ALA C 41 13.60 -4.92 15.89
CA ALA C 41 13.66 -6.18 16.64
C ALA C 41 15.02 -6.36 17.34
N VAL C 42 16.11 -5.90 16.73
CA VAL C 42 17.44 -6.07 17.36
C VAL C 42 17.46 -5.38 18.73
N LEU C 43 16.70 -4.29 18.88
CA LEU C 43 16.65 -3.56 20.15
C LEU C 43 16.17 -4.50 21.28
N SER C 44 15.33 -5.48 20.93
CA SER C 44 14.83 -6.43 21.94
C SER C 44 16.00 -7.15 22.62
N LEU C 45 17.03 -7.48 21.84
CA LEU C 45 18.21 -8.15 22.41
C LEU C 45 18.80 -7.28 23.53
N VAL C 46 18.66 -5.96 23.40
CA VAL C 46 19.18 -5.02 24.41
C VAL C 46 18.29 -5.00 25.66
N ASN C 47 17.06 -5.51 25.54
CA ASN C 47 16.12 -5.52 26.66
C ASN C 47 16.66 -6.33 27.85
N ARG C 48 17.59 -7.26 27.59
CA ARG C 48 18.15 -8.08 28.68
C ARG C 48 19.33 -7.37 29.38
N VAL C 49 19.72 -6.19 28.89
CA VAL C 49 20.84 -5.45 29.50
C VAL C 49 20.32 -4.27 30.33
N ARG C 50 19.23 -3.63 29.85
CA ARG C 50 18.66 -2.49 30.58
C ARG C 50 17.19 -2.73 30.89
N GLN C 51 16.57 -1.78 31.61
CA GLN C 51 15.14 -1.87 31.98
C GLN C 51 14.74 -3.30 32.39
C1 QOJ D . -3.68 15.28 -14.81
N1 QOJ D . -4.80 12.94 -14.75
C2 QOJ D . -3.64 16.65 -14.32
N2 QOJ D . 3.76 13.14 -21.90
C3 QOJ D . -4.56 17.15 -13.35
N3 QOJ D . 3.39 15.05 -25.91
C4 QOJ D . -5.58 16.32 -12.81
N4 QOJ D . -7.71 14.40 -11.71
C5 QOJ D . -4.65 14.31 -14.35
C6 QOJ D . -5.67 14.84 -13.28
C7 QOJ D . -6.74 13.92 -12.72
C8 QOJ D . -6.79 12.49 -13.22
C9 QOJ D . -5.84 12.03 -14.19
C10 QOJ D . 2.47 13.41 -24.10
C11 QOJ D . 2.63 12.75 -22.67
C12 QOJ D . 4.77 14.12 -22.36
C13 QOJ D . 4.68 14.75 -23.66
C14 QOJ D . 3.51 14.40 -24.56
C15 QOJ D . 1.28 13.02 -24.99
C16 QOJ D . 0.33 12.08 -24.50
C17 QOJ D . 0.48 11.48 -23.20
C18 QOJ D . 1.57 11.80 -22.32
C19 QOJ D . 3.96 12.56 -20.57
C20 QOJ D . 3.35 13.49 -19.51
C21 QOJ D . 1.85 13.20 -19.31
C22 QOJ D . 1.41 13.61 -17.89
C23 QOJ D . -0.10 13.84 -17.84
C24 QOJ D . -0.85 12.50 -17.78
C25 QOJ D . -0.65 11.81 -16.41
C26 QOJ D . -1.85 10.91 -16.04
C27 QOJ D . -2.77 11.60 -15.01
C28 QOJ D . -3.88 12.37 -15.73
C29 QOJ D . 5.96 14.61 -21.69
C30 QOJ D . -6.10 10.64 -14.51
C31 QOJ D . -7.28 10.20 -13.66
C32 QOJ D . -7.69 11.40 -12.86
C33 QOJ D . 6.64 15.60 -22.61
C34 QOJ D . 5.78 15.66 -23.85
H11 QOJ D . -2.95 14.98 -15.54
H21 QOJ D . -2.88 17.32 -14.72
H31 QOJ D . -4.50 18.17 -13.03
HN32 QOJ D . 2.63 14.82 -26.49
HN31 QOJ D . 4.07 15.69 -26.21
H41 QOJ D . -6.27 16.70 -12.07
HN42 QOJ D . -7.67 15.34 -11.39
HN41 QOJ D . -8.39 13.81 -11.35
H151 QOJ D . 1.15 13.46 -25.97
H161 QOJ D . -0.51 11.81 -25.12
H171 QOJ D . -0.26 10.77 -22.87
H181 QOJ D . 1.62 11.32 -21.37
H192 QOJ D . 3.48 11.59 -20.52
H191 QOJ D . 5.01 12.45 -20.39
H202 QOJ D . 3.88 13.34 -18.58
H201 QOJ D . 3.48 14.51 -19.82
H212 QOJ D . 1.28 13.76 -20.04
H211 QOJ D . 1.66 12.15 -19.45
H222 QOJ D . 1.67 12.82 -17.20
H221 QOJ D . 1.92 14.52 -17.60
H232 QOJ D . -0.34 14.43 -16.97
H231 QOJ D . -0.41 14.38 -18.72
H241 QOJ D . -0.49 11.86 -18.56
H242 QOJ D . -1.91 12.69 -17.93
H251 QOJ D . -0.51 12.57 -15.64
H252 QOJ D . 0.25 11.21 -16.46
H262 QOJ D . -2.41 10.67 -16.94
H261 QOJ D . -1.47 9.99 -15.61
H271 QOJ D . -2.20 12.28 -14.41
H272 QOJ D . -3.22 10.85 -14.38
H281 QOJ D . -4.42 11.69 -16.38
H282 QOJ D . -3.45 13.16 -16.33
H291 QOJ D . 6.62 13.78 -21.47
H292 QOJ D . 5.68 15.11 -20.78
H301 QOJ D . -5.23 10.04 -14.27
H302 QOJ D . -6.34 10.53 -15.54
H311 QOJ D . -6.99 9.38 -13.02
H312 QOJ D . -8.09 9.88 -14.30
H322 QOJ D . -8.70 11.68 -13.11
H321 QOJ D . -7.61 11.18 -11.81
H332 QOJ D . 6.68 16.57 -22.15
H331 QOJ D . 7.64 15.26 -22.85
H342 QOJ D . 5.41 16.65 -23.99
H341 QOJ D . 6.38 15.36 -24.71
C1 QOJ E . -7.38 0.29 -21.77
N1 QOJ E . -7.87 1.69 -19.64
C2 QOJ E . -6.43 -0.13 -22.78
N2 QOJ E . -17.05 -6.43 -19.35
C3 QOJ E . -5.08 0.33 -22.80
N3 QOJ E . -20.69 -8.17 -21.23
C4 QOJ E . -4.59 1.24 -21.83
N4 QOJ E . -3.67 3.19 -19.65
C5 QOJ E . -7.03 1.21 -20.70
C6 QOJ E . -5.54 1.72 -20.71
C7 QOJ E . -5.07 2.69 -19.65
C8 QOJ E . -6.05 3.14 -18.58
C9 QOJ E . -7.40 2.64 -18.60
C10 QOJ E . -19.02 -8.05 -19.24
C11 QOJ E . -17.73 -7.43 -18.58
C12 QOJ E . -17.50 -5.97 -20.69
C13 QOJ E . -18.67 -6.52 -21.31
C14 QOJ E . -19.47 -7.59 -20.59
C15 QOJ E . -19.81 -9.13 -18.47
C16 QOJ E . -19.36 -9.54 -17.19
C17 QOJ E . -18.19 -8.97 -16.61
C18 QOJ E . -17.39 -7.95 -17.27
C19 QOJ E . -15.85 -5.80 -18.81
C20 QOJ E . -14.61 -6.39 -19.47
C21 QOJ E . -13.39 -5.52 -19.11
C22 QOJ E . -13.38 -4.23 -19.95
C23 QOJ E . -11.95 -3.66 -20.06
C24 QOJ E . -11.45 -3.20 -18.68
C25 QOJ E . -10.18 -2.34 -18.83
C26 QOJ E . -10.56 -0.84 -18.98
C27 QOJ E . -9.34 0.05 -18.62
C28 QOJ E . -9.26 1.26 -19.57
C29 QOJ E . -16.92 -4.97 -21.56
C30 QOJ E . -8.13 3.21 -17.49
C31 QOJ E . -7.19 4.10 -16.72
C32 QOJ E . -5.88 4.03 -17.45
C33 QOJ E . -17.77 -4.89 -22.80
C34 QOJ E . -18.88 -5.90 -22.61
H11 QOJ E . -8.38 -0.10 -21.82
H21 QOJ E . -6.77 -0.82 -23.55
H31 QOJ E . -4.42 -0.01 -23.59
HN32 QOJ E . -21.20 -8.85 -20.76
HN31 QOJ E . -20.98 -7.85 -22.12
H41 QOJ E . -3.57 1.57 -21.86
HN42 QOJ E . -3.04 2.89 -20.34
HN41 QOJ E . -3.37 3.81 -18.95
H151 QOJ E . -20.70 -9.57 -18.89
H161 QOJ E . -19.91 -10.28 -16.64
H171 QOJ E . -17.87 -9.31 -15.62
H181 QOJ E . -16.53 -7.57 -16.74
H192 QOJ E . -15.89 -4.73 -19.00
H191 QOJ E . -15.79 -5.95 -17.75
H202 QOJ E . -14.45 -7.39 -19.11
H201 QOJ E . -14.73 -6.40 -20.53
H212 QOJ E . -13.43 -5.26 -18.06
H211 QOJ E . -12.48 -6.08 -19.29
H222 QOJ E . -13.75 -4.45 -20.95
H221 QOJ E . -14.03 -3.49 -19.49
H232 QOJ E . -11.29 -4.42 -20.45
H231 QOJ E . -11.96 -2.81 -20.73
H241 QOJ E . -11.21 -4.07 -18.08
H242 QOJ E . -12.22 -2.63 -18.18
H251 QOJ E . -9.62 -2.65 -19.71
H252 QOJ E . -9.56 -2.46 -17.95
H262 QOJ E . -10.87 -0.66 -20.00
H261 QOJ E . -11.37 -0.62 -18.31
H271 QOJ E . -8.42 -0.52 -18.70
H272 QOJ E . -9.45 0.41 -17.62
H281 QOJ E . -9.87 2.06 -19.19
H282 QOJ E . -9.60 0.97 -20.55
H291 QOJ E . -15.90 -5.26 -21.82
H292 QOJ E . -16.90 -4.01 -21.08
H301 QOJ E . -8.50 2.41 -16.84
H302 QOJ E . -8.96 3.78 -17.85
H311 QOJ E . -7.09 3.77 -15.70
H312 QOJ E . -7.56 5.13 -16.73
H322 QOJ E . -5.60 5.01 -17.82
H321 QOJ E . -5.11 3.66 -16.78
H332 QOJ E . -18.19 -3.91 -22.91
H331 QOJ E . -17.18 -5.14 -23.68
H342 QOJ E . -19.83 -5.40 -22.61
H341 QOJ E . -18.85 -6.63 -23.40
C1 QOJ F . -17.61 7.63 -8.63
N1 QOJ F . -15.47 7.10 -10.02
C2 QOJ F . -19.02 7.41 -8.41
N2 QOJ F . -18.74 17.35 -6.68
C3 QOJ F . -19.79 6.51 -9.21
N3 QOJ F . -20.96 20.53 -4.48
C4 QOJ F . -19.20 5.78 -10.27
N4 QOJ F . -17.79 4.28 -12.55
C5 QOJ F . -16.86 6.97 -9.68
C6 QOJ F . -17.70 5.98 -10.57
C7 QOJ F . -17.02 5.22 -11.70
C8 QOJ F . -15.55 5.45 -11.95
C9 QOJ F . -14.82 6.37 -11.12
C10 QOJ F . -18.86 19.00 -4.74
C11 QOJ F . -18.09 17.88 -5.53
C12 QOJ F . -20.08 17.81 -7.15
C13 QOJ F . -20.81 18.83 -6.46
C14 QOJ F . -20.22 19.46 -5.21
C15 QOJ F . -18.20 19.61 -3.47
C16 QOJ F . -16.93 19.15 -3.06
C17 QOJ F . -16.24 18.13 -3.80
C18 QOJ F . -16.80 17.51 -4.98
C19 QOJ F . -18.07 16.31 -7.45
C20 QOJ F . -18.22 14.96 -6.76
C21 QOJ F . -17.31 13.93 -7.44
C22 QOJ F . -15.84 14.13 -6.99
C23 QOJ F . -14.88 13.74 -8.11
C24 QOJ F . -14.79 12.20 -8.21
C25 QOJ F . -14.05 11.81 -9.49
C26 QOJ F . -13.67 10.33 -9.44
C27 QOJ F . -14.90 9.45 -9.71
C28 QOJ F . -14.66 8.02 -9.22
C29 QOJ F . -20.84 17.36 -8.30
C30 QOJ F . -13.43 6.40 -11.56
C31 QOJ F . -13.28 5.46 -12.73
C32 QOJ F . -14.66 4.87 -12.94
C33 QOJ F . -22.13 18.15 -8.32
C34 QOJ F . -22.07 19.07 -7.14
H11 QOJ F . -17.08 8.33 -7.99
H21 QOJ F . -19.50 7.95 -7.60
H31 QOJ F . -20.83 6.38 -8.99
HN32 QOJ F . -20.57 20.93 -3.68
HN31 QOJ F . -21.84 20.82 -4.81
H41 QOJ F . -19.80 5.10 -10.86
HN42 QOJ F . -18.75 4.13 -12.38
HN41 QOJ F . -17.35 3.79 -13.27
H151 QOJ F . -18.71 20.39 -2.91
H161 QOJ F . -16.47 19.58 -2.18
H171 QOJ F . -15.27 17.80 -3.45
H181 QOJ F . -16.22 16.75 -5.48
H192 QOJ F . -18.48 16.27 -8.45
H191 QOJ F . -17.02 16.55 -7.51
H202 QOJ F . -17.95 15.05 -5.72
H201 QOJ F . -19.25 14.64 -6.83
H212 QOJ F . -17.63 12.93 -7.16
H211 QOJ F . -17.38 14.04 -8.51
H222 QOJ F . -15.67 15.17 -6.73
H221 QOJ F . -15.66 13.52 -6.12
H232 QOJ F . -15.23 14.13 -9.05
H231 QOJ F . -13.90 14.13 -7.90
H241 QOJ F . -15.78 11.79 -8.22
H242 QOJ F . -14.25 11.82 -7.34
H251 QOJ F . -13.16 12.41 -9.59
H252 QOJ F . -14.69 11.99 -10.35
H262 QOJ F . -12.92 10.13 -10.19
H261 QOJ F . -13.26 10.09 -8.47
H271 QOJ F . -15.11 9.44 -10.77
H272 QOJ F . -15.76 9.86 -9.18
H281 QOJ F . -14.93 7.94 -8.18
H282 QOJ F . -13.61 7.77 -9.33
H291 QOJ F . -21.05 16.31 -8.20
H292 QOJ F . -20.29 17.55 -9.20
H301 QOJ F . -12.78 6.09 -10.74
H302 QOJ F . -13.17 7.40 -11.87
H311 QOJ F . -12.57 4.68 -12.49
H312 QOJ F . -12.98 5.99 -13.61
H322 QOJ F . -15.02 5.12 -13.93
H321 QOJ F . -14.61 3.79 -12.84
H332 QOJ F . -22.19 18.72 -9.24
H331 QOJ F . -22.98 17.48 -8.24
H342 QOJ F . -22.10 20.10 -7.46
H341 QOJ F . -22.90 18.88 -6.48
N LEU A 1 -7.65 19.22 -18.26
CA LEU A 1 -8.87 18.38 -18.22
C LEU A 1 -8.56 16.99 -18.78
N LEU A 2 -9.44 16.02 -18.55
CA LEU A 2 -9.23 14.66 -19.05
C LEU A 2 -10.02 14.40 -20.32
N GLU A 3 -9.54 13.45 -21.13
CA GLU A 3 -10.21 13.10 -22.37
C GLU A 3 -9.70 11.74 -22.87
N LEU A 4 -10.49 11.08 -23.73
CA LEU A 4 -10.08 9.78 -24.25
C LEU A 4 -8.78 9.89 -25.04
N ASP A 5 -8.65 10.95 -25.81
CA ASP A 5 -7.46 11.17 -26.62
C ASP A 5 -6.26 11.57 -25.74
N LYS A 6 -6.55 12.15 -24.57
CA LYS A 6 -5.49 12.57 -23.65
C LYS A 6 -4.69 11.36 -23.15
N TRP A 7 -5.40 10.26 -22.86
CA TRP A 7 -4.73 9.06 -22.38
C TRP A 7 -3.89 8.40 -23.49
N ALA A 8 -4.50 8.19 -24.65
CA ALA A 8 -3.80 7.55 -25.77
C ALA A 8 -2.65 8.42 -26.28
N SER A 9 -2.81 9.75 -26.19
CA SER A 9 -1.73 10.65 -26.62
C SER A 9 -0.44 10.33 -25.87
N LEU A 10 -0.58 9.88 -24.62
CA LEU A 10 0.58 9.55 -23.79
C LEU A 10 1.32 8.27 -24.25
N TRP A 11 0.76 7.59 -25.25
CA TRP A 11 1.32 6.34 -25.76
C TRP A 11 2.66 6.50 -26.50
N ASN A 12 3.22 7.71 -26.65
CA ASN A 12 4.48 7.82 -27.42
C ASN A 12 5.62 7.04 -26.76
N TRP A 13 5.83 7.23 -25.46
CA TRP A 13 6.89 6.48 -24.73
C TRP A 13 6.28 5.36 -23.87
N PHE A 14 4.94 5.38 -23.71
CA PHE A 14 4.22 4.38 -22.90
C PHE A 14 4.90 4.05 -21.57
N ASP A 15 5.80 4.92 -21.08
CA ASP A 15 6.47 4.67 -19.81
C ASP A 15 5.46 4.68 -18.66
N ILE A 16 4.68 5.78 -18.58
CA ILE A 16 3.69 5.92 -17.52
C ILE A 16 2.52 4.92 -17.67
N THR A 17 2.21 4.51 -18.91
CA THR A 17 1.10 3.56 -19.12
C THR A 17 1.38 2.29 -18.33
N ASN A 18 2.64 1.85 -18.35
CA ASN A 18 3.03 0.66 -17.59
C ASN A 18 2.86 0.91 -16.08
N TRP A 19 3.12 2.17 -15.68
CA TRP A 19 3.01 2.55 -14.28
C TRP A 19 1.53 2.56 -13.83
N LEU A 20 0.68 3.13 -14.67
CA LEU A 20 -0.74 3.23 -14.35
C LEU A 20 -1.44 1.86 -14.34
N TRP A 21 -0.71 0.77 -14.65
CA TRP A 21 -1.35 -0.55 -14.66
C TRP A 21 -0.49 -1.64 -13.99
N TYR A 22 0.74 -1.86 -14.48
CA TYR A 22 1.59 -2.92 -13.93
C TYR A 22 2.14 -2.56 -12.54
N ILE A 23 2.56 -1.31 -12.36
CA ILE A 23 3.08 -0.87 -11.08
C ILE A 23 1.95 -0.88 -10.02
N ARG A 24 0.73 -0.50 -10.43
CA ARG A 24 -0.41 -0.48 -9.51
C ARG A 24 -0.60 -1.85 -8.83
N ILE A 25 -0.59 -2.93 -9.62
CA ILE A 25 -0.77 -4.28 -9.06
C ILE A 25 0.33 -4.61 -8.01
N PHE A 26 1.60 -4.27 -8.31
CA PHE A 26 2.70 -4.60 -7.41
C PHE A 26 2.44 -4.11 -5.96
N ILE A 27 1.67 -3.02 -5.80
CA ILE A 27 1.39 -2.49 -4.46
C ILE A 27 0.73 -3.56 -3.55
N ILE A 28 -0.16 -4.38 -4.09
CA ILE A 28 -0.82 -5.40 -3.27
C ILE A 28 0.24 -6.32 -2.62
N ILE A 29 1.26 -6.72 -3.38
CA ILE A 29 2.32 -7.57 -2.85
C ILE A 29 3.09 -6.80 -1.75
N VAL A 30 3.36 -5.51 -1.98
CA VAL A 30 4.11 -4.71 -1.00
C VAL A 30 3.32 -4.48 0.32
N GLY A 31 2.13 -5.08 0.45
CA GLY A 31 1.34 -4.93 1.68
C GLY A 31 1.28 -6.26 2.47
N SER A 32 1.83 -7.34 1.88
CA SER A 32 1.83 -8.65 2.54
C SER A 32 3.06 -8.82 3.43
N LEU A 33 4.18 -8.22 3.01
CA LEU A 33 5.44 -8.35 3.76
C LEU A 33 5.25 -7.96 5.22
N ILE A 34 4.37 -7.00 5.50
CA ILE A 34 4.12 -6.57 6.90
C ILE A 34 3.76 -7.81 7.76
N GLY A 35 3.04 -8.79 7.18
CA GLY A 35 2.71 -10.01 7.91
C GLY A 35 3.97 -10.87 8.05
N LEU A 36 4.71 -10.97 6.94
CA LEU A 36 5.95 -11.75 6.91
C LEU A 36 6.92 -11.24 8.00
N ARG A 37 6.94 -9.92 8.20
CA ARG A 37 7.79 -9.29 9.22
C ARG A 37 7.60 -9.97 10.59
N ILE A 38 6.39 -10.41 10.88
CA ILE A 38 6.09 -11.02 12.18
C ILE A 38 6.99 -12.26 12.44
N VAL A 39 7.18 -13.13 11.44
CA VAL A 39 8.05 -14.32 11.65
C VAL A 39 9.52 -13.91 11.86
N PHE A 40 9.92 -12.77 11.28
CA PHE A 40 11.31 -12.29 11.41
C PHE A 40 11.70 -12.16 12.88
N ALA A 41 10.73 -11.78 13.71
CA ALA A 41 10.99 -11.60 15.14
C ALA A 41 11.58 -12.87 15.77
N VAL A 42 11.14 -14.05 15.30
CA VAL A 42 11.65 -15.31 15.83
C VAL A 42 13.18 -15.42 15.62
N LEU A 43 13.64 -14.95 14.46
CA LEU A 43 15.08 -14.99 14.13
C LEU A 43 15.90 -14.17 15.15
N SER A 44 15.29 -13.12 15.72
CA SER A 44 16.01 -12.29 16.70
C SER A 44 16.39 -13.10 17.95
N LEU A 45 15.55 -14.09 18.30
CA LEU A 45 15.81 -14.92 19.48
C LEU A 45 17.11 -15.71 19.31
N VAL A 46 17.37 -16.21 18.10
CA VAL A 46 18.59 -17.00 17.86
C VAL A 46 19.82 -16.11 17.58
N ASN A 47 19.59 -14.80 17.39
CA ASN A 47 20.71 -13.88 17.11
C ASN A 47 21.68 -13.79 18.30
N ARG A 48 21.21 -14.08 19.52
CA ARG A 48 22.08 -13.99 20.70
C ARG A 48 23.06 -15.19 20.80
N VAL A 49 22.76 -16.30 20.10
CA VAL A 49 23.64 -17.49 20.15
C VAL A 49 24.47 -17.64 18.87
N ARG A 50 24.72 -16.54 18.16
CA ARG A 50 25.52 -16.62 16.93
C ARG A 50 27.01 -16.53 17.24
N GLN A 51 27.85 -17.12 16.38
CA GLN A 51 29.30 -17.10 16.60
C GLN A 51 29.79 -15.66 16.77
N LEU B 1 -7.40 4.50 -23.14
CA LEU B 1 -8.63 5.21 -23.59
C LEU B 1 -9.78 4.89 -22.63
N LEU B 2 -10.47 5.94 -22.14
CA LEU B 2 -11.58 5.74 -21.20
C LEU B 2 -12.87 6.39 -21.72
N GLU B 3 -14.02 5.87 -21.28
CA GLU B 3 -15.30 6.43 -21.71
C GLU B 3 -16.35 6.29 -20.61
N LEU B 4 -17.26 7.28 -20.51
CA LEU B 4 -18.32 7.24 -19.50
C LEU B 4 -19.11 5.94 -19.60
N ASP B 5 -19.36 5.52 -20.83
CA ASP B 5 -20.11 4.29 -21.08
C ASP B 5 -19.32 3.05 -20.66
N LYS B 6 -18.00 3.11 -20.85
CA LYS B 6 -17.14 1.95 -20.51
C LYS B 6 -17.10 1.74 -18.99
N TRP B 7 -16.96 2.83 -18.24
CA TRP B 7 -16.91 2.72 -16.77
C TRP B 7 -18.19 2.08 -16.25
N ALA B 8 -19.33 2.60 -16.71
CA ALA B 8 -20.62 2.08 -16.26
C ALA B 8 -20.74 0.57 -16.46
N SER B 9 -20.11 0.05 -17.51
CA SER B 9 -20.17 -1.40 -17.76
C SER B 9 -19.61 -2.16 -16.55
N LEU B 10 -18.62 -1.57 -15.88
CA LEU B 10 -18.01 -2.20 -14.70
C LEU B 10 -19.05 -2.45 -13.60
N TRP B 11 -20.21 -1.79 -13.67
CA TRP B 11 -21.24 -1.95 -12.65
C TRP B 11 -21.87 -3.35 -12.69
N ASN B 12 -21.69 -4.09 -13.80
CA ASN B 12 -22.29 -5.42 -13.90
C ASN B 12 -21.36 -6.53 -13.37
N TRP B 13 -20.06 -6.23 -13.22
CA TRP B 13 -19.10 -7.25 -12.76
C TRP B 13 -19.04 -7.35 -11.23
N PHE B 14 -19.43 -6.27 -10.52
CA PHE B 14 -19.44 -6.26 -9.05
C PHE B 14 -18.04 -6.52 -8.41
N ASP B 15 -17.55 -7.78 -8.47
CA ASP B 15 -16.27 -8.13 -7.84
C ASP B 15 -15.11 -7.21 -8.21
N ILE B 16 -14.88 -7.01 -9.51
CA ILE B 16 -13.76 -6.14 -9.93
C ILE B 16 -14.06 -4.67 -9.56
N THR B 17 -15.35 -4.30 -9.51
CA THR B 17 -15.72 -2.93 -9.17
C THR B 17 -15.26 -2.58 -7.75
N ASN B 18 -15.56 -3.47 -6.80
CA ASN B 18 -15.18 -3.24 -5.41
C ASN B 18 -13.66 -3.39 -5.23
N TRP B 19 -13.08 -4.40 -5.89
CA TRP B 19 -11.65 -4.65 -5.78
C TRP B 19 -10.83 -3.47 -6.34
N LEU B 20 -11.22 -2.93 -7.50
CA LEU B 20 -10.46 -1.83 -8.10
C LEU B 20 -10.70 -0.50 -7.39
N TRP B 21 -11.88 -0.32 -6.78
CA TRP B 21 -12.17 0.95 -6.11
C TRP B 21 -11.78 0.94 -4.62
N TYR B 22 -11.23 -0.17 -4.12
CA TYR B 22 -10.84 -0.25 -2.70
C TYR B 22 -9.33 -0.50 -2.54
N ILE B 23 -8.60 -0.74 -3.64
CA ILE B 23 -7.15 -0.99 -3.53
C ILE B 23 -6.40 0.23 -2.97
N ARG B 24 -6.74 1.44 -3.44
CA ARG B 24 -6.06 2.65 -2.96
C ARG B 24 -6.41 2.91 -1.48
N ILE B 25 -7.70 2.78 -1.13
CA ILE B 25 -8.13 2.99 0.25
C ILE B 25 -7.54 1.89 1.16
N PHE B 26 -7.46 0.66 0.64
CA PHE B 26 -6.93 -0.46 1.42
C PHE B 26 -5.51 -0.15 1.93
N ILE B 27 -4.75 0.65 1.19
CA ILE B 27 -3.38 0.99 1.59
C ILE B 27 -3.38 1.68 2.94
N ILE B 28 -4.33 2.59 3.16
CA ILE B 28 -4.39 3.32 4.43
C ILE B 28 -4.56 2.32 5.58
N ILE B 29 -5.40 1.31 5.37
CA ILE B 29 -5.60 0.28 6.40
C ILE B 29 -4.27 -0.45 6.63
N VAL B 30 -3.54 -0.75 5.56
CA VAL B 30 -2.25 -1.44 5.69
C VAL B 30 -1.19 -0.52 6.34
N GLY B 31 -1.54 0.74 6.65
CA GLY B 31 -0.59 1.65 7.30
C GLY B 31 -0.62 1.47 8.81
N SER B 32 -1.81 1.62 9.41
CA SER B 32 -1.93 1.45 10.87
C SER B 32 -1.47 0.06 11.30
N LEU B 33 -1.64 -0.92 10.40
CA LEU B 33 -1.24 -2.30 10.70
C LEU B 33 0.24 -2.36 11.11
N ILE B 34 1.08 -1.50 10.51
CA ILE B 34 2.50 -1.50 10.85
C ILE B 34 2.76 -0.88 12.24
N GLY B 35 1.89 0.03 12.68
CA GLY B 35 2.06 0.64 14.00
C GLY B 35 1.83 -0.38 15.10
N LEU B 36 0.81 -1.22 14.92
CA LEU B 36 0.50 -2.27 15.89
C LEU B 36 1.71 -3.18 16.15
N ARG B 37 2.55 -3.38 15.11
CA ARG B 37 3.75 -4.22 15.24
C ARG B 37 4.61 -3.82 16.44
N ILE B 38 4.58 -2.53 16.81
CA ILE B 38 5.40 -2.08 17.93
C ILE B 38 5.03 -2.84 19.22
N VAL B 39 3.72 -3.05 19.46
CA VAL B 39 3.29 -3.79 20.65
C VAL B 39 3.76 -5.25 20.60
N PHE B 40 3.92 -5.80 19.38
CA PHE B 40 4.36 -7.20 19.24
C PHE B 40 5.69 -7.44 19.99
N ALA B 41 6.50 -6.40 20.16
CA ALA B 41 7.77 -6.55 20.90
C ALA B 41 7.50 -7.22 22.26
N VAL B 42 6.37 -6.87 22.86
CA VAL B 42 5.97 -7.44 24.15
C VAL B 42 5.72 -8.95 23.99
N LEU B 43 5.05 -9.32 22.89
CA LEU B 43 4.76 -10.73 22.62
C LEU B 43 6.06 -11.56 22.48
N SER B 44 7.14 -10.92 22.02
CA SER B 44 8.40 -11.63 21.85
C SER B 44 8.87 -12.26 23.16
N LEU B 45 8.56 -11.60 24.30
CA LEU B 45 8.98 -12.13 25.60
C LEU B 45 8.25 -13.46 25.88
N VAL B 46 6.97 -13.52 25.56
CA VAL B 46 6.19 -14.75 25.78
C VAL B 46 6.73 -15.90 24.90
N ASN B 47 7.38 -15.55 23.78
CA ASN B 47 7.97 -16.57 22.89
C ASN B 47 9.14 -17.30 23.57
N ARG B 48 9.65 -16.75 24.69
CA ARG B 48 10.76 -17.36 25.41
C ARG B 48 10.25 -18.24 26.55
N VAL B 49 9.11 -17.87 27.14
CA VAL B 49 8.53 -18.65 28.24
C VAL B 49 7.62 -19.77 27.70
N ARG B 50 7.87 -20.23 26.46
CA ARG B 50 7.05 -21.28 25.87
C ARG B 50 6.92 -22.49 26.81
N GLN B 51 5.68 -22.78 27.22
CA GLN B 51 5.45 -23.91 28.12
C GLN B 51 5.26 -25.20 27.33
N LEU C 1 -21.42 9.52 -14.77
CA LEU C 1 -20.31 8.82 -14.05
C LEU C 1 -19.09 9.75 -14.01
N LEU C 2 -18.49 10.00 -15.18
CA LEU C 2 -17.31 10.87 -15.25
C LEU C 2 -17.07 11.37 -16.68
N GLU C 3 -16.46 12.55 -16.80
CA GLU C 3 -16.17 13.14 -18.11
C GLU C 3 -15.29 14.38 -17.94
N LEU C 4 -14.92 15.03 -19.05
CA LEU C 4 -14.09 16.22 -18.94
C LEU C 4 -14.81 17.31 -18.16
N ASP C 5 -16.14 17.33 -18.28
CA ASP C 5 -16.93 18.34 -17.57
C ASP C 5 -16.88 18.12 -16.07
N LYS C 6 -16.87 16.84 -15.65
CA LYS C 6 -16.82 16.53 -14.22
C LYS C 6 -15.44 16.89 -13.66
N TRP C 7 -14.40 16.55 -14.42
CA TRP C 7 -13.03 16.82 -13.99
C TRP C 7 -12.72 18.33 -14.02
N ALA C 8 -12.96 18.96 -15.17
CA ALA C 8 -12.66 20.38 -15.34
C ALA C 8 -13.44 21.25 -14.32
N SER C 9 -14.69 20.88 -14.03
CA SER C 9 -15.49 21.64 -13.07
C SER C 9 -14.85 21.61 -11.67
N LEU C 10 -14.20 20.50 -11.34
CA LEU C 10 -13.57 20.34 -10.02
C LEU C 10 -12.31 21.22 -9.86
N TRP C 11 -11.90 21.91 -10.94
CA TRP C 11 -10.71 22.75 -10.86
C TRP C 11 -10.91 23.98 -9.96
N ASN C 12 -12.14 24.21 -9.46
CA ASN C 12 -12.39 25.39 -8.62
C ASN C 12 -11.93 25.20 -7.15
N TRP C 13 -12.32 24.08 -6.47
CA TRP C 13 -11.89 23.93 -5.04
C TRP C 13 -10.52 23.19 -4.85
N PHE C 14 -10.05 22.35 -5.80
CA PHE C 14 -8.75 21.66 -5.65
C PHE C 14 -8.57 20.83 -4.34
N ASP C 15 -9.47 20.93 -3.34
CA ASP C 15 -9.26 20.16 -2.10
C ASP C 15 -9.29 18.65 -2.34
N ILE C 16 -10.38 18.14 -2.93
CA ILE C 16 -10.47 16.71 -3.23
C ILE C 16 -9.49 16.31 -4.35
N THR C 17 -9.26 17.24 -5.29
CA THR C 17 -8.38 16.96 -6.42
C THR C 17 -6.97 16.59 -5.93
N ASN C 18 -6.50 17.28 -4.89
CA ASN C 18 -5.17 16.97 -4.35
C ASN C 18 -5.11 15.52 -3.89
N TRP C 19 -6.13 15.10 -3.13
CA TRP C 19 -6.19 13.72 -2.66
C TRP C 19 -6.53 12.75 -3.80
N LEU C 20 -7.27 13.23 -4.82
CA LEU C 20 -7.65 12.35 -5.94
C LEU C 20 -6.43 11.93 -6.78
N TRP C 21 -5.24 12.47 -6.44
CA TRP C 21 -4.04 12.12 -7.16
C TRP C 21 -2.88 12.04 -6.15
N TYR C 22 -1.70 11.74 -6.66
CA TYR C 22 -0.48 11.61 -5.84
C TYR C 22 -0.55 10.45 -4.83
N ILE C 23 -1.72 9.80 -4.62
CA ILE C 23 -1.78 8.69 -3.66
C ILE C 23 -0.78 7.58 -4.06
N ARG C 24 -0.63 7.35 -5.37
CA ARG C 24 0.29 6.31 -5.84
C ARG C 24 1.72 6.62 -5.41
N ILE C 25 2.16 7.86 -5.64
CA ILE C 25 3.52 8.26 -5.26
C ILE C 25 3.67 8.15 -3.74
N PHE C 26 2.66 8.62 -3.00
CA PHE C 26 2.68 8.55 -1.53
C PHE C 26 2.68 7.07 -1.08
N ILE C 27 2.09 6.20 -1.91
CA ILE C 27 1.98 4.78 -1.59
C ILE C 27 3.38 4.13 -1.38
N ILE C 28 4.38 4.53 -2.19
CA ILE C 28 5.72 3.94 -2.07
C ILE C 28 6.39 4.32 -0.74
N ILE C 29 6.26 5.59 -0.35
CA ILE C 29 6.88 6.07 0.90
C ILE C 29 6.40 5.26 2.13
N VAL C 30 5.10 4.94 2.18
CA VAL C 30 4.57 4.24 3.37
C VAL C 30 5.10 2.79 3.52
N GLY C 31 5.62 2.15 2.45
CA GLY C 31 6.10 0.77 2.59
C GLY C 31 7.59 0.67 2.95
N SER C 32 8.21 1.78 3.41
CA SER C 32 9.64 1.75 3.77
C SER C 32 9.87 1.37 5.24
N LEU C 33 8.95 1.78 6.11
CA LEU C 33 9.09 1.49 7.55
C LEU C 33 9.12 -0.02 7.84
N ILE C 34 8.39 -0.82 7.04
CA ILE C 34 8.36 -2.27 7.30
C ILE C 34 9.78 -2.84 7.25
N GLY C 35 10.59 -2.36 6.30
CA GLY C 35 11.97 -2.85 6.17
C GLY C 35 12.75 -2.60 7.47
N LEU C 36 12.76 -1.35 7.93
CA LEU C 36 13.49 -0.97 9.16
C LEU C 36 13.05 -1.80 10.38
N ARG C 37 11.78 -2.22 10.43
CA ARG C 37 11.27 -2.99 11.57
C ARG C 37 12.15 -4.20 11.93
N ILE C 38 12.73 -4.88 10.93
CA ILE C 38 13.54 -6.07 11.23
C ILE C 38 14.71 -5.70 12.16
N VAL C 39 15.37 -4.57 11.91
CA VAL C 39 16.47 -4.14 12.79
C VAL C 39 15.91 -3.84 14.20
N PHE C 40 14.64 -3.43 14.25
CA PHE C 40 13.95 -3.12 15.51
C PHE C 40 13.90 -4.34 16.44
N ALA C 41 13.78 -5.52 15.85
CA ALA C 41 13.65 -6.77 16.64
C ALA C 41 14.83 -6.95 17.62
N VAL C 42 16.04 -6.53 17.23
CA VAL C 42 17.19 -6.67 18.13
C VAL C 42 16.93 -5.89 19.44
N LEU C 43 16.18 -4.80 19.36
CA LEU C 43 15.88 -4.00 20.56
C LEU C 43 15.17 -4.87 21.61
N SER C 44 14.34 -5.81 21.16
CA SER C 44 13.61 -6.69 22.08
C SER C 44 14.60 -7.45 22.98
N LEU C 45 15.73 -7.86 22.40
CA LEU C 45 16.73 -8.59 23.18
C LEU C 45 17.17 -7.74 24.38
N VAL C 46 17.33 -6.43 24.15
CA VAL C 46 17.75 -5.50 25.22
C VAL C 46 16.61 -5.28 26.24
N ASN C 47 15.36 -5.33 25.76
CA ASN C 47 14.21 -5.12 26.65
C ASN C 47 14.14 -6.16 27.78
N ARG C 48 14.98 -7.19 27.72
CA ARG C 48 15.01 -8.24 28.74
C ARG C 48 16.30 -8.14 29.58
N VAL C 49 17.39 -7.71 28.95
CA VAL C 49 18.68 -7.59 29.66
C VAL C 49 18.76 -6.26 30.43
N ARG C 50 18.07 -5.21 29.93
CA ARG C 50 18.09 -3.91 30.60
C ARG C 50 16.67 -3.37 30.78
N GLN C 51 16.30 -3.09 32.04
CA GLN C 51 14.96 -2.56 32.33
C GLN C 51 13.88 -3.45 31.73
C1 QOJ D . -4.05 16.52 -13.90
N1 QOJ D . -5.16 14.18 -13.65
C2 QOJ D . -4.14 17.95 -13.73
N2 QOJ D . 3.92 14.00 -20.69
C3 QOJ D . -5.30 18.59 -13.19
N3 QOJ D . 2.98 12.28 -24.69
C4 QOJ D . -6.43 17.84 -12.79
N4 QOJ D . -8.80 16.08 -11.95
C5 QOJ D . -5.11 15.60 -13.53
C6 QOJ D . -6.40 16.29 -12.93
C7 QOJ D . -7.58 15.44 -12.51
C8 QOJ D . -7.50 13.94 -12.69
C9 QOJ D . -6.31 13.35 -13.23
C10 QOJ D . 3.50 11.95 -22.15
C11 QOJ D . 3.83 12.57 -20.75
C12 QOJ D . 3.72 14.87 -21.86
C13 QOJ D . 3.41 14.35 -23.16
C14 QOJ D . 3.29 12.85 -23.34
C15 QOJ D . 3.38 10.41 -22.28
C16 QOJ D . 3.58 9.61 -21.14
C17 QOJ D . 3.89 10.18 -19.86
C18 QOJ D . 4.00 11.61 -19.67
C19 QOJ D . 4.21 14.65 -19.40
C20 QOJ D . 2.92 15.18 -18.76
C21 QOJ D . 1.88 14.07 -18.60
C22 QOJ D . 0.51 14.68 -18.29
C23 QOJ D . -0.45 13.58 -17.80
C24 QOJ D . -1.90 14.04 -17.96
C25 QOJ D . -2.84 12.83 -17.80
C26 QOJ D . -3.02 12.50 -16.29
C27 QOJ D . -4.18 13.32 -15.70
C28 QOJ D . -3.99 13.48 -14.19
C29 QOJ D . 3.78 16.33 -21.94
C30 QOJ D . -6.48 11.91 -13.29
C31 QOJ D . -7.85 11.58 -12.75
C32 QOJ D . -8.46 12.91 -12.38
C33 QOJ D . 3.50 16.72 -23.37
C34 QOJ D . 3.28 15.43 -24.11
H11 QOJ D . -3.14 16.10 -14.32
H21 QOJ D . -3.31 18.56 -14.04
H31 QOJ D . -5.31 19.66 -13.10
HN32 QOJ D . 2.90 11.32 -24.81
HN31 QOJ D . 2.85 12.89 -25.45
H41 QOJ D . -7.29 18.33 -12.38
HN42 QOJ D . -8.85 17.06 -11.85
HN41 QOJ D . -9.56 15.52 -11.67
H151 QOJ D . 3.17 9.96 -23.24
H161 QOJ D . 3.49 8.53 -21.22
H171 QOJ D . 4.02 9.53 -19.02
H181 QOJ D . 4.23 11.97 -18.68
H192 QOJ D . 4.68 13.94 -18.73
H191 QOJ D . 4.88 15.47 -19.57
H202 QOJ D . 3.14 15.59 -17.79
H201 QOJ D . 2.51 15.97 -19.38
H212 QOJ D . 1.81 13.50 -19.52
H211 QOJ D . 2.17 13.41 -17.80
H222 QOJ D . 0.61 15.43 -17.52
H221 QOJ D . 0.11 15.13 -19.19
H232 QOJ D . -0.29 12.67 -18.38
H231 QOJ D . -0.24 13.37 -16.76
H241 QOJ D . -2.04 14.47 -18.94
H242 QOJ D . -2.12 14.78 -17.21
H251 QOJ D . -2.42 11.98 -18.30
H252 QOJ D . -3.80 13.07 -18.24
H262 QOJ D . -3.23 11.45 -16.19
H261 QOJ D . -2.10 12.73 -15.76
H271 QOJ D . -5.11 12.80 -15.89
H272 QOJ D . -4.21 14.30 -16.16
H281 QOJ D . -3.10 14.06 -14.00
H282 QOJ D . -3.90 12.51 -13.73
H291 QOJ D . 4.76 16.66 -21.64
H292 QOJ D . 3.04 16.77 -21.30
H301 QOJ D . -5.72 11.43 -12.69
H302 QOJ D . -6.40 11.56 -14.30
H311 QOJ D . -7.77 10.94 -11.89
H312 QOJ D . -8.46 11.11 -13.51
H322 QOJ D . -9.35 13.08 -12.95
H321 QOJ D . -8.71 12.92 -11.31
H332 QOJ D . 2.63 17.34 -23.43
H331 QOJ D . 4.35 17.25 -23.77
H342 QOJ D . 2.28 15.41 -24.53
H341 QOJ D . 4.00 15.34 -24.91
C1 QOJ E . -5.72 0.49 -22.17
N1 QOJ E . -6.44 2.10 -20.24
C2 QOJ E . -4.75 0.15 -23.19
N2 QOJ E . -12.77 -5.33 -17.87
C3 QOJ E . -3.56 0.92 -23.41
N3 QOJ E . -14.45 -7.85 -21.14
C4 QOJ E . -3.28 2.07 -22.63
N4 QOJ E . -2.76 4.52 -20.89
C5 QOJ E . -5.57 1.64 -21.29
C6 QOJ E . -4.27 2.49 -21.52
C7 QOJ E . -4.00 3.71 -20.67
C8 QOJ E . -4.99 4.09 -19.60
C9 QOJ E . -6.17 3.29 -19.42
C10 QOJ E . -14.14 -7.36 -18.60
C11 QOJ E . -13.54 -6.47 -17.45
C12 QOJ E . -12.53 -4.98 -19.28
C13 QOJ E . -13.06 -5.78 -20.35
C14 QOJ E . -13.89 -7.01 -20.04
C15 QOJ E . -14.99 -8.60 -18.23
C16 QOJ E . -15.20 -8.91 -16.86
C17 QOJ E . -14.65 -8.10 -15.82
C18 QOJ E . -13.86 -6.92 -16.10
C19 QOJ E . -12.21 -4.45 -16.85
C20 QOJ E . -13.14 -3.25 -16.67
C21 QOJ E . -12.52 -2.19 -15.75
C22 QOJ E . -11.26 -1.54 -16.40
C23 QOJ E . -10.01 -1.81 -15.55
C24 QOJ E . -8.75 -1.44 -16.33
C25 QOJ E . -8.57 0.10 -16.40
C26 QOJ E . -8.82 0.63 -17.83
C27 QOJ E . -7.52 0.57 -18.66
C28 QOJ E . -7.68 1.37 -19.96
C29 QOJ E . -11.78 -3.87 -19.84
C30 QOJ E . -6.96 3.86 -18.33
C31 QOJ E . -6.23 5.08 -17.82
C32 QOJ E . -4.98 5.20 -18.66
C33 QOJ E . -11.85 -3.99 -21.35
C34 QOJ E . -12.66 -5.22 -21.63
H11 QOJ E . -6.59 -0.13 -22.06
H21 QOJ E . -4.93 -0.72 -23.81
H31 QOJ E . -2.87 0.63 -24.18
HN32 QOJ E . -14.98 -8.63 -20.92
HN31 QOJ E . -14.28 -7.61 -22.08
H41 QOJ E . -2.38 2.64 -22.82
HN42 QOJ E . -2.13 4.27 -21.59
HN41 QOJ E . -2.59 5.32 -20.34
H151 QOJ E . -15.41 -9.23 -18.99
H161 QOJ E . -15.80 -9.76 -16.60
H171 QOJ E . -14.84 -8.35 -14.80
H181 QOJ E . -13.47 -6.35 -15.27
H192 QOJ E . -12.10 -4.98 -15.91
H191 QOJ E . -11.24 -4.10 -17.17
H202 QOJ E . -13.35 -2.81 -17.64
H201 QOJ E . -14.07 -3.59 -16.23
H212 QOJ E . -13.25 -1.42 -15.56
H211 QOJ E . -12.24 -2.66 -14.81
H222 QOJ E . -11.10 -1.94 -17.39
H221 QOJ E . -11.41 -0.48 -16.47
H232 QOJ E . -10.06 -1.21 -14.65
H231 QOJ E . -9.98 -2.86 -15.29
H241 QOJ E . -8.81 -1.85 -17.33
H242 QOJ E . -7.89 -1.87 -15.83
H251 QOJ E . -7.57 0.35 -16.10
H252 QOJ E . -9.28 0.59 -15.73
H262 QOJ E . -9.57 0.02 -18.31
H261 QOJ E . -9.16 1.64 -17.79
H271 QOJ E . -7.29 -0.46 -18.89
H272 QOJ E . -6.71 0.99 -18.07
H281 QOJ E . -8.49 2.08 -19.87
H282 QOJ E . -7.90 0.69 -20.77
H291 QOJ E . -10.75 -3.92 -19.50
H292 QOJ E . -12.22 -2.94 -19.53
H301 QOJ E . -7.07 3.13 -17.54
H302 QOJ E . -7.93 4.15 -18.70
H311 QOJ E . -5.98 4.95 -16.77
H312 QOJ E . -6.84 5.96 -17.95
H322 QOJ E . -4.98 6.13 -19.19
H321 QOJ E . -4.10 5.14 -18.01
H332 QOJ E . -12.33 -3.11 -21.76
H331 QOJ E . -10.84 -4.08 -21.76
H342 QOJ E . -13.55 -4.95 -22.18
H341 QOJ E . -12.08 -5.92 -22.20
C1 QOJ F . -18.22 7.69 -8.82
N1 QOJ F . -15.83 7.69 -9.84
C2 QOJ F . -19.49 7.04 -8.66
N2 QOJ F . -18.39 19.20 -6.09
C3 QOJ F . -19.79 5.78 -9.27
N3 QOJ F . -19.64 22.60 -3.51
C4 QOJ F . -18.84 5.12 -10.09
N4 QOJ F . -16.67 3.79 -11.82
C5 QOJ F . -17.13 7.15 -9.61
C6 QOJ F . -17.44 5.76 -10.30
C7 QOJ F . -16.39 5.10 -11.15
C8 QOJ F . -15.04 5.78 -11.32
C9 QOJ F . -14.80 7.04 -10.68
C10 QOJ F . -18.12 20.53 -3.94
C11 QOJ F . -17.70 19.33 -4.86
C12 QOJ F . -19.48 20.12 -6.53
C13 QOJ F . -19.90 21.23 -5.72
C14 QOJ F . -19.22 21.47 -4.38
C15 QOJ F . -17.41 20.74 -2.58
C16 QOJ F . -16.38 19.83 -2.20
C17 QOJ F . -16.00 18.75 -3.05
C18 QOJ F . -16.62 18.50 -4.33
C19 QOJ F . -18.03 18.12 -6.99
C20 QOJ F . -18.83 16.85 -6.64
C21 QOJ F . -18.66 15.82 -7.75
C22 QOJ F . -17.23 15.20 -7.74
C23 QOJ F . -17.23 13.82 -7.06
C24 QOJ F . -16.05 12.94 -7.60
C25 QOJ F . -16.58 11.88 -8.58
C26 QOJ F . -15.46 11.46 -9.55
C27 QOJ F . -15.82 10.11 -10.20
C28 QOJ F . -15.48 8.97 -9.23
C29 QOJ F . -20.26 20.10 -7.75
C30 QOJ F . -13.46 7.49 -11.00
C31 QOJ F . -12.82 6.45 -11.89
C32 QOJ F . -13.88 5.38 -12.08
C33 QOJ F . -21.23 21.26 -7.70
C34 QOJ F . -20.96 21.95 -6.39
H11 QOJ F . -18.06 8.64 -8.32
H21 QOJ F . -20.25 7.51 -8.04
H31 QOJ F . -20.76 5.33 -9.12
HN32 QOJ F . -19.19 22.75 -2.65
HN31 QOJ F . -20.35 23.22 -3.80
H41 QOJ F . -19.08 4.17 -10.54
HN42 QOJ F . -17.53 3.36 -11.71
HN41 QOJ F . -15.97 3.37 -12.36
H151 QOJ F . -17.69 21.55 -1.93
H161 QOJ F . -15.88 19.97 -1.26
H171 QOJ F . -15.21 18.09 -2.73
H181 QOJ F . -16.28 17.66 -4.91
H192 QOJ F . -18.25 18.40 -8.02
H191 QOJ F . -16.97 17.90 -6.90
H202 QOJ F . -18.45 16.45 -5.70
H201 QOJ F . -19.87 17.11 -6.52
H212 QOJ F . -19.40 15.02 -7.61
H211 QOJ F . -18.84 16.29 -8.70
H222 QOJ F . -16.89 15.11 -8.77
H221 QOJ F . -16.56 15.86 -7.20
H232 QOJ F . -17.11 13.94 -6.00
H231 QOJ F . -18.17 13.31 -7.25
H241 QOJ F . -15.57 12.45 -6.76
H242 QOJ F . -15.32 13.58 -8.10
H251 QOJ F . -17.40 12.28 -9.15
H252 QOJ F . -16.91 11.02 -8.02
H262 QOJ F . -15.36 12.20 -10.33
H261 QOJ F . -14.53 11.36 -9.02
H271 QOJ F . -15.27 9.98 -11.11
H272 QOJ F . -16.89 10.08 -10.42
H281 QOJ F . -16.04 9.10 -8.31
H282 QOJ F . -14.43 8.99 -9.01
H291 QOJ F . -20.80 19.17 -7.83
H292 QOJ F . -19.62 20.22 -8.61
H301 QOJ F . -12.90 7.59 -10.08
H302 QOJ F . -13.50 8.44 -11.52
H311 QOJ F . -11.93 6.04 -11.42
H312 QOJ F . -12.58 6.88 -12.85
H322 QOJ F . -14.12 5.28 -13.12
H321 QOJ F . -13.49 4.43 -11.72
H332 QOJ F . -21.05 21.94 -8.51
H331 QOJ F . -22.24 20.90 -7.75
H342 QOJ F . -20.64 22.96 -6.56
H341 QOJ F . -21.87 21.95 -5.78
N LEU A 1 -9.61 16.88 -20.90
CA LEU A 1 -9.93 16.71 -19.45
C LEU A 1 -10.10 15.22 -19.15
N LEU A 2 -9.05 14.43 -19.40
CA LEU A 2 -9.10 12.98 -19.17
C LEU A 2 -10.19 12.32 -20.01
N GLU A 3 -9.77 11.46 -20.94
CA GLU A 3 -10.73 10.78 -21.81
C GLU A 3 -10.06 9.61 -22.52
N LEU A 4 -10.86 8.75 -23.16
CA LEU A 4 -10.30 7.59 -23.87
C LEU A 4 -9.21 8.02 -24.85
N ASP A 5 -9.42 9.16 -25.50
CA ASP A 5 -8.45 9.68 -26.44
C ASP A 5 -7.21 10.23 -25.74
N LYS A 6 -7.41 10.82 -24.55
CA LYS A 6 -6.30 11.39 -23.79
C LYS A 6 -5.35 10.31 -23.28
N TRP A 7 -5.92 9.23 -22.74
CA TRP A 7 -5.11 8.14 -22.20
C TRP A 7 -4.20 7.55 -23.28
N ALA A 8 -4.77 7.35 -24.47
CA ALA A 8 -4.01 6.76 -25.58
C ALA A 8 -2.68 7.50 -25.82
N SER A 9 -2.57 8.74 -25.33
CA SER A 9 -1.33 9.50 -25.52
C SER A 9 -0.15 8.85 -24.80
N LEU A 10 -0.42 8.20 -23.66
CA LEU A 10 0.66 7.55 -22.89
C LEU A 10 1.22 6.32 -23.60
N TRP A 11 0.45 5.75 -24.53
CA TRP A 11 0.91 4.57 -25.26
C TRP A 11 2.08 4.92 -26.21
N ASN A 12 2.25 6.22 -26.49
CA ASN A 12 3.32 6.66 -27.38
C ASN A 12 4.72 6.34 -26.84
N TRP A 13 4.92 6.42 -25.51
CA TRP A 13 6.26 6.14 -24.94
C TRP A 13 6.38 4.68 -24.48
N PHE A 14 5.23 4.03 -24.19
CA PHE A 14 5.21 2.61 -23.76
C PHE A 14 5.87 2.36 -22.38
N ASP A 15 7.02 3.01 -22.10
CA ASP A 15 7.72 2.79 -20.83
C ASP A 15 6.90 3.23 -19.61
N ILE A 16 6.38 4.47 -19.60
CA ILE A 16 5.62 4.94 -18.46
C ILE A 16 4.34 4.09 -18.26
N THR A 17 3.78 3.55 -19.34
CA THR A 17 2.57 2.71 -19.20
C THR A 17 2.89 1.51 -18.31
N ASN A 18 4.09 0.97 -18.44
CA ASN A 18 4.50 -0.19 -17.62
C ASN A 18 4.61 0.19 -16.13
N TRP A 19 4.81 1.48 -15.83
CA TRP A 19 4.93 1.90 -14.44
C TRP A 19 3.57 1.83 -13.70
N LEU A 20 2.52 2.34 -14.33
CA LEU A 20 1.20 2.37 -13.68
C LEU A 20 0.36 1.14 -14.01
N TRP A 21 0.62 0.48 -15.14
CA TRP A 21 -0.18 -0.70 -15.48
C TRP A 21 0.21 -1.92 -14.62
N TYR A 22 1.18 -1.74 -13.71
CA TYR A 22 1.59 -2.85 -12.83
C TYR A 22 1.59 -2.43 -11.35
N ILE A 23 1.75 -1.12 -11.06
CA ILE A 23 1.76 -0.66 -9.67
C ILE A 23 0.48 -1.12 -8.94
N ARG A 24 -0.68 -1.11 -9.64
CA ARG A 24 -1.93 -1.54 -9.01
C ARG A 24 -1.75 -2.95 -8.45
N ILE A 25 -1.20 -3.85 -9.28
CA ILE A 25 -0.94 -5.22 -8.82
C ILE A 25 0.12 -5.20 -7.71
N PHE A 26 1.21 -4.44 -7.90
CA PHE A 26 2.26 -4.36 -6.89
C PHE A 26 1.66 -3.98 -5.51
N ILE A 27 0.60 -3.16 -5.51
CA ILE A 27 -0.03 -2.76 -4.25
C ILE A 27 -0.50 -4.01 -3.49
N ILE A 28 -1.11 -4.99 -4.19
CA ILE A 28 -1.58 -6.21 -3.51
C ILE A 28 -0.39 -6.90 -2.82
N ILE A 29 0.77 -6.96 -3.50
CA ILE A 29 1.97 -7.59 -2.94
C ILE A 29 2.36 -6.94 -1.60
N VAL A 30 2.26 -5.61 -1.53
CA VAL A 30 2.66 -4.91 -0.29
C VAL A 30 1.70 -5.24 0.88
N GLY A 31 0.66 -6.07 0.65
CA GLY A 31 -0.24 -6.45 1.72
C GLY A 31 0.34 -7.64 2.49
N SER A 32 0.95 -8.59 1.76
CA SER A 32 1.55 -9.76 2.39
C SER A 32 2.92 -9.42 3.00
N LEU A 33 3.50 -8.28 2.59
CA LEU A 33 4.82 -7.88 3.10
C LEU A 33 4.77 -7.74 4.63
N ILE A 34 3.71 -7.11 5.15
CA ILE A 34 3.58 -6.95 6.60
C ILE A 34 3.46 -8.32 7.28
N GLY A 35 2.88 -9.31 6.58
CA GLY A 35 2.78 -10.67 7.15
C GLY A 35 4.18 -11.30 7.22
N LEU A 36 5.00 -11.02 6.19
CA LEU A 36 6.38 -11.54 6.15
C LEU A 36 7.17 -11.11 7.39
N ARG A 37 6.90 -9.91 7.88
CA ARG A 37 7.54 -9.37 9.09
C ARG A 37 7.46 -10.35 10.26
N ILE A 38 6.37 -11.10 10.33
CA ILE A 38 6.12 -12.02 11.46
C ILE A 38 7.27 -13.06 11.60
N VAL A 39 7.81 -13.60 10.51
CA VAL A 39 8.91 -14.59 10.64
C VAL A 39 10.07 -14.01 11.45
N PHE A 40 10.23 -12.68 11.41
CA PHE A 40 11.33 -12.04 12.13
C PHE A 40 11.28 -12.42 13.61
N ALA A 41 10.07 -12.54 14.16
CA ALA A 41 9.92 -12.93 15.57
C ALA A 41 10.62 -14.27 15.82
N VAL A 42 10.37 -15.25 14.95
CA VAL A 42 11.02 -16.57 15.08
C VAL A 42 12.54 -16.39 14.88
N LEU A 43 12.90 -15.61 13.86
CA LEU A 43 14.30 -15.32 13.55
C LEU A 43 14.98 -14.66 14.77
N SER A 44 14.18 -14.01 15.64
CA SER A 44 14.74 -13.35 16.83
C SER A 44 15.46 -14.38 17.71
N LEU A 45 14.82 -15.54 17.89
CA LEU A 45 15.41 -16.61 18.71
C LEU A 45 16.69 -17.13 18.05
N VAL A 46 16.67 -17.19 16.73
CA VAL A 46 17.81 -17.67 15.95
C VAL A 46 19.04 -16.78 16.20
N ASN A 47 18.80 -15.49 16.37
CA ASN A 47 19.89 -14.54 16.63
C ASN A 47 20.65 -14.88 17.94
N ARG A 48 20.13 -15.83 18.73
CA ARG A 48 20.78 -16.21 19.98
C ARG A 48 22.04 -17.04 19.72
N VAL A 49 21.91 -18.02 18.82
CA VAL A 49 23.05 -18.90 18.50
C VAL A 49 23.74 -18.43 17.20
N ARG A 50 23.63 -17.12 16.88
CA ARG A 50 24.24 -16.55 15.67
C ARG A 50 25.60 -17.18 15.32
N GLN A 51 25.88 -17.30 14.02
CA GLN A 51 27.15 -17.91 13.58
C GLN A 51 28.24 -16.85 13.41
N LEU B 1 -8.35 0.90 -26.79
CA LEU B 1 -7.78 2.03 -26.01
C LEU B 1 -8.64 2.28 -24.77
N LEU B 2 -8.08 1.99 -23.59
CA LEU B 2 -8.80 2.21 -22.32
C LEU B 2 -10.21 1.58 -22.38
N GLU B 3 -11.18 2.13 -21.63
CA GLU B 3 -12.53 1.55 -21.62
C GLU B 3 -13.53 2.47 -20.87
N LEU B 4 -13.79 3.66 -21.42
CA LEU B 4 -14.71 4.59 -20.77
C LEU B 4 -16.15 4.06 -20.76
N ASP B 5 -16.56 3.48 -21.87
CA ASP B 5 -17.91 2.94 -21.98
C ASP B 5 -18.08 1.63 -21.20
N LYS B 6 -17.00 0.88 -21.07
CA LYS B 6 -17.06 -0.40 -20.37
C LYS B 6 -17.25 -0.22 -18.87
N TRP B 7 -16.83 0.93 -18.29
CA TRP B 7 -17.05 1.13 -16.84
C TRP B 7 -18.54 1.05 -16.57
N ALA B 8 -19.30 1.82 -17.35
CA ALA B 8 -20.75 1.88 -17.20
C ALA B 8 -21.39 0.54 -17.53
N SER B 9 -20.92 -0.13 -18.57
CA SER B 9 -21.44 -1.45 -18.93
C SER B 9 -21.11 -2.45 -17.83
N LEU B 10 -19.96 -2.25 -17.17
CA LEU B 10 -19.52 -3.16 -16.10
C LEU B 10 -20.36 -2.99 -14.82
N TRP B 11 -21.28 -2.01 -14.80
CA TRP B 11 -22.11 -1.81 -13.60
C TRP B 11 -23.10 -2.98 -13.39
N ASN B 12 -23.12 -3.96 -14.32
CA ASN B 12 -24.06 -5.08 -14.21
C ASN B 12 -23.50 -6.27 -13.40
N TRP B 13 -22.19 -6.28 -13.13
CA TRP B 13 -21.62 -7.42 -12.37
C TRP B 13 -21.68 -7.19 -10.85
N PHE B 14 -21.75 -5.92 -10.44
CA PHE B 14 -21.84 -5.56 -9.01
C PHE B 14 -20.62 -6.06 -8.19
N ASP B 15 -20.53 -7.37 -7.95
CA ASP B 15 -19.44 -7.93 -7.14
C ASP B 15 -18.06 -7.47 -7.60
N ILE B 16 -17.75 -7.64 -8.90
CA ILE B 16 -16.43 -7.24 -9.39
C ILE B 16 -16.28 -5.70 -9.34
N THR B 17 -17.40 -4.98 -9.54
CA THR B 17 -17.36 -3.52 -9.49
C THR B 17 -16.84 -3.07 -8.13
N ASN B 18 -17.32 -3.72 -7.07
CA ASN B 18 -16.87 -3.39 -5.72
C ASN B 18 -15.36 -3.63 -5.59
N TRP B 19 -14.87 -4.71 -6.24
CA TRP B 19 -13.44 -5.02 -6.18
C TRP B 19 -12.61 -4.00 -7.00
N LEU B 20 -13.08 -3.62 -8.20
CA LEU B 20 -12.30 -2.67 -9.00
C LEU B 20 -12.27 -1.28 -8.33
N TRP B 21 -13.02 -1.11 -7.25
CA TRP B 21 -13.04 0.13 -6.51
C TRP B 21 -12.81 -0.23 -5.04
N TYR B 22 -12.72 0.79 -4.19
CA TYR B 22 -12.47 0.60 -2.75
C TYR B 22 -11.04 0.15 -2.44
N ILE B 23 -10.32 -0.39 -3.44
CA ILE B 23 -8.94 -0.83 -3.23
C ILE B 23 -8.09 0.33 -2.69
N ARG B 24 -8.35 1.54 -3.18
CA ARG B 24 -7.60 2.71 -2.72
C ARG B 24 -7.76 2.91 -1.21
N ILE B 25 -8.99 2.79 -0.72
CA ILE B 25 -9.26 2.94 0.72
C ILE B 25 -8.62 1.76 1.48
N PHE B 26 -8.68 0.57 0.90
CA PHE B 26 -8.13 -0.62 1.55
C PHE B 26 -6.65 -0.43 1.90
N ILE B 27 -5.92 0.39 1.13
CA ILE B 27 -4.49 0.60 1.39
C ILE B 27 -4.28 1.26 2.75
N ILE B 28 -5.12 2.24 3.09
CA ILE B 28 -4.98 2.93 4.37
C ILE B 28 -5.10 1.90 5.52
N ILE B 29 -6.06 0.96 5.41
CA ILE B 29 -6.20 -0.06 6.45
C ILE B 29 -4.91 -0.90 6.49
N VAL B 30 -4.39 -1.25 5.31
CA VAL B 30 -3.15 -2.05 5.24
C VAL B 30 -1.93 -1.21 5.72
N GLY B 31 -2.13 0.07 6.09
CA GLY B 31 -1.03 0.90 6.56
C GLY B 31 -0.88 0.78 8.07
N SER B 32 -1.92 1.18 8.82
CA SER B 32 -1.88 1.08 10.29
C SER B 32 -1.50 -0.34 10.74
N LEU B 33 -1.71 -1.33 9.86
CA LEU B 33 -1.38 -2.72 10.19
C LEU B 33 0.07 -2.86 10.64
N ILE B 34 0.96 -2.03 10.08
CA ILE B 34 2.40 -2.10 10.44
C ILE B 34 2.63 -1.65 11.88
N GLY B 35 1.89 -0.62 12.31
CA GLY B 35 2.04 -0.10 13.68
C GLY B 35 1.60 -1.12 14.72
N LEU B 36 0.45 -1.77 14.50
CA LEU B 36 -0.09 -2.76 15.45
C LEU B 36 0.92 -3.90 15.72
N ARG B 37 1.62 -4.36 14.68
CA ARG B 37 2.59 -5.44 14.82
C ARG B 37 3.59 -5.22 15.97
N ILE B 38 3.93 -3.97 16.27
CA ILE B 38 4.93 -3.72 17.33
C ILE B 38 4.47 -4.28 18.68
N VAL B 39 3.18 -4.11 19.02
CA VAL B 39 2.65 -4.63 20.29
C VAL B 39 2.84 -6.15 20.40
N PHE B 40 2.86 -6.84 19.25
CA PHE B 40 3.02 -8.30 19.21
C PHE B 40 4.29 -8.77 19.95
N ALA B 41 5.29 -7.90 20.06
CA ALA B 41 6.56 -8.26 20.70
C ALA B 41 6.35 -8.95 22.06
N VAL B 42 5.34 -8.54 22.83
CA VAL B 42 5.11 -9.17 24.14
C VAL B 42 4.86 -10.68 23.95
N LEU B 43 4.18 -11.04 22.86
CA LEU B 43 3.90 -12.45 22.58
C LEU B 43 5.21 -13.18 22.22
N SER B 44 6.08 -12.52 21.45
CA SER B 44 7.36 -13.12 21.07
C SER B 44 8.19 -13.47 22.31
N LEU B 45 8.04 -12.67 23.36
CA LEU B 45 8.79 -12.92 24.63
C LEU B 45 8.40 -14.30 25.19
N VAL B 46 7.19 -14.77 24.85
CA VAL B 46 6.71 -16.07 25.33
C VAL B 46 7.10 -17.20 24.33
N ASN B 47 7.59 -16.83 23.14
CA ASN B 47 7.95 -17.83 22.13
C ASN B 47 9.13 -18.71 22.55
N ARG B 48 9.83 -18.38 23.64
CA ARG B 48 10.97 -19.20 24.06
C ARG B 48 10.50 -20.52 24.69
N VAL B 49 9.42 -20.46 25.46
CA VAL B 49 8.89 -21.67 26.12
C VAL B 49 7.82 -22.36 25.23
N ARG B 50 7.46 -21.75 24.10
CA ARG B 50 6.45 -22.34 23.21
C ARG B 50 6.89 -23.75 22.78
N GLN B 51 5.96 -24.71 22.87
CA GLN B 51 6.26 -26.08 22.48
C GLN B 51 6.68 -26.16 21.01
N LEU C 1 -19.71 7.30 -20.31
CA LEU C 1 -20.92 7.19 -19.46
C LEU C 1 -20.55 7.41 -17.98
N LEU C 2 -19.28 7.16 -17.60
CA LEU C 2 -18.90 7.33 -16.20
C LEU C 2 -18.95 8.82 -15.80
N GLU C 3 -17.88 9.60 -16.06
CA GLU C 3 -17.91 11.02 -15.67
C GLU C 3 -16.64 11.79 -16.14
N LEU C 4 -16.55 12.02 -17.45
CA LEU C 4 -15.41 12.74 -18.02
C LEU C 4 -15.40 14.20 -17.51
N ASP C 5 -16.58 14.79 -17.43
CA ASP C 5 -16.71 16.18 -16.98
C ASP C 5 -16.52 16.33 -15.47
N LYS C 6 -16.86 15.30 -14.69
CA LYS C 6 -16.73 15.39 -13.23
C LYS C 6 -15.26 15.39 -12.81
N TRP C 7 -14.39 14.74 -13.59
CA TRP C 7 -12.97 14.71 -13.25
C TRP C 7 -12.46 16.14 -13.19
N ALA C 8 -12.76 16.91 -14.23
CA ALA C 8 -12.36 18.31 -14.27
C ALA C 8 -13.07 19.08 -13.16
N SER C 9 -14.34 18.73 -12.92
CA SER C 9 -15.13 19.37 -11.86
C SER C 9 -14.50 19.10 -10.49
N LEU C 10 -13.85 17.94 -10.34
CA LEU C 10 -13.22 17.57 -9.07
C LEU C 10 -12.23 18.65 -8.61
N TRP C 11 -11.82 19.55 -9.52
CA TRP C 11 -10.88 20.62 -9.14
C TRP C 11 -11.54 21.64 -8.19
N ASN C 12 -12.88 21.62 -8.09
CA ASN C 12 -13.57 22.57 -7.21
C ASN C 12 -13.19 22.38 -5.73
N TRP C 13 -13.10 21.11 -5.27
CA TRP C 13 -12.81 20.86 -3.85
C TRP C 13 -11.30 20.97 -3.48
N PHE C 14 -10.36 20.83 -4.44
CA PHE C 14 -8.91 20.95 -4.14
C PHE C 14 -8.38 19.78 -3.30
N ASP C 15 -9.02 19.47 -2.18
CA ASP C 15 -8.55 18.38 -1.32
C ASP C 15 -8.58 17.02 -2.02
N ILE C 16 -9.74 16.62 -2.60
CA ILE C 16 -9.81 15.32 -3.26
C ILE C 16 -8.94 15.28 -4.54
N THR C 17 -8.79 16.43 -5.21
CA THR C 17 -7.99 16.48 -6.44
C THR C 17 -6.52 16.14 -6.14
N ASN C 18 -5.95 16.81 -5.14
CA ASN C 18 -4.56 16.57 -4.79
C ASN C 18 -4.37 15.18 -4.19
N TRP C 19 -5.28 14.80 -3.29
CA TRP C 19 -5.21 13.49 -2.64
C TRP C 19 -5.32 12.35 -3.69
N LEU C 20 -6.25 12.48 -4.63
CA LEU C 20 -6.44 11.45 -5.65
C LEU C 20 -5.38 11.55 -6.75
N TRP C 21 -4.94 12.77 -7.06
CA TRP C 21 -3.95 12.98 -8.11
C TRP C 21 -2.64 12.22 -7.81
N TYR C 22 -2.21 12.18 -6.54
CA TYR C 22 -0.94 11.49 -6.22
C TYR C 22 -1.13 10.39 -5.18
N ILE C 23 -2.31 9.77 -5.15
CA ILE C 23 -2.57 8.70 -4.22
C ILE C 23 -1.52 7.58 -4.36
N ARG C 24 -1.10 7.30 -5.59
CA ARG C 24 -0.11 6.25 -5.83
C ARG C 24 1.24 6.60 -5.16
N ILE C 25 1.59 7.89 -5.14
CA ILE C 25 2.85 8.32 -4.53
C ILE C 25 2.84 7.96 -3.03
N PHE C 26 1.74 8.29 -2.35
CA PHE C 26 1.62 8.02 -0.92
C PHE C 26 1.81 6.52 -0.61
N ILE C 27 1.45 5.65 -1.56
CA ILE C 27 1.59 4.21 -1.33
C ILE C 27 3.07 3.85 -1.17
N ILE C 28 3.91 4.42 -2.03
CA ILE C 28 5.35 4.14 -1.97
C ILE C 28 5.90 4.55 -0.60
N ILE C 29 5.45 5.70 -0.09
CA ILE C 29 5.90 6.18 1.23
C ILE C 29 5.60 5.10 2.27
N VAL C 30 4.42 4.47 2.18
CA VAL C 30 4.05 3.44 3.17
C VAL C 30 4.96 2.18 3.00
N GLY C 31 5.42 1.85 1.77
CA GLY C 31 6.31 0.69 1.60
C GLY C 31 7.56 0.82 2.47
N SER C 32 8.10 2.05 2.59
CA SER C 32 9.29 2.27 3.42
C SER C 32 8.92 2.33 4.91
N LEU C 33 7.66 2.68 5.22
CA LEU C 33 7.23 2.77 6.61
C LEU C 33 7.31 1.40 7.27
N ILE C 34 6.84 0.36 6.56
CA ILE C 34 6.89 -1.00 7.11
C ILE C 34 8.33 -1.42 7.39
N GLY C 35 9.26 -1.04 6.51
CA GLY C 35 10.66 -1.40 6.70
C GLY C 35 11.24 -0.87 8.03
N LEU C 36 10.81 0.34 8.43
CA LEU C 36 11.32 0.97 9.66
C LEU C 36 11.11 0.07 10.90
N ARG C 37 10.05 -0.74 10.88
CA ARG C 37 9.71 -1.63 11.98
C ARG C 37 10.89 -2.50 12.47
N ILE C 38 11.77 -2.94 11.56
CA ILE C 38 12.85 -3.86 11.94
C ILE C 38 13.78 -3.31 13.05
N VAL C 39 14.15 -2.02 13.03
CA VAL C 39 15.07 -1.51 14.08
C VAL C 39 14.47 -1.76 15.49
N PHE C 40 13.14 -1.80 15.58
CA PHE C 40 12.44 -2.04 16.85
C PHE C 40 12.73 -3.45 17.38
N ALA C 41 12.85 -4.43 16.48
CA ALA C 41 13.06 -5.81 16.91
C ALA C 41 14.28 -5.95 17.83
N VAL C 42 15.33 -5.17 17.59
CA VAL C 42 16.52 -5.24 18.46
C VAL C 42 16.13 -4.89 19.91
N LEU C 43 15.13 -4.00 20.08
CA LEU C 43 14.69 -3.61 21.43
C LEU C 43 14.23 -4.84 22.23
N SER C 44 13.68 -5.85 21.54
CA SER C 44 13.21 -7.06 22.22
C SER C 44 14.36 -7.71 22.99
N LEU C 45 15.55 -7.72 22.38
CA LEU C 45 16.72 -8.30 23.04
C LEU C 45 16.97 -7.64 24.40
N VAL C 46 16.53 -6.39 24.54
CA VAL C 46 16.71 -5.64 25.79
C VAL C 46 15.63 -6.00 26.83
N ASN C 47 14.47 -6.47 26.37
CA ASN C 47 13.38 -6.84 27.29
C ASN C 47 13.79 -7.94 28.27
N ARG C 48 14.83 -8.71 27.93
CA ARG C 48 15.29 -9.79 28.80
C ARG C 48 16.03 -9.22 30.01
N VAL C 49 16.88 -8.22 29.77
CA VAL C 49 17.67 -7.59 30.84
C VAL C 49 16.99 -6.30 31.35
N ARG C 50 15.81 -5.95 30.81
CA ARG C 50 15.10 -4.74 31.23
C ARG C 50 16.00 -3.50 31.07
N GLN C 51 15.43 -2.32 31.28
CA GLN C 51 16.20 -1.08 31.14
C GLN C 51 15.76 -0.04 32.18
C1 QOJ D . -3.49 14.09 -13.34
N1 QOJ D . -4.94 11.93 -13.26
C2 QOJ D . -3.39 15.52 -13.14
N2 QOJ D . 3.39 12.72 -20.53
C3 QOJ D . -4.49 16.31 -12.66
N3 QOJ D . 5.32 15.68 -23.23
C4 QOJ D . -5.74 15.72 -12.37
N4 QOJ D . -8.40 14.32 -11.77
C5 QOJ D . -4.71 13.34 -13.09
C6 QOJ D . -5.92 14.19 -12.57
C7 QOJ D . -7.24 13.52 -12.27
C8 QOJ D . -7.36 12.03 -12.48
C9 QOJ D . -6.24 11.29 -12.95
C10 QOJ D . 5.39 13.41 -21.96
C11 QOJ D . 4.70 12.37 -21.00
C12 QOJ D . 2.69 13.96 -20.90
C13 QOJ D . 3.29 14.94 -21.77
C14 QOJ D . 4.68 14.69 -22.33
C15 QOJ D . 6.81 13.10 -22.51
C16 QOJ D . 7.44 11.90 -22.13
C17 QOJ D . 6.81 10.95 -21.26
C18 QOJ D . 5.49 11.17 -20.72
C19 QOJ D . 2.69 11.80 -19.64
C20 QOJ D . 2.78 12.30 -18.20
C21 QOJ D . 1.74 11.58 -17.30
C22 QOJ D . 0.81 12.59 -16.60
C23 QOJ D . -0.35 12.97 -17.54
C24 QOJ D . -1.39 11.84 -17.58
C25 QOJ D . -2.33 11.93 -16.36
C26 QOJ D . -2.86 10.53 -16.00
C27 QOJ D . -4.16 10.66 -15.19
C28 QOJ D . -3.86 11.07 -13.73
C29 QOJ D . 1.38 14.44 -20.49
C30 QOJ D . -6.62 9.89 -13.08
C31 QOJ D . -8.07 9.76 -12.65
C32 QOJ D . -8.50 11.16 -12.28
C33 QOJ D . 1.14 15.78 -21.15
C34 QOJ D . 2.39 16.06 -21.95
H11 QOJ D . -2.62 13.57 -13.71
H21 QOJ D . -2.46 16.02 -13.36
H31 QOJ D . -4.36 17.38 -12.53
HN32 QOJ D . 6.20 15.51 -23.60
HN31 QOJ D . 4.84 16.50 -23.47
H41 QOJ D . -6.57 16.33 -12.02
HN42 QOJ D . -8.31 15.28 -11.65
HN41 QOJ D . -9.24 13.88 -11.59
H151 QOJ D . 7.30 13.81 -23.16
H161 QOJ D . 8.43 11.68 -22.52
H171 QOJ D . 7.33 10.05 -21.01
H181 QOJ D . 5.07 10.42 -20.07
H192 QOJ D . 1.65 11.75 -19.94
H191 QOJ D . 3.12 10.82 -19.70
H202 QOJ D . 3.78 12.12 -17.82
H201 QOJ D . 2.59 13.37 -18.19
H212 QOJ D . 1.15 10.89 -17.88
H211 QOJ D . 2.28 11.03 -16.54
H222 QOJ D . 0.41 12.14 -15.70
H221 QOJ D . 1.35 13.48 -16.34
H232 QOJ D . -0.81 13.88 -17.19
H231 QOJ D . 0.03 13.13 -18.54
H241 QOJ D . -0.88 10.88 -17.58
H242 QOJ D . -1.97 11.93 -18.48
H251 QOJ D . -3.16 12.58 -16.60
H252 QOJ D . -1.79 12.33 -15.51
H262 QOJ D . -3.07 9.98 -16.91
H261 QOJ D . -2.13 10.01 -15.42
H271 QOJ D . -4.66 9.70 -15.19
H272 QOJ D . -4.80 11.39 -15.64
H281 QOJ D . -2.91 11.58 -13.68
H282 QOJ D . -3.82 10.18 -13.12
H291 QOJ D . 1.33 14.53 -19.42
H292 QOJ D . 0.62 13.74 -20.83
H301 QOJ D . -5.98 9.28 -12.45
H302 QOJ D . -6.52 9.57 -14.09
H311 QOJ D . -8.14 9.09 -11.80
H312 QOJ D . -8.67 9.39 -13.47
H322 QOJ D . -9.30 11.47 -12.93
H321 QOJ D . -8.82 11.18 -11.25
H332 QOJ D . 0.28 15.74 -21.81
H331 QOJ D . 0.99 16.54 -20.40
H342 QOJ D . 2.15 16.15 -23.00
H341 QOJ D . 2.84 16.98 -21.60
C1 QOJ E . -5.61 -0.48 -19.75
N1 QOJ E . -6.89 0.88 -17.94
C2 QOJ E . -4.44 -0.64 -20.59
N2 QOJ E . -15.17 -7.53 -17.10
C3 QOJ E . -3.35 0.31 -20.56
N3 QOJ E . -17.58 -10.09 -19.82
C4 QOJ E . -3.37 1.43 -19.70
N4 QOJ E . -3.56 3.83 -17.80
C5 QOJ E . -5.78 0.61 -18.82
C6 QOJ E . -4.60 1.64 -18.78
C7 QOJ E . -4.66 2.84 -17.85
C8 QOJ E . -5.89 3.00 -16.97
C9 QOJ E . -6.95 2.04 -17.04
C10 QOJ E . -16.89 -9.40 -17.41
C11 QOJ E . -16.04 -8.47 -16.47
C12 QOJ E . -15.06 -7.38 -18.57
C13 QOJ E . -15.82 -8.19 -19.47
C14 QOJ E . -16.77 -9.24 -18.91
C15 QOJ E . -17.84 -10.45 -16.79
C16 QOJ E . -17.92 -10.56 -15.38
C17 QOJ E . -17.14 -9.71 -14.52
C18 QOJ E . -16.24 -8.72 -15.04
C19 QOJ E . -14.34 -6.64 -16.28
C20 QOJ E . -12.92 -7.21 -16.17
C21 QOJ E . -12.00 -6.13 -15.59
C22 QOJ E . -10.56 -6.66 -15.57
C23 QOJ E . -9.58 -5.54 -15.19
C24 QOJ E . -9.35 -4.62 -16.41
C25 QOJ E . -8.76 -3.28 -15.95
C26 QOJ E . -8.92 -2.21 -17.06
C27 QOJ E . -7.69 -1.28 -17.09
C28 QOJ E . -8.02 -0.05 -17.95
C29 QOJ E . -14.24 -6.47 -19.34
C30 QOJ E . -8.00 2.42 -16.11
C31 QOJ E . -7.56 3.70 -15.42
C32 QOJ E . -6.21 4.03 -16.00
C33 QOJ E . -14.50 -6.73 -20.80
C34 QOJ E . -15.52 -7.84 -20.84
H11 QOJ E . -6.38 -1.24 -19.82
H21 QOJ E . -4.37 -1.48 -21.26
H31 QOJ E . -2.50 0.15 -21.20
HN32 QOJ E . -18.19 -10.77 -19.46
HN31 QOJ E . -17.50 -9.99 -20.79
H41 QOJ E . -2.55 2.13 -19.69
HN42 QOJ E . -2.78 3.71 -18.39
HN41 QOJ E . -3.61 4.59 -17.19
H151 QOJ E . -18.45 -11.09 -17.42
H161 QOJ E . -18.58 -11.29 -14.94
H171 QOJ E . -17.22 -9.83 -13.46
H181 QOJ E . -15.68 -8.12 -14.33
H192 QOJ E . -14.31 -5.67 -16.74
H191 QOJ E . -14.77 -6.55 -15.29
H202 QOJ E . -12.93 -8.08 -15.53
H201 QOJ E . -12.57 -7.49 -17.16
H212 QOJ E . -12.05 -5.25 -16.20
H211 QOJ E . -12.31 -5.90 -14.58
H222 QOJ E . -10.48 -7.45 -14.83
H221 QOJ E . -10.30 -7.06 -16.54
H232 QOJ E . -10.00 -4.95 -14.38
H231 QOJ E . -8.64 -5.96 -14.89
H241 QOJ E . -10.29 -4.44 -16.92
H242 QOJ E . -8.67 -5.10 -17.09
H251 QOJ E . -7.72 -3.41 -15.72
H252 QOJ E . -9.28 -2.94 -15.07
H262 QOJ E . -9.02 -2.69 -18.02
H261 QOJ E . -9.80 -1.62 -16.86
H271 QOJ E . -6.86 -1.81 -17.53
H272 QOJ E . -7.45 -0.96 -16.09
H281 QOJ E . -8.90 0.44 -17.56
H282 QOJ E . -8.20 -0.36 -18.97
H291 QOJ E . -13.19 -6.64 -19.11
H292 QOJ E . -14.49 -5.46 -19.11
H301 QOJ E . -8.13 1.63 -15.38
H302 QOJ E . -8.91 2.59 -16.63
H311 QOJ E . -7.50 3.55 -14.35
H312 QOJ E . -8.25 4.51 -15.64
H322 QOJ E . -6.25 4.99 -16.50
H321 QOJ E . -5.47 4.07 -15.22
H332 QOJ E . -14.90 -5.84 -21.27
H331 QOJ E . -13.59 -7.03 -21.30
H342 QOJ E . -16.42 -7.50 -21.33
H341 QOJ E . -15.13 -8.69 -21.39
C1 QOJ F . -17.81 5.57 -8.77
N1 QOJ F . -15.45 5.77 -9.85
C2 QOJ F . -19.08 4.90 -8.71
N2 QOJ F . -16.94 15.99 -4.04
C3 QOJ F . -19.42 3.79 -9.58
N3 QOJ F . -21.16 16.96 -5.07
C4 QOJ F . -18.50 3.32 -10.54
N4 QOJ F . -16.41 2.38 -12.57
C5 QOJ F . -16.75 5.20 -9.70
C6 QOJ F . -17.11 3.99 -10.65
C7 QOJ F . -16.09 3.51 -11.67
C8 QOJ F . -14.75 4.21 -11.74
C9 QOJ F . -14.46 5.31 -10.85
C10 QOJ F . -18.63 17.12 -5.61
C11 QOJ F . -17.13 16.78 -5.24
C12 QOJ F . -18.05 15.52 -3.20
C13 QOJ F . -19.42 15.82 -3.49
C14 QOJ F . -19.75 16.64 -4.73
C15 QOJ F . -18.92 17.96 -6.87
C16 QOJ F . -17.84 18.40 -7.67
C17 QOJ F . -16.48 18.08 -7.32
C18 QOJ F . -16.14 17.30 -6.16
C19 QOJ F . -15.57 15.63 -3.64
C20 QOJ F . -15.30 14.11 -3.82
C21 QOJ F . -15.90 13.55 -5.12
C22 QOJ F . -15.45 12.10 -5.32
C23 QOJ F . -16.35 11.39 -6.34
C24 QOJ F . -15.86 11.68 -7.78
C25 QOJ F . -16.27 10.54 -8.73
C26 QOJ F . -15.34 9.34 -8.53
C27 QOJ F . -15.76 8.19 -9.45
C28 QOJ F . -15.09 6.89 -8.98
C29 QOJ F . -17.99 14.74 -1.97
C30 QOJ F . -13.13 5.80 -11.13
C31 QOJ F . -12.54 4.95 -12.24
C32 QOJ F . -13.61 3.96 -12.60
C33 QOJ F . -19.42 14.55 -1.49
C34 QOJ F . -20.29 15.25 -2.50
H11 QOJ F . -17.63 6.38 -8.08
H21 QOJ F . -19.82 5.23 -8.00
H31 QOJ F . -20.38 3.33 -9.50
HN32 QOJ F . -21.37 17.49 -5.86
HN31 QOJ F . -21.89 16.65 -4.49
H41 QOJ F . -18.75 2.50 -11.18
HN42 QOJ F . -17.29 1.93 -12.51
HN41 QOJ F . -15.75 2.08 -13.22
H151 QOJ F . -19.94 18.21 -7.14
H161 QOJ F . -18.04 18.98 -8.55
H171 QOJ F . -15.69 18.44 -7.96
H181 QOJ F . -15.09 17.10 -5.96
H192 QOJ F . -14.85 16.19 -4.21
H191 QOJ F . -15.44 15.87 -2.59
H202 QOJ F . -14.23 13.95 -3.84
H201 QOJ F . -15.70 13.58 -2.98
H212 QOJ F . -16.98 13.59 -5.06
H211 QOJ F . -15.58 14.15 -5.96
H222 QOJ F . -14.43 12.09 -5.65
H221 QOJ F . -15.52 11.58 -4.37
H232 QOJ F . -16.32 10.32 -6.16
H231 QOJ F . -17.37 11.73 -6.24
H241 QOJ F . -14.78 11.78 -7.79
H242 QOJ F . -16.30 12.61 -8.12
H251 QOJ F . -16.21 10.88 -9.75
H252 QOJ F . -17.29 10.25 -8.51
H262 QOJ F . -14.32 9.63 -8.77
H261 QOJ F . -15.38 9.02 -7.51
H271 QOJ F . -15.45 8.40 -10.47
H272 QOJ F . -16.83 8.07 -9.41
H281 QOJ F . -15.40 6.67 -7.98
H282 QOJ F . -14.01 7.02 -8.99
H291 QOJ F . -17.41 15.25 -1.22
H292 QOJ F . -17.57 13.78 -2.18
H301 QOJ F . -12.52 5.71 -10.23
H302 QOJ F . -13.17 6.83 -11.43
H311 QOJ F . -11.64 4.47 -11.90
H312 QOJ F . -12.32 5.58 -13.11
H322 QOJ F . -13.89 4.05 -13.63
H321 QOJ F . -13.22 2.96 -12.42
H332 QOJ F . -19.67 13.50 -1.46
H331 QOJ F . -19.54 14.98 -0.51
H342 QOJ F . -20.96 14.55 -2.96
H341 QOJ F . -20.87 16.03 -2.00
N LEU A 1 -6.96 17.65 -20.76
CA LEU A 1 -7.54 17.34 -19.42
C LEU A 1 -8.15 15.93 -19.43
N LEU A 2 -7.29 14.91 -19.41
CA LEU A 2 -7.74 13.51 -19.43
C LEU A 2 -8.64 13.23 -20.64
N GLU A 3 -8.07 12.54 -21.63
CA GLU A 3 -8.82 12.18 -22.83
C GLU A 3 -8.45 10.76 -23.25
N LEU A 4 -9.29 10.12 -24.08
CA LEU A 4 -9.00 8.77 -24.53
C LEU A 4 -7.70 8.70 -25.34
N ASP A 5 -7.47 9.74 -26.14
CA ASP A 5 -6.24 9.81 -26.95
C ASP A 5 -5.02 10.17 -26.09
N LYS A 6 -5.26 10.87 -24.98
CA LYS A 6 -4.18 11.30 -24.08
C LYS A 6 -3.45 10.10 -23.46
N TRP A 7 -4.22 9.14 -22.96
CA TRP A 7 -3.62 7.96 -22.31
C TRP A 7 -2.83 7.13 -23.32
N ALA A 8 -3.44 6.85 -24.46
CA ALA A 8 -2.78 6.05 -25.49
C ALA A 8 -1.43 6.65 -25.91
N SER A 9 -1.30 7.98 -25.81
CA SER A 9 -0.04 8.64 -26.19
C SER A 9 1.13 8.16 -25.31
N LEU A 10 0.82 7.82 -24.05
CA LEU A 10 1.85 7.36 -23.11
C LEU A 10 2.33 5.93 -23.44
N TRP A 11 1.60 5.22 -24.29
CA TRP A 11 1.98 3.86 -24.66
C TRP A 11 3.25 3.87 -25.52
N ASN A 12 3.51 5.00 -26.20
CA ASN A 12 4.70 5.09 -27.05
C ASN A 12 6.00 4.98 -26.24
N TRP A 13 6.03 5.52 -25.01
CA TRP A 13 7.25 5.46 -24.18
C TRP A 13 7.36 4.13 -23.43
N PHE A 14 6.22 3.44 -23.23
CA PHE A 14 6.19 2.14 -22.53
C PHE A 14 6.56 2.25 -21.03
N ASP A 15 7.55 3.08 -20.66
CA ASP A 15 7.95 3.20 -19.26
C ASP A 15 6.82 3.72 -18.36
N ILE A 16 6.21 4.86 -18.72
CA ILE A 16 5.13 5.40 -17.88
C ILE A 16 3.89 4.50 -17.92
N THR A 17 3.58 3.93 -19.09
CA THR A 17 2.40 3.05 -19.19
C THR A 17 2.59 1.84 -18.27
N ASN A 18 3.79 1.26 -18.30
CA ASN A 18 4.08 0.11 -17.44
C ASN A 18 4.06 0.52 -15.97
N TRP A 19 4.55 1.73 -15.68
CA TRP A 19 4.57 2.23 -14.30
C TRP A 19 3.12 2.55 -13.84
N LEU A 20 2.27 3.03 -14.76
CA LEU A 20 0.89 3.36 -14.40
C LEU A 20 0.09 2.09 -14.05
N TRP A 21 0.71 0.91 -14.20
CA TRP A 21 0.05 -0.33 -13.86
C TRP A 21 1.04 -1.20 -13.08
N TYR A 22 0.51 -2.04 -12.21
CA TYR A 22 1.31 -2.93 -11.32
C TYR A 22 1.76 -2.17 -10.07
N ILE A 23 1.82 -0.83 -10.14
CA ILE A 23 2.20 -0.05 -8.98
C ILE A 23 1.11 -0.18 -7.90
N ARG A 24 -0.16 -0.10 -8.33
CA ARG A 24 -1.28 -0.24 -7.41
C ARG A 24 -1.22 -1.62 -6.75
N ILE A 25 -1.04 -2.66 -7.58
CA ILE A 25 -0.93 -4.03 -7.07
C ILE A 25 0.26 -4.15 -6.09
N PHE A 26 1.38 -3.46 -6.38
CA PHE A 26 2.56 -3.55 -5.52
C PHE A 26 2.21 -3.25 -4.06
N ILE A 27 1.39 -2.21 -3.82
CA ILE A 27 1.02 -1.86 -2.44
C ILE A 27 0.33 -3.07 -1.76
N ILE A 28 -0.50 -3.83 -2.50
CA ILE A 28 -1.15 -5.01 -1.90
C ILE A 28 -0.07 -5.96 -1.35
N ILE A 29 1.00 -6.19 -2.14
CA ILE A 29 2.09 -7.06 -1.69
C ILE A 29 2.67 -6.48 -0.39
N VAL A 30 2.82 -5.15 -0.34
CA VAL A 30 3.39 -4.51 0.86
C VAL A 30 2.43 -4.63 2.08
N GLY A 31 1.23 -5.22 1.89
CA GLY A 31 0.31 -5.40 3.01
C GLY A 31 0.63 -6.69 3.75
N SER A 32 0.67 -7.81 3.02
CA SER A 32 1.01 -9.10 3.63
C SER A 32 2.41 -9.07 4.24
N LEU A 33 3.24 -8.12 3.78
CA LEU A 33 4.61 -8.00 4.26
C LEU A 33 4.66 -7.89 5.78
N ILE A 34 3.82 -7.04 6.38
CA ILE A 34 3.85 -6.87 7.83
C ILE A 34 3.63 -8.22 8.54
N GLY A 35 2.71 -9.04 8.02
CA GLY A 35 2.45 -10.36 8.62
C GLY A 35 3.69 -11.24 8.51
N LEU A 36 4.23 -11.34 7.30
CA LEU A 36 5.43 -12.16 7.09
C LEU A 36 6.61 -11.65 7.94
N ARG A 37 6.69 -10.33 8.14
CA ARG A 37 7.79 -9.72 8.90
C ARG A 37 7.83 -10.10 10.40
N ILE A 38 6.68 -10.25 11.07
CA ILE A 38 6.71 -10.56 12.53
C ILE A 38 7.46 -11.86 12.83
N VAL A 39 7.28 -12.89 12.01
CA VAL A 39 7.95 -14.17 12.27
C VAL A 39 9.48 -13.98 12.39
N PHE A 40 10.02 -12.95 11.73
CA PHE A 40 11.48 -12.68 11.76
C PHE A 40 11.99 -12.57 13.19
N ALA A 41 11.17 -12.04 14.09
CA ALA A 41 11.62 -11.81 15.48
C ALA A 41 12.17 -13.10 16.11
N VAL A 42 11.60 -14.27 15.79
CA VAL A 42 12.13 -15.52 16.38
C VAL A 42 13.61 -15.74 15.95
N LEU A 43 13.95 -15.27 14.75
CA LEU A 43 15.32 -15.40 14.24
C LEU A 43 16.33 -14.69 15.17
N SER A 44 15.85 -13.70 15.95
CA SER A 44 16.74 -12.96 16.84
C SER A 44 17.45 -13.88 17.82
N LEU A 45 16.70 -14.85 18.38
CA LEU A 45 17.31 -15.81 19.31
C LEU A 45 18.24 -16.76 18.56
N VAL A 46 17.83 -17.11 17.34
CA VAL A 46 18.61 -18.01 16.49
C VAL A 46 20.00 -17.43 16.19
N ASN A 47 20.05 -16.11 16.03
CA ASN A 47 21.32 -15.43 15.74
C ASN A 47 22.36 -15.66 16.86
N ARG A 48 21.89 -16.00 18.06
CA ARG A 48 22.81 -16.24 19.18
C ARG A 48 23.01 -17.75 19.44
N VAL A 49 22.05 -18.58 19.00
CA VAL A 49 22.17 -20.03 19.20
C VAL A 49 22.46 -20.75 17.87
N ARG A 50 23.09 -20.04 16.92
CA ARG A 50 23.41 -20.65 15.62
C ARG A 50 24.28 -21.90 15.78
N GLN A 51 25.01 -21.99 16.91
CA GLN A 51 25.88 -23.15 17.14
C GLN A 51 25.64 -23.72 18.54
N LEU B 1 -6.95 5.56 -23.80
CA LEU B 1 -8.24 5.14 -24.39
C LEU B 1 -9.19 4.73 -23.23
N LEU B 2 -9.33 5.65 -22.27
CA LEU B 2 -10.20 5.39 -21.12
C LEU B 2 -11.03 6.64 -20.77
N GLU B 3 -12.36 6.48 -20.73
CA GLU B 3 -13.23 7.62 -20.43
C GLU B 3 -14.52 7.18 -19.75
N LEU B 4 -15.35 8.15 -19.35
CA LEU B 4 -16.63 7.85 -18.70
C LEU B 4 -17.47 6.86 -19.50
N ASP B 5 -17.13 6.71 -20.77
CA ASP B 5 -17.83 5.78 -21.65
C ASP B 5 -17.43 4.35 -21.33
N LYS B 6 -16.12 4.14 -21.22
CA LYS B 6 -15.60 2.81 -20.92
C LYS B 6 -15.91 2.41 -19.48
N TRP B 7 -15.82 3.37 -18.56
CA TRP B 7 -16.09 3.09 -17.16
C TRP B 7 -17.56 2.70 -16.95
N ALA B 8 -18.47 3.34 -17.69
CA ALA B 8 -19.90 3.03 -17.55
C ALA B 8 -20.18 1.56 -17.82
N SER B 9 -19.61 1.04 -18.91
CA SER B 9 -19.81 -0.37 -19.24
C SER B 9 -19.29 -1.26 -18.11
N LEU B 10 -18.25 -0.79 -17.41
CA LEU B 10 -17.66 -1.54 -16.31
C LEU B 10 -18.69 -1.91 -15.23
N TRP B 11 -19.76 -1.11 -15.09
CA TRP B 11 -20.77 -1.42 -14.04
C TRP B 11 -21.55 -2.71 -14.37
N ASN B 12 -21.29 -3.33 -15.52
CA ASN B 12 -21.99 -4.55 -15.88
C ASN B 12 -21.46 -5.76 -15.10
N TRP B 13 -20.24 -5.66 -14.53
CA TRP B 13 -19.68 -6.80 -13.78
C TRP B 13 -19.78 -6.58 -12.26
N PHE B 14 -19.88 -5.31 -11.83
CA PHE B 14 -20.02 -4.96 -10.40
C PHE B 14 -18.80 -5.35 -9.53
N ASP B 15 -18.43 -6.64 -9.49
CA ASP B 15 -17.32 -7.11 -8.65
C ASP B 15 -16.03 -6.29 -8.85
N ILE B 16 -15.58 -6.15 -10.10
CA ILE B 16 -14.33 -5.40 -10.36
C ILE B 16 -14.51 -3.91 -10.06
N THR B 17 -15.70 -3.36 -10.34
CA THR B 17 -15.94 -1.94 -10.08
C THR B 17 -15.80 -1.62 -8.58
N ASN B 18 -16.40 -2.48 -7.75
CA ASN B 18 -16.32 -2.26 -6.29
C ASN B 18 -14.89 -2.42 -5.79
N TRP B 19 -14.22 -3.49 -6.22
CA TRP B 19 -12.84 -3.73 -5.80
C TRP B 19 -11.90 -2.62 -6.31
N LEU B 20 -12.13 -2.16 -7.54
CA LEU B 20 -11.28 -1.11 -8.12
C LEU B 20 -11.54 0.27 -7.51
N TRP B 21 -12.73 0.47 -6.89
CA TRP B 21 -13.05 1.78 -6.30
C TRP B 21 -13.05 1.73 -4.75
N TYR B 22 -12.59 0.62 -4.17
CA TYR B 22 -12.54 0.51 -2.70
C TYR B 22 -11.11 0.19 -2.22
N ILE B 23 -10.17 0.08 -3.15
CA ILE B 23 -8.78 -0.22 -2.82
C ILE B 23 -8.12 0.96 -2.07
N ARG B 24 -8.46 2.19 -2.48
CA ARG B 24 -7.88 3.38 -1.83
C ARG B 24 -8.16 3.35 -0.32
N ILE B 25 -9.41 3.05 0.05
CA ILE B 25 -9.79 3.00 1.46
C ILE B 25 -9.10 1.81 2.15
N PHE B 26 -9.00 0.68 1.44
CA PHE B 26 -8.36 -0.51 2.01
C PHE B 26 -6.88 -0.27 2.31
N ILE B 27 -6.21 0.43 1.38
CA ILE B 27 -4.78 0.72 1.54
C ILE B 27 -4.52 1.57 2.79
N ILE B 28 -5.36 2.58 3.06
CA ILE B 28 -5.17 3.41 4.24
C ILE B 28 -5.24 2.54 5.50
N ILE B 29 -6.19 1.60 5.53
CA ILE B 29 -6.35 0.71 6.68
C ILE B 29 -5.03 -0.05 6.93
N VAL B 30 -4.36 -0.50 5.86
CA VAL B 30 -3.12 -1.26 6.03
C VAL B 30 -1.98 -0.40 6.62
N GLY B 31 -1.98 0.92 6.36
CA GLY B 31 -0.93 1.77 6.92
C GLY B 31 -0.86 1.63 8.45
N SER B 32 -2.00 1.26 9.07
CA SER B 32 -2.04 1.09 10.53
C SER B 32 -1.65 -0.34 10.94
N LEU B 33 -1.93 -1.32 10.07
CA LEU B 33 -1.60 -2.72 10.36
C LEU B 33 -0.11 -2.86 10.72
N ILE B 34 0.73 -2.02 10.11
CA ILE B 34 2.18 -2.05 10.36
C ILE B 34 2.55 -1.42 11.74
N GLY B 35 1.74 -0.47 12.23
CA GLY B 35 2.09 0.18 13.50
C GLY B 35 2.09 -0.77 14.70
N LEU B 36 0.97 -1.46 14.96
CA LEU B 36 0.89 -2.37 16.12
C LEU B 36 1.90 -3.55 16.05
N ARG B 37 2.25 -3.99 14.83
CA ARG B 37 3.16 -5.13 14.64
C ARG B 37 4.45 -5.03 15.46
N ILE B 38 4.93 -3.81 15.73
CA ILE B 38 6.19 -3.65 16.47
C ILE B 38 6.09 -4.31 17.86
N VAL B 39 4.93 -4.20 18.49
CA VAL B 39 4.77 -4.74 19.84
C VAL B 39 5.15 -6.24 19.89
N PHE B 40 5.01 -6.95 18.75
CA PHE B 40 5.36 -8.38 18.73
C PHE B 40 6.80 -8.60 19.21
N ALA B 41 7.66 -7.60 19.05
CA ALA B 41 9.05 -7.72 19.54
C ALA B 41 9.04 -8.13 21.02
N VAL B 42 8.06 -7.62 21.75
CA VAL B 42 7.91 -7.93 23.18
C VAL B 42 7.72 -9.44 23.39
N LEU B 43 7.10 -10.12 22.41
CA LEU B 43 6.87 -11.57 22.51
C LEU B 43 8.20 -12.31 22.68
N SER B 44 9.26 -11.81 22.06
CA SER B 44 10.57 -12.45 22.17
C SER B 44 11.04 -12.57 23.62
N LEU B 45 10.65 -11.61 24.47
CA LEU B 45 11.09 -11.63 25.87
C LEU B 45 10.29 -12.63 26.72
N VAL B 46 8.96 -12.69 26.54
CA VAL B 46 8.15 -13.62 27.35
C VAL B 46 7.93 -14.97 26.65
N ASN B 47 8.30 -15.08 25.37
CA ASN B 47 8.12 -16.36 24.67
C ASN B 47 8.93 -17.46 25.35
N ARG B 48 10.10 -17.10 25.90
CA ARG B 48 10.96 -18.09 26.55
C ARG B 48 10.75 -18.15 28.08
N VAL B 49 9.85 -17.32 28.61
CA VAL B 49 9.58 -17.33 30.06
C VAL B 49 8.57 -18.43 30.40
N ARG B 50 7.60 -18.65 29.51
CA ARG B 50 6.56 -19.68 29.74
C ARG B 50 5.80 -20.01 28.45
N GLN B 51 6.42 -19.73 27.28
CA GLN B 51 5.78 -20.00 25.99
C GLN B 51 4.28 -19.67 25.97
N LEU C 1 -11.90 7.79 -12.94
CA LEU C 1 -13.02 8.06 -13.89
C LEU C 1 -13.77 9.31 -13.43
N LEU C 2 -14.06 10.20 -14.39
CA LEU C 2 -14.75 11.45 -14.07
C LEU C 2 -15.19 12.14 -15.37
N GLU C 3 -14.33 12.09 -16.39
CA GLU C 3 -14.57 12.70 -17.73
C GLU C 3 -13.91 14.11 -17.76
N LEU C 4 -13.47 14.52 -18.95
CA LEU C 4 -12.76 15.81 -19.08
C LEU C 4 -13.56 16.98 -18.49
N ASP C 5 -14.86 16.98 -18.70
CA ASP C 5 -15.70 18.05 -18.17
C ASP C 5 -15.74 18.02 -16.65
N LYS C 6 -15.81 16.82 -16.08
CA LYS C 6 -15.86 16.67 -14.63
C LYS C 6 -14.51 17.03 -13.99
N TRP C 7 -13.42 16.54 -14.62
CA TRP C 7 -12.08 16.82 -14.10
C TRP C 7 -11.85 18.33 -14.06
N ALA C 8 -12.17 18.98 -15.17
CA ALA C 8 -11.99 20.44 -15.25
C ALA C 8 -12.87 21.13 -14.21
N SER C 9 -14.14 20.74 -14.15
CA SER C 9 -15.07 21.32 -13.17
C SER C 9 -14.57 21.05 -11.75
N LEU C 10 -13.91 19.91 -11.56
CA LEU C 10 -13.40 19.53 -10.24
C LEU C 10 -12.47 20.60 -9.65
N TRP C 11 -12.06 21.59 -10.45
CA TRP C 11 -11.18 22.65 -9.97
C TRP C 11 -11.88 23.58 -8.96
N ASN C 12 -13.22 23.57 -8.94
CA ASN C 12 -13.96 24.44 -8.02
C ASN C 12 -13.71 24.10 -6.55
N TRP C 13 -13.72 22.80 -6.18
CA TRP C 13 -13.55 22.43 -4.77
C TRP C 13 -12.09 22.42 -4.26
N PHE C 14 -11.06 22.28 -5.15
CA PHE C 14 -9.66 22.29 -4.71
C PHE C 14 -9.30 21.06 -3.85
N ASP C 15 -9.85 21.00 -2.63
CA ASP C 15 -9.55 19.91 -1.70
C ASP C 15 -9.77 18.52 -2.33
N ILE C 16 -10.94 18.28 -2.93
CA ILE C 16 -11.20 16.97 -3.52
C ILE C 16 -10.29 16.73 -4.75
N THR C 17 -9.91 17.82 -5.43
CA THR C 17 -9.03 17.69 -6.60
C THR C 17 -7.73 17.02 -6.20
N ASN C 18 -7.11 17.51 -5.11
CA ASN C 18 -5.86 16.92 -4.64
C ASN C 18 -6.10 15.52 -4.09
N TRP C 19 -7.16 15.36 -3.30
CA TRP C 19 -7.48 14.05 -2.71
C TRP C 19 -7.81 13.00 -3.79
N LEU C 20 -8.16 13.44 -5.01
CA LEU C 20 -8.50 12.48 -6.06
C LEU C 20 -7.27 12.04 -6.89
N TRP C 21 -6.07 12.60 -6.59
CA TRP C 21 -4.88 12.23 -7.34
C TRP C 21 -3.68 11.97 -6.42
N TYR C 22 -3.51 12.82 -5.39
CA TYR C 22 -2.38 12.66 -4.47
C TYR C 22 -2.42 11.33 -3.71
N ILE C 23 -3.59 10.66 -3.67
CA ILE C 23 -3.66 9.37 -2.95
C ILE C 23 -2.60 8.40 -3.51
N ARG C 24 -2.39 8.45 -4.82
CA ARG C 24 -1.38 7.58 -5.44
C ARG C 24 0.00 7.94 -4.89
N ILE C 25 0.24 9.25 -4.72
CA ILE C 25 1.52 9.72 -4.19
C ILE C 25 1.70 9.16 -2.77
N PHE C 26 0.66 9.28 -1.95
CA PHE C 26 0.70 8.78 -0.58
C PHE C 26 0.80 7.25 -0.56
N ILE C 27 0.24 6.62 -1.61
CA ILE C 27 0.26 5.16 -1.71
C ILE C 27 1.72 4.67 -1.69
N ILE C 28 2.60 5.35 -2.43
CA ILE C 28 4.01 4.96 -2.45
C ILE C 28 4.65 5.22 -1.07
N ILE C 29 4.31 6.37 -0.48
CA ILE C 29 4.85 6.75 0.82
C ILE C 29 4.48 5.74 1.92
N VAL C 30 3.24 5.24 1.91
CA VAL C 30 2.83 4.32 2.99
C VAL C 30 3.57 2.97 2.92
N GLY C 31 4.30 2.67 1.83
CA GLY C 31 5.01 1.37 1.74
C GLY C 31 6.47 1.41 2.27
N SER C 32 7.04 2.59 2.59
CA SER C 32 8.43 2.67 3.08
C SER C 32 8.53 2.52 4.60
N LEU C 33 7.54 3.04 5.31
CA LEU C 33 7.56 3.00 6.77
C LEU C 33 7.77 1.58 7.30
N ILE C 34 7.27 0.57 6.56
CA ILE C 34 7.40 -0.82 6.98
C ILE C 34 8.88 -1.26 6.99
N GLY C 35 9.68 -0.73 6.04
CA GLY C 35 11.10 -1.11 5.98
C GLY C 35 11.87 -0.78 7.26
N LEU C 36 11.81 0.48 7.70
CA LEU C 36 12.55 0.90 8.92
C LEU C 36 12.08 0.14 10.18
N ARG C 37 10.77 0.03 10.37
CA ARG C 37 10.21 -0.65 11.55
C ARG C 37 10.73 -2.09 11.71
N ILE C 38 10.95 -2.81 10.61
CA ILE C 38 11.42 -4.20 10.69
C ILE C 38 12.77 -4.24 11.44
N VAL C 39 13.66 -3.29 11.14
CA VAL C 39 14.97 -3.23 11.82
C VAL C 39 14.77 -3.16 13.35
N PHE C 40 13.65 -2.59 13.78
CA PHE C 40 13.34 -2.41 15.20
C PHE C 40 13.38 -3.72 16.01
N ALA C 41 12.98 -4.83 15.41
CA ALA C 41 12.91 -6.12 16.13
C ALA C 41 14.26 -6.61 16.69
N VAL C 42 15.37 -6.39 15.97
CA VAL C 42 16.67 -6.91 16.44
C VAL C 42 17.19 -6.26 17.72
N LEU C 43 17.03 -4.93 17.89
CA LEU C 43 17.56 -4.31 19.12
C LEU C 43 16.82 -4.80 20.37
N SER C 44 15.57 -5.26 20.20
CA SER C 44 14.80 -5.77 21.34
C SER C 44 15.54 -6.93 22.00
N LEU C 45 16.14 -7.80 21.17
CA LEU C 45 16.90 -8.92 21.71
C LEU C 45 18.05 -8.41 22.59
N VAL C 46 18.51 -7.18 22.29
CA VAL C 46 19.62 -6.58 23.06
C VAL C 46 19.13 -6.11 24.44
N ASN C 47 17.83 -5.79 24.55
CA ASN C 47 17.28 -5.31 25.83
C ASN C 47 17.44 -6.35 26.95
N ARG C 48 17.84 -7.58 26.62
CA ARG C 48 18.01 -8.63 27.64
C ARG C 48 19.44 -8.63 28.19
N VAL C 49 20.40 -8.12 27.41
CA VAL C 49 21.80 -8.09 27.85
C VAL C 49 22.10 -6.76 28.56
N ARG C 50 21.50 -5.66 28.08
CA ARG C 50 21.73 -4.35 28.68
C ARG C 50 20.56 -3.96 29.60
N GLN C 51 20.42 -4.70 30.70
CA GLN C 51 19.34 -4.44 31.67
C GLN C 51 17.96 -4.45 30.98
C1 QOJ D . -2.59 17.64 -14.02
N1 QOJ D . -3.50 15.21 -14.30
C2 QOJ D . -2.86 19.03 -13.82
N2 QOJ D . 5.24 13.06 -21.05
C3 QOJ D . -4.19 19.55 -13.69
N3 QOJ D . 6.49 13.78 -25.25
C4 QOJ D . -5.33 18.69 -13.75
N4 QOJ D . -7.67 16.71 -13.92
C5 QOJ D . -3.64 16.62 -14.11
C6 QOJ D . -5.11 17.18 -13.97
C7 QOJ D . -6.28 16.22 -14.04
C8 QOJ D . -6.00 14.74 -14.26
C9 QOJ D . -4.66 14.29 -14.38
C10 QOJ D . 6.69 12.41 -23.04
C11 QOJ D . 6.24 12.18 -21.55
C12 QOJ D . 4.64 14.15 -21.83
C13 QOJ D . 5.02 14.41 -23.19
C14 QOJ D . 6.07 13.53 -23.84
C15 QOJ D . 7.76 11.49 -23.65
C16 QOJ D . 8.31 10.45 -22.86
C17 QOJ D . 7.89 10.24 -21.51
C18 QOJ D . 6.90 11.07 -20.88
C19 QOJ D . 4.79 12.87 -19.66
C20 QOJ D . 3.66 11.83 -19.64
C21 QOJ D . 3.48 11.28 -18.22
C22 QOJ D . 2.81 12.35 -17.33
C23 QOJ D . 2.35 11.74 -15.99
C24 QOJ D . 0.82 11.60 -15.95
C25 QOJ D . 0.18 12.97 -15.74
C26 QOJ D . -1.30 12.93 -16.11
C27 QOJ D . -1.92 14.32 -15.94
C28 QOJ D . -2.18 14.62 -14.45
C29 QOJ D . 3.62 15.12 -21.43
C30 QOJ D . -4.65 12.84 -14.58
C31 QOJ D . -6.09 12.38 -14.58
C32 QOJ D . -6.91 13.62 -14.38
C33 QOJ D . 3.36 16.03 -22.61
C34 QOJ D . 4.28 15.55 -23.71
H11 QOJ D . -1.56 17.32 -14.11
H21 QOJ D . -2.04 19.71 -13.76
H31 QOJ D . -4.34 20.61 -13.53
HN32 QOJ D . 7.18 13.22 -25.66
HN31 QOJ D . 6.09 14.51 -25.77
H41 QOJ D . -6.32 19.10 -13.66
HN42 QOJ D . -7.84 17.68 -13.78
HN41 QOJ D . -8.43 16.09 -13.97
H151 QOJ D . 8.10 11.63 -24.67
H161 QOJ D . 9.05 9.80 -23.28
H171 QOJ D . 8.33 9.44 -20.94
H181 QOJ D . 6.62 10.86 -19.85
H192 QOJ D . 5.61 12.54 -19.05
H191 QOJ D . 4.41 13.81 -19.28
H202 QOJ D . 2.75 12.29 -19.97
H201 QOJ D . 3.92 11.02 -20.31
H212 QOJ D . 2.84 10.41 -18.26
H211 QOJ D . 4.44 11.03 -17.80
H222 QOJ D . 3.52 13.14 -17.14
H221 QOJ D . 1.96 12.77 -17.86
H232 QOJ D . 2.80 10.77 -15.84
H231 QOJ D . 2.66 12.39 -15.18
H241 QOJ D . 0.54 10.95 -15.13
H242 QOJ D . 0.48 11.17 -16.88
H251 QOJ D . 0.68 13.70 -16.38
H252 QOJ D . 0.29 13.27 -14.71
H262 QOJ D . -1.41 12.60 -17.14
H261 QOJ D . -1.80 12.22 -15.46
H271 QOJ D . -2.86 14.35 -16.48
H272 QOJ D . -1.25 15.06 -16.35
H281 QOJ D . -1.42 15.31 -14.09
H282 QOJ D . -2.14 13.71 -13.86
H291 QOJ D . 3.98 15.70 -20.58
H292 QOJ D . 2.72 14.61 -21.16
H301 QOJ D . -4.10 12.37 -13.77
H302 QOJ D . -4.19 12.60 -15.52
H311 QOJ D . -6.25 11.67 -13.78
H312 QOJ D . -6.32 11.93 -15.53
H322 QOJ D . -7.57 13.78 -15.22
H321 QOJ D . -7.51 13.51 -13.48
H332 QOJ D . 2.33 15.95 -22.93
H331 QOJ D . 3.59 17.05 -22.35
H342 QOJ D . 3.70 15.22 -24.56
H341 QOJ D . 4.95 16.34 -24.01
C1 QOJ E . -4.63 -0.47 -18.56
N1 QOJ E . -5.49 1.49 -17.10
C2 QOJ E . -3.77 -0.93 -19.64
N2 QOJ E . -12.71 -6.91 -18.40
C3 QOJ E . -2.92 -0.04 -20.36
N3 QOJ E . -15.38 -8.97 -21.31
C4 QOJ E . -2.85 1.35 -20.06
N4 QOJ E . -2.85 4.31 -19.31
C5 QOJ E . -4.69 0.91 -18.14
C6 QOJ E . -3.75 1.90 -18.93
C7 QOJ E . -3.73 3.36 -18.58
C8 QOJ E . -4.62 3.87 -17.45
C9 QOJ E . -5.46 2.94 -16.75
C10 QOJ E . -14.71 -8.44 -18.85
C11 QOJ E . -13.76 -7.70 -17.83
C12 QOJ E . -12.48 -6.76 -19.86
C13 QOJ E . -13.34 -7.42 -20.82
C14 QOJ E . -14.48 -8.28 -20.34
C15 QOJ E . -15.87 -9.30 -18.31
C16 QOJ E . -16.04 -9.41 -16.91
C17 QOJ E . -15.17 -8.74 -15.99
C18 QOJ E . -14.08 -7.92 -16.43
C19 QOJ E . -11.79 -6.20 -17.51
C20 QOJ E . -12.31 -4.78 -17.29
C21 QOJ E . -11.17 -3.87 -16.80
C22 QOJ E . -10.92 -4.08 -15.30
C23 QOJ E . -9.53 -3.56 -14.92
C24 QOJ E . -9.54 -2.01 -14.81
C25 QOJ E . -9.07 -1.39 -16.14
C26 QOJ E . -8.83 0.13 -15.95
C27 QOJ E . -7.78 0.65 -16.96
C28 QOJ E . -6.38 0.64 -16.33
C29 QOJ E . -11.47 -6.01 -20.56
C30 QOJ E . -6.22 3.65 -15.73
C31 QOJ E . -5.81 5.11 -15.80
C32 QOJ E . -4.79 5.20 -16.91
C33 QOJ E . -11.69 -6.20 -22.04
C34 QOJ E . -12.88 -7.11 -22.16
H11 QOJ E . -5.25 -1.20 -18.06
H21 QOJ E . -3.78 -1.97 -19.90
H31 QOJ E . -2.29 -0.43 -21.16
HN32 QOJ E . -16.11 -9.52 -20.99
HN31 QOJ E . -15.22 -8.86 -22.27
H41 QOJ E . -2.20 1.99 -20.62
HN42 QOJ E . -2.27 3.98 -20.03
HN41 QOJ E . -2.84 5.26 -19.07
H151 QOJ E . -16.54 -9.81 -18.98
H161 QOJ E . -16.86 -10.02 -16.52
H171 QOJ E . -15.34 -8.86 -14.93
H181 QOJ E . -13.46 -7.44 -15.68
H192 QOJ E . -11.73 -6.72 -16.56
H191 QOJ E . -10.81 -6.16 -17.96
H202 QOJ E . -12.71 -4.39 -18.22
H201 QOJ E . -13.10 -4.79 -16.54
H212 QOJ E . -10.27 -4.09 -17.36
H211 QOJ E . -11.45 -2.84 -16.96
H222 QOJ E . -11.68 -3.56 -14.73
H221 QOJ E . -10.98 -5.14 -15.07
H232 QOJ E . -9.25 -3.97 -13.95
H231 QOJ E . -8.81 -3.87 -15.65
H241 QOJ E . -8.87 -1.71 -14.02
H242 QOJ E . -10.54 -1.67 -14.58
H251 QOJ E . -9.83 -1.53 -16.89
H252 QOJ E . -8.15 -1.86 -16.45
H262 QOJ E . -9.77 0.66 -16.11
H261 QOJ E . -8.49 0.32 -14.94
H271 QOJ E . -8.03 1.66 -17.25
H272 QOJ E . -7.78 0.02 -17.84
H281 QOJ E . -6.00 -0.38 -16.32
H282 QOJ E . -6.44 1.00 -15.32
H291 QOJ E . -10.49 -6.37 -20.28
H292 QOJ E . -11.56 -4.96 -20.31
H301 QOJ E . -5.98 3.24 -14.76
H302 QOJ E . -7.27 3.56 -15.92
H311 QOJ E . -5.38 5.41 -14.86
H312 QOJ E . -6.67 5.72 -16.03
H322 QOJ E . -5.15 5.84 -17.69
H321 QOJ E . -3.86 5.58 -16.53
H332 QOJ E . -11.90 -5.25 -22.51
H331 QOJ E . -10.81 -6.65 -22.50
H342 QOJ E . -13.68 -6.61 -22.69
H341 QOJ E . -12.62 -8.00 -22.70
C1 QOJ F . -20.23 6.69 -9.98
N1 QOJ F . -18.64 7.95 -11.62
C2 QOJ F . -21.31 5.75 -9.79
N2 QOJ F . -19.10 17.63 -5.89
C3 QOJ F . -21.93 5.06 -10.89
N3 QOJ F . -21.19 19.78 -9.19
C4 QOJ F . -21.51 5.28 -12.22
N4 QOJ F . -20.53 5.83 -15.05
C5 QOJ F . -19.69 7.04 -11.29
C6 QOJ F . -20.37 6.28 -12.49
C7 QOJ F . -19.90 6.54 -13.90
C8 QOJ F . -18.78 7.53 -14.13
C9 QOJ F . -18.18 8.20 -13.01
C10 QOJ F . -18.99 19.12 -7.98
C11 QOJ F . -18.26 18.35 -6.81
C12 QOJ F . -20.58 17.59 -6.01
C13 QOJ F . -21.27 18.26 -7.06
C14 QOJ F . -20.49 19.06 -8.09
C15 QOJ F . -18.14 19.91 -9.00
C16 QOJ F . -16.73 19.93 -8.84
C17 QOJ F . -16.09 19.23 -7.77
C18 QOJ F . -16.82 18.48 -6.79
C19 QOJ F . -18.49 16.90 -4.79
C20 QOJ F . -18.39 15.41 -5.14
C21 QOJ F . -17.47 15.21 -6.35
C22 QOJ F . -17.13 13.71 -6.50
C23 QOJ F . -18.36 12.92 -7.03
C24 QOJ F . -18.21 12.63 -8.54
C25 QOJ F . -17.22 11.47 -8.74
C26 QOJ F . -17.15 11.10 -10.23
C27 QOJ F . -18.35 10.19 -10.63
C28 QOJ F . -17.96 8.69 -10.55
C29 QOJ F . -21.54 16.90 -5.17
C30 QOJ F . -17.13 9.07 -13.49
C31 QOJ F . -17.07 8.95 -14.99
C32 QOJ F . -18.13 7.95 -15.35
C33 QOJ F . -22.92 17.17 -5.72
C34 QOJ F . -22.71 18.04 -6.94
H11 QOJ F . -19.82 7.18 -9.10
H21 QOJ F . -21.65 5.56 -8.79
H31 QOJ F . -22.72 4.35 -10.69
HN32 QOJ F . -20.67 20.29 -9.84
HN31 QOJ F . -22.18 19.74 -9.26
H41 QOJ F . -21.99 4.75 -13.03
HN42 QOJ F . -21.25 5.19 -14.90
HN41 QOJ F . -20.22 6.01 -15.97
H151 QOJ F . -18.61 20.44 -9.81
H161 QOJ F . -16.13 20.48 -9.55
H171 QOJ F . -15.01 19.28 -7.69
H181 QOJ F . -16.25 17.99 -6.01
H192 QOJ F . -17.52 17.29 -4.56
H191 QOJ F . -19.13 17.00 -3.91
H202 QOJ F . -18.00 14.86 -4.30
H201 QOJ F . -19.38 15.03 -5.37
H212 QOJ F . -17.97 15.55 -7.25
H211 QOJ F . -16.56 15.77 -6.21
H222 QOJ F . -16.29 13.60 -7.17
H221 QOJ F . -16.86 13.32 -5.53
H232 QOJ F . -18.43 11.99 -6.50
H231 QOJ F . -19.27 13.48 -6.87
H241 QOJ F . -17.83 13.52 -9.04
H242 QOJ F . -19.17 12.37 -8.96
H251 QOJ F . -17.55 10.62 -8.17
H252 QOJ F . -16.24 11.78 -8.41
H262 QOJ F . -17.17 11.99 -10.84
H261 QOJ F . -16.23 10.57 -10.42
H271 QOJ F . -18.65 10.42 -11.63
H272 QOJ F . -19.18 10.37 -9.96
H281 QOJ F . -18.23 8.30 -9.59
H282 QOJ F . -16.89 8.59 -10.69
H291 QOJ F . -21.47 17.27 -4.15
H292 QOJ F . -21.35 15.84 -5.18
H301 QOJ F . -16.19 8.79 -13.05
H302 QOJ F . -17.37 10.09 -13.22
H311 QOJ F . -16.09 8.60 -15.29
H312 QOJ F . -17.29 9.90 -15.45
H322 QOJ F . -18.88 8.41 -15.98
H321 QOJ F . -17.69 7.11 -15.87
H332 QOJ F . -23.40 16.25 -6.02
H331 QOJ F . -23.53 17.68 -4.99
H342 QOJ F . -23.08 17.56 -7.82
H341 QOJ F . -23.22 18.98 -6.79
N LEU A 1 -9.19 19.06 -20.76
CA LEU A 1 -8.45 18.46 -19.61
C LEU A 1 -8.14 17.00 -19.94
N LEU A 2 -9.19 16.16 -20.02
CA LEU A 2 -9.00 14.74 -20.34
C LEU A 2 -9.82 14.39 -21.59
N GLU A 3 -9.32 13.46 -22.41
CA GLU A 3 -10.04 13.09 -23.63
C GLU A 3 -9.62 11.70 -24.12
N LEU A 4 -10.37 11.18 -25.11
CA LEU A 4 -10.07 9.87 -25.68
C LEU A 4 -8.68 9.87 -26.32
N ASP A 5 -8.37 10.96 -27.01
CA ASP A 5 -7.08 11.08 -27.68
C ASP A 5 -5.92 11.25 -26.69
N LYS A 6 -6.21 11.79 -25.51
CA LYS A 6 -5.16 12.01 -24.50
C LYS A 6 -4.67 10.68 -23.92
N TRP A 7 -5.60 9.78 -23.61
CA TRP A 7 -5.21 8.49 -23.04
C TRP A 7 -4.45 7.65 -24.07
N ALA A 8 -5.00 7.57 -25.28
CA ALA A 8 -4.33 6.79 -26.34
C ALA A 8 -2.93 7.33 -26.63
N SER A 9 -2.74 8.65 -26.44
CA SER A 9 -1.42 9.25 -26.66
C SER A 9 -0.37 8.57 -25.77
N LEU A 10 -0.79 8.13 -24.58
CA LEU A 10 0.13 7.46 -23.65
C LEU A 10 0.72 6.19 -24.27
N TRP A 11 0.16 5.73 -25.41
CA TRP A 11 0.68 4.51 -26.02
C TRP A 11 2.09 4.76 -26.55
N ASN A 12 2.32 5.91 -27.20
CA ASN A 12 3.68 6.21 -27.67
C ASN A 12 4.67 6.33 -26.50
N TRP A 13 4.14 6.47 -25.26
CA TRP A 13 4.99 6.59 -24.07
C TRP A 13 5.04 5.28 -23.27
N PHE A 14 4.64 4.16 -23.90
CA PHE A 14 4.58 2.81 -23.26
C PHE A 14 5.18 2.73 -21.85
N ASP A 15 6.40 3.22 -21.66
CA ASP A 15 7.03 3.19 -20.33
C ASP A 15 6.10 3.74 -19.25
N ILE A 16 5.55 4.97 -19.43
CA ILE A 16 4.64 5.52 -18.42
C ILE A 16 3.32 4.72 -18.37
N THR A 17 2.90 4.17 -19.52
CA THR A 17 1.65 3.41 -19.56
C THR A 17 1.76 2.23 -18.60
N ASN A 18 2.91 1.54 -18.62
CA ASN A 18 3.11 0.41 -17.73
C ASN A 18 3.02 0.89 -16.28
N TRP A 19 3.66 2.03 -16.00
CA TRP A 19 3.63 2.61 -14.66
C TRP A 19 2.18 2.88 -14.24
N LEU A 20 1.33 3.26 -15.20
CA LEU A 20 -0.07 3.56 -14.89
C LEU A 20 -0.96 2.30 -14.87
N TRP A 21 -0.38 1.12 -15.19
CA TRP A 21 -1.19 -0.11 -15.20
C TRP A 21 -0.46 -1.30 -14.52
N TYR A 22 0.69 -1.06 -13.87
CA TYR A 22 1.40 -2.16 -13.21
C TYR A 22 1.77 -1.81 -11.76
N ILE A 23 1.95 -0.52 -11.46
CA ILE A 23 2.30 -0.11 -10.11
C ILE A 23 1.19 -0.52 -9.10
N ARG A 24 -0.09 -0.42 -9.51
CA ARG A 24 -1.19 -0.79 -8.62
C ARG A 24 -0.99 -2.22 -8.14
N ILE A 25 -0.71 -3.14 -9.06
CA ILE A 25 -0.47 -4.53 -8.69
C ILE A 25 0.78 -4.58 -7.76
N PHE A 26 1.85 -3.86 -8.14
CA PHE A 26 3.06 -3.83 -7.33
C PHE A 26 2.76 -3.44 -5.87
N ILE A 27 1.86 -2.47 -5.67
CA ILE A 27 1.50 -2.04 -4.32
C ILE A 27 0.96 -3.23 -3.48
N ILE A 28 0.17 -4.13 -4.09
CA ILE A 28 -0.36 -5.27 -3.33
C ILE A 28 0.79 -6.10 -2.73
N ILE A 29 1.86 -6.35 -3.51
CA ILE A 29 3.00 -7.11 -3.01
C ILE A 29 3.64 -6.33 -1.84
N VAL A 30 3.75 -5.00 -1.98
CA VAL A 30 4.35 -4.18 -0.92
C VAL A 30 3.46 -4.12 0.36
N GLY A 31 2.33 -4.87 0.39
CA GLY A 31 1.48 -4.89 1.57
C GLY A 31 1.56 -6.25 2.31
N SER A 32 2.20 -7.24 1.69
CA SER A 32 2.33 -8.58 2.29
C SER A 32 3.57 -8.69 3.18
N LEU A 33 4.61 -7.92 2.86
CA LEU A 33 5.86 -7.98 3.63
C LEU A 33 5.60 -7.78 5.12
N ILE A 34 4.58 -6.97 5.49
CA ILE A 34 4.31 -6.73 6.90
C ILE A 34 4.14 -8.04 7.69
N GLY A 35 3.47 -9.04 7.10
CA GLY A 35 3.32 -10.33 7.79
C GLY A 35 4.68 -11.04 7.84
N LEU A 36 5.44 -10.88 6.74
CA LEU A 36 6.77 -11.48 6.64
C LEU A 36 7.68 -11.03 7.81
N ARG A 37 7.48 -9.80 8.29
CA ARG A 37 8.27 -9.26 9.40
C ARG A 37 8.11 -10.08 10.67
N ILE A 38 6.89 -10.59 10.90
CA ILE A 38 6.60 -11.33 12.13
C ILE A 38 7.52 -12.57 12.31
N VAL A 39 7.78 -13.32 11.24
CA VAL A 39 8.64 -14.52 11.39
C VAL A 39 10.02 -14.16 11.98
N PHE A 40 10.49 -12.93 11.74
CA PHE A 40 11.80 -12.50 12.26
C PHE A 40 11.85 -12.66 13.78
N ALA A 41 10.73 -12.42 14.44
CA ALA A 41 10.68 -12.52 15.91
C ALA A 41 11.17 -13.90 16.36
N VAL A 42 10.86 -14.94 15.58
CA VAL A 42 11.31 -16.29 15.95
C VAL A 42 12.86 -16.33 16.02
N LEU A 43 13.50 -15.50 15.18
CA LEU A 43 14.96 -15.39 15.15
C LEU A 43 15.50 -14.99 16.53
N SER A 44 14.67 -14.32 17.34
CA SER A 44 15.11 -13.87 18.67
C SER A 44 15.58 -15.08 19.50
N LEU A 45 14.83 -16.17 19.44
CA LEU A 45 15.21 -17.38 20.18
C LEU A 45 16.56 -17.88 19.64
N VAL A 46 16.69 -17.86 18.32
CA VAL A 46 17.92 -18.28 17.64
C VAL A 46 19.08 -17.34 18.02
N ASN A 47 18.77 -16.06 18.23
CA ASN A 47 19.78 -15.07 18.58
C ASN A 47 20.36 -15.33 19.98
N ARG A 48 19.53 -15.87 20.89
CA ARG A 48 20.00 -16.15 22.24
C ARG A 48 20.94 -17.37 22.28
N VAL A 49 20.84 -18.25 21.28
CA VAL A 49 21.69 -19.44 21.24
C VAL A 49 23.07 -19.09 20.64
N ARG A 50 23.09 -18.19 19.66
CA ARG A 50 24.36 -17.79 19.04
C ARG A 50 24.33 -16.29 18.70
N GLN A 51 23.63 -15.91 17.62
CA GLN A 51 23.55 -14.49 17.23
C GLN A 51 22.56 -14.30 16.08
N LEU B 1 -9.03 2.36 -26.34
CA LEU B 1 -9.17 3.78 -25.90
C LEU B 1 -10.11 3.85 -24.69
N LEU B 2 -10.47 5.06 -24.25
CA LEU B 2 -11.35 5.22 -23.09
C LEU B 2 -12.55 6.11 -23.44
N GLU B 3 -13.75 5.71 -23.00
CA GLU B 3 -14.97 6.49 -23.29
C GLU B 3 -16.00 6.33 -22.16
N LEU B 4 -17.11 7.07 -22.27
CA LEU B 4 -18.18 6.98 -21.28
C LEU B 4 -18.81 5.57 -21.32
N ASP B 5 -18.97 5.05 -22.52
CA ASP B 5 -19.56 3.71 -22.71
C ASP B 5 -18.63 2.60 -22.20
N LYS B 6 -17.33 2.88 -22.19
CA LYS B 6 -16.36 1.87 -21.73
C LYS B 6 -16.50 1.65 -20.23
N TRP B 7 -16.69 2.74 -19.48
CA TRP B 7 -16.83 2.65 -18.03
C TRP B 7 -18.19 2.06 -17.63
N ALA B 8 -19.26 2.66 -18.15
CA ALA B 8 -20.61 2.19 -17.83
C ALA B 8 -20.79 0.70 -18.16
N SER B 9 -20.01 0.20 -19.13
CA SER B 9 -20.12 -1.21 -19.51
C SER B 9 -19.85 -2.13 -18.31
N LEU B 10 -18.98 -1.67 -17.39
CA LEU B 10 -18.65 -2.49 -16.20
C LEU B 10 -19.81 -2.55 -15.20
N TRP B 11 -20.81 -1.67 -15.34
CA TRP B 11 -21.95 -1.65 -14.42
C TRP B 11 -22.85 -2.89 -14.60
N ASN B 12 -22.52 -3.77 -15.57
CA ASN B 12 -23.36 -4.95 -15.79
C ASN B 12 -23.14 -5.99 -14.69
N TRP B 13 -21.88 -6.27 -14.39
CA TRP B 13 -21.52 -7.24 -13.34
C TRP B 13 -21.06 -6.53 -12.07
N PHE B 14 -20.60 -5.28 -12.20
CA PHE B 14 -20.13 -4.50 -11.03
C PHE B 14 -18.94 -5.20 -10.32
N ASP B 15 -18.47 -6.35 -10.86
CA ASP B 15 -17.35 -7.05 -10.21
C ASP B 15 -16.08 -6.21 -10.23
N ILE B 16 -15.67 -5.71 -11.40
CA ILE B 16 -14.44 -4.89 -11.45
C ILE B 16 -14.66 -3.54 -10.73
N THR B 17 -15.89 -3.02 -10.77
CA THR B 17 -16.17 -1.73 -10.14
C THR B 17 -15.84 -1.78 -8.64
N ASN B 18 -16.24 -2.88 -8.00
CA ASN B 18 -16.00 -3.05 -6.57
C ASN B 18 -14.49 -3.19 -6.27
N TRP B 19 -13.77 -3.91 -7.14
CA TRP B 19 -12.34 -4.12 -6.93
C TRP B 19 -11.53 -2.83 -7.19
N LEU B 20 -11.80 -2.12 -8.29
CA LEU B 20 -11.04 -0.91 -8.61
C LEU B 20 -11.45 0.29 -7.74
N TRP B 21 -12.73 0.39 -7.35
CA TRP B 21 -13.16 1.53 -6.54
C TRP B 21 -12.91 1.31 -5.04
N TYR B 22 -12.16 0.26 -4.68
CA TYR B 22 -11.87 0.00 -3.27
C TYR B 22 -10.37 -0.20 -3.01
N ILE B 23 -9.54 -0.22 -4.08
CA ILE B 23 -8.11 -0.42 -3.91
C ILE B 23 -7.45 0.78 -3.20
N ARG B 24 -7.83 2.00 -3.60
CA ARG B 24 -7.24 3.21 -2.97
C ARG B 24 -7.43 3.18 -1.46
N ILE B 25 -8.65 2.91 -1.01
CA ILE B 25 -8.95 2.86 0.42
C ILE B 25 -8.22 1.68 1.09
N PHE B 26 -8.17 0.54 0.38
CA PHE B 26 -7.53 -0.66 0.94
C PHE B 26 -6.09 -0.38 1.37
N ILE B 27 -5.36 0.44 0.60
CA ILE B 27 -3.97 0.75 0.96
C ILE B 27 -3.91 1.42 2.33
N ILE B 28 -4.86 2.34 2.58
CA ILE B 28 -4.91 3.02 3.88
C ILE B 28 -5.07 1.99 5.00
N ILE B 29 -5.91 0.98 4.76
CA ILE B 29 -6.13 -0.07 5.76
C ILE B 29 -4.79 -0.74 6.09
N VAL B 30 -4.00 -1.01 5.05
CA VAL B 30 -2.69 -1.65 5.25
C VAL B 30 -1.68 -0.72 5.97
N GLY B 31 -2.04 0.57 6.16
CA GLY B 31 -1.14 1.51 6.86
C GLY B 31 -1.29 1.36 8.37
N SER B 32 -2.52 1.14 8.84
CA SER B 32 -2.76 0.98 10.28
C SER B 32 -2.24 -0.38 10.78
N LEU B 33 -2.20 -1.37 9.87
CA LEU B 33 -1.72 -2.71 10.23
C LEU B 33 -0.31 -2.65 10.81
N ILE B 34 0.61 -2.03 10.06
CA ILE B 34 2.02 -1.92 10.50
C ILE B 34 2.13 -1.23 11.87
N GLY B 35 1.19 -0.36 12.23
CA GLY B 35 1.28 0.32 13.52
C GLY B 35 1.09 -0.67 14.67
N LEU B 36 0.02 -1.47 14.61
CA LEU B 36 -0.27 -2.44 15.68
C LEU B 36 0.91 -3.42 15.89
N ARG B 37 1.65 -3.73 14.83
CA ARG B 37 2.78 -4.65 14.89
C ARG B 37 3.77 -4.31 16.01
N ILE B 38 3.90 -3.03 16.35
CA ILE B 38 4.89 -2.61 17.36
C ILE B 38 4.66 -3.29 18.74
N VAL B 39 3.40 -3.44 19.18
CA VAL B 39 3.13 -4.07 20.48
C VAL B 39 3.74 -5.49 20.56
N PHE B 40 3.88 -6.16 19.41
CA PHE B 40 4.43 -7.52 19.40
C PHE B 40 5.80 -7.58 20.08
N ALA B 41 6.53 -6.47 20.07
CA ALA B 41 7.85 -6.45 20.73
C ALA B 41 7.71 -6.87 22.19
N VAL B 42 6.60 -6.47 22.81
CA VAL B 42 6.33 -6.83 24.21
C VAL B 42 6.16 -8.36 24.31
N LEU B 43 5.45 -8.94 23.34
CA LEU B 43 5.23 -10.38 23.31
C LEU B 43 6.57 -11.14 23.22
N SER B 44 7.51 -10.59 22.44
CA SER B 44 8.82 -11.23 22.28
C SER B 44 9.54 -11.37 23.63
N LEU B 45 9.31 -10.41 24.53
CA LEU B 45 9.97 -10.46 25.85
C LEU B 45 9.49 -11.69 26.63
N VAL B 46 8.18 -11.96 26.56
CA VAL B 46 7.61 -13.11 27.27
C VAL B 46 8.18 -14.45 26.74
N ASN B 47 8.76 -14.42 25.52
CA ASN B 47 9.35 -15.63 24.94
C ASN B 47 10.51 -16.14 25.81
N ARG B 48 11.26 -15.22 26.42
CA ARG B 48 12.38 -15.59 27.26
C ARG B 48 11.92 -16.18 28.61
N VAL B 49 10.72 -15.80 29.06
CA VAL B 49 10.21 -16.30 30.33
C VAL B 49 9.55 -17.68 30.13
N ARG B 50 8.88 -17.88 28.99
CA ARG B 50 8.24 -19.17 28.72
C ARG B 50 8.20 -19.45 27.22
N GLN B 51 7.42 -18.65 26.46
CA GLN B 51 7.31 -18.84 25.01
C GLN B 51 6.49 -17.72 24.38
N LEU C 1 -18.58 6.80 -18.04
CA LEU C 1 -19.81 7.56 -17.69
C LEU C 1 -19.43 8.66 -16.70
N LEU C 2 -18.35 9.38 -17.04
CA LEU C 2 -17.88 10.48 -16.22
C LEU C 2 -17.98 11.77 -17.07
N GLU C 3 -17.25 12.83 -16.69
CA GLU C 3 -17.32 14.07 -17.48
C GLU C 3 -15.98 14.81 -17.46
N LEU C 4 -15.62 15.41 -18.59
CA LEU C 4 -14.37 16.16 -18.69
C LEU C 4 -14.39 17.33 -17.70
N ASP C 5 -15.55 17.97 -17.60
CA ASP C 5 -15.72 19.11 -16.70
C ASP C 5 -15.80 18.66 -15.23
N LYS C 6 -16.24 17.42 -15.00
CA LYS C 6 -16.35 16.91 -13.63
C LYS C 6 -14.97 16.76 -12.98
N TRP C 7 -14.00 16.29 -13.76
CA TRP C 7 -12.64 16.12 -13.23
C TRP C 7 -12.09 17.48 -12.81
N ALA C 8 -12.20 18.44 -13.72
CA ALA C 8 -11.70 19.80 -13.44
C ALA C 8 -12.52 20.47 -12.35
N SER C 9 -13.83 20.20 -12.32
CA SER C 9 -14.71 20.81 -11.31
C SER C 9 -14.23 20.47 -9.90
N LEU C 10 -13.63 19.28 -9.73
CA LEU C 10 -13.15 18.89 -8.40
C LEU C 10 -12.08 19.85 -7.86
N TRP C 11 -11.58 20.76 -8.71
CA TRP C 11 -10.58 21.73 -8.27
C TRP C 11 -11.20 22.75 -7.27
N ASN C 12 -12.54 22.77 -7.17
CA ASN C 12 -13.20 23.71 -6.26
C ASN C 12 -12.83 23.43 -4.79
N TRP C 13 -12.83 22.15 -4.36
CA TRP C 13 -12.53 21.86 -2.94
C TRP C 13 -11.01 21.88 -2.62
N PHE C 14 -10.11 21.88 -3.64
CA PHE C 14 -8.65 21.91 -3.40
C PHE C 14 -8.14 20.60 -2.78
N ASP C 15 -8.59 20.27 -1.57
CA ASP C 15 -8.14 19.05 -0.89
C ASP C 15 -8.39 17.79 -1.72
N ILE C 16 -9.54 17.74 -2.42
CA ILE C 16 -9.85 16.55 -3.22
C ILE C 16 -8.87 16.41 -4.41
N THR C 17 -8.49 17.56 -5.00
CA THR C 17 -7.57 17.53 -6.14
C THR C 17 -6.24 16.92 -5.73
N ASN C 18 -5.69 17.39 -4.61
CA ASN C 18 -4.41 16.86 -4.13
C ASN C 18 -4.63 15.43 -3.60
N TRP C 19 -5.69 15.25 -2.83
CA TRP C 19 -6.01 13.94 -2.27
C TRP C 19 -6.15 12.88 -3.38
N LEU C 20 -6.43 13.30 -4.62
CA LEU C 20 -6.58 12.34 -5.72
C LEU C 20 -5.27 12.15 -6.50
N TRP C 21 -4.39 13.17 -6.48
CA TRP C 21 -3.12 13.07 -7.23
C TRP C 21 -1.90 12.92 -6.31
N TYR C 22 -2.12 12.65 -5.01
CA TYR C 22 -0.99 12.50 -4.08
C TYR C 22 -1.01 11.13 -3.39
N ILE C 23 -2.20 10.54 -3.23
CA ILE C 23 -2.29 9.23 -2.56
C ILE C 23 -1.51 8.15 -3.32
N ARG C 24 -1.60 8.15 -4.65
CA ARG C 24 -0.89 7.14 -5.45
C ARG C 24 0.62 7.19 -5.18
N ILE C 25 1.20 8.39 -5.24
CA ILE C 25 2.63 8.55 -4.98
C ILE C 25 2.94 8.25 -3.51
N PHE C 26 2.09 8.75 -2.62
CA PHE C 26 2.26 8.57 -1.19
C PHE C 26 2.43 7.09 -0.82
N ILE C 27 1.85 6.17 -1.61
CA ILE C 27 1.97 4.74 -1.28
C ILE C 27 3.44 4.33 -1.21
N ILE C 28 4.26 4.88 -2.11
CA ILE C 28 5.70 4.57 -2.08
C ILE C 28 6.28 5.04 -0.73
N ILE C 29 5.85 6.23 -0.29
CA ILE C 29 6.30 6.77 0.99
C ILE C 29 5.82 5.86 2.14
N VAL C 30 4.58 5.38 2.04
CA VAL C 30 4.02 4.57 3.12
C VAL C 30 4.74 3.21 3.27
N GLY C 31 5.35 2.65 2.20
CA GLY C 31 6.04 1.36 2.34
C GLY C 31 7.47 1.48 2.89
N SER C 32 7.94 2.71 3.23
CA SER C 32 9.30 2.88 3.75
C SER C 32 9.38 2.73 5.27
N LEU C 33 8.33 3.17 5.96
CA LEU C 33 8.32 3.11 7.43
C LEU C 33 8.25 1.65 7.92
N ILE C 34 7.58 0.77 7.17
CA ILE C 34 7.48 -0.63 7.56
C ILE C 34 8.90 -1.26 7.58
N GLY C 35 9.77 -0.78 6.68
CA GLY C 35 11.16 -1.30 6.63
C GLY C 35 11.90 -1.01 7.95
N LEU C 36 11.73 0.18 8.52
CA LEU C 36 12.41 0.55 9.76
C LEU C 36 12.13 -0.45 10.91
N ARG C 37 10.94 -1.06 10.92
CA ARG C 37 10.56 -2.00 11.99
C ARG C 37 11.60 -3.12 12.27
N ILE C 38 12.29 -3.64 11.24
CA ILE C 38 13.25 -4.75 11.47
C ILE C 38 14.36 -4.40 12.46
N VAL C 39 14.93 -3.19 12.39
CA VAL C 39 16.03 -2.87 13.32
C VAL C 39 15.60 -3.03 14.78
N PHE C 40 14.30 -2.88 15.07
CA PHE C 40 13.82 -3.02 16.45
C PHE C 40 14.23 -4.37 17.04
N ALA C 41 14.24 -5.40 16.20
CA ALA C 41 14.59 -6.75 16.66
C ALA C 41 15.97 -6.75 17.33
N VAL C 42 16.91 -5.93 16.81
CA VAL C 42 18.24 -5.87 17.44
C VAL C 42 18.13 -5.42 18.90
N LEU C 43 17.12 -4.59 19.19
CA LEU C 43 16.91 -4.10 20.54
C LEU C 43 16.70 -5.26 21.52
N SER C 44 16.21 -6.40 21.02
CA SER C 44 16.01 -7.57 21.88
C SER C 44 17.33 -7.98 22.53
N LEU C 45 18.42 -7.90 21.76
CA LEU C 45 19.74 -8.25 22.31
C LEU C 45 20.06 -7.33 23.49
N VAL C 46 19.69 -6.05 23.37
CA VAL C 46 19.93 -5.06 24.43
C VAL C 46 18.93 -5.24 25.59
N ASN C 47 17.83 -5.97 25.34
CA ASN C 47 16.81 -6.17 26.37
C ASN C 47 17.38 -6.90 27.60
N ARG C 48 18.41 -7.73 27.39
CA ARG C 48 19.02 -8.46 28.50
C ARG C 48 19.95 -7.56 29.35
N VAL C 49 20.48 -6.50 28.73
CA VAL C 49 21.40 -5.59 29.43
C VAL C 49 20.66 -4.31 29.89
N ARG C 50 19.35 -4.42 30.12
CA ARG C 50 18.56 -3.26 30.57
C ARG C 50 19.18 -2.64 31.81
N GLN C 51 19.39 -1.32 31.79
CA GLN C 51 19.98 -0.62 32.93
C GLN C 51 18.91 -0.32 33.99
C1 QOJ D . -3.26 15.93 -14.35
N1 QOJ D . -4.60 13.80 -15.01
C2 QOJ D . -3.13 17.09 -13.50
N2 QOJ D . 4.50 12.24 -21.63
C3 QOJ D . -4.08 17.39 -12.46
N3 QOJ D . 3.37 15.65 -24.25
C4 QOJ D . -5.19 16.56 -12.22
N4 QOJ D . -7.57 14.67 -11.82
C5 QOJ D . -4.35 14.98 -14.23
C6 QOJ D . -5.39 15.30 -13.10
C7 QOJ D . -6.57 14.38 -12.88
C8 QOJ D . -6.73 13.16 -13.77
C9 QOJ D . -5.76 12.91 -14.79
C10 QOJ D . 2.84 13.31 -23.26
C11 QOJ D . 3.25 12.10 -22.33
C12 QOJ D . 5.38 13.41 -21.76
C13 QOJ D . 5.04 14.53 -22.60
C14 QOJ D . 3.75 14.51 -23.38
C15 QOJ D . 1.51 13.22 -24.04
C16 QOJ D . 0.69 12.07 -23.89
C17 QOJ D . 1.08 10.98 -23.04
C18 QOJ D . 2.32 11.00 -22.29
C19 QOJ D . 4.93 11.16 -20.73
C20 QOJ D . 4.45 11.45 -19.30
C21 QOJ D . 2.91 11.36 -19.24
C22 QOJ D . 2.44 11.51 -17.79
C23 QOJ D . 0.93 11.23 -17.72
C24 QOJ D . 0.43 11.38 -16.27
C25 QOJ D . -0.92 10.67 -16.10
C26 QOJ D . -2.07 11.57 -16.63
C27 QOJ D . -2.57 12.51 -15.53
C28 QOJ D . -3.66 13.45 -16.08
C29 QOJ D . 6.66 13.67 -21.11
C30 QOJ D . -6.13 11.68 -15.50
C31 QOJ D . -7.40 11.15 -14.88
C32 QOJ D . -7.75 12.13 -13.78
C33 QOJ D . 7.14 15.02 -21.59
C34 QOJ D . 6.08 15.54 -22.53
H11 QOJ D . -2.51 15.76 -15.11
H21 QOJ D . -2.29 17.75 -13.64
H31 QOJ D . -3.93 18.27 -11.85
HN32 QOJ D . 2.53 15.63 -24.76
HN31 QOJ D . 3.97 16.42 -24.33
H41 QOJ D . -5.90 16.79 -11.44
HN42 QOJ D . -7.47 15.46 -11.25
HN41 QOJ D . -8.35 14.07 -11.69
H151 QOJ D . 1.20 14.04 -24.68
H161 QOJ D . -0.24 12.02 -24.43
H171 QOJ D . 0.44 10.14 -22.96
H181 QOJ D . 2.57 10.13 -21.69
H192 QOJ D . 4.52 10.22 -21.07
H191 QOJ D . 6.01 11.10 -20.73
H202 QOJ D . 4.88 10.73 -18.62
H201 QOJ D . 4.76 12.44 -19.02
H212 QOJ D . 2.49 12.15 -19.84
H211 QOJ D . 2.59 10.41 -19.62
H222 QOJ D . 2.97 10.81 -17.16
H221 QOJ D . 2.64 12.52 -17.45
H232 QOJ D . 0.41 11.94 -18.35
H231 QOJ D . 0.74 10.23 -18.06
H241 QOJ D . 0.33 12.43 -16.02
H242 QOJ D . 1.16 10.93 -15.59
H251 QOJ D . -1.09 10.46 -15.05
H252 QOJ D . -0.92 9.74 -16.65
H262 QOJ D . -1.71 12.15 -17.47
H261 QOJ D . -2.88 10.94 -16.96
H271 QOJ D . -1.75 13.11 -15.16
H272 QOJ D . -2.98 11.92 -14.72
H281 QOJ D . -4.20 12.96 -16.88
H282 QOJ D . -3.19 14.35 -16.47
H291 QOJ D . 7.36 12.90 -21.39
H292 QOJ D . 6.54 13.69 -20.05
H301 QOJ D . -5.33 10.96 -15.41
H302 QOJ D . -6.30 11.90 -16.54
H311 QOJ D . -7.24 10.17 -14.48
H312 QOJ D . -8.19 11.14 -15.62
H322 QOJ D . -8.70 12.58 -13.99
H321 QOJ D . -7.78 11.61 -12.84
H332 QOJ D . 7.26 15.70 -20.76
H331 QOJ D . 8.09 14.91 -22.11
H342 QOJ D . 5.66 16.45 -22.15
H341 QOJ D . 6.51 15.71 -23.51
C1 QOJ E . -7.40 -0.19 -20.29
N1 QOJ E . -7.82 1.72 -18.59
C2 QOJ E . -6.76 -0.64 -21.51
N2 QOJ E . -13.69 -7.49 -16.88
C3 QOJ E . -5.92 0.21 -22.30
N3 QOJ E . -12.65 -8.64 -12.71
C4 QOJ E . -5.68 1.55 -21.93
N4 QOJ E . -5.24 4.44 -21.00
C5 QOJ E . -7.25 1.15 -19.77
C6 QOJ E . -6.33 2.10 -20.63
C7 QOJ E . -6.10 3.53 -20.19
C8 QOJ E . -6.76 4.01 -18.92
C9 QOJ E . -7.59 3.13 -18.16
C10 QOJ E . -14.35 -8.61 -14.67
C11 QOJ E . -14.71 -8.19 -16.16
C12 QOJ E . -12.38 -7.15 -16.31
C13 QOJ E . -12.01 -7.51 -14.97
C14 QOJ E . -13.00 -8.26 -14.11
C15 QOJ E . -15.40 -9.38 -13.84
C16 QOJ E . -16.65 -9.69 -14.42
C17 QOJ E . -16.96 -9.30 -15.75
C18 QOJ E . -16.03 -8.58 -16.59
C19 QOJ E . -13.94 -7.07 -18.27
C20 QOJ E . -14.09 -5.54 -18.34
C21 QOJ E . -13.31 -4.97 -19.56
C22 QOJ E . -13.22 -3.45 -19.46
C23 QOJ E . -12.16 -3.06 -18.42
C24 QOJ E . -11.90 -1.55 -18.50
C25 QOJ E . -11.06 -1.12 -17.30
C26 QOJ E . -11.07 0.40 -17.17
C27 QOJ E . -10.13 1.03 -18.21
C28 QOJ E . -8.67 0.89 -17.75
C29 QOJ E . -11.27 -6.44 -16.93
C30 QOJ E . -8.10 3.83 -17.00
C31 QOJ E . -7.56 5.25 -17.04
C32 QOJ E . -6.71 5.32 -18.28
C33 QOJ E . -10.15 -6.36 -15.91
C34 QOJ E . -10.66 -7.05 -14.68
H11 QOJ E . -8.01 -0.89 -19.74
H21 QOJ E . -6.92 -1.66 -21.84
H31 QOJ E . -5.48 -0.17 -23.21
HN32 QOJ E . -13.30 -9.13 -12.16
HN31 QOJ E . -11.77 -8.42 -12.35
H41 QOJ E . -5.05 2.19 -22.53
HN42 QOJ E . -4.81 4.11 -21.82
HN41 QOJ E . -5.09 5.37 -20.71
H151 QOJ E . -15.18 -9.66 -12.83
H161 QOJ E . -17.39 -10.22 -13.84
H171 QOJ E . -17.93 -9.55 -16.16
H181 QOJ E . -16.34 -8.31 -17.57
H192 QOJ E . -13.11 -7.40 -18.88
H191 QOJ E . -14.84 -7.53 -18.65
H202 QOJ E . -15.13 -5.28 -18.45
H201 QOJ E . -13.70 -5.09 -17.45
H212 QOJ E . -12.33 -5.40 -19.58
H211 QOJ E . -13.84 -5.24 -20.46
H222 QOJ E . -12.95 -3.05 -20.42
H221 QOJ E . -14.18 -3.04 -19.16
H232 QOJ E . -12.51 -3.32 -17.44
H231 QOJ E . -11.24 -3.59 -18.63
H241 QOJ E . -12.84 -1.03 -18.49
H242 QOJ E . -11.36 -1.33 -19.42
H251 QOJ E . -10.03 -1.47 -17.44
H252 QOJ E . -11.46 -1.56 -16.40
H262 QOJ E . -12.08 0.77 -17.32
H261 QOJ E . -10.74 0.69 -16.17
H271 QOJ E . -10.37 2.07 -18.33
H272 QOJ E . -10.26 0.53 -19.16
H281 QOJ E . -8.37 -0.14 -17.83
H282 QOJ E . -8.60 1.21 -16.72
H291 QOJ E . -11.58 -5.45 -17.23
H292 QOJ E . -10.92 -6.98 -17.79
H301 QOJ E . -7.77 3.32 -16.10
H302 QOJ E . -9.18 3.85 -17.02
H311 QOJ E . -6.97 5.44 -16.16
H312 QOJ E . -8.37 5.96 -17.12
H322 QOJ E . -7.09 6.05 -18.95
H321 QOJ E . -5.69 5.56 -18.01
H332 QOJ E . -9.28 -6.85 -16.28
H331 QOJ E . -9.94 -5.31 -15.70
H342 QOJ E . -10.04 -7.90 -14.45
H341 QOJ E . -10.67 -6.36 -13.86
C1 QOJ F . -17.00 5.52 -9.03
N1 QOJ F . -15.14 6.42 -10.61
C2 QOJ F . -18.29 4.89 -8.88
N2 QOJ F . -17.28 15.35 -3.26
C3 QOJ F . -19.09 4.52 -10.01
N3 QOJ F . -19.64 18.94 -2.13
C4 QOJ F . -18.65 4.74 -11.33
N4 QOJ F . -17.57 5.29 -14.14
C5 QOJ F . -16.40 5.81 -10.33
C6 QOJ F . -17.27 5.41 -11.57
C7 QOJ F . -16.76 5.66 -12.96
C8 QOJ F . -15.40 6.32 -13.14
C9 QOJ F . -14.64 6.68 -11.97
C10 QOJ F . -17.44 17.55 -1.98
C11 QOJ F . -16.62 16.27 -2.39
C12 QOJ F . -18.65 15.54 -3.78
C13 QOJ F . -19.44 16.69 -3.42
C14 QOJ F . -18.85 17.74 -2.50
C15 QOJ F . -16.80 18.59 -1.03
C16 QOJ F . -15.47 18.36 -0.55
C17 QOJ F . -14.74 17.20 -0.94
C18 QOJ F . -15.28 16.19 -1.82
C19 QOJ F . -16.56 14.15 -3.68
C20 QOJ F . -15.77 14.43 -4.97
C21 QOJ F . -16.15 13.44 -6.08
C22 QOJ F . -15.48 12.04 -5.83
C23 QOJ F . -16.51 10.89 -6.02
C24 QOJ F . -15.90 9.75 -6.83
C25 QOJ F . -15.93 10.10 -8.33
C26 QOJ F . -15.82 8.82 -9.18
C27 QOJ F . -14.35 8.35 -9.25
C28 QOJ F . -14.26 6.83 -9.50
C29 QOJ F . -19.42 14.70 -4.67
C30 QOJ F . -13.38 7.28 -12.41
C31 QOJ F . -13.37 7.30 -13.92
C32 QOJ F . -14.69 6.68 -14.34
C33 QOJ F . -20.77 15.36 -4.88
C34 QOJ F . -20.73 16.62 -4.07
H11 QOJ F . -16.45 5.77 -8.13
H21 QOJ F . -18.66 4.71 -7.89
H31 QOJ F . -20.06 4.06 -9.84
HN32 QOJ F . -19.25 19.62 -1.52
HN31 QOJ F . -20.55 19.06 -2.47
H41 QOJ F . -19.27 4.45 -12.17
HN42 QOJ F . -18.45 4.86 -14.02
HN41 QOJ F . -17.24 5.45 -15.05
H151 QOJ F . -17.35 19.47 -0.73
H161 QOJ F . -15.02 19.09 0.10
H171 QOJ F . -13.74 17.07 -0.57
H181 QOJ F . -14.67 15.34 -2.08
H192 QOJ F . -15.87 13.84 -2.89
H191 QOJ F . -17.27 13.35 -3.85
H202 QOJ F . -15.97 15.43 -5.30
H201 QOJ F . -14.70 14.34 -4.76
H212 QOJ F . -17.22 13.32 -6.10
H211 QOJ F . -15.82 13.81 -7.03
H222 QOJ F . -14.67 11.92 -6.52
H221 QOJ F . -15.09 12.01 -4.82
H232 QOJ F . -16.79 10.51 -5.04
H231 QOJ F . -17.40 11.25 -6.52
H241 QOJ F . -16.47 8.84 -6.67
H242 QOJ F . -14.88 9.59 -6.52
H251 QOJ F . -15.10 10.76 -8.57
H252 QOJ F . -16.86 10.60 -8.57
H262 QOJ F . -16.43 8.05 -8.74
H261 QOJ F . -16.17 9.03 -10.18
H271 QOJ F . -13.85 8.58 -8.33
H272 QOJ F . -13.85 8.87 -10.07
H281 QOJ F . -14.55 6.31 -8.60
H282 QOJ F . -13.25 6.57 -9.73
H291 QOJ F . -19.54 13.71 -4.22
H292 QOJ F . -18.92 14.60 -5.61
H301 QOJ F . -12.55 6.70 -12.03
H302 QOJ F . -13.32 8.29 -12.04
H311 QOJ F . -12.54 6.73 -14.29
H312 QOJ F . -13.32 8.31 -14.28
H322 QOJ F . -15.26 7.39 -14.90
H321 QOJ F . -14.49 5.81 -14.94
H332 QOJ F . -20.91 15.58 -5.92
H331 QOJ F . -21.56 14.69 -4.54
H342 QOJ F . -20.86 17.48 -4.71
H341 QOJ F . -21.52 16.61 -3.33
N LEU A 1 -9.83 17.52 -21.49
CA LEU A 1 -9.00 17.29 -20.28
C LEU A 1 -8.13 16.05 -20.49
N LEU A 2 -8.79 14.91 -20.78
CA LEU A 2 -8.06 13.66 -21.02
C LEU A 2 -8.57 12.97 -22.30
N GLU A 3 -9.77 12.37 -22.24
CA GLU A 3 -10.34 11.69 -23.41
C GLU A 3 -9.57 10.40 -23.74
N LEU A 4 -10.28 9.40 -24.25
CA LEU A 4 -9.65 8.12 -24.60
C LEU A 4 -8.44 8.32 -25.53
N ASP A 5 -8.35 9.49 -26.17
CA ASP A 5 -7.25 9.77 -27.07
C ASP A 5 -5.96 10.03 -26.30
N LYS A 6 -6.09 10.71 -25.15
CA LYS A 6 -4.89 11.00 -24.34
C LYS A 6 -4.36 9.72 -23.70
N TRP A 7 -5.26 8.88 -23.20
CA TRP A 7 -4.84 7.63 -22.57
C TRP A 7 -4.08 6.75 -23.57
N ALA A 8 -4.68 6.57 -24.75
CA ALA A 8 -4.05 5.73 -25.78
C ALA A 8 -2.78 6.40 -26.31
N SER A 9 -2.79 7.73 -26.42
CA SER A 9 -1.60 8.44 -26.91
C SER A 9 -0.38 8.11 -26.04
N LEU A 10 -0.63 7.89 -24.74
CA LEU A 10 0.46 7.56 -23.80
C LEU A 10 1.16 6.24 -24.18
N TRP A 11 0.55 5.42 -25.06
CA TRP A 11 1.16 4.15 -25.45
C TRP A 11 2.44 4.37 -26.28
N ASN A 12 2.71 5.62 -26.69
CA ASN A 12 3.90 5.90 -27.50
C ASN A 12 5.18 5.58 -26.71
N TRP A 13 5.28 6.05 -25.45
CA TRP A 13 6.48 5.74 -24.63
C TRP A 13 6.16 4.64 -23.61
N PHE A 14 4.87 4.47 -23.28
CA PHE A 14 4.43 3.42 -22.34
C PHE A 14 5.20 3.45 -21.00
N ASP A 15 6.07 4.45 -20.76
CA ASP A 15 6.81 4.49 -19.50
C ASP A 15 5.89 4.65 -18.29
N ILE A 16 5.01 5.67 -18.34
CA ILE A 16 4.09 5.92 -17.25
C ILE A 16 3.03 4.80 -17.17
N THR A 17 2.52 4.38 -18.32
CA THR A 17 1.48 3.34 -18.35
C THR A 17 2.02 2.02 -17.79
N ASN A 18 3.24 1.63 -18.19
CA ASN A 18 3.82 0.38 -17.71
C ASN A 18 3.96 0.38 -16.19
N TRP A 19 4.49 1.47 -15.64
CA TRP A 19 4.69 1.56 -14.19
C TRP A 19 3.37 1.68 -13.42
N LEU A 20 2.47 2.58 -13.87
CA LEU A 20 1.22 2.78 -13.13
C LEU A 20 0.22 1.65 -13.31
N TRP A 21 0.45 0.73 -14.26
CA TRP A 21 -0.48 -0.38 -14.44
C TRP A 21 -0.40 -1.36 -13.26
N TYR A 22 0.53 -1.12 -12.31
CA TYR A 22 0.64 -2.00 -11.14
C TYR A 22 1.14 -1.26 -9.89
N ILE A 23 1.17 0.09 -9.90
CA ILE A 23 1.61 0.83 -8.72
C ILE A 23 0.74 0.41 -7.51
N ARG A 24 -0.57 0.22 -7.75
CA ARG A 24 -1.46 -0.21 -6.67
C ARG A 24 -1.15 -1.67 -6.29
N ILE A 25 -0.89 -2.51 -7.31
CA ILE A 25 -0.58 -3.91 -7.05
C ILE A 25 0.68 -4.02 -6.17
N PHE A 26 1.71 -3.18 -6.44
CA PHE A 26 2.93 -3.23 -5.65
C PHE A 26 2.62 -3.10 -4.15
N ILE A 27 1.63 -2.28 -3.79
CA ILE A 27 1.29 -2.10 -2.38
C ILE A 27 0.90 -3.44 -1.75
N ILE A 28 0.18 -4.30 -2.50
CA ILE A 28 -0.21 -5.60 -1.96
C ILE A 28 1.07 -6.39 -1.57
N ILE A 29 2.12 -6.35 -2.41
CA ILE A 29 3.37 -7.03 -2.08
C ILE A 29 3.91 -6.41 -0.79
N VAL A 30 3.85 -5.07 -0.70
CA VAL A 30 4.33 -4.37 0.49
C VAL A 30 3.41 -4.66 1.71
N GLY A 31 2.32 -5.43 1.51
CA GLY A 31 1.43 -5.79 2.62
C GLY A 31 1.85 -7.13 3.23
N SER A 32 2.35 -8.03 2.39
CA SER A 32 2.83 -9.33 2.87
C SER A 32 4.23 -9.20 3.48
N LEU A 33 4.98 -8.17 3.03
CA LEU A 33 6.33 -7.95 3.53
C LEU A 33 6.31 -7.76 5.04
N ILE A 34 5.33 -6.99 5.54
CA ILE A 34 5.24 -6.76 6.99
C ILE A 34 4.91 -8.07 7.72
N GLY A 35 4.23 -9.01 7.05
CA GLY A 35 3.91 -10.29 7.68
C GLY A 35 5.19 -11.10 7.86
N LEU A 36 5.95 -11.26 6.76
CA LEU A 36 7.21 -12.01 6.81
C LEU A 36 8.16 -11.41 7.87
N ARG A 37 8.07 -10.10 8.08
CA ARG A 37 8.91 -9.40 9.07
C ARG A 37 8.75 -10.01 10.47
N ILE A 38 7.53 -10.42 10.83
CA ILE A 38 7.32 -10.99 12.16
C ILE A 38 8.19 -12.24 12.35
N VAL A 39 8.26 -13.08 11.32
CA VAL A 39 9.05 -14.31 11.36
C VAL A 39 10.53 -14.00 11.71
N PHE A 40 11.02 -12.81 11.34
CA PHE A 40 12.41 -12.41 11.65
C PHE A 40 12.68 -12.43 13.16
N ALA A 41 11.67 -12.09 13.94
CA ALA A 41 11.83 -11.98 15.40
C ALA A 41 12.39 -13.25 16.05
N VAL A 42 12.02 -14.45 15.57
CA VAL A 42 12.55 -15.68 16.18
C VAL A 42 14.10 -15.72 16.09
N LEU A 43 14.63 -15.23 14.97
CA LEU A 43 16.09 -15.22 14.75
C LEU A 43 16.81 -14.42 15.85
N SER A 44 16.15 -13.40 16.41
CA SER A 44 16.79 -12.60 17.47
C SER A 44 17.19 -13.48 18.65
N LEU A 45 16.28 -14.36 19.06
CA LEU A 45 16.57 -15.27 20.19
C LEU A 45 17.68 -16.25 19.80
N VAL A 46 17.67 -16.67 18.53
CA VAL A 46 18.68 -17.62 18.03
C VAL A 46 20.10 -17.03 18.16
N ASN A 47 20.19 -15.69 18.13
CA ASN A 47 21.49 -15.04 18.22
C ASN A 47 22.20 -15.31 19.55
N ARG A 48 21.44 -15.46 20.64
CA ARG A 48 22.06 -15.70 21.95
C ARG A 48 22.46 -17.20 22.14
N VAL A 49 22.09 -18.05 21.18
CA VAL A 49 22.43 -19.49 21.29
C VAL A 49 23.80 -19.77 20.64
N ARG A 50 24.67 -18.75 20.60
CA ARG A 50 26.00 -18.92 20.02
C ARG A 50 26.75 -20.06 20.72
N GLN A 51 26.99 -21.16 20.00
CA GLN A 51 27.70 -22.30 20.59
C GLN A 51 29.17 -22.33 20.14
N LEU B 1 -11.62 3.26 -25.59
CA LEU B 1 -10.70 2.98 -24.45
C LEU B 1 -11.10 3.87 -23.27
N LEU B 2 -11.69 3.27 -22.22
CA LEU B 2 -12.10 4.05 -21.04
C LEU B 2 -13.02 5.20 -21.45
N GLU B 3 -14.35 4.99 -21.33
CA GLU B 3 -15.31 6.02 -21.69
C GLU B 3 -16.59 5.89 -20.88
N LEU B 4 -17.56 6.78 -21.14
CA LEU B 4 -18.84 6.76 -20.42
C LEU B 4 -19.48 5.36 -20.49
N ASP B 5 -19.32 4.71 -21.63
CA ASP B 5 -19.89 3.37 -21.82
C ASP B 5 -19.15 2.32 -21.01
N LYS B 6 -17.83 2.47 -20.92
CA LYS B 6 -17.02 1.49 -20.18
C LYS B 6 -17.27 1.58 -18.67
N TRP B 7 -17.26 2.81 -18.13
CA TRP B 7 -17.50 3.00 -16.69
C TRP B 7 -18.88 2.50 -16.30
N ALA B 8 -19.87 2.73 -17.16
CA ALA B 8 -21.23 2.30 -16.88
C ALA B 8 -21.35 0.77 -17.00
N SER B 9 -20.57 0.17 -17.89
CA SER B 9 -20.62 -1.29 -18.06
C SER B 9 -20.31 -1.99 -16.72
N LEU B 10 -19.46 -1.35 -15.92
CA LEU B 10 -19.09 -1.90 -14.61
C LEU B 10 -20.31 -2.08 -13.68
N TRP B 11 -21.43 -1.42 -14.02
CA TRP B 11 -22.63 -1.53 -13.18
C TRP B 11 -23.26 -2.93 -13.22
N ASN B 12 -22.71 -3.87 -14.02
CA ASN B 12 -23.32 -5.20 -14.10
C ASN B 12 -22.76 -6.17 -13.04
N TRP B 13 -21.43 -6.29 -12.91
CA TRP B 13 -20.87 -7.20 -11.88
C TRP B 13 -20.32 -6.42 -10.67
N PHE B 14 -19.96 -5.15 -10.89
CA PHE B 14 -19.48 -4.24 -9.82
C PHE B 14 -18.39 -4.81 -8.86
N ASP B 15 -17.98 -6.09 -8.95
CA ASP B 15 -16.97 -6.60 -8.00
C ASP B 15 -15.62 -5.89 -8.11
N ILE B 16 -15.02 -5.86 -9.32
CA ILE B 16 -13.74 -5.17 -9.49
C ILE B 16 -13.91 -3.64 -9.36
N THR B 17 -15.10 -3.12 -9.69
CA THR B 17 -15.35 -1.68 -9.60
C THR B 17 -15.10 -1.21 -8.17
N ASN B 18 -15.66 -1.93 -7.20
CA ASN B 18 -15.45 -1.58 -5.79
C ASN B 18 -13.96 -1.75 -5.42
N TRP B 19 -13.30 -2.72 -6.06
CA TRP B 19 -11.88 -2.97 -5.79
C TRP B 19 -11.01 -1.80 -6.26
N LEU B 20 -11.26 -1.30 -7.47
CA LEU B 20 -10.44 -0.22 -8.03
C LEU B 20 -10.86 1.16 -7.51
N TRP B 21 -12.10 1.31 -7.05
CA TRP B 21 -12.54 2.62 -6.55
C TRP B 21 -12.34 2.77 -5.04
N TYR B 22 -11.80 1.74 -4.37
CA TYR B 22 -11.56 1.82 -2.93
C TYR B 22 -10.13 1.40 -2.56
N ILE B 23 -9.32 1.01 -3.56
CA ILE B 23 -7.95 0.58 -3.28
C ILE B 23 -7.09 1.75 -2.75
N ARG B 24 -7.20 2.93 -3.38
CA ARG B 24 -6.40 4.08 -2.94
C ARG B 24 -6.64 4.40 -1.46
N ILE B 25 -7.89 4.31 -1.02
CA ILE B 25 -8.22 4.57 0.39
C ILE B 25 -7.61 3.47 1.27
N PHE B 26 -7.76 2.22 0.83
CA PHE B 26 -7.24 1.08 1.56
C PHE B 26 -5.73 1.23 1.86
N ILE B 27 -5.02 1.96 0.98
CA ILE B 27 -3.57 2.13 1.16
C ILE B 27 -3.26 2.78 2.52
N ILE B 28 -4.07 3.77 2.91
CA ILE B 28 -3.84 4.45 4.19
C ILE B 28 -3.90 3.44 5.34
N ILE B 29 -4.85 2.50 5.26
CA ILE B 29 -4.99 1.47 6.29
C ILE B 29 -3.72 0.60 6.35
N VAL B 30 -3.17 0.24 5.18
CA VAL B 30 -1.98 -0.63 5.15
C VAL B 30 -0.73 0.08 5.72
N GLY B 31 -0.79 1.40 5.97
CA GLY B 31 0.36 2.10 6.54
C GLY B 31 0.47 1.83 8.04
N SER B 32 -0.67 1.80 8.73
CA SER B 32 -0.69 1.54 10.17
C SER B 32 -0.41 0.06 10.49
N LEU B 33 -0.57 -0.81 9.49
CA LEU B 33 -0.34 -2.25 9.70
C LEU B 33 1.07 -2.52 10.22
N ILE B 34 2.05 -1.72 9.78
CA ILE B 34 3.43 -1.94 10.22
C ILE B 34 3.60 -1.55 11.70
N GLY B 35 2.95 -0.45 12.12
CA GLY B 35 3.04 -0.01 13.51
C GLY B 35 2.45 -1.06 14.45
N LEU B 36 1.30 -1.63 14.06
CA LEU B 36 0.64 -2.65 14.89
C LEU B 36 1.60 -3.84 15.18
N ARG B 37 2.50 -4.12 14.23
CA ARG B 37 3.47 -5.20 14.36
C ARG B 37 4.23 -5.16 15.70
N ILE B 38 4.43 -3.96 16.25
CA ILE B 38 5.23 -3.82 17.47
C ILE B 38 4.67 -4.62 18.68
N VAL B 39 3.35 -4.66 18.88
CA VAL B 39 2.79 -5.38 20.04
C VAL B 39 3.25 -6.86 20.07
N PHE B 40 3.51 -7.43 18.88
CA PHE B 40 3.95 -8.83 18.77
C PHE B 40 5.21 -9.11 19.61
N ALA B 41 6.00 -8.07 19.89
CA ALA B 41 7.26 -8.25 20.65
C ALA B 41 7.06 -9.11 21.90
N VAL B 42 5.90 -8.99 22.57
CA VAL B 42 5.66 -9.78 23.79
C VAL B 42 5.77 -11.29 23.47
N LEU B 43 5.41 -11.66 22.24
CA LEU B 43 5.47 -13.07 21.82
C LEU B 43 6.90 -13.61 21.97
N SER B 44 7.90 -12.76 21.70
CA SER B 44 9.29 -13.18 21.80
C SER B 44 9.63 -13.69 23.21
N LEU B 45 8.98 -13.13 24.24
CA LEU B 45 9.27 -13.55 25.62
C LEU B 45 8.80 -14.98 25.91
N VAL B 46 7.59 -15.33 25.45
CA VAL B 46 7.07 -16.69 25.71
C VAL B 46 7.33 -17.66 24.54
N ASN B 47 7.78 -17.15 23.38
CA ASN B 47 8.04 -18.05 22.24
C ASN B 47 9.10 -19.12 22.58
N ARG B 48 9.86 -18.90 23.67
CA ARG B 48 10.89 -19.86 24.05
C ARG B 48 10.31 -21.00 24.91
N VAL B 49 9.31 -20.67 25.74
CA VAL B 49 8.69 -21.67 26.61
C VAL B 49 7.47 -22.32 25.93
N ARG B 50 7.46 -22.34 24.59
CA ARG B 50 6.35 -22.95 23.85
C ARG B 50 6.04 -24.35 24.35
N GLN B 51 4.76 -24.73 24.32
CA GLN B 51 4.36 -26.07 24.78
C GLN B 51 4.47 -27.09 23.64
N LEU C 1 -23.05 10.10 -17.20
CA LEU C 1 -22.06 9.26 -16.46
C LEU C 1 -20.65 9.74 -16.80
N LEU C 2 -20.05 10.54 -15.91
CA LEU C 2 -18.69 11.04 -16.15
C LEU C 2 -18.61 11.75 -17.53
N GLU C 3 -17.39 11.78 -18.15
CA GLU C 3 -17.10 12.42 -19.47
C GLU C 3 -16.00 13.47 -19.31
N LEU C 4 -15.48 13.95 -20.44
CA LEU C 4 -14.43 14.97 -20.40
C LEU C 4 -14.92 16.25 -19.73
N ASP C 5 -16.16 16.60 -20.02
CA ASP C 5 -16.76 17.81 -19.42
C ASP C 5 -17.07 17.62 -17.94
N LYS C 6 -17.26 16.37 -17.52
CA LYS C 6 -17.58 16.08 -16.12
C LYS C 6 -16.40 16.37 -15.18
N TRP C 7 -15.19 16.01 -15.60
CA TRP C 7 -14.01 16.25 -14.77
C TRP C 7 -13.75 17.74 -14.58
N ALA C 8 -13.85 18.49 -15.67
CA ALA C 8 -13.59 19.93 -15.62
C ALA C 8 -14.44 20.65 -14.58
N SER C 9 -15.64 20.14 -14.32
CA SER C 9 -16.52 20.78 -13.32
C SER C 9 -15.85 20.81 -11.94
N LEU C 10 -15.05 19.78 -11.65
CA LEU C 10 -14.35 19.69 -10.35
C LEU C 10 -13.30 20.80 -10.18
N TRP C 11 -13.04 21.58 -11.24
CA TRP C 11 -12.03 22.65 -11.15
C TRP C 11 -12.53 23.88 -10.39
N ASN C 12 -13.85 24.04 -10.21
CA ASN C 12 -14.34 25.24 -9.50
C ASN C 12 -13.82 25.27 -8.06
N TRP C 13 -13.98 24.16 -7.31
CA TRP C 13 -13.49 24.14 -5.90
C TRP C 13 -12.08 23.51 -5.67
N PHE C 14 -11.56 22.65 -6.58
CA PHE C 14 -10.22 22.02 -6.44
C PHE C 14 -9.87 21.45 -5.04
N ASP C 15 -10.79 21.48 -4.05
CA ASP C 15 -10.44 20.93 -2.74
C ASP C 15 -10.19 19.43 -2.84
N ILE C 16 -11.16 18.71 -3.40
CA ILE C 16 -11.01 17.26 -3.57
C ILE C 16 -9.96 16.93 -4.64
N THR C 17 -9.78 17.83 -5.62
CA THR C 17 -8.82 17.60 -6.70
C THR C 17 -7.41 17.39 -6.16
N ASN C 18 -7.04 18.15 -5.12
CA ASN C 18 -5.70 18.01 -4.56
C ASN C 18 -5.49 16.58 -4.05
N TRP C 19 -6.47 16.07 -3.31
CA TRP C 19 -6.38 14.70 -2.78
C TRP C 19 -6.58 13.65 -3.91
N LEU C 20 -7.47 13.95 -4.86
CA LEU C 20 -7.74 13.00 -5.94
C LEU C 20 -6.54 12.82 -6.88
N TRP C 21 -5.44 13.55 -6.64
CA TRP C 21 -4.28 13.42 -7.51
C TRP C 21 -2.97 13.51 -6.73
N TYR C 22 -1.97 12.86 -7.31
CA TYR C 22 -0.60 12.79 -6.79
C TYR C 22 -0.44 12.24 -5.36
N ILE C 23 -1.54 11.92 -4.65
CA ILE C 23 -1.39 11.31 -3.32
C ILE C 23 -0.67 9.95 -3.46
N ARG C 24 -0.97 9.26 -4.55
CA ARG C 24 -0.38 7.94 -4.81
C ARG C 24 1.15 8.00 -4.75
N ILE C 25 1.75 9.14 -5.13
CA ILE C 25 3.21 9.28 -5.08
C ILE C 25 3.71 9.05 -3.65
N PHE C 26 3.07 9.72 -2.71
CA PHE C 26 3.47 9.61 -1.30
C PHE C 26 3.52 8.16 -0.81
N ILE C 27 2.72 7.28 -1.42
CA ILE C 27 2.68 5.88 -0.98
C ILE C 27 4.07 5.24 -1.05
N ILE C 28 4.85 5.57 -2.09
CA ILE C 28 6.20 5.00 -2.20
C ILE C 28 7.01 5.41 -0.95
N ILE C 29 6.86 6.67 -0.53
CA ILE C 29 7.55 7.17 0.65
C ILE C 29 6.99 6.49 1.91
N VAL C 30 5.66 6.33 1.97
CA VAL C 30 5.03 5.72 3.16
C VAL C 30 5.40 4.22 3.31
N GLY C 31 5.63 3.46 2.22
CA GLY C 31 5.97 2.04 2.37
C GLY C 31 7.46 1.84 2.78
N SER C 32 8.13 2.92 3.21
CA SER C 32 9.53 2.83 3.62
C SER C 32 9.66 2.48 5.10
N LEU C 33 8.73 2.97 5.93
CA LEU C 33 8.78 2.69 7.37
C LEU C 33 8.86 1.18 7.61
N ILE C 34 8.24 0.37 6.74
CA ILE C 34 8.28 -1.08 6.92
C ILE C 34 9.74 -1.55 6.99
N GLY C 35 10.62 -0.92 6.19
CA GLY C 35 12.04 -1.26 6.24
C GLY C 35 12.58 -1.01 7.67
N LEU C 36 12.19 0.11 8.27
CA LEU C 36 12.62 0.45 9.63
C LEU C 36 12.27 -0.67 10.65
N ARG C 37 11.18 -1.39 10.40
CA ARG C 37 10.72 -2.45 11.32
C ARG C 37 11.82 -3.46 11.75
N ILE C 38 12.77 -3.81 10.87
CA ILE C 38 13.78 -4.84 11.26
C ILE C 38 14.61 -4.44 12.48
N VAL C 39 15.05 -3.18 12.59
CA VAL C 39 15.87 -2.80 13.74
C VAL C 39 15.17 -3.11 15.07
N PHE C 40 13.84 -3.10 15.07
CA PHE C 40 13.07 -3.38 16.30
C PHE C 40 13.47 -4.73 16.92
N ALA C 41 13.80 -5.70 16.07
CA ALA C 41 14.14 -7.04 16.56
C ALA C 41 15.27 -7.00 17.59
N VAL C 42 16.26 -6.09 17.43
CA VAL C 42 17.36 -6.02 18.42
C VAL C 42 16.80 -5.58 19.79
N LEU C 43 15.76 -4.74 19.77
CA LEU C 43 15.15 -4.27 21.00
C LEU C 43 14.61 -5.44 21.84
N SER C 44 14.01 -6.42 21.15
CA SER C 44 13.46 -7.59 21.82
C SER C 44 14.54 -8.36 22.57
N LEU C 45 15.75 -8.40 22.01
CA LEU C 45 16.86 -9.11 22.65
C LEU C 45 17.10 -8.56 24.06
N VAL C 46 17.08 -7.22 24.20
CA VAL C 46 17.31 -6.60 25.51
C VAL C 46 16.03 -6.51 26.35
N ASN C 47 14.86 -6.78 25.75
CA ASN C 47 13.59 -6.70 26.49
C ASN C 47 13.56 -7.69 27.66
N ARG C 48 14.32 -8.80 27.56
CA ARG C 48 14.32 -9.81 28.63
C ARG C 48 15.22 -9.40 29.80
N VAL C 49 16.17 -8.49 29.58
CA VAL C 49 17.06 -8.05 30.66
C VAL C 49 16.56 -6.74 31.29
N ARG C 50 15.88 -5.91 30.49
CA ARG C 50 15.34 -4.65 31.00
C ARG C 50 13.87 -4.80 31.39
N GLN C 51 13.27 -3.73 31.92
CA GLN C 51 11.86 -3.79 32.33
C GLN C 51 10.97 -4.25 31.17
C1 QOJ D . -4.60 15.84 -13.58
N1 QOJ D . -5.87 13.55 -13.59
C2 QOJ D . -4.65 17.26 -13.42
N2 QOJ D . 2.68 13.04 -22.75
C3 QOJ D . -5.86 17.97 -13.13
N3 QOJ D . 5.31 15.22 -25.59
C4 QOJ D . -7.09 17.29 -12.99
N4 QOJ D . -9.69 15.68 -12.71
C5 QOJ D . -5.78 14.98 -13.46
C6 QOJ D . -7.12 15.74 -13.15
C7 QOJ D . -8.41 14.97 -13.00
C8 QOJ D . -8.38 13.47 -13.16
C9 QOJ D . -7.14 12.81 -13.45
C10 QOJ D . 5.03 13.58 -23.58
C11 QOJ D . 4.08 12.81 -22.59
C12 QOJ D . 2.10 13.92 -23.77
C13 QOJ D . 2.93 14.65 -24.70
C14 QOJ D . 4.43 14.48 -24.63
C15 QOJ D . 6.56 13.37 -23.47
C16 QOJ D . 7.07 12.51 -22.47
C17 QOJ D . 6.20 11.83 -21.57
C18 QOJ D . 4.76 11.96 -21.62
C19 QOJ D . 1.75 12.35 -21.84
C20 QOJ D . 1.50 13.20 -20.61
C21 QOJ D . 0.68 12.40 -19.59
C22 QOJ D . 0.35 13.27 -18.35
C23 QOJ D . -1.17 13.28 -18.09
C24 QOJ D . -1.45 13.86 -16.70
C25 QOJ D . -2.95 13.77 -16.40
C26 QOJ D . -3.30 12.34 -15.98
C27 QOJ D . -4.71 12.31 -15.36
C28 QOJ D . -4.68 12.77 -13.89
C29 QOJ D . 0.70 14.24 -24.04
C30 QOJ D . -7.38 11.37 -13.56
C31 QOJ D . -8.86 11.13 -13.32
C32 QOJ D . -9.45 12.48 -13.08
C33 QOJ D . 0.66 15.21 -25.20
C34 QOJ D . 2.10 15.43 -25.59
H11 QOJ D . -3.65 15.38 -13.78
H21 QOJ D . -3.73 17.83 -13.52
H31 QOJ D . -5.84 19.05 -13.02
HN32 QOJ D . 6.29 15.11 -25.53
HN31 QOJ D . 4.93 15.81 -26.26
H41 QOJ D . -8.00 17.83 -12.78
HN42 QOJ D . -9.69 16.65 -12.60
HN41 QOJ D . -10.52 15.17 -12.61
H151 QOJ D . 7.23 13.88 -24.14
H161 QOJ D . 8.13 12.37 -22.39
H171 QOJ D . 6.63 11.18 -20.81
H181 QOJ D . 4.17 11.42 -20.91
H192 QOJ D . 0.82 12.18 -22.36
H191 QOJ D . 2.17 11.40 -21.55
H202 QOJ D . 2.45 13.49 -20.16
H201 QOJ D . 0.97 14.10 -20.89
H212 QOJ D . -0.24 12.07 -20.07
H211 QOJ D . 1.25 11.54 -19.28
H222 QOJ D . 0.84 12.85 -17.48
H221 QOJ D . 0.69 14.28 -18.49
H232 QOJ D . -1.65 13.89 -18.84
H231 QOJ D . -1.55 12.27 -18.14
H241 QOJ D . -1.14 14.90 -16.68
H242 QOJ D . -0.89 13.31 -15.96
H251 QOJ D . -3.52 14.05 -17.27
H252 QOJ D . -3.18 14.45 -15.58
H262 QOJ D . -3.29 11.70 -16.85
H261 QOJ D . -2.59 11.98 -15.26
H271 QOJ D . -5.10 11.31 -15.40
H272 QOJ D . -5.37 12.96 -15.92
H281 QOJ D . -3.79 13.37 -13.70
H282 QOJ D . -4.65 11.90 -13.25
H291 QOJ D . 0.26 14.69 -23.16
H292 QOJ D . 0.17 13.35 -24.30
H301 QOJ D . -6.79 10.85 -12.82
H302 QOJ D . -7.11 11.03 -14.55
H311 QOJ D . -8.99 10.48 -12.46
H312 QOJ D . -9.30 10.68 -14.19
H322 QOJ D . -10.19 12.71 -13.83
H321 QOJ D . -9.91 12.51 -12.10
H332 QOJ D . 0.12 14.78 -26.03
H331 QOJ D . 0.19 16.13 -24.90
H342 QOJ D . 2.26 15.11 -26.60
H341 QOJ D . 2.34 16.49 -25.51
C1 QOJ E . -5.77 -0.86 -18.50
N1 QOJ E . -6.61 1.24 -17.22
C2 QOJ E . -4.96 -1.43 -19.55
N2 QOJ E . -14.66 -7.72 -18.11
C3 QOJ E . -4.17 -0.61 -20.42
N3 QOJ E . -18.22 -9.78 -19.80
C4 QOJ E . -4.14 0.79 -20.29
N4 QOJ E . -4.17 3.83 -19.90
C5 QOJ E . -5.85 0.56 -18.23
C6 QOJ E . -4.97 1.46 -19.18
C7 QOJ E . -4.98 2.96 -19.01
C8 QOJ E . -5.84 3.57 -17.90
C9 QOJ E . -6.61 2.70 -17.05
C10 QOJ E . -16.72 -9.18 -17.75
C11 QOJ E . -15.46 -8.45 -17.17
C12 QOJ E . -14.96 -7.64 -19.56
C13 QOJ E . -16.10 -8.29 -20.13
C14 QOJ E . -17.03 -9.10 -19.23
C15 QOJ E . -17.63 -9.99 -16.80
C16 QOJ E . -17.30 -10.04 -15.42
C17 QOJ E . -16.16 -9.36 -14.89
C18 QOJ E . -15.27 -8.59 -15.74
C19 QOJ E . -13.46 -7.03 -17.63
C20 QOJ E . -13.83 -5.65 -17.06
C21 QOJ E . -12.69 -4.63 -17.27
C22 QOJ E . -12.46 -3.78 -16.01
C23 QOJ E . -11.47 -2.65 -16.31
C24 QOJ E . -11.37 -1.70 -15.11
C25 QOJ E . -10.01 -0.98 -15.12
C26 QOJ E . -9.95 0.09 -16.23
C27 QOJ E . -8.68 -0.07 -17.08
C28 QOJ E . -7.43 0.43 -16.32
C29 QOJ E . -14.23 -6.94 -20.61
C30 QOJ E . -7.33 3.52 -16.08
C31 QOJ E . -6.97 4.97 -16.34
C32 QOJ E . -6.02 4.95 -17.51
C33 QOJ E . -14.97 -7.18 -21.90
C34 QOJ E . -16.16 -8.04 -21.56
H11 QOJ E . -6.34 -1.54 -17.87
H21 QOJ E . -4.95 -2.50 -19.68
H31 QOJ E . -3.57 -1.08 -21.19
HN32 QOJ E . -18.81 -10.30 -19.21
HN31 QOJ E . -18.41 -9.73 -20.76
H41 QOJ E . -3.53 1.39 -20.96
HN42 QOJ E . -3.63 3.44 -20.61
HN41 QOJ E . -4.18 4.81 -19.77
H151 QOJ E . -18.50 -10.50 -17.17
H161 QOJ E . -17.94 -10.61 -14.75
H171 QOJ E . -15.94 -9.43 -13.84
H181 QOJ E . -14.42 -8.09 -15.28
H192 QOJ E . -13.00 -7.63 -16.85
H191 QOJ E . -12.76 -6.91 -18.45
H202 QOJ E . -14.72 -5.30 -17.56
H201 QOJ E . -14.03 -5.75 -16.01
H212 QOJ E . -11.76 -5.14 -17.52
H211 QOJ E . -12.94 -3.98 -18.10
H222 QOJ E . -13.41 -3.35 -15.70
H221 QOJ E . -12.08 -4.41 -15.22
H232 QOJ E . -10.50 -3.10 -16.51
H231 QOJ E . -11.80 -2.11 -17.18
H241 QOJ E . -11.47 -2.25 -14.19
H242 QOJ E . -12.16 -0.96 -15.18
H251 QOJ E . -9.23 -1.72 -15.27
H252 QOJ E . -9.86 -0.51 -14.16
H262 QOJ E . -10.82 0.01 -16.88
H261 QOJ E . -9.95 1.07 -15.78
H271 QOJ E . -8.80 0.50 -17.99
H272 QOJ E . -8.55 -1.11 -17.33
H281 QOJ E . -6.86 -0.42 -15.98
H282 QOJ E . -7.73 1.02 -15.47
H291 QOJ E . -13.22 -7.32 -20.67
H292 QOJ E . -14.21 -5.89 -20.40
H301 QOJ E . -7.03 3.24 -15.08
H302 QOJ E . -8.38 3.39 -16.19
H311 QOJ E . -6.51 5.41 -15.47
H312 QOJ E . -7.86 5.54 -16.61
H322 QOJ E . -6.44 5.50 -18.33
H321 QOJ E . -5.08 5.39 -17.22
H332 QOJ E . -15.32 -6.24 -22.32
H331 QOJ E . -14.33 -7.67 -22.62
H342 QOJ E . -17.07 -7.54 -21.79
H341 QOJ E . -16.10 -8.97 -22.11
C1 QOJ F . -20.82 6.19 -10.25
N1 QOJ F . -18.56 6.92 -11.29
C2 QOJ F . -21.59 5.21 -9.51
N2 QOJ F . -18.54 17.11 -5.33
C3 QOJ F . -21.00 3.98 -9.04
N3 QOJ F . -19.55 21.37 -4.51
C4 QOJ F . -19.64 3.68 -9.28
N4 QOJ F . -16.67 3.14 -9.87
C5 QOJ F . -19.42 6.02 -10.57
C6 QOJ F . -18.77 4.69 -10.07
C7 QOJ F . -17.31 4.41 -10.35
C8 QOJ F . -16.50 5.43 -11.12
C9 QOJ F . -17.13 6.63 -11.58
C10 QOJ F . -18.06 19.28 -4.06
C11 QOJ F . -17.72 17.77 -4.36
C12 QOJ F . -19.66 17.76 -6.03
C13 QOJ F . -20.01 19.13 -5.79
C14 QOJ F . -19.21 19.94 -4.79
C15 QOJ F . -17.21 20.06 -3.03
C16 QOJ F . -16.14 19.39 -2.38
C17 QOJ F . -15.84 18.02 -2.66
C18 QOJ F . -16.60 17.24 -3.62
C19 QOJ F . -18.26 15.71 -5.64
C20 QOJ F . -17.20 15.65 -6.75
C21 QOJ F . -16.39 14.36 -6.66
C22 QOJ F . -17.15 13.20 -7.32
C23 QOJ F . -17.12 13.33 -8.86
C24 QOJ F . -16.82 11.96 -9.52
C25 QOJ F . -18.07 11.08 -9.50
C26 QOJ F . -17.88 9.91 -10.46
C27 QOJ F . -19.22 9.18 -10.64
C28 QOJ F . -19.13 8.17 -11.79
C29 QOJ F . -20.57 17.21 -7.02
C30 QOJ F . -16.16 7.45 -12.29
C31 QOJ F . -14.85 6.70 -12.28
C32 QOJ F . -15.11 5.42 -11.54
C33 QOJ F . -21.54 18.30 -7.43
C34 QOJ F . -21.15 19.50 -6.61
H11 QOJ F . -21.32 7.09 -10.57
H21 QOJ F . -22.62 5.40 -9.31
H31 QOJ F . -21.61 3.28 -8.50
HN32 QOJ F . -19.03 21.88 -3.87
HN31 QOJ F . -20.30 21.80 -4.99
H41 QOJ F . -19.21 2.75 -8.92
HN42 QOJ F . -17.20 2.49 -9.37
HN41 QOJ F . -15.73 2.97 -10.06
H151 QOJ F . -17.43 21.10 -2.80
H161 QOJ F . -15.55 19.94 -1.65
H171 QOJ F . -15.02 17.55 -2.14
H181 QOJ F . -16.31 16.22 -3.78
H192 QOJ F . -17.88 15.22 -4.75
H191 QOJ F . -19.16 15.22 -5.98
H202 QOJ F . -17.70 15.71 -7.71
H201 QOJ F . -16.54 16.51 -6.65
H212 QOJ F . -15.45 14.50 -7.18
H211 QOJ F . -16.19 14.12 -5.63
H222 QOJ F . -16.71 12.26 -7.01
H221 QOJ F . -18.18 13.23 -6.98
H232 QOJ F . -18.09 13.68 -9.21
H231 QOJ F . -16.36 14.03 -9.17
H241 QOJ F . -16.03 11.48 -8.96
H242 QOJ F . -16.50 12.12 -10.54
H251 QOJ F . -18.93 11.66 -9.80
H252 QOJ F . -18.22 10.71 -8.50
H262 QOJ F . -17.54 10.28 -11.41
H261 QOJ F . -17.15 9.23 -10.05
H271 QOJ F . -20.00 9.89 -10.85
H272 QOJ F . -19.46 8.66 -9.72
H281 QOJ F . -18.51 8.57 -12.58
H282 QOJ F . -20.12 7.99 -12.18
H291 QOJ F . -21.10 16.37 -6.59
H292 QOJ F . -20.01 16.89 -7.89
H301 QOJ F . -16.05 8.40 -11.80
H302 QOJ F . -16.48 7.60 -13.30
H311 QOJ F . -14.09 7.29 -11.79
H312 QOJ F . -14.54 6.48 -13.30
H322 QOJ F . -14.93 4.57 -12.17
H321 QOJ F . -14.46 5.36 -10.67
H332 QOJ F . -21.44 18.52 -8.48
H331 QOJ F . -22.55 17.99 -7.20
H342 QOJ F . -20.86 20.32 -7.26
H341 QOJ F . -21.98 19.82 -6.00
N LEU A 1 -5.70 15.66 -19.89
CA LEU A 1 -5.75 15.04 -18.53
C LEU A 1 -5.81 13.51 -18.68
N LEU A 2 -6.98 12.99 -19.10
CA LEU A 2 -7.13 11.54 -19.27
C LEU A 2 -7.64 11.22 -20.70
N GLU A 3 -8.53 10.22 -20.89
CA GLU A 3 -9.01 9.86 -22.24
C GLU A 3 -7.89 9.13 -22.99
N LEU A 4 -8.23 7.98 -23.58
CA LEU A 4 -7.23 7.19 -24.31
C LEU A 4 -6.51 8.04 -25.35
N ASP A 5 -7.11 9.18 -25.72
CA ASP A 5 -6.46 10.08 -26.66
C ASP A 5 -5.18 10.60 -26.01
N LYS A 6 -5.31 11.06 -24.76
CA LYS A 6 -4.14 11.55 -24.02
C LYS A 6 -3.23 10.39 -23.62
N TRP A 7 -3.82 9.30 -23.13
CA TRP A 7 -3.02 8.14 -22.71
C TRP A 7 -2.20 7.62 -23.91
N ALA A 8 -2.80 7.71 -25.11
CA ALA A 8 -2.11 7.23 -26.33
C ALA A 8 -0.72 7.84 -26.50
N SER A 9 -0.61 9.17 -26.34
CA SER A 9 0.69 9.81 -26.48
C SER A 9 1.73 9.14 -25.56
N LEU A 10 1.26 8.66 -24.41
CA LEU A 10 2.12 8.01 -23.43
C LEU A 10 2.46 6.54 -23.84
N TRP A 11 1.73 5.96 -24.81
CA TRP A 11 2.01 4.56 -25.21
C TRP A 11 3.37 4.43 -25.93
N ASN A 12 3.95 5.55 -26.41
CA ASN A 12 5.22 5.46 -27.13
C ASN A 12 6.39 5.05 -26.22
N TRP A 13 6.52 5.70 -25.07
CA TRP A 13 7.61 5.38 -24.12
C TRP A 13 7.10 4.56 -22.93
N PHE A 14 5.78 4.67 -22.66
CA PHE A 14 5.14 3.94 -21.56
C PHE A 14 5.96 3.89 -20.26
N ASP A 15 6.97 4.75 -20.08
CA ASP A 15 7.76 4.72 -18.86
C ASP A 15 6.91 5.06 -17.64
N ILE A 16 6.21 6.19 -17.70
CA ILE A 16 5.34 6.60 -16.59
C ILE A 16 4.12 5.67 -16.46
N THR A 17 3.70 5.06 -17.58
CA THR A 17 2.53 4.17 -17.53
C THR A 17 2.77 3.03 -16.56
N ASN A 18 4.00 2.50 -16.55
CA ASN A 18 4.33 1.39 -15.64
C ASN A 18 4.15 1.82 -14.18
N TRP A 19 4.69 2.98 -13.83
CA TRP A 19 4.59 3.48 -12.45
C TRP A 19 3.16 3.96 -12.12
N LEU A 20 2.55 4.75 -13.01
CA LEU A 20 1.22 5.32 -12.74
C LEU A 20 0.07 4.30 -12.88
N TRP A 21 0.18 3.33 -13.80
CA TRP A 21 -0.91 2.36 -13.96
C TRP A 21 -0.74 1.13 -13.07
N TYR A 22 0.27 1.12 -12.20
CA TYR A 22 0.47 -0.03 -11.30
C TYR A 22 0.52 0.36 -9.83
N ILE A 23 0.33 1.66 -9.51
CA ILE A 23 0.37 2.08 -8.10
C ILE A 23 -0.62 1.28 -7.26
N ARG A 24 -1.84 1.09 -7.78
CA ARG A 24 -2.88 0.33 -7.07
C ARG A 24 -2.52 -1.17 -7.03
N ILE A 25 -2.15 -1.73 -8.18
CA ILE A 25 -1.81 -3.15 -8.27
C ILE A 25 -0.61 -3.50 -7.35
N PHE A 26 0.45 -2.69 -7.41
CA PHE A 26 1.65 -2.95 -6.59
C PHE A 26 1.30 -3.11 -5.11
N ILE A 27 0.21 -2.48 -4.64
CA ILE A 27 -0.14 -2.57 -3.21
C ILE A 27 -0.34 -4.03 -2.79
N ILE A 28 -1.02 -4.83 -3.63
CA ILE A 28 -1.23 -6.24 -3.30
C ILE A 28 0.13 -6.93 -3.08
N ILE A 29 1.11 -6.63 -3.95
CA ILE A 29 2.44 -7.23 -3.80
C ILE A 29 3.00 -6.89 -2.41
N VAL A 30 2.80 -5.63 -1.97
CA VAL A 30 3.30 -5.22 -0.66
C VAL A 30 2.54 -5.93 0.50
N GLY A 31 1.48 -6.71 0.17
CA GLY A 31 0.74 -7.42 1.22
C GLY A 31 1.59 -8.58 1.76
N SER A 32 2.30 -9.27 0.85
CA SER A 32 3.16 -10.38 1.27
C SER A 32 4.40 -9.85 1.98
N LEU A 33 4.88 -8.66 1.55
CA LEU A 33 6.07 -8.07 2.15
C LEU A 33 5.83 -7.78 3.64
N ILE A 34 4.68 -7.16 3.97
CA ILE A 34 4.38 -6.84 5.36
C ILE A 34 4.15 -8.12 6.18
N GLY A 35 3.54 -9.15 5.57
CA GLY A 35 3.31 -10.42 6.28
C GLY A 35 4.65 -11.08 6.60
N LEU A 36 5.58 -11.02 5.64
CA LEU A 36 6.91 -11.61 5.80
C LEU A 36 7.62 -11.05 7.04
N ARG A 37 7.35 -9.79 7.37
CA ARG A 37 7.97 -9.11 8.52
C ARG A 37 7.89 -9.91 9.83
N ILE A 38 6.80 -10.64 10.05
CA ILE A 38 6.62 -11.35 11.33
C ILE A 38 7.74 -12.37 11.64
N VAL A 39 8.23 -13.12 10.65
CA VAL A 39 9.29 -14.12 10.93
C VAL A 39 10.51 -13.47 11.61
N PHE A 40 10.72 -12.19 11.32
CA PHE A 40 11.86 -11.48 11.91
C PHE A 40 11.79 -11.54 13.44
N ALA A 41 10.59 -11.49 13.98
CA ALA A 41 10.42 -11.53 15.45
C ALA A 41 11.08 -12.78 16.05
N VAL A 42 10.78 -13.97 15.51
CA VAL A 42 11.40 -15.20 16.01
C VAL A 42 12.90 -15.22 15.68
N LEU A 43 13.23 -14.74 14.48
CA LEU A 43 14.62 -14.68 14.03
C LEU A 43 15.42 -13.66 14.89
N SER A 44 14.72 -12.69 15.50
CA SER A 44 15.41 -11.69 16.32
C SER A 44 16.09 -12.35 17.52
N LEU A 45 15.39 -13.28 18.18
CA LEU A 45 15.95 -13.99 19.33
C LEU A 45 17.14 -14.83 18.88
N VAL A 46 17.05 -15.40 17.68
CA VAL A 46 18.12 -16.23 17.12
C VAL A 46 19.40 -15.41 16.98
N ASN A 47 19.25 -14.13 16.63
CA ASN A 47 20.41 -13.24 16.47
C ASN A 47 21.21 -13.10 17.77
N ARG A 48 20.60 -13.45 18.92
CA ARG A 48 21.27 -13.34 20.20
C ARG A 48 22.32 -14.44 20.37
N VAL A 49 21.99 -15.66 19.93
CA VAL A 49 22.94 -16.78 20.05
C VAL A 49 23.72 -16.97 18.73
N ARG A 50 23.87 -15.90 17.95
CA ARG A 50 24.61 -16.00 16.69
C ARG A 50 26.08 -16.29 16.96
N GLN A 51 26.59 -17.39 16.37
CA GLN A 51 28.00 -17.76 16.56
C GLN A 51 28.92 -16.80 15.81
N LEU B 1 -11.30 6.55 -27.90
CA LEU B 1 -11.44 5.15 -27.40
C LEU B 1 -11.89 5.20 -25.90
N LEU B 2 -11.01 4.83 -24.96
CA LEU B 2 -11.33 4.84 -23.54
C LEU B 2 -12.49 3.92 -23.22
N GLU B 3 -12.50 3.45 -21.99
CA GLU B 3 -13.53 2.57 -21.52
C GLU B 3 -14.61 3.39 -20.78
N LEU B 4 -14.98 4.54 -21.36
CA LEU B 4 -16.00 5.41 -20.74
C LEU B 4 -17.28 4.63 -20.46
N ASP B 5 -17.66 3.81 -21.42
CA ASP B 5 -18.86 2.99 -21.27
C ASP B 5 -18.63 1.82 -20.33
N LYS B 6 -17.42 1.27 -20.35
CA LYS B 6 -17.09 0.14 -19.50
C LYS B 6 -17.01 0.55 -18.03
N TRP B 7 -16.55 1.78 -17.77
CA TRP B 7 -16.45 2.28 -16.41
C TRP B 7 -17.83 2.26 -15.76
N ALA B 8 -18.80 2.91 -16.42
CA ALA B 8 -20.16 2.95 -15.88
C ALA B 8 -20.82 1.59 -15.99
N SER B 9 -20.64 0.93 -17.14
CA SER B 9 -21.20 -0.41 -17.34
C SER B 9 -20.77 -1.35 -16.22
N LEU B 10 -19.56 -1.12 -15.68
CA LEU B 10 -19.04 -1.97 -14.61
C LEU B 10 -20.01 -2.03 -13.43
N TRP B 11 -20.86 -0.99 -13.25
CA TRP B 11 -21.82 -1.00 -12.14
C TRP B 11 -22.91 -2.07 -12.34
N ASN B 12 -22.89 -2.78 -13.48
CA ASN B 12 -23.91 -3.80 -13.75
C ASN B 12 -23.59 -5.11 -13.03
N TRP B 13 -22.32 -5.40 -12.78
CA TRP B 13 -21.95 -6.66 -12.10
C TRP B 13 -21.97 -6.50 -10.58
N PHE B 14 -21.81 -5.26 -10.09
CA PHE B 14 -21.83 -4.98 -8.64
C PHE B 14 -20.63 -5.60 -7.88
N ASP B 15 -20.48 -6.92 -7.92
CA ASP B 15 -19.39 -7.58 -7.17
C ASP B 15 -18.01 -7.07 -7.56
N ILE B 16 -17.66 -7.05 -8.85
CA ILE B 16 -16.33 -6.57 -9.26
C ILE B 16 -16.20 -5.06 -9.03
N THR B 17 -17.30 -4.31 -9.20
CA THR B 17 -17.25 -2.86 -9.00
C THR B 17 -16.85 -2.55 -7.56
N ASN B 18 -17.33 -3.36 -6.60
CA ASN B 18 -16.99 -3.15 -5.20
C ASN B 18 -15.47 -3.25 -5.03
N TRP B 19 -14.88 -4.29 -5.63
CA TRP B 19 -13.44 -4.49 -5.55
C TRP B 19 -12.71 -3.43 -6.43
N LEU B 20 -13.36 -2.99 -7.52
CA LEU B 20 -12.73 -1.99 -8.40
C LEU B 20 -12.99 -0.54 -7.94
N TRP B 21 -13.85 -0.34 -6.93
CA TRP B 21 -14.14 1.02 -6.45
C TRP B 21 -13.73 1.23 -4.98
N TYR B 22 -13.57 0.13 -4.22
CA TYR B 22 -13.17 0.25 -2.82
C TYR B 22 -11.64 0.09 -2.66
N ILE B 23 -10.93 -0.10 -3.78
CA ILE B 23 -9.47 -0.28 -3.75
C ILE B 23 -8.78 0.91 -3.07
N ARG B 24 -9.21 2.14 -3.39
CA ARG B 24 -8.56 3.33 -2.80
C ARG B 24 -8.60 3.26 -1.28
N ILE B 25 -9.76 2.92 -0.71
CA ILE B 25 -9.86 2.80 0.75
C ILE B 25 -9.01 1.59 1.19
N PHE B 26 -9.03 0.53 0.38
CA PHE B 26 -8.26 -0.67 0.69
C PHE B 26 -6.77 -0.35 0.90
N ILE B 27 -6.22 0.54 0.06
CA ILE B 27 -4.79 0.89 0.19
C ILE B 27 -4.51 1.50 1.56
N ILE B 28 -5.38 2.44 1.98
CA ILE B 28 -5.21 3.09 3.28
C ILE B 28 -5.22 2.04 4.39
N ILE B 29 -6.12 1.06 4.28
CA ILE B 29 -6.22 -0.01 5.27
C ILE B 29 -4.86 -0.72 5.41
N VAL B 30 -4.19 -0.98 4.29
CA VAL B 30 -2.88 -1.66 4.34
C VAL B 30 -1.80 -0.76 4.99
N GLY B 31 -2.15 0.49 5.36
CA GLY B 31 -1.18 1.39 5.98
C GLY B 31 -1.10 1.12 7.49
N SER B 32 -2.26 0.93 8.12
CA SER B 32 -2.30 0.66 9.56
C SER B 32 -1.83 -0.77 9.87
N LEU B 33 -1.89 -1.66 8.86
CA LEU B 33 -1.47 -3.04 9.04
C LEU B 33 -0.02 -3.11 9.55
N ILE B 34 0.84 -2.25 8.98
CA ILE B 34 2.26 -2.24 9.38
C ILE B 34 2.44 -1.62 10.78
N GLY B 35 1.60 -0.65 11.16
CA GLY B 35 1.75 -0.03 12.47
C GLY B 35 1.44 -1.02 13.59
N LEU B 36 0.32 -1.73 13.46
CA LEU B 36 -0.09 -2.69 14.50
C LEU B 36 1.00 -3.75 14.77
N ARG B 37 1.77 -4.10 13.73
CA ARG B 37 2.85 -5.10 13.85
C ARG B 37 3.79 -4.82 15.02
N ILE B 38 3.99 -3.55 15.37
CA ILE B 38 4.95 -3.20 16.43
C ILE B 38 4.62 -3.85 17.80
N VAL B 39 3.34 -3.89 18.19
CA VAL B 39 2.98 -4.47 19.49
C VAL B 39 3.48 -5.93 19.64
N PHE B 40 3.60 -6.64 18.52
CA PHE B 40 4.06 -8.04 18.55
C PHE B 40 5.40 -8.22 19.24
N ALA B 41 6.22 -7.17 19.25
CA ALA B 41 7.56 -7.26 19.86
C ALA B 41 7.53 -7.84 21.27
N VAL B 42 6.47 -7.55 22.05
CA VAL B 42 6.39 -8.09 23.42
C VAL B 42 6.37 -9.63 23.38
N LEU B 43 5.77 -10.21 22.34
CA LEU B 43 5.70 -11.66 22.21
C LEU B 43 7.11 -12.28 22.12
N SER B 44 8.08 -11.51 21.60
CA SER B 44 9.44 -12.02 21.46
C SER B 44 10.03 -12.47 22.80
N LEU B 45 9.65 -11.77 23.89
CA LEU B 45 10.16 -12.13 25.21
C LEU B 45 9.43 -13.35 25.77
N VAL B 46 8.10 -13.38 25.60
CA VAL B 46 7.30 -14.51 26.10
C VAL B 46 7.64 -15.82 25.35
N ASN B 47 8.36 -15.73 24.22
CA ASN B 47 8.72 -16.93 23.46
C ASN B 47 9.57 -17.88 24.30
N ARG B 48 10.42 -17.32 25.17
CA ARG B 48 11.27 -18.16 26.02
C ARG B 48 10.47 -18.77 27.18
N VAL B 49 9.50 -18.01 27.71
CA VAL B 49 8.68 -18.52 28.82
C VAL B 49 7.44 -19.27 28.28
N ARG B 50 7.55 -19.83 27.07
CA ARG B 50 6.43 -20.57 26.48
C ARG B 50 6.06 -21.77 27.36
N GLN B 51 4.83 -21.75 27.90
CA GLN B 51 4.38 -22.85 28.76
C GLN B 51 4.17 -24.12 27.93
N LEU C 1 -20.02 9.34 -18.75
CA LEU C 1 -19.83 9.20 -17.28
C LEU C 1 -18.55 9.94 -16.87
N LEU C 2 -17.41 9.46 -17.36
CA LEU C 2 -16.12 10.08 -17.03
C LEU C 2 -15.47 10.63 -18.30
N GLU C 3 -14.65 11.68 -18.15
CA GLU C 3 -13.98 12.29 -19.31
C GLU C 3 -13.00 13.37 -18.84
N LEU C 4 -12.35 14.04 -19.79
CA LEU C 4 -11.39 15.10 -19.46
C LEU C 4 -12.09 16.20 -18.67
N ASP C 5 -13.30 16.53 -19.08
CA ASP C 5 -14.08 17.57 -18.42
C ASP C 5 -14.52 17.13 -17.02
N LYS C 6 -14.70 15.82 -16.83
CA LYS C 6 -15.12 15.31 -15.52
C LYS C 6 -14.01 15.45 -14.50
N TRP C 7 -12.77 15.11 -14.90
CA TRP C 7 -11.63 15.21 -14.00
C TRP C 7 -11.23 16.66 -13.75
N ALA C 8 -11.11 17.43 -14.83
CA ALA C 8 -10.71 18.84 -14.70
C ALA C 8 -11.75 19.65 -13.90
N SER C 9 -12.95 19.09 -13.71
CA SER C 9 -13.99 19.80 -12.95
C SER C 9 -13.56 19.95 -11.48
N LEU C 10 -12.79 18.98 -10.97
CA LEU C 10 -12.34 19.04 -9.57
C LEU C 10 -11.15 20.02 -9.38
N TRP C 11 -10.63 20.58 -10.49
CA TRP C 11 -9.48 21.49 -10.38
C TRP C 11 -9.85 22.86 -9.78
N ASN C 12 -11.11 23.32 -9.96
CA ASN C 12 -11.44 24.64 -9.41
C ASN C 12 -11.30 24.65 -7.89
N TRP C 13 -11.90 23.67 -7.20
CA TRP C 13 -11.79 23.63 -5.71
C TRP C 13 -10.65 22.70 -5.16
N PHE C 14 -10.17 21.67 -5.91
CA PHE C 14 -9.08 20.80 -5.45
C PHE C 14 -9.11 20.43 -3.94
N ASP C 15 -10.26 20.58 -3.26
CA ASP C 15 -10.30 20.23 -1.83
C ASP C 15 -10.03 18.73 -1.64
N ILE C 16 -10.82 17.89 -2.33
CA ILE C 16 -10.62 16.44 -2.25
C ILE C 16 -9.32 16.04 -2.97
N THR C 17 -9.00 16.78 -4.04
CA THR C 17 -7.83 16.49 -4.87
C THR C 17 -6.53 16.54 -4.07
N ASN C 18 -6.43 17.41 -3.06
CA ASN C 18 -5.19 17.50 -2.30
C ASN C 18 -4.89 16.15 -1.63
N TRP C 19 -5.89 15.55 -0.98
CA TRP C 19 -5.72 14.24 -0.35
C TRP C 19 -5.65 13.11 -1.41
N LEU C 20 -6.57 13.15 -2.36
CA LEU C 20 -6.68 12.08 -3.36
C LEU C 20 -5.49 12.02 -4.33
N TRP C 21 -4.89 13.17 -4.67
CA TRP C 21 -3.75 13.16 -5.58
C TRP C 21 -2.45 12.78 -4.86
N TYR C 22 -2.45 12.87 -3.52
CA TYR C 22 -1.26 12.52 -2.75
C TYR C 22 -1.29 11.05 -2.30
N ILE C 23 -2.41 10.34 -2.54
CA ILE C 23 -2.50 8.92 -2.15
C ILE C 23 -1.35 8.15 -2.79
N ARG C 24 -1.13 8.36 -4.11
CA ARG C 24 -0.03 7.69 -4.80
C ARG C 24 1.30 8.03 -4.14
N ILE C 25 1.47 9.30 -3.79
CA ILE C 25 2.71 9.76 -3.17
C ILE C 25 2.97 9.03 -1.84
N PHE C 26 1.95 8.97 -0.99
CA PHE C 26 2.07 8.32 0.31
C PHE C 26 2.20 6.80 0.20
N ILE C 27 1.64 6.20 -0.85
CA ILE C 27 1.69 4.74 -1.02
C ILE C 27 3.15 4.25 -1.06
N ILE C 28 3.98 4.88 -1.90
CA ILE C 28 5.37 4.47 -2.00
C ILE C 28 6.05 4.62 -0.63
N ILE C 29 5.75 5.71 0.08
CA ILE C 29 6.34 5.95 1.40
C ILE C 29 6.05 4.76 2.32
N VAL C 30 4.82 4.23 2.29
CA VAL C 30 4.47 3.09 3.17
C VAL C 30 5.24 1.80 2.76
N GLY C 31 5.55 1.60 1.46
CA GLY C 31 6.28 0.40 1.05
C GLY C 31 7.62 0.27 1.79
N SER C 32 8.37 1.38 1.93
CA SER C 32 9.66 1.34 2.62
C SER C 32 9.51 1.32 4.14
N LEU C 33 8.35 1.75 4.64
CA LEU C 33 8.13 1.79 6.09
C LEU C 33 8.27 0.39 6.71
N ILE C 34 7.88 -0.64 5.95
CA ILE C 34 7.97 -2.01 6.47
C ILE C 34 9.44 -2.40 6.68
N GLY C 35 10.33 -1.93 5.79
CA GLY C 35 11.75 -2.24 5.91
C GLY C 35 12.33 -1.76 7.25
N LEU C 36 11.86 -0.60 7.74
CA LEU C 36 12.36 -0.08 9.02
C LEU C 36 12.18 -1.09 10.16
N ARG C 37 11.10 -1.90 10.09
CA ARG C 37 10.84 -2.92 11.12
C ARG C 37 12.08 -3.79 11.36
N ILE C 38 12.82 -4.08 10.28
CA ILE C 38 14.01 -4.94 10.40
C ILE C 38 15.03 -4.31 11.35
N VAL C 39 15.22 -2.99 11.27
CA VAL C 39 16.17 -2.32 12.17
C VAL C 39 15.61 -2.28 13.61
N PHE C 40 14.28 -2.16 13.73
CA PHE C 40 13.62 -2.10 15.04
C PHE C 40 13.92 -3.34 15.90
N ALA C 41 14.04 -4.49 15.25
CA ALA C 41 14.26 -5.75 15.96
C ALA C 41 15.50 -5.71 16.86
N VAL C 42 16.57 -5.00 16.46
CA VAL C 42 17.78 -4.97 17.28
C VAL C 42 17.50 -4.40 18.69
N LEU C 43 16.53 -3.47 18.79
CA LEU C 43 16.20 -2.90 20.10
C LEU C 43 15.77 -4.01 21.09
N SER C 44 15.26 -5.14 20.56
CA SER C 44 14.83 -6.23 21.43
C SER C 44 15.99 -6.70 22.30
N LEU C 45 17.18 -6.77 21.71
CA LEU C 45 18.36 -7.17 22.46
C LEU C 45 18.58 -6.22 23.64
N VAL C 46 18.19 -4.95 23.46
CA VAL C 46 18.36 -3.93 24.51
C VAL C 46 17.23 -4.02 25.54
N ASN C 47 16.01 -4.29 25.07
CA ASN C 47 14.85 -4.37 25.97
C ASN C 47 15.00 -5.48 27.03
N ARG C 48 16.03 -6.31 26.91
CA ARG C 48 16.25 -7.40 27.86
C ARG C 48 16.96 -6.91 29.14
N VAL C 49 17.55 -5.70 29.10
CA VAL C 49 18.25 -5.16 30.27
C VAL C 49 17.25 -4.50 31.23
N ARG C 50 16.21 -3.85 30.68
CA ARG C 50 15.21 -3.19 31.51
C ARG C 50 13.86 -3.10 30.77
N GLN C 51 12.83 -2.65 31.49
CA GLN C 51 11.50 -2.52 30.88
C GLN C 51 10.75 -1.33 31.49
C1 QOJ D . -4.00 14.94 -12.31
N1 QOJ D . -5.14 12.63 -12.64
C2 QOJ D . -3.79 16.10 -11.49
N2 QOJ D . 3.54 12.20 -20.93
C3 QOJ D . -4.40 16.25 -10.20
N3 QOJ D . 5.79 13.98 -24.32
C4 QOJ D . -5.26 15.26 -9.67
N4 QOJ D . -7.10 13.02 -8.66
C5 QOJ D . -4.85 13.84 -11.92
C6 QOJ D . -5.53 13.99 -10.51
C7 QOJ D . -6.44 12.89 -10.00
C8 QOJ D . -6.67 11.67 -10.85
C9 QOJ D . -6.03 11.57 -12.13
C10 QOJ D . 5.76 12.59 -22.12
C11 QOJ D . 4.95 11.97 -20.92
C12 QOJ D . 2.83 12.97 -21.97
C13 QOJ D . 3.53 13.55 -23.08
C14 QOJ D . 5.04 13.38 -23.19
C15 QOJ D . 7.29 12.37 -22.18
C16 QOJ D . 7.93 11.63 -21.15
C17 QOJ D . 7.17 11.06 -20.06
C18 QOJ D . 5.74 11.23 -19.95
C19 QOJ D . 2.73 11.64 -19.83
C20 QOJ D . 2.78 12.58 -18.63
C21 QOJ D . 1.77 12.13 -17.59
C22 QOJ D . 1.90 12.98 -16.33
C23 QOJ D . 0.71 12.73 -15.40
C24 QOJ D . -0.53 13.46 -15.92
C25 QOJ D . -1.67 13.34 -14.91
C26 QOJ D . -2.30 11.94 -15.01
C27 QOJ D . -3.20 11.70 -13.79
C28 QOJ D . -4.53 12.44 -13.96
C29 QOJ D . 1.41 13.27 -22.10
C30 QOJ D . -6.40 10.32 -12.76
C31 QOJ D . -7.34 9.59 -11.83
C32 QOJ D . -7.48 10.48 -10.62
C33 QOJ D . 1.23 14.09 -23.35
C34 QOJ D . 2.60 14.24 -23.94
H11 QOJ D . -3.50 14.89 -13.27
H21 QOJ D . -3.14 16.89 -11.84
H31 QOJ D . -4.21 17.15 -9.62
HN32 QOJ D . 6.77 13.86 -24.38
HN31 QOJ D . 5.31 14.49 -25.02
H41 QOJ D . -5.72 15.38 -8.70
HN42 QOJ D . -6.95 13.82 -8.12
HN41 QOJ D . -7.68 12.30 -8.34
H151 QOJ D . 7.87 12.79 -22.98
H161 QOJ D . 8.99 11.48 -21.19
H171 QOJ D . 7.69 10.51 -19.31
H181 QOJ D . 5.24 10.78 -19.11
H192 QOJ D . 1.71 11.52 -20.16
H191 QOJ D . 3.13 10.68 -19.56
H202 QOJ D . 3.78 12.55 -18.19
H201 QOJ D . 2.56 13.59 -18.94
H212 QOJ D . 0.76 12.23 -18.00
H211 QOJ D . 1.94 11.08 -17.34
H222 QOJ D . 2.82 12.72 -15.82
H221 QOJ D . 1.93 14.02 -16.60
H232 QOJ D . 0.50 11.67 -15.35
H231 QOJ D . 0.94 13.09 -14.41
H241 QOJ D . -0.83 13.04 -16.87
H242 QOJ D . -0.29 14.51 -16.06
H251 QOJ D . -2.43 14.08 -15.14
H252 QOJ D . -1.29 13.50 -13.91
H262 QOJ D . -2.89 11.88 -15.91
H261 QOJ D . -1.53 11.20 -15.04
H271 QOJ D . -2.71 12.05 -12.90
H272 QOJ D . -3.39 10.63 -13.70
H281 QOJ D . -5.19 11.86 -14.58
H282 QOJ D . -4.37 13.40 -14.42
H291 QOJ D . 1.09 13.82 -21.22
H292 QOJ D . 0.85 12.36 -22.17
H301 QOJ D . -5.53 9.73 -12.95
H302 QOJ D . -6.91 10.51 -13.69
H311 QOJ D . -6.93 8.63 -11.55
H312 QOJ D . -8.31 9.45 -12.30
H322 QOJ D . -8.50 10.78 -10.48
H321 QOJ D . -7.13 9.96 -9.74
H332 QOJ D . 0.58 13.57 -24.04
H331 QOJ D . 0.80 15.05 -23.10
H342 QOJ D . 2.63 13.80 -24.93
H341 QOJ D . 2.85 15.30 -24.01
C1 QOJ E . -7.45 0.01 -22.37
N1 QOJ E . -7.84 0.96 -19.99
C2 QOJ E . -6.69 0.03 -23.60
N2 QOJ E . -15.46 -8.20 -17.28
C3 QOJ E . -5.58 0.92 -23.80
N3 QOJ E . -18.84 -9.62 -19.81
C4 QOJ E . -5.18 1.84 -22.80
N4 QOJ E . -4.42 3.77 -20.53
C5 QOJ E . -7.16 0.88 -21.25
C6 QOJ E . -5.95 1.87 -21.46
C7 QOJ E . -5.57 2.82 -20.35
C8 QOJ E . -6.36 2.82 -19.06
C9 QOJ E . -7.46 1.90 -18.92
C10 QOJ E . -17.81 -9.19 -17.45
C11 QOJ E . -16.60 -8.69 -16.58
C12 QOJ E . -15.37 -8.17 -18.76
C13 QOJ E . -16.44 -8.62 -19.60
C14 QOJ E . -17.70 -9.15 -18.96
C15 QOJ E . -19.08 -9.74 -16.75
C16 QOJ E . -19.12 -9.76 -15.34
C17 QOJ E . -18.02 -9.30 -14.55
C18 QOJ E . -16.81 -8.78 -15.14
C19 QOJ E . -14.30 -7.74 -16.53
C20 QOJ E . -14.41 -6.21 -16.32
C21 QOJ E . -13.00 -5.58 -16.26
C22 QOJ E . -12.41 -5.51 -17.67
C23 QOJ E . -11.09 -4.73 -17.64
C24 QOJ E . -10.61 -4.51 -19.07
C25 QOJ E . -9.31 -3.69 -19.08
C26 QOJ E . -9.63 -2.20 -18.88
C27 QOJ E . -8.46 -1.33 -19.38
C28 QOJ E . -8.97 0.07 -19.75
C29 QOJ E . -14.27 -7.70 -19.60
C30 QOJ E . -8.05 2.08 -17.61
C31 QOJ E . -7.30 3.17 -16.88
C32 QOJ E . -6.22 3.61 -17.85
C33 QOJ E . -14.69 -7.87 -21.04
C34 QOJ E . -16.09 -8.45 -20.99
H11 QOJ E . -8.27 -0.69 -22.29
H21 QOJ E . -6.96 -0.65 -24.39
H31 QOJ E . -5.05 0.90 -24.74
HN32 QOJ E . -19.65 -9.97 -19.39
HN31 QOJ E . -18.76 -9.59 -20.78
H41 QOJ E . -4.35 2.50 -22.97
HN42 QOJ E . -3.92 3.77 -21.38
HN41 QOJ E . -4.18 4.38 -19.81
H151 QOJ E . -19.92 -10.08 -17.33
H161 QOJ E . -20.01 -10.13 -14.85
H171 QOJ E . -18.10 -9.33 -13.47
H181 QOJ E . -16.03 -8.45 -14.48
H192 QOJ E . -14.27 -8.23 -15.56
H191 QOJ E . -13.40 -7.97 -17.07
H202 QOJ E . -14.95 -5.78 -17.14
H201 QOJ E . -14.92 -6.00 -15.40
H212 QOJ E . -13.07 -4.58 -15.84
H211 QOJ E . -12.37 -6.19 -15.63
H222 QOJ E . -12.22 -6.51 -18.03
H221 QOJ E . -13.10 -5.01 -18.33
H232 QOJ E . -11.24 -3.77 -17.16
H231 QOJ E . -10.35 -5.29 -17.10
H241 QOJ E . -11.37 -3.99 -19.63
H242 QOJ E . -10.42 -5.47 -19.54
H251 QOJ E . -8.82 -3.82 -20.03
H252 QOJ E . -8.66 -4.02 -18.28
H262 QOJ E . -10.53 -1.95 -19.43
H261 QOJ E . -9.79 -2.01 -17.83
H271 QOJ E . -8.01 -1.79 -20.25
H272 QOJ E . -7.72 -1.24 -18.60
H281 QOJ E . -9.58 0.45 -18.96
H282 QOJ E . -9.56 -0.01 -20.66
H291 QOJ E . -13.38 -8.28 -19.39
H292 QOJ E . -14.08 -6.66 -19.40
H301 QOJ E . -8.00 1.15 -17.05
H302 QOJ E . -9.09 2.37 -17.71
H311 QOJ E . -6.86 2.78 -15.97
H312 QOJ E . -7.94 4.00 -16.66
H322 QOJ E . -6.35 4.65 -18.09
H321 QOJ E . -5.24 3.45 -17.40
H332 QOJ E . -14.72 -6.92 -21.54
H331 QOJ E . -14.00 -8.54 -21.55
H342 QOJ E . -16.79 -7.79 -21.47
H341 QOJ E . -16.10 -9.41 -21.50
C1 QOJ F . -17.54 7.52 -8.73
N1 QOJ F . -15.43 6.73 -10.01
C2 QOJ F . -18.98 7.54 -8.62
N2 QOJ F . -16.79 17.07 -6.74
C3 QOJ F . -19.83 6.87 -9.55
N3 QOJ F . -19.73 20.39 -6.62
C4 QOJ F . -19.30 6.14 -10.65
N4 QOJ F . -17.98 4.61 -12.97
C5 QOJ F . -16.83 6.83 -9.79
C6 QOJ F . -17.76 6.08 -10.83
C7 QOJ F . -17.13 5.31 -11.97
C8 QOJ F . -15.62 5.29 -12.09
C9 QOJ F . -14.82 5.98 -11.13
C10 QOJ F . -17.66 19.19 -5.61
C11 QOJ F . -16.62 18.00 -5.66
C12 QOJ F . -17.85 17.16 -7.76
C13 QOJ F . -18.82 18.23 -7.74
C14 QOJ F . -18.74 19.28 -6.65
C15 QOJ F . -17.54 20.23 -4.48
C16 QOJ F . -16.50 20.10 -3.52
C17 QOJ F . -15.57 19.02 -3.59
C18 QOJ F . -15.62 18.00 -4.61
C19 QOJ F . -15.84 15.95 -6.84
C20 QOJ F . -16.40 14.74 -6.07
C21 QOJ F . -15.28 13.70 -5.91
C22 QOJ F . -15.88 12.32 -5.59
C23 QOJ F . -14.80 11.24 -5.70
C24 QOJ F . -14.46 10.98 -7.17
C25 QOJ F . -13.55 9.76 -7.29
C26 QOJ F . -13.19 9.50 -8.76
C27 QOJ F . -14.39 8.87 -9.49
C28 QOJ F . -14.52 7.40 -9.08
C29 QOJ F . -18.12 16.28 -8.89
C30 QOJ F . -13.41 5.80 -11.46
C31 QOJ F . -13.34 4.95 -12.71
C32 QOJ F . -14.78 4.65 -13.07
C33 QOJ F . -19.33 16.83 -9.61
C34 QOJ F . -19.74 18.08 -8.85
H11 QOJ F . -16.97 8.06 -7.99
H21 QOJ F . -19.43 8.08 -7.80
H31 QOJ F . -20.90 6.91 -9.44
HN32 QOJ F . -19.68 21.07 -5.91
HN31 QOJ F . -20.44 20.45 -7.30
H41 QOJ F . -19.95 5.64 -11.35
HN42 QOJ F . -18.96 4.64 -12.88
HN41 QOJ F . -17.56 4.11 -13.70
H151 QOJ F . -18.23 21.06 -4.42
H161 QOJ F . -16.41 20.84 -2.73
H171 QOJ F . -14.79 18.95 -2.83
H181 QOJ F . -14.89 17.22 -4.60
H192 QOJ F . -15.72 15.68 -7.88
H191 QOJ F . -14.90 16.23 -6.42
H202 QOJ F . -16.72 15.06 -5.09
H201 QOJ F . -17.22 14.31 -6.61
H212 QOJ F . -14.71 13.63 -6.82
H211 QOJ F . -14.62 13.99 -5.10
H222 QOJ F . -16.28 12.33 -4.59
H221 QOJ F . -16.67 12.11 -6.29
H232 QOJ F . -13.91 11.57 -5.19
H231 QOJ F . -15.15 10.33 -5.25
H241 QOJ F . -13.96 11.84 -7.59
H242 QOJ F . -15.38 10.80 -7.73
H251 QOJ F . -14.05 8.89 -6.89
H252 QOJ F . -12.64 9.94 -6.72
H262 QOJ F . -12.94 10.44 -9.24
H261 QOJ F . -12.35 8.85 -8.82
H271 QOJ F . -14.22 8.93 -10.56
H272 QOJ F . -15.29 9.40 -9.23
H281 QOJ F . -14.94 7.34 -8.07
H282 QOJ F . -13.56 6.93 -9.09
H291 QOJ F . -18.32 15.28 -8.53
H292 QOJ F . -17.28 16.27 -9.55
H301 QOJ F . -12.90 5.32 -10.64
H302 QOJ F . -12.96 6.76 -11.65
H311 QOJ F . -12.79 4.04 -12.50
H312 QOJ F . -12.87 5.50 -13.51
H322 QOJ F . -15.00 5.04 -14.04
H321 QOJ F . -14.93 3.58 -13.06
H332 QOJ F . -19.06 17.10 -10.63
H331 QOJ F . -20.12 16.11 -9.61
H342 QOJ F . -19.67 18.94 -9.49
H341 QOJ F . -20.76 17.97 -8.50
N LEU A 1 -8.24 16.70 -16.07
CA LEU A 1 -8.97 16.54 -17.39
C LEU A 1 -8.59 15.20 -18.02
N LEU A 2 -9.61 14.39 -18.30
CA LEU A 2 -9.38 13.07 -18.91
C LEU A 2 -10.07 12.98 -20.28
N GLU A 3 -9.36 12.42 -21.27
CA GLU A 3 -9.94 12.28 -22.61
C GLU A 3 -9.52 10.95 -23.25
N LEU A 4 -10.37 10.45 -24.15
CA LEU A 4 -10.09 9.19 -24.85
C LEU A 4 -8.80 9.33 -25.66
N ASP A 5 -8.64 10.48 -26.29
CA ASP A 5 -7.44 10.73 -27.12
C ASP A 5 -6.20 10.92 -26.25
N LYS A 6 -6.38 11.37 -25.02
CA LYS A 6 -5.25 11.58 -24.11
C LYS A 6 -4.63 10.27 -23.68
N TRP A 7 -5.48 9.32 -23.29
CA TRP A 7 -5.02 8.02 -22.82
C TRP A 7 -4.48 7.15 -23.95
N ALA A 8 -5.22 7.08 -25.05
CA ALA A 8 -4.79 6.24 -26.18
C ALA A 8 -3.43 6.70 -26.72
N SER A 9 -3.22 8.01 -26.78
CA SER A 9 -1.93 8.53 -27.28
C SER A 9 -0.76 8.00 -26.44
N LEU A 10 -1.00 7.77 -25.16
CA LEU A 10 0.04 7.25 -24.27
C LEU A 10 0.56 5.88 -24.74
N TRP A 11 -0.27 5.15 -25.48
CA TRP A 11 0.14 3.83 -25.97
C TRP A 11 1.26 3.93 -27.03
N ASN A 12 1.66 5.15 -27.44
CA ASN A 12 2.71 5.26 -28.47
C ASN A 12 4.11 4.93 -27.95
N TRP A 13 4.54 5.53 -26.81
CA TRP A 13 5.85 5.20 -26.23
C TRP A 13 5.71 4.31 -24.97
N PHE A 14 4.47 4.14 -24.48
CA PHE A 14 4.20 3.26 -23.33
C PHE A 14 5.09 3.55 -22.10
N ASP A 15 5.73 4.72 -22.06
CA ASP A 15 6.62 5.02 -20.92
C ASP A 15 5.87 5.11 -19.57
N ILE A 16 4.80 5.92 -19.49
CA ILE A 16 4.08 6.04 -18.21
C ILE A 16 3.35 4.73 -17.83
N THR A 17 2.84 4.02 -18.83
CA THR A 17 2.12 2.77 -18.57
C THR A 17 3.00 1.76 -17.84
N ASN A 18 4.31 1.76 -18.13
CA ASN A 18 5.19 0.80 -17.50
C ASN A 18 5.17 0.95 -15.97
N TRP A 19 5.26 2.18 -15.46
CA TRP A 19 5.25 2.37 -14.01
C TRP A 19 3.86 2.16 -13.37
N LEU A 20 2.78 2.74 -13.96
CA LEU A 20 1.47 2.65 -13.30
C LEU A 20 0.69 1.37 -13.61
N TRP A 21 1.02 0.66 -14.69
CA TRP A 21 0.31 -0.60 -14.95
C TRP A 21 0.96 -1.74 -14.14
N TYR A 22 1.82 -1.38 -13.17
CA TYR A 22 2.49 -2.36 -12.32
C TYR A 22 2.33 -1.97 -10.85
N ILE A 23 2.34 -0.66 -10.54
CA ILE A 23 2.17 -0.22 -9.16
C ILE A 23 0.86 -0.79 -8.58
N ARG A 24 -0.21 -0.89 -9.41
CA ARG A 24 -1.48 -1.44 -8.93
C ARG A 24 -1.29 -2.87 -8.45
N ILE A 25 -0.62 -3.70 -9.27
CA ILE A 25 -0.36 -5.10 -8.88
C ILE A 25 0.53 -5.10 -7.61
N PHE A 26 1.54 -4.23 -7.60
CA PHE A 26 2.47 -4.13 -6.48
C PHE A 26 1.76 -3.92 -5.14
N ILE A 27 0.56 -3.31 -5.15
CA ILE A 27 -0.12 -3.03 -3.88
C ILE A 27 -0.35 -4.33 -3.07
N ILE A 28 -0.93 -5.35 -3.71
CA ILE A 28 -1.16 -6.62 -3.00
C ILE A 28 0.19 -7.23 -2.54
N ILE A 29 1.22 -7.18 -3.41
CA ILE A 29 2.53 -7.74 -3.06
C ILE A 29 3.06 -7.08 -1.79
N VAL A 30 2.86 -5.77 -1.64
CA VAL A 30 3.39 -5.08 -0.44
C VAL A 30 2.66 -5.54 0.84
N GLY A 31 1.66 -6.44 0.72
CA GLY A 31 0.97 -6.94 1.92
C GLY A 31 1.88 -7.94 2.65
N SER A 32 2.44 -8.91 1.91
CA SER A 32 3.35 -9.89 2.52
C SER A 32 4.63 -9.22 3.01
N LEU A 33 4.97 -8.05 2.44
CA LEU A 33 6.17 -7.34 2.83
C LEU A 33 6.20 -7.12 4.35
N ILE A 34 5.02 -6.94 4.97
CA ILE A 34 4.96 -6.73 6.42
C ILE A 34 5.06 -8.08 7.16
N GLY A 35 4.47 -9.14 6.57
CA GLY A 35 4.50 -10.47 7.19
C GLY A 35 5.95 -10.96 7.32
N LEU A 36 6.71 -10.81 6.24
CA LEU A 36 8.12 -11.24 6.24
C LEU A 36 8.89 -10.58 7.39
N ARG A 37 8.63 -9.29 7.59
CA ARG A 37 9.26 -8.52 8.67
C ARG A 37 9.12 -9.22 10.03
N ILE A 38 8.01 -9.92 10.25
CA ILE A 38 7.76 -10.56 11.56
C ILE A 38 8.91 -11.52 11.92
N VAL A 39 9.45 -12.29 10.96
CA VAL A 39 10.54 -13.23 11.28
C VAL A 39 11.72 -12.48 11.96
N PHE A 40 11.88 -11.20 11.63
CA PHE A 40 12.97 -10.41 12.22
C PHE A 40 12.88 -10.42 13.75
N ALA A 41 11.65 -10.39 14.28
CA ALA A 41 11.46 -10.39 15.73
C ALA A 41 12.06 -11.64 16.36
N VAL A 42 11.71 -12.82 15.82
CA VAL A 42 12.26 -14.08 16.36
C VAL A 42 13.78 -14.13 16.09
N LEU A 43 14.18 -13.63 14.92
CA LEU A 43 15.61 -13.59 14.56
C LEU A 43 16.38 -12.72 15.58
N SER A 44 15.68 -11.77 16.22
CA SER A 44 16.32 -10.90 17.20
C SER A 44 16.96 -11.71 18.34
N LEU A 45 16.24 -12.71 18.83
CA LEU A 45 16.76 -13.56 19.91
C LEU A 45 17.84 -14.52 19.39
N VAL A 46 17.76 -14.87 18.10
CA VAL A 46 18.76 -15.75 17.49
C VAL A 46 20.16 -15.11 17.56
N ASN A 47 20.19 -13.78 17.55
CA ASN A 47 21.46 -13.05 17.62
C ASN A 47 22.22 -13.38 18.92
N ARG A 48 21.51 -13.93 19.92
CA ARG A 48 22.15 -14.28 21.19
C ARG A 48 23.03 -15.53 21.04
N VAL A 49 22.59 -16.46 20.19
CA VAL A 49 23.34 -17.70 19.96
C VAL A 49 24.46 -17.47 18.94
N ARG A 50 24.28 -16.49 18.04
CA ARG A 50 25.30 -16.18 17.01
C ARG A 50 25.44 -17.35 16.03
N GLN A 51 25.01 -17.13 14.78
CA GLN A 51 25.10 -18.17 13.77
C GLN A 51 25.51 -17.58 12.41
N LEU B 1 -11.70 3.11 -26.23
CA LEU B 1 -10.76 3.43 -25.11
C LEU B 1 -11.58 3.99 -23.94
N LEU B 2 -10.88 4.49 -22.91
CA LEU B 2 -11.56 5.06 -21.73
C LEU B 2 -12.64 6.06 -22.15
N GLU B 3 -13.82 5.98 -21.53
CA GLU B 3 -14.91 6.89 -21.88
C GLU B 3 -15.93 7.01 -20.74
N LEU B 4 -16.78 8.05 -20.82
CA LEU B 4 -17.80 8.28 -19.80
C LEU B 4 -18.68 7.03 -19.67
N ASP B 5 -19.00 6.44 -20.81
CA ASP B 5 -19.82 5.22 -20.83
C ASP B 5 -19.03 4.01 -20.36
N LYS B 6 -17.71 4.04 -20.60
CA LYS B 6 -16.84 2.93 -20.22
C LYS B 6 -16.86 2.70 -18.71
N TRP B 7 -16.78 3.78 -17.94
CA TRP B 7 -16.77 3.66 -16.48
C TRP B 7 -18.13 3.22 -15.93
N ALA B 8 -19.19 3.91 -16.34
CA ALA B 8 -20.53 3.59 -15.85
C ALA B 8 -21.05 2.27 -16.43
N SER B 9 -20.54 1.84 -17.59
CA SER B 9 -20.99 0.58 -18.18
C SER B 9 -20.58 -0.60 -17.29
N LEU B 10 -19.43 -0.46 -16.61
CA LEU B 10 -18.95 -1.53 -15.73
C LEU B 10 -19.90 -1.78 -14.55
N TRP B 11 -20.72 -0.78 -14.20
CA TRP B 11 -21.66 -0.92 -13.06
C TRP B 11 -22.78 -1.94 -13.37
N ASN B 12 -22.89 -2.39 -14.61
CA ASN B 12 -23.98 -3.30 -14.98
C ASN B 12 -23.70 -4.79 -14.78
N TRP B 13 -22.54 -5.29 -15.25
CA TRP B 13 -22.29 -6.75 -15.19
C TRP B 13 -21.35 -7.29 -14.09
N PHE B 14 -20.55 -6.50 -13.35
CA PHE B 14 -19.67 -7.17 -12.35
C PHE B 14 -19.18 -6.33 -11.15
N ASP B 15 -18.84 -7.10 -10.10
CA ASP B 15 -18.32 -6.60 -8.83
C ASP B 15 -16.96 -5.92 -8.99
N ILE B 16 -16.18 -6.36 -9.99
CA ILE B 16 -14.83 -5.81 -10.18
C ILE B 16 -14.89 -4.29 -10.29
N THR B 17 -16.03 -3.76 -10.77
CA THR B 17 -16.22 -2.32 -10.85
C THR B 17 -16.06 -1.73 -9.45
N ASN B 18 -16.58 -2.44 -8.44
CA ASN B 18 -16.48 -1.97 -7.06
C ASN B 18 -15.02 -2.11 -6.55
N TRP B 19 -14.34 -3.18 -6.98
CA TRP B 19 -12.95 -3.41 -6.56
C TRP B 19 -12.07 -2.19 -6.90
N LEU B 20 -12.29 -1.58 -8.07
CA LEU B 20 -11.48 -0.42 -8.47
C LEU B 20 -11.89 0.87 -7.75
N TRP B 21 -13.08 0.88 -7.10
CA TRP B 21 -13.53 2.10 -6.40
C TRP B 21 -13.32 2.01 -4.88
N TYR B 22 -12.87 0.86 -4.37
CA TYR B 22 -12.66 0.73 -2.91
C TYR B 22 -11.23 0.26 -2.57
N ILE B 23 -10.41 0.00 -3.59
CA ILE B 23 -9.05 -0.48 -3.34
C ILE B 23 -8.17 0.61 -2.69
N ARG B 24 -8.32 1.85 -3.15
CA ARG B 24 -7.50 2.95 -2.61
C ARG B 24 -7.73 3.15 -1.11
N ILE B 25 -8.98 3.12 -0.65
CA ILE B 25 -9.26 3.26 0.78
C ILE B 25 -8.73 2.02 1.52
N PHE B 26 -8.96 0.85 0.92
CA PHE B 26 -8.51 -0.42 1.51
C PHE B 26 -7.01 -0.37 1.84
N ILE B 27 -6.22 0.42 1.10
CA ILE B 27 -4.78 0.50 1.35
C ILE B 27 -4.51 0.97 2.78
N ILE B 28 -5.27 1.98 3.22
CA ILE B 28 -5.08 2.53 4.57
C ILE B 28 -5.28 1.42 5.60
N ILE B 29 -6.29 0.57 5.40
CA ILE B 29 -6.53 -0.54 6.32
C ILE B 29 -5.29 -1.47 6.31
N VAL B 30 -4.74 -1.73 5.12
CA VAL B 30 -3.56 -2.60 5.01
C VAL B 30 -2.31 -1.92 5.62
N GLY B 31 -2.42 -0.67 6.12
CA GLY B 31 -1.28 0.00 6.73
C GLY B 31 -1.37 0.03 8.27
N SER B 32 -2.35 -0.67 8.84
CA SER B 32 -2.52 -0.71 10.30
C SER B 32 -1.70 -1.85 10.92
N LEU B 33 -1.59 -2.96 10.20
CA LEU B 33 -0.85 -4.12 10.71
C LEU B 33 0.64 -3.82 10.88
N ILE B 34 1.20 -2.96 10.01
CA ILE B 34 2.63 -2.65 10.10
C ILE B 34 3.00 -2.08 11.48
N GLY B 35 2.22 -1.14 12.01
CA GLY B 35 2.52 -0.60 13.34
C GLY B 35 2.20 -1.65 14.40
N LEU B 36 1.07 -2.34 14.21
CA LEU B 36 0.64 -3.39 15.14
C LEU B 36 1.72 -4.48 15.29
N ARG B 37 2.46 -4.78 14.20
CA ARG B 37 3.50 -5.80 14.23
C ARG B 37 4.48 -5.61 15.41
N ILE B 38 4.71 -4.36 15.81
CA ILE B 38 5.69 -4.07 16.87
C ILE B 38 5.34 -4.77 18.20
N VAL B 39 4.06 -4.78 18.57
CA VAL B 39 3.64 -5.40 19.85
C VAL B 39 4.09 -6.87 19.95
N PHE B 40 4.21 -7.57 18.82
CA PHE B 40 4.63 -8.99 18.86
C PHE B 40 5.96 -9.16 19.59
N ALA B 41 6.82 -8.15 19.54
CA ALA B 41 8.13 -8.23 20.23
C ALA B 41 7.96 -8.66 21.69
N VAL B 42 6.87 -8.19 22.30
CA VAL B 42 6.58 -8.52 23.70
C VAL B 42 6.41 -10.05 23.88
N LEU B 43 5.90 -10.74 22.86
CA LEU B 43 5.72 -12.20 22.96
C LEU B 43 7.07 -12.93 23.08
N SER B 44 8.14 -12.30 22.56
CA SER B 44 9.47 -12.93 22.59
C SER B 44 9.89 -13.26 24.02
N LEU B 45 9.55 -12.38 24.96
CA LEU B 45 9.90 -12.62 26.37
C LEU B 45 9.17 -13.87 26.89
N VAL B 46 7.97 -14.14 26.36
CA VAL B 46 7.19 -15.30 26.79
C VAL B 46 7.55 -16.55 25.96
N ASN B 47 8.11 -16.34 24.75
CA ASN B 47 8.48 -17.48 23.90
C ASN B 47 9.51 -18.38 24.56
N ARG B 48 10.31 -17.83 25.48
CA ARG B 48 11.33 -18.63 26.16
C ARG B 48 10.70 -19.57 27.19
N VAL B 49 9.83 -19.02 28.05
CA VAL B 49 9.17 -19.85 29.08
C VAL B 49 7.71 -20.13 28.68
N ARG B 50 7.41 -20.11 27.37
CA ARG B 50 6.05 -20.37 26.90
C ARG B 50 5.53 -21.71 27.44
N GLN B 51 4.21 -21.77 27.70
CA GLN B 51 3.62 -23.01 28.21
C GLN B 51 3.55 -24.07 27.13
N LEU C 1 -19.24 8.00 -13.53
CA LEU C 1 -19.24 8.36 -14.99
C LEU C 1 -18.28 9.54 -15.23
N LEU C 2 -18.24 10.48 -14.27
CA LEU C 2 -17.33 11.64 -14.41
C LEU C 2 -17.49 12.33 -15.76
N GLU C 3 -16.65 13.35 -16.01
CA GLU C 3 -16.69 14.08 -17.27
C GLU C 3 -15.36 14.81 -17.48
N LEU C 4 -15.04 15.15 -18.73
CA LEU C 4 -13.79 15.85 -19.00
C LEU C 4 -13.76 17.20 -18.30
N ASP C 5 -14.90 17.88 -18.33
CA ASP C 5 -15.04 19.18 -17.68
C ASP C 5 -15.14 19.05 -16.15
N LYS C 6 -15.58 17.88 -15.67
CA LYS C 6 -15.72 17.67 -14.22
C LYS C 6 -14.37 17.67 -13.53
N TRP C 7 -13.36 17.08 -14.16
CA TRP C 7 -12.04 17.04 -13.56
C TRP C 7 -11.52 18.46 -13.35
N ALA C 8 -11.63 19.28 -14.40
CA ALA C 8 -11.17 20.67 -14.33
C ALA C 8 -11.93 21.47 -13.26
N SER C 9 -13.19 21.10 -13.00
CA SER C 9 -14.00 21.82 -12.01
C SER C 9 -13.40 21.66 -10.60
N LEU C 10 -12.81 20.49 -10.33
CA LEU C 10 -12.20 20.22 -9.02
C LEU C 10 -10.94 21.08 -8.78
N TRP C 11 -10.51 21.85 -9.79
CA TRP C 11 -9.30 22.66 -9.65
C TRP C 11 -9.46 23.84 -8.70
N ASN C 12 -10.68 24.39 -8.56
CA ASN C 12 -10.87 25.56 -7.69
C ASN C 12 -10.52 25.25 -6.23
N TRP C 13 -11.07 24.16 -5.68
CA TRP C 13 -10.79 23.83 -4.26
C TRP C 13 -9.59 22.85 -4.01
N PHE C 14 -9.18 22.02 -5.00
CA PHE C 14 -8.05 21.08 -4.84
C PHE C 14 -8.00 20.31 -3.50
N ASP C 15 -9.04 20.38 -2.64
CA ASP C 15 -8.99 19.65 -1.38
C ASP C 15 -8.93 18.14 -1.63
N ILE C 16 -9.90 17.64 -2.40
CA ILE C 16 -9.94 16.21 -2.75
C ILE C 16 -8.81 15.84 -3.71
N THR C 17 -8.43 16.79 -4.58
CA THR C 17 -7.40 16.56 -5.58
C THR C 17 -6.05 16.17 -4.96
N ASN C 18 -5.63 16.82 -3.87
CA ASN C 18 -4.34 16.47 -3.27
C ASN C 18 -4.32 15.03 -2.75
N TRP C 19 -5.41 14.62 -2.09
CA TRP C 19 -5.49 13.26 -1.55
C TRP C 19 -5.69 12.22 -2.67
N LEU C 20 -6.60 12.48 -3.61
CA LEU C 20 -6.89 11.54 -4.69
C LEU C 20 -5.81 11.52 -5.79
N TRP C 21 -5.10 12.64 -5.98
CA TRP C 21 -4.08 12.69 -7.03
C TRP C 21 -2.68 12.32 -6.50
N TYR C 22 -2.59 11.86 -5.25
CA TYR C 22 -1.29 11.48 -4.68
C TYR C 22 -1.37 10.18 -3.88
N ILE C 23 -2.54 9.52 -3.86
CA ILE C 23 -2.69 8.28 -3.11
C ILE C 23 -1.79 7.17 -3.69
N ARG C 24 -1.74 7.08 -5.03
CA ARG C 24 -0.91 6.06 -5.67
C ARG C 24 0.55 6.21 -5.24
N ILE C 25 1.03 7.45 -5.21
CA ILE C 25 2.41 7.72 -4.76
C ILE C 25 2.50 7.42 -3.25
N PHE C 26 1.45 7.80 -2.52
CA PHE C 26 1.41 7.59 -1.07
C PHE C 26 1.66 6.12 -0.73
N ILE C 27 1.31 5.20 -1.63
CA ILE C 27 1.52 3.78 -1.37
C ILE C 27 3.01 3.50 -1.15
N ILE C 28 3.84 4.10 -2.00
CA ILE C 28 5.29 3.91 -1.91
C ILE C 28 5.76 4.36 -0.51
N ILE C 29 5.22 5.48 -0.03
CA ILE C 29 5.58 5.97 1.30
C ILE C 29 5.26 4.88 2.35
N VAL C 30 4.10 4.21 2.19
CA VAL C 30 3.72 3.15 3.14
C VAL C 30 4.65 1.91 3.03
N GLY C 31 5.20 1.60 1.83
CA GLY C 31 6.09 0.43 1.70
C GLY C 31 7.39 0.66 2.46
N SER C 32 8.17 1.67 2.07
CA SER C 32 9.44 1.98 2.76
C SER C 32 9.25 2.08 4.27
N LEU C 33 8.01 2.36 4.70
CA LEU C 33 7.74 2.49 6.13
C LEU C 33 8.12 1.22 6.88
N ILE C 34 7.99 0.06 6.23
CA ILE C 34 8.33 -1.20 6.90
C ILE C 34 9.86 -1.37 7.03
N GLY C 35 10.62 -0.72 6.15
CA GLY C 35 12.09 -0.84 6.20
C GLY C 35 12.67 -0.32 7.52
N LEU C 36 12.35 0.94 7.87
CA LEU C 36 12.86 1.55 9.11
C LEU C 36 12.49 0.71 10.36
N ARG C 37 11.33 0.05 10.30
CA ARG C 37 10.83 -0.77 11.41
C ARG C 37 11.85 -1.78 11.95
N ILE C 38 12.69 -2.34 11.09
CA ILE C 38 13.62 -3.40 11.53
C ILE C 38 14.54 -2.92 12.70
N VAL C 39 15.06 -1.69 12.68
CA VAL C 39 15.94 -1.24 13.77
C VAL C 39 15.24 -1.39 15.15
N PHE C 40 13.91 -1.28 15.15
CA PHE C 40 13.12 -1.41 16.40
C PHE C 40 13.38 -2.75 17.09
N ALA C 41 13.61 -3.80 16.30
CA ALA C 41 13.79 -5.15 16.87
C ALA C 41 14.91 -5.17 17.92
N VAL C 42 15.97 -4.38 17.74
CA VAL C 42 17.06 -4.36 18.74
C VAL C 42 16.50 -3.91 20.11
N LEU C 43 15.48 -3.05 20.11
CA LEU C 43 14.87 -2.60 21.37
C LEU C 43 14.32 -3.79 22.16
N SER C 44 13.91 -4.85 21.45
CA SER C 44 13.38 -6.05 22.10
C SER C 44 14.45 -6.71 22.97
N LEU C 45 15.69 -6.69 22.49
CA LEU C 45 16.81 -7.27 23.25
C LEU C 45 16.89 -6.64 24.65
N VAL C 46 16.48 -5.37 24.74
CA VAL C 46 16.50 -4.64 26.01
C VAL C 46 15.35 -5.08 26.94
N ASN C 47 14.25 -5.57 26.36
CA ASN C 47 13.10 -6.00 27.15
C ASN C 47 13.44 -7.13 28.13
N ARG C 48 14.58 -7.81 27.92
CA ARG C 48 14.96 -8.91 28.80
C ARG C 48 15.49 -8.38 30.15
N VAL C 49 16.14 -7.21 30.13
CA VAL C 49 16.68 -6.63 31.37
C VAL C 49 15.57 -5.86 32.12
N ARG C 50 14.60 -5.32 31.36
CA ARG C 50 13.48 -4.58 31.97
C ARG C 50 13.97 -3.43 32.87
N GLN C 51 14.27 -3.70 34.15
CA GLN C 51 14.73 -2.65 35.07
C GLN C 51 15.80 -3.19 36.01
C1 QOJ D . -3.71 15.22 -15.58
N1 QOJ D . -5.00 13.08 -14.90
C2 QOJ D . -3.48 16.63 -15.41
N2 QOJ D . 4.27 12.50 -22.23
C3 QOJ D . -4.22 17.42 -14.45
N3 QOJ D . 6.19 12.45 -26.25
C4 QOJ D . -5.21 16.83 -13.63
N4 QOJ D . -7.33 15.42 -11.92
C5 QOJ D . -4.69 14.47 -14.82
C6 QOJ D . -5.50 15.32 -13.77
C7 QOJ D . -6.55 14.64 -12.92
C8 QOJ D . -6.80 13.15 -13.09
C9 QOJ D . -6.03 12.42 -14.06
C10 QOJ D . 4.22 11.77 -24.69
C11 QOJ D . 3.56 11.80 -23.26
C12 QOJ D . 5.57 13.17 -22.45
C13 QOJ D . 6.21 13.17 -23.73
C14 QOJ D . 5.56 12.46 -24.91
C15 QOJ D . 3.51 11.04 -25.85
C16 QOJ D . 2.27 10.40 -25.59
C17 QOJ D . 1.67 10.43 -24.29
C18 QOJ D . 2.29 11.10 -23.17
C19 QOJ D . 3.67 12.55 -20.90
C20 QOJ D . 3.81 11.18 -20.20
C21 QOJ D . 2.50 10.81 -19.48
C22 QOJ D . 2.37 11.63 -18.19
C23 QOJ D . 1.01 11.36 -17.54
C24 QOJ D . 0.65 12.49 -16.57
C25 QOJ D . -0.43 12.01 -15.58
C26 QOJ D . -1.79 11.94 -16.28
C27 QOJ D . -2.92 11.85 -15.24
C28 QOJ D . -4.27 12.26 -15.85
C29 QOJ D . 6.38 13.91 -21.51
C30 QOJ D . -6.45 11.03 -14.04
C31 QOJ D . -7.54 10.89 -13.00
C32 QOJ D . -7.72 12.27 -12.43
C33 QOJ D . 7.61 14.40 -22.25
C34 QOJ D . 7.46 13.91 -23.66
H11 QOJ D . -3.11 14.70 -16.32
H21 QOJ D . -2.73 17.13 -16.01
H31 QOJ D . -4.01 18.47 -14.36
HN32 QOJ D . 5.76 12.00 -27.00
HN31 QOJ D . 7.06 12.90 -26.39
H41 QOJ D . -5.76 17.43 -12.92
HN42 QOJ D . -7.18 16.39 -11.82
HN41 QOJ D . -8.01 14.98 -11.38
H151 QOJ D . 3.94 11.01 -26.82
H161 QOJ D . 1.76 9.89 -26.39
H171 QOJ D . 0.73 9.95 -24.14
H181 QOJ D . 1.80 11.06 -22.21
H192 QOJ D . 4.16 13.31 -20.30
H191 QOJ D . 2.62 12.81 -21.00
H202 QOJ D . 4.02 10.42 -20.95
H201 QOJ D . 4.61 11.21 -19.49
H212 QOJ D . 1.66 11.01 -20.12
H211 QOJ D . 2.51 9.76 -19.23
H222 QOJ D . 3.16 11.35 -17.51
H221 QOJ D . 2.45 12.68 -18.43
H232 QOJ D . 0.25 11.30 -18.31
H231 QOJ D . 1.05 10.42 -17.00
H241 QOJ D . 0.27 13.34 -17.12
H242 QOJ D . 1.53 12.78 -16.01
H251 QOJ D . -0.49 12.72 -14.76
H252 QOJ D . -0.16 11.04 -15.21
H262 QOJ D . -1.94 12.83 -16.89
H261 QOJ D . -1.83 11.08 -16.93
H271 QOJ D . -2.69 12.51 -14.41
H272 QOJ D . -2.98 10.84 -14.88
H281 QOJ D . -4.84 11.37 -16.09
H282 QOJ D . -4.11 12.83 -16.77
H291 QOJ D . 6.67 13.26 -20.69
H292 QOJ D . 5.84 14.75 -21.13
H301 QOJ D . -5.60 10.40 -13.79
H302 QOJ D . -6.84 10.75 -15.00
H311 QOJ D . -7.24 10.18 -12.23
H312 QOJ D . -8.45 10.56 -13.47
H322 QOJ D . -8.73 12.61 -12.62
H321 QOJ D . -7.53 12.25 -11.36
H332 QOJ D . 7.66 15.47 -22.24
H331 QOJ D . 8.50 13.98 -21.79
H342 QOJ D . 7.43 14.73 -24.34
H341 QOJ D . 8.30 13.26 -23.92
C1 QOJ E . -5.67 1.49 -19.11
N1 QOJ E . -6.77 3.05 -17.35
C2 QOJ E . -4.51 1.13 -19.89
N2 QOJ E . -14.92 -5.05 -18.32
C3 QOJ E . -3.27 1.84 -19.79
N3 QOJ E . -16.78 -7.36 -21.64
C4 QOJ E . -3.13 2.95 -18.91
N4 QOJ E . -2.97 5.33 -16.98
C5 QOJ E . -5.69 2.60 -18.18
C6 QOJ E . -4.34 3.39 -18.06
C7 QOJ E . -4.24 4.56 -17.10
C8 QOJ E . -5.46 4.95 -16.29
C9 QOJ E . -6.67 4.19 -16.42
C10 QOJ E . -16.38 -6.99 -19.09
C11 QOJ E . -15.71 -6.16 -17.93
C12 QOJ E . -14.70 -4.64 -19.73
C13 QOJ E . -15.29 -5.37 -20.82
C14 QOJ E . -16.16 -6.58 -20.52
C15 QOJ E . -17.26 -8.21 -18.73
C16 QOJ E . -17.44 -8.56 -17.37
C17 QOJ E . -16.83 -7.80 -16.32
C18 QOJ E . -15.99 -6.64 -16.58
C19 QOJ E . -14.28 -4.24 -17.27
C20 QOJ E . -13.07 -5.01 -16.70
C21 QOJ E . -12.11 -4.04 -15.97
C22 QOJ E . -10.92 -3.68 -16.88
C23 QOJ E . -10.21 -2.43 -16.36
C24 QOJ E . -11.05 -1.16 -16.64
C25 QOJ E . -10.15 -0.05 -17.22
C26 QOJ E . -9.28 0.56 -16.10
C27 QOJ E . -7.92 1.00 -16.67
C28 QOJ E . -8.05 2.32 -17.42
C29 QOJ E . -13.92 -3.54 -20.26
C30 QOJ E . -7.68 4.75 -15.54
C31 QOJ E . -7.06 5.93 -14.82
C32 QOJ E . -5.64 6.01 -15.31
C33 QOJ E . -14.03 -3.58 -21.77
C34 QOJ E . -14.92 -4.77 -22.08
H11 QOJ E . -6.57 0.90 -19.24
H21 QOJ E . -4.58 0.29 -20.58
H31 QOJ E . -2.44 1.54 -20.40
HN32 QOJ E . -17.34 -8.13 -21.44
HN31 QOJ E . -16.63 -7.08 -22.57
H41 QOJ E . -2.19 3.48 -18.85
HN42 QOJ E . -2.19 5.08 -17.52
HN41 QOJ E . -2.91 6.08 -16.36
H151 QOJ E . -17.73 -8.79 -19.51
H161 QOJ E . -18.05 -9.41 -17.11
H171 QOJ E . -16.98 -8.09 -15.30
H181 QOJ E . -15.57 -6.11 -15.75
H192 QOJ E . -13.95 -3.29 -17.68
H191 QOJ E . -14.99 -4.07 -16.48
H202 QOJ E . -13.43 -5.75 -16.01
H201 QOJ E . -12.56 -5.51 -17.51
H212 QOJ E . -12.63 -3.13 -15.69
H211 QOJ E . -11.74 -4.51 -15.07
H222 QOJ E . -10.22 -4.52 -16.89
H221 QOJ E . -11.28 -3.50 -17.88
H232 QOJ E . -10.08 -2.53 -15.28
H231 QOJ E . -9.24 -2.36 -16.82
H241 QOJ E . -11.50 -0.81 -15.72
H242 QOJ E . -11.83 -1.38 -17.36
H251 QOJ E . -10.78 0.73 -17.65
H252 QOJ E . -9.53 -0.46 -17.99
H262 QOJ E . -9.78 1.42 -15.68
H261 QOJ E . -9.11 -0.17 -15.31
H271 QOJ E . -7.56 0.24 -17.34
H272 QOJ E . -7.21 1.11 -15.85
H281 QOJ E . -8.83 2.93 -16.99
H282 QOJ E . -8.28 2.12 -18.46
H291 QOJ E . -12.88 -3.64 -19.96
H292 QOJ E . -14.32 -2.61 -19.90
H301 QOJ E . -8.00 4.01 -14.84
H302 QOJ E . -8.53 5.09 -16.11
H311 QOJ E . -7.09 5.76 -13.75
H312 QOJ E . -7.58 6.84 -15.07
H322 QOJ E . -5.47 6.95 -15.79
H321 QOJ E . -4.96 5.89 -14.48
H332 QOJ E . -14.49 -2.68 -22.14
H331 QOJ E . -13.06 -3.71 -22.21
H342 QOJ E . -15.80 -4.45 -22.60
H341 QOJ E . -14.37 -5.47 -22.70
C1 QOJ F . -16.48 7.91 -8.48
N1 QOJ F . -14.37 8.18 -9.97
C2 QOJ F . -17.50 7.04 -7.96
N2 QOJ F . -17.09 18.11 -4.15
C3 QOJ F . -17.60 5.65 -8.29
N3 QOJ F . -17.33 22.42 -3.06
C4 QOJ F . -16.66 5.05 -9.16
N4 QOJ F . -14.54 3.87 -11.05
C5 QOJ F . -15.44 7.43 -9.38
C6 QOJ F . -15.51 5.91 -9.75
C7 QOJ F . -14.49 5.31 -10.69
C8 QOJ F . -13.39 6.21 -11.24
C9 QOJ F . -13.36 7.59 -10.88
C10 QOJ F . -16.08 20.13 -2.94
C11 QOJ F . -16.02 18.61 -3.34
C12 QOJ F . -18.21 18.95 -4.62
C13 QOJ F . -18.31 20.34 -4.29
C14 QOJ F . -17.24 20.98 -3.43
C15 QOJ F . -14.97 20.73 -2.06
C16 QOJ F . -13.91 19.89 -1.63
C17 QOJ F . -13.86 18.52 -2.00
C18 QOJ F . -14.88 17.89 -2.82
C19 QOJ F . -17.08 16.70 -4.55
C20 QOJ F . -16.49 16.58 -5.96
C21 QOJ F . -16.70 15.16 -6.51
C22 QOJ F . -15.60 14.23 -5.98
C23 QOJ F . -15.96 12.75 -6.27
C24 QOJ F . -14.69 11.92 -6.52
C25 QOJ F . -14.17 12.17 -7.94
C26 QOJ F . -12.96 11.27 -8.25
C27 QOJ F . -13.38 9.79 -8.40
C28 QOJ F . -14.25 9.60 -9.66
C29 QOJ F . -19.35 18.58 -5.45
C30 QOJ F . -12.23 8.23 -11.53
C31 QOJ F . -11.53 7.18 -12.35
C32 QOJ F . -12.30 5.91 -12.14
C33 QOJ F . -20.21 19.80 -5.64
C34 QOJ F . -19.51 20.90 -4.89
H11 QOJ F . -16.47 8.95 -8.18
H21 QOJ F . -18.24 7.48 -7.29
H31 QOJ F . -18.39 5.07 -7.87
HN32 QOJ F . -16.62 22.83 -2.51
HN31 QOJ F . -18.08 22.97 -3.39
H41 QOJ F . -16.74 4.00 -9.40
HN42 QOJ F . -15.25 3.30 -10.69
HN41 QOJ F . -13.88 3.49 -11.66
H151 QOJ F . -14.99 21.77 -1.78
H161 QOJ F . -13.13 20.31 -1.01
H171 QOJ F . -13.03 17.91 -1.64
H181 QOJ F . -14.76 16.84 -3.06
H192 QOJ F . -16.50 16.13 -3.86
H191 QOJ F . -18.10 16.34 -4.57
H202 QOJ F . -17.00 17.29 -6.62
H201 QOJ F . -15.44 16.81 -5.93
H212 QOJ F . -17.66 14.78 -6.21
H211 QOJ F . -16.65 15.18 -7.59
H222 QOJ F . -14.66 14.48 -6.45
H221 QOJ F . -15.50 14.36 -4.91
H232 QOJ F . -16.49 12.35 -5.43
H231 QOJ F . -16.59 12.69 -7.15
H241 QOJ F . -14.92 10.88 -6.39
H242 QOJ F . -13.93 12.21 -5.80
H251 QOJ F . -13.87 13.20 -8.04
H252 QOJ F . -14.97 11.96 -8.64
H262 QOJ F . -12.50 11.60 -9.17
H261 QOJ F . -12.25 11.35 -7.45
H271 QOJ F . -13.95 9.48 -7.53
H272 QOJ F . -12.50 9.17 -8.48
H281 QOJ F . -13.79 10.13 -10.49
H282 QOJ F . -15.23 10.02 -9.47
H291 QOJ F . -19.92 17.80 -4.96
H292 QOJ F . -19.01 18.22 -6.41
H301 QOJ F . -11.56 8.65 -10.79
H302 QOJ F . -12.59 9.02 -12.18
H311 QOJ F . -10.50 7.08 -12.02
H312 QOJ F . -11.53 7.45 -13.40
H322 QOJ F . -12.69 5.56 -13.07
H321 QOJ F . -11.64 5.15 -11.71
H332 QOJ F . -20.27 20.06 -6.69
H331 QOJ F . -21.20 19.64 -5.25
H342 QOJ F . -19.23 21.70 -5.55
H341 QOJ F . -20.17 21.30 -4.12
#